data_5MFD
#
_entry.id   5MFD
#
_cell.length_a   194.660
_cell.length_b   194.660
_cell.length_c   241.740
_cell.angle_alpha   90.00
_cell.angle_beta   90.00
_cell.angle_gamma   120.00
#
_symmetry.space_group_name_H-M   'P 63'
#
loop_
_entity.id
_entity.type
_entity.pdbx_description
1 polymer "YIIIM''6AII"
2 polymer 'Capsid decoration protein,pD_(KR)5'
3 non-polymer 'CALCIUM ION'
4 water water
#
loop_
_entity_poly.entity_id
_entity_poly.type
_entity_poly.pdbx_seq_one_letter_code
_entity_poly.pdbx_strand_id
1 'polypeptide(L)'
;GPGSELPQMVQQLNSPDQQELQSALRKLSQIASGGNEQIQAVIDAGALPALVQLLSSPNEQILQEALWTLGNIASGGNEQ
IQAVIDAGALPALVQLLSSPNEQILQEALWTLGNIASGGNEQIQAVIDAGALPALVQLLSSPNEQILQEALWTLGNIASG
GNEQIQAVIDAGALPALVQLLSSPNEQILQEALWTLGNIASGGNEQIQAVIDAGALPALVQLLSSPNEQILQEALWTLGN
IASGGNEQIQAVIDAGALPALVQLLSSPNEQILQEALWTLGNIASGGNEQKQAVKEAGALEKLEQLQSHENEKIQKEAQE
ALEKLQSH
;
A,C,E,G,I,J,K,L
2 'polypeptide(L)'
;GPTATAPGGLSAKAPAMTPLMLDTSSRKLVAWDGTTDGAAVGILAVAADQTSTTLTFYKSGTFRYEDVLWPEAASDETKK
RTAFAGTAISIVGSGSPKRKRKRKRKREG
;
B,D,F,H
#
# COMPACT_ATOMS: atom_id res chain seq x y z
N GLU A 5 13.33 -25.26 -69.78
CA GLU A 5 12.30 -25.27 -68.74
C GLU A 5 11.57 -26.62 -68.67
N LEU A 6 11.30 -27.23 -69.84
CA LEU A 6 10.61 -28.52 -70.00
C LEU A 6 11.29 -29.73 -69.31
N PRO A 7 12.64 -29.96 -69.36
CA PRO A 7 13.21 -31.14 -68.69
C PRO A 7 13.11 -31.11 -67.16
N GLN A 8 12.87 -29.92 -66.57
CA GLN A 8 12.71 -29.73 -65.13
C GLN A 8 11.35 -30.32 -64.70
N MET A 9 10.29 -30.06 -65.52
CA MET A 9 8.93 -30.55 -65.34
C MET A 9 8.83 -32.07 -65.44
N VAL A 10 9.66 -32.66 -66.32
CA VAL A 10 9.76 -34.11 -66.53
C VAL A 10 10.34 -34.77 -65.27
N GLN A 11 11.39 -34.14 -64.69
CA GLN A 11 12.03 -34.59 -63.45
C GLN A 11 11.03 -34.42 -62.29
N GLN A 12 10.21 -33.36 -62.36
CA GLN A 12 9.18 -33.03 -61.38
C GLN A 12 7.96 -33.99 -61.42
N LEU A 13 7.84 -34.84 -62.46
CA LEU A 13 6.76 -35.83 -62.56
C LEU A 13 7.01 -37.02 -61.62
N ASN A 14 8.26 -37.19 -61.14
CA ASN A 14 8.65 -38.24 -60.20
C ASN A 14 9.07 -37.66 -58.82
N SER A 15 9.00 -36.30 -58.68
CA SER A 15 9.36 -35.58 -57.47
C SER A 15 8.43 -35.91 -56.29
N PRO A 16 8.96 -36.07 -55.05
CA PRO A 16 8.08 -36.38 -53.90
C PRO A 16 7.07 -35.29 -53.53
N ASP A 17 7.32 -34.01 -53.92
CA ASP A 17 6.42 -32.90 -53.63
C ASP A 17 5.17 -32.99 -54.51
N GLN A 18 3.98 -33.03 -53.87
CA GLN A 18 2.67 -33.16 -54.51
C GLN A 18 2.29 -31.95 -55.36
N GLN A 19 2.63 -30.71 -54.90
CA GLN A 19 2.33 -29.48 -55.63
C GLN A 19 3.21 -29.40 -56.88
N GLU A 20 4.51 -29.76 -56.76
CA GLU A 20 5.49 -29.79 -57.84
C GLU A 20 5.05 -30.75 -58.96
N LEU A 21 4.68 -32.00 -58.58
CA LEU A 21 4.23 -33.06 -59.47
C LEU A 21 3.00 -32.65 -60.26
N GLN A 22 1.93 -32.20 -59.56
CA GLN A 22 0.67 -31.79 -60.16
C GLN A 22 0.81 -30.57 -61.08
N SER A 23 1.61 -29.55 -60.67
CA SER A 23 1.83 -28.34 -61.48
C SER A 23 2.58 -28.64 -62.77
N ALA A 24 3.57 -29.55 -62.71
CA ALA A 24 4.37 -30.01 -63.85
C ALA A 24 3.46 -30.77 -64.83
N LEU A 25 2.63 -31.68 -64.28
CA LEU A 25 1.65 -32.50 -65.00
C LEU A 25 0.60 -31.63 -65.71
N ARG A 26 0.18 -30.52 -65.06
CA ARG A 26 -0.78 -29.56 -65.59
C ARG A 26 -0.17 -28.74 -66.73
N LYS A 27 1.06 -28.21 -66.54
CA LYS A 27 1.80 -27.43 -67.54
C LYS A 27 2.07 -28.28 -68.79
N LEU A 28 2.55 -29.54 -68.60
CA LEU A 28 2.84 -30.49 -69.68
C LEU A 28 1.59 -30.89 -70.46
N SER A 29 0.43 -30.98 -69.77
CA SER A 29 -0.87 -31.29 -70.38
C SER A 29 -1.24 -30.14 -71.33
N GLN A 30 -1.06 -28.87 -70.88
CA GLN A 30 -1.32 -27.66 -71.65
C GLN A 30 -0.44 -27.57 -72.90
N ILE A 31 0.85 -27.97 -72.79
CA ILE A 31 1.78 -27.97 -73.93
C ILE A 31 1.37 -29.05 -74.95
N ALA A 32 0.99 -30.27 -74.47
CA ALA A 32 0.56 -31.41 -75.30
C ALA A 32 -0.69 -31.13 -76.16
N SER A 33 -1.38 -30.01 -75.93
CA SER A 33 -2.56 -29.63 -76.70
C SER A 33 -2.24 -28.55 -77.76
N GLY A 34 -1.01 -28.04 -77.74
CA GLY A 34 -0.55 -26.97 -78.63
C GLY A 34 0.13 -27.35 -79.94
N GLY A 35 -0.41 -28.32 -80.65
CA GLY A 35 0.13 -28.73 -81.94
C GLY A 35 1.29 -29.71 -81.85
N ASN A 36 1.56 -30.40 -82.98
CA ASN A 36 2.61 -31.42 -83.12
C ASN A 36 4.04 -30.94 -82.79
N GLU A 37 4.39 -29.67 -83.11
CA GLU A 37 5.72 -29.12 -82.79
C GLU A 37 5.91 -28.97 -81.27
N GLN A 38 4.82 -28.71 -80.53
CA GLN A 38 4.82 -28.61 -79.07
C GLN A 38 4.77 -30.01 -78.45
N ILE A 39 4.02 -30.95 -79.08
CA ILE A 39 3.92 -32.36 -78.64
C ILE A 39 5.32 -32.97 -78.69
N GLN A 40 6.07 -32.71 -79.78
CA GLN A 40 7.43 -33.20 -79.98
C GLN A 40 8.41 -32.69 -78.90
N ALA A 41 8.23 -31.42 -78.45
CA ALA A 41 9.05 -30.79 -77.41
C ALA A 41 8.93 -31.55 -76.08
N VAL A 42 7.70 -32.03 -75.77
CA VAL A 42 7.35 -32.82 -74.57
C VAL A 42 8.00 -34.20 -74.67
N ILE A 43 7.91 -34.85 -75.86
CA ILE A 43 8.48 -36.17 -76.15
C ILE A 43 10.01 -36.11 -76.03
N ASP A 44 10.67 -35.11 -76.67
CA ASP A 44 12.11 -34.92 -76.64
C ASP A 44 12.65 -34.61 -75.24
N ALA A 45 11.78 -34.14 -74.33
CA ALA A 45 12.10 -33.86 -72.93
C ALA A 45 12.06 -35.15 -72.07
N GLY A 46 11.48 -36.22 -72.63
CA GLY A 46 11.37 -37.53 -72.01
C GLY A 46 10.25 -37.72 -71.01
N ALA A 47 9.11 -37.05 -71.22
CA ALA A 47 7.96 -37.12 -70.33
C ALA A 47 7.18 -38.42 -70.44
N LEU A 48 7.23 -39.09 -71.60
CA LEU A 48 6.48 -40.31 -71.90
C LEU A 48 6.67 -41.45 -70.88
N PRO A 49 7.90 -41.93 -70.51
CA PRO A 49 7.99 -42.99 -69.49
C PRO A 49 7.39 -42.61 -68.14
N ALA A 50 7.51 -41.33 -67.74
CA ALA A 50 6.95 -40.82 -66.48
C ALA A 50 5.41 -40.80 -66.51
N LEU A 51 4.81 -40.37 -67.66
CA LEU A 51 3.36 -40.32 -67.84
C LEU A 51 2.73 -41.71 -67.83
N VAL A 52 3.41 -42.69 -68.46
CA VAL A 52 2.98 -44.10 -68.54
C VAL A 52 3.03 -44.73 -67.13
N GLN A 53 4.07 -44.40 -66.34
CA GLN A 53 4.26 -44.85 -64.96
C GLN A 53 3.09 -44.40 -64.07
N LEU A 54 2.58 -43.17 -64.29
CA LEU A 54 1.46 -42.57 -63.56
C LEU A 54 0.09 -43.25 -63.85
N LEU A 55 0.03 -44.16 -64.84
CA LEU A 55 -1.20 -44.89 -65.16
C LEU A 55 -1.43 -46.03 -64.14
N SER A 56 -0.42 -46.29 -63.30
CA SER A 56 -0.44 -47.28 -62.21
C SER A 56 -0.70 -46.58 -60.85
N SER A 57 -0.90 -45.25 -60.86
CA SER A 57 -1.11 -44.43 -59.65
C SER A 57 -2.40 -44.72 -58.90
N PRO A 58 -2.34 -44.81 -57.56
CA PRO A 58 -3.57 -45.00 -56.77
C PRO A 58 -4.42 -43.72 -56.70
N ASN A 59 -3.88 -42.57 -57.16
CA ASN A 59 -4.56 -41.28 -57.19
C ASN A 59 -5.29 -41.11 -58.53
N GLU A 60 -6.63 -41.21 -58.50
CA GLU A 60 -7.50 -41.10 -59.69
C GLU A 60 -7.37 -39.75 -60.40
N GLN A 61 -7.13 -38.66 -59.65
CA GLN A 61 -6.97 -37.31 -60.20
C GLN A 61 -5.69 -37.21 -61.07
N ILE A 62 -4.56 -37.78 -60.57
CA ILE A 62 -3.29 -37.80 -61.28
C ILE A 62 -3.38 -38.74 -62.50
N LEU A 63 -3.86 -39.98 -62.29
CA LEU A 63 -4.09 -40.99 -63.33
C LEU A 63 -4.85 -40.33 -64.50
N GLN A 64 -6.00 -39.71 -64.22
CA GLN A 64 -6.82 -39.03 -65.22
C GLN A 64 -6.02 -37.97 -65.98
N GLU A 65 -5.26 -37.13 -65.27
CA GLU A 65 -4.46 -36.07 -65.86
C GLU A 65 -3.30 -36.56 -66.74
N ALA A 66 -2.64 -37.68 -66.37
CA ALA A 66 -1.56 -38.28 -67.15
C ALA A 66 -2.15 -38.96 -68.38
N LEU A 67 -3.32 -39.60 -68.21
CA LEU A 67 -4.08 -40.29 -69.24
C LEU A 67 -4.59 -39.29 -70.29
N TRP A 68 -4.99 -38.08 -69.85
CA TRP A 68 -5.47 -37.00 -70.72
C TRP A 68 -4.29 -36.46 -71.55
N THR A 69 -3.10 -36.31 -70.92
CA THR A 69 -1.86 -35.84 -71.57
C THR A 69 -1.46 -36.81 -72.70
N LEU A 70 -1.48 -38.12 -72.41
CA LEU A 70 -1.12 -39.17 -73.35
C LEU A 70 -2.08 -39.22 -74.55
N GLY A 71 -3.37 -39.04 -74.28
CA GLY A 71 -4.42 -39.01 -75.31
C GLY A 71 -4.24 -37.87 -76.30
N ASN A 72 -3.80 -36.69 -75.81
CA ASN A 72 -3.53 -35.52 -76.65
C ASN A 72 -2.23 -35.68 -77.41
N ILE A 73 -1.23 -36.43 -76.84
CA ILE A 73 0.02 -36.72 -77.52
C ILE A 73 -0.27 -37.72 -78.66
N ALA A 74 -1.17 -38.71 -78.41
CA ALA A 74 -1.61 -39.73 -79.37
C ALA A 74 -2.43 -39.15 -80.53
N SER A 75 -2.85 -37.86 -80.43
CA SER A 75 -3.59 -37.17 -81.50
C SER A 75 -2.60 -36.57 -82.52
N GLY A 76 -1.30 -36.65 -82.21
CA GLY A 76 -0.22 -36.17 -83.06
C GLY A 76 0.05 -37.08 -84.24
N GLY A 77 1.21 -36.88 -84.88
CA GLY A 77 1.63 -37.68 -86.04
C GLY A 77 1.97 -39.11 -85.69
N ASN A 78 2.22 -39.95 -86.71
CA ASN A 78 2.57 -41.37 -86.55
C ASN A 78 3.87 -41.63 -85.80
N GLU A 79 4.83 -40.67 -85.86
CA GLU A 79 6.13 -40.73 -85.18
C GLU A 79 5.96 -40.45 -83.67
N GLN A 80 4.91 -39.68 -83.33
CA GLN A 80 4.56 -39.30 -81.96
C GLN A 80 3.68 -40.39 -81.34
N ILE A 81 2.82 -41.02 -82.16
CA ILE A 81 1.98 -42.16 -81.75
C ILE A 81 2.90 -43.34 -81.45
N GLN A 82 3.96 -43.55 -82.29
CA GLN A 82 4.94 -44.62 -82.12
C GLN A 82 5.76 -44.42 -80.85
N ALA A 83 6.08 -43.15 -80.51
CA ALA A 83 6.82 -42.78 -79.31
C ALA A 83 6.02 -43.16 -78.05
N VAL A 84 4.67 -43.06 -78.12
CA VAL A 84 3.74 -43.42 -77.04
C VAL A 84 3.75 -44.95 -76.86
N ILE A 85 3.81 -45.69 -77.98
CA ILE A 85 3.86 -47.15 -78.02
C ILE A 85 5.20 -47.65 -77.43
N ASP A 86 6.33 -47.09 -77.90
CA ASP A 86 7.69 -47.46 -77.46
C ASP A 86 7.92 -47.18 -75.97
N ALA A 87 7.09 -46.31 -75.36
CA ALA A 87 7.12 -45.96 -73.94
C ALA A 87 6.31 -46.93 -73.07
N GLY A 88 5.77 -47.99 -73.67
CA GLY A 88 5.00 -49.05 -73.01
C GLY A 88 3.61 -48.66 -72.51
N ALA A 89 2.93 -47.74 -73.22
CA ALA A 89 1.60 -47.28 -72.84
C ALA A 89 0.50 -48.31 -73.04
N LEU A 90 0.53 -49.05 -74.18
CA LEU A 90 -0.49 -50.04 -74.57
C LEU A 90 -0.82 -51.09 -73.49
N PRO A 91 0.15 -51.80 -72.85
CA PRO A 91 -0.25 -52.78 -71.80
C PRO A 91 -1.01 -52.14 -70.65
N ALA A 92 -0.62 -50.91 -70.26
CA ALA A 92 -1.28 -50.15 -69.21
C ALA A 92 -2.70 -49.75 -69.64
N LEU A 93 -2.85 -49.29 -70.89
CA LEU A 93 -4.13 -48.86 -71.47
C LEU A 93 -5.14 -49.99 -71.64
N VAL A 94 -4.66 -51.19 -72.03
CA VAL A 94 -5.51 -52.37 -72.22
C VAL A 94 -6.03 -52.86 -70.85
N GLN A 95 -5.25 -52.63 -69.78
CA GLN A 95 -5.64 -52.98 -68.42
C GLN A 95 -6.73 -52.03 -67.94
N LEU A 96 -6.62 -50.72 -68.29
CA LEU A 96 -7.58 -49.68 -67.89
C LEU A 96 -8.95 -49.84 -68.55
N LEU A 97 -9.07 -50.82 -69.47
CA LEU A 97 -10.27 -51.22 -70.18
C LEU A 97 -11.18 -52.05 -69.28
N SER A 98 -10.59 -52.71 -68.25
CA SER A 98 -11.29 -53.50 -67.23
C SER A 98 -11.67 -52.62 -66.00
N SER A 99 -11.44 -51.29 -66.09
CA SER A 99 -11.71 -50.34 -65.01
C SER A 99 -13.19 -50.11 -64.70
N PRO A 100 -13.57 -50.15 -63.39
CA PRO A 100 -14.96 -49.85 -63.02
C PRO A 100 -15.24 -48.33 -63.05
N ASN A 101 -14.18 -47.51 -63.19
CA ASN A 101 -14.24 -46.05 -63.26
C ASN A 101 -14.49 -45.61 -64.72
N GLU A 102 -15.73 -45.16 -65.00
CA GLU A 102 -16.18 -44.72 -66.32
C GLU A 102 -15.38 -43.52 -66.88
N GLN A 103 -14.83 -42.64 -66.00
CA GLN A 103 -14.03 -41.50 -66.42
C GLN A 103 -12.69 -41.98 -67.01
N ILE A 104 -11.98 -42.89 -66.30
CA ILE A 104 -10.71 -43.48 -66.72
C ILE A 104 -10.94 -44.34 -67.97
N LEU A 105 -12.03 -45.15 -67.97
CA LEU A 105 -12.43 -46.00 -69.08
C LEU A 105 -12.59 -45.21 -70.38
N GLN A 106 -13.40 -44.11 -70.37
CA GLN A 106 -13.60 -43.26 -71.54
C GLN A 106 -12.28 -42.63 -72.01
N GLU A 107 -11.42 -42.22 -71.07
CA GLU A 107 -10.12 -41.62 -71.37
C GLU A 107 -9.14 -42.63 -72.00
N ALA A 108 -9.19 -43.91 -71.55
CA ALA A 108 -8.36 -45.00 -72.04
C ALA A 108 -8.77 -45.35 -73.47
N LEU A 109 -10.10 -45.33 -73.72
CA LEU A 109 -10.72 -45.57 -75.03
C LEU A 109 -10.29 -44.49 -76.02
N TRP A 110 -10.43 -43.20 -75.64
CA TRP A 110 -10.02 -42.04 -76.41
C TRP A 110 -8.52 -42.11 -76.80
N THR A 111 -7.64 -42.51 -75.86
CA THR A 111 -6.20 -42.64 -76.12
C THR A 111 -5.94 -43.77 -77.11
N LEU A 112 -6.55 -44.96 -76.89
CA LEU A 112 -6.45 -46.13 -77.76
C LEU A 112 -6.98 -45.86 -79.16
N GLY A 113 -8.04 -45.07 -79.28
CA GLY A 113 -8.64 -44.67 -80.55
C GLY A 113 -7.73 -43.76 -81.34
N ASN A 114 -7.01 -42.87 -80.64
CA ASN A 114 -6.06 -41.95 -81.23
C ASN A 114 -4.80 -42.67 -81.67
N ILE A 115 -4.39 -43.74 -80.93
CA ILE A 115 -3.23 -44.56 -81.31
C ILE A 115 -3.59 -45.36 -82.59
N ALA A 116 -4.84 -45.85 -82.67
CA ALA A 116 -5.41 -46.59 -83.80
C ALA A 116 -5.69 -45.67 -85.00
N SER A 117 -5.35 -44.38 -84.90
CA SER A 117 -5.53 -43.42 -86.00
C SER A 117 -4.19 -43.21 -86.74
N GLY A 118 -3.16 -43.95 -86.33
CA GLY A 118 -1.85 -43.91 -86.95
C GLY A 118 -1.77 -44.88 -88.12
N GLY A 119 -0.56 -45.34 -88.42
CA GLY A 119 -0.34 -46.29 -89.50
C GLY A 119 -0.72 -47.71 -89.13
N ASN A 120 -0.46 -48.65 -90.05
CA ASN A 120 -0.77 -50.07 -89.89
C ASN A 120 0.00 -50.74 -88.76
N GLU A 121 1.27 -50.32 -88.57
CA GLU A 121 2.16 -50.81 -87.51
C GLU A 121 1.66 -50.38 -86.13
N GLN A 122 1.13 -49.14 -86.05
CA GLN A 122 0.54 -48.54 -84.87
C GLN A 122 -0.73 -49.30 -84.49
N ILE A 123 -1.62 -49.56 -85.47
CA ILE A 123 -2.86 -50.32 -85.29
C ILE A 123 -2.55 -51.78 -84.89
N GLN A 124 -1.53 -52.38 -85.51
CA GLN A 124 -1.13 -53.76 -85.19
C GLN A 124 -0.67 -53.87 -83.73
N ALA A 125 0.09 -52.86 -83.24
CA ALA A 125 0.59 -52.75 -81.86
C ALA A 125 -0.56 -52.73 -80.83
N VAL A 126 -1.69 -52.08 -81.18
CA VAL A 126 -2.93 -52.01 -80.37
C VAL A 126 -3.54 -53.42 -80.30
N ILE A 127 -3.55 -54.14 -81.45
CA ILE A 127 -4.10 -55.50 -81.60
C ILE A 127 -3.28 -56.50 -80.81
N ASP A 128 -1.93 -56.48 -80.98
CA ASP A 128 -0.97 -57.36 -80.29
C ASP A 128 -1.05 -57.25 -78.77
N ALA A 129 -1.45 -56.06 -78.25
CA ALA A 129 -1.64 -55.78 -76.83
C ALA A 129 -2.99 -56.31 -76.28
N GLY A 130 -3.78 -56.95 -77.14
CA GLY A 130 -5.07 -57.56 -76.79
C GLY A 130 -6.18 -56.58 -76.47
N ALA A 131 -6.29 -55.48 -77.24
CA ALA A 131 -7.31 -54.48 -77.01
C ALA A 131 -8.69 -54.93 -77.52
N LEU A 132 -8.72 -55.66 -78.65
CA LEU A 132 -9.94 -56.12 -79.32
C LEU A 132 -10.89 -56.97 -78.45
N PRO A 133 -10.46 -57.98 -77.65
CA PRO A 133 -11.44 -58.73 -76.81
C PRO A 133 -12.23 -57.85 -75.84
N ALA A 134 -11.58 -56.85 -75.23
CA ALA A 134 -12.23 -55.92 -74.32
C ALA A 134 -13.21 -55.00 -75.05
N LEU A 135 -12.85 -54.55 -76.28
CA LEU A 135 -13.68 -53.66 -77.11
C LEU A 135 -14.98 -54.32 -77.57
N VAL A 136 -14.94 -55.61 -77.93
CA VAL A 136 -16.10 -56.40 -78.38
C VAL A 136 -17.07 -56.59 -77.20
N GLN A 137 -16.53 -56.74 -75.98
CA GLN A 137 -17.30 -56.86 -74.75
C GLN A 137 -18.00 -55.53 -74.42
N LEU A 138 -17.34 -54.40 -74.70
CA LEU A 138 -17.89 -53.06 -74.48
C LEU A 138 -19.02 -52.72 -75.47
N LEU A 139 -19.17 -53.48 -76.57
CA LEU A 139 -20.24 -53.29 -77.54
C LEU A 139 -21.62 -53.69 -76.98
N SER A 140 -21.64 -54.48 -75.90
CA SER A 140 -22.85 -54.93 -75.21
C SER A 140 -23.19 -54.01 -74.02
N SER A 141 -22.36 -52.98 -73.77
CA SER A 141 -22.52 -52.02 -72.67
C SER A 141 -23.81 -51.18 -72.74
N PRO A 142 -24.51 -51.01 -71.58
CA PRO A 142 -25.70 -50.14 -71.57
C PRO A 142 -25.34 -48.65 -71.52
N ASN A 143 -24.07 -48.34 -71.20
CA ASN A 143 -23.52 -46.99 -71.11
C ASN A 143 -23.27 -46.45 -72.52
N GLU A 144 -24.17 -45.56 -72.99
CA GLU A 144 -24.11 -44.95 -74.33
C GLU A 144 -22.80 -44.22 -74.62
N GLN A 145 -22.18 -43.60 -73.59
CA GLN A 145 -20.91 -42.89 -73.70
C GLN A 145 -19.76 -43.85 -73.96
N ILE A 146 -19.71 -44.98 -73.23
CA ILE A 146 -18.67 -45.99 -73.34
C ILE A 146 -18.81 -46.77 -74.65
N LEU A 147 -20.06 -47.10 -75.05
CA LEU A 147 -20.36 -47.80 -76.29
C LEU A 147 -19.82 -47.06 -77.51
N GLN A 148 -20.08 -45.74 -77.61
CA GLN A 148 -19.62 -44.88 -78.71
C GLN A 148 -18.11 -44.81 -78.79
N GLU A 149 -17.44 -44.69 -77.64
CA GLU A 149 -15.98 -44.60 -77.56
C GLU A 149 -15.31 -45.91 -78.00
N ALA A 150 -15.97 -47.06 -77.68
CA ALA A 150 -15.52 -48.40 -78.05
C ALA A 150 -15.73 -48.62 -79.55
N LEU A 151 -16.88 -48.14 -80.10
CA LEU A 151 -17.20 -48.19 -81.52
C LEU A 151 -16.23 -47.33 -82.31
N TRP A 152 -15.79 -46.18 -81.73
CA TRP A 152 -14.87 -45.24 -82.36
C TRP A 152 -13.48 -45.83 -82.50
N THR A 153 -12.98 -46.53 -81.46
CA THR A 153 -11.65 -47.17 -81.49
C THR A 153 -11.65 -48.37 -82.42
N LEU A 154 -12.74 -49.17 -82.40
CA LEU A 154 -12.92 -50.34 -83.28
C LEU A 154 -12.86 -49.94 -84.74
N GLY A 155 -13.48 -48.79 -85.06
CA GLY A 155 -13.51 -48.20 -86.39
C GLY A 155 -12.14 -47.76 -86.86
N ASN A 156 -11.36 -47.15 -85.96
CA ASN A 156 -10.01 -46.70 -86.28
C ASN A 156 -9.06 -47.89 -86.45
N ILE A 157 -9.34 -49.02 -85.75
CA ILE A 157 -8.56 -50.25 -85.89
C ILE A 157 -8.84 -50.86 -87.28
N ALA A 158 -10.15 -50.93 -87.65
CA ALA A 158 -10.65 -51.45 -88.93
C ALA A 158 -10.26 -50.56 -90.13
N SER A 159 -9.63 -49.40 -89.87
CA SER A 159 -9.17 -48.46 -90.90
C SER A 159 -7.75 -48.79 -91.39
N GLY A 160 -7.15 -49.85 -90.88
CA GLY A 160 -5.83 -50.31 -91.28
C GLY A 160 -5.88 -51.23 -92.48
N GLY A 161 -4.93 -52.16 -92.55
CA GLY A 161 -4.84 -53.15 -93.61
C GLY A 161 -5.76 -54.33 -93.39
N ASN A 162 -5.73 -55.28 -94.33
CA ASN A 162 -6.57 -56.48 -94.36
C ASN A 162 -6.44 -57.40 -93.15
N GLU A 163 -5.22 -57.55 -92.63
CA GLU A 163 -4.94 -58.38 -91.44
C GLU A 163 -5.51 -57.72 -90.18
N GLN A 164 -5.49 -56.37 -90.14
CA GLN A 164 -6.02 -55.57 -89.05
C GLN A 164 -7.55 -55.64 -89.04
N ILE A 165 -8.18 -55.73 -90.24
CA ILE A 165 -9.63 -55.86 -90.40
C ILE A 165 -10.06 -57.28 -89.96
N GLN A 166 -9.30 -58.31 -90.41
CA GLN A 166 -9.54 -59.72 -90.11
C GLN A 166 -9.46 -59.99 -88.61
N ALA A 167 -8.59 -59.25 -87.89
CA ALA A 167 -8.41 -59.30 -86.44
C ALA A 167 -9.68 -58.82 -85.71
N VAL A 168 -10.40 -57.84 -86.30
CA VAL A 168 -11.67 -57.28 -85.77
C VAL A 168 -12.77 -58.36 -85.97
N ILE A 169 -12.82 -58.97 -87.19
CA ILE A 169 -13.78 -60.02 -87.58
C ILE A 169 -13.63 -61.24 -86.66
N ASP A 170 -12.40 -61.78 -86.53
CA ASP A 170 -12.06 -62.93 -85.68
C ASP A 170 -12.37 -62.72 -84.19
N ALA A 171 -12.39 -61.45 -83.73
CA ALA A 171 -12.72 -61.08 -82.35
C ALA A 171 -14.24 -61.18 -82.07
N GLY A 172 -15.04 -61.36 -83.13
CA GLY A 172 -16.48 -61.51 -83.05
C GLY A 172 -17.24 -60.20 -82.95
N ALA A 173 -16.73 -59.15 -83.61
CA ALA A 173 -17.33 -57.82 -83.59
C ALA A 173 -18.53 -57.66 -84.52
N LEU A 174 -18.52 -58.37 -85.68
CA LEU A 174 -19.58 -58.28 -86.71
C LEU A 174 -21.01 -58.59 -86.21
N PRO A 175 -21.30 -59.66 -85.41
CA PRO A 175 -22.69 -59.86 -84.96
C PRO A 175 -23.28 -58.70 -84.16
N ALA A 176 -22.47 -58.05 -83.29
CA ALA A 176 -22.87 -56.92 -82.46
C ALA A 176 -23.14 -55.67 -83.30
N LEU A 177 -22.21 -55.35 -84.25
CA LEU A 177 -22.32 -54.20 -85.17
C LEU A 177 -23.59 -54.28 -86.00
N VAL A 178 -23.98 -55.50 -86.42
CA VAL A 178 -25.19 -55.74 -87.21
C VAL A 178 -26.43 -55.49 -86.34
N GLN A 179 -26.43 -55.99 -85.08
CA GLN A 179 -27.52 -55.78 -84.12
C GLN A 179 -27.65 -54.28 -83.76
N LEU A 180 -26.53 -53.55 -83.80
CA LEU A 180 -26.46 -52.11 -83.53
C LEU A 180 -27.00 -51.26 -84.70
N LEU A 181 -27.31 -51.89 -85.86
CA LEU A 181 -27.89 -51.19 -87.02
C LEU A 181 -29.39 -50.96 -86.81
N SER A 182 -30.00 -51.70 -85.86
CA SER A 182 -31.41 -51.62 -85.48
C SER A 182 -31.64 -50.58 -84.36
N SER A 183 -30.55 -49.91 -83.91
CA SER A 183 -30.55 -48.92 -82.83
C SER A 183 -31.32 -47.62 -83.11
N PRO A 184 -32.16 -47.16 -82.15
CA PRO A 184 -32.84 -45.87 -82.33
C PRO A 184 -31.90 -44.68 -82.06
N ASN A 185 -30.71 -44.94 -81.48
CA ASN A 185 -29.70 -43.93 -81.17
C ASN A 185 -28.89 -43.65 -82.42
N GLU A 186 -29.07 -42.45 -82.99
CA GLU A 186 -28.41 -42.00 -84.22
C GLU A 186 -26.88 -41.98 -84.14
N GLN A 187 -26.31 -41.66 -82.96
CA GLN A 187 -24.86 -41.61 -82.75
C GLN A 187 -24.22 -43.01 -82.77
N ILE A 188 -24.85 -43.99 -82.11
CA ILE A 188 -24.41 -45.38 -82.04
C ILE A 188 -24.53 -46.02 -83.44
N LEU A 189 -25.66 -45.75 -84.14
CA LEU A 189 -25.95 -46.23 -85.50
C LEU A 189 -24.88 -45.75 -86.49
N GLN A 190 -24.52 -44.45 -86.43
CA GLN A 190 -23.52 -43.82 -87.29
C GLN A 190 -22.16 -44.49 -87.11
N GLU A 191 -21.79 -44.78 -85.86
CA GLU A 191 -20.52 -45.39 -85.47
C GLU A 191 -20.44 -46.87 -85.84
N ALA A 192 -21.58 -47.59 -85.76
CA ALA A 192 -21.69 -49.00 -86.14
C ALA A 192 -21.59 -49.12 -87.68
N LEU A 193 -22.15 -48.13 -88.41
CA LEU A 193 -22.09 -48.02 -89.87
C LEU A 193 -20.68 -47.66 -90.34
N TRP A 194 -20.00 -46.76 -89.60
CA TRP A 194 -18.64 -46.32 -89.90
C TRP A 194 -17.64 -47.48 -89.79
N THR A 195 -17.78 -48.33 -88.75
CA THR A 195 -16.90 -49.49 -88.55
C THR A 195 -17.07 -50.50 -89.68
N LEU A 196 -18.35 -50.86 -89.99
CA LEU A 196 -18.70 -51.81 -91.06
C LEU A 196 -18.14 -51.34 -92.40
N GLY A 197 -18.19 -50.02 -92.64
CA GLY A 197 -17.64 -49.39 -93.84
C GLY A 197 -16.15 -49.64 -93.99
N ASN A 198 -15.41 -49.53 -92.88
CA ASN A 198 -13.96 -49.76 -92.83
C ASN A 198 -13.62 -51.25 -93.01
N ILE A 199 -14.50 -52.15 -92.52
CA ILE A 199 -14.37 -53.61 -92.66
C ILE A 199 -14.60 -54.03 -94.13
N ALA A 200 -15.61 -53.43 -94.78
CA ALA A 200 -15.93 -53.70 -96.19
C ALA A 200 -14.93 -53.06 -97.17
N SER A 201 -14.02 -52.18 -96.67
CA SER A 201 -13.02 -51.51 -97.49
C SER A 201 -11.77 -52.36 -97.76
N GLY A 202 -11.70 -53.54 -97.14
CA GLY A 202 -10.58 -54.45 -97.31
C GLY A 202 -10.68 -55.28 -98.57
N GLY A 203 -10.45 -56.59 -98.41
CA GLY A 203 -10.49 -57.59 -99.47
C GLY A 203 -11.81 -58.33 -99.53
N ASN A 204 -11.88 -59.34 -100.39
CA ASN A 204 -13.08 -60.12 -100.66
C ASN A 204 -13.54 -61.01 -99.50
N GLU A 205 -12.62 -61.60 -98.73
CA GLU A 205 -12.97 -62.45 -97.58
C GLU A 205 -13.59 -61.65 -96.42
N GLN A 206 -13.16 -60.38 -96.28
CA GLN A 206 -13.64 -59.44 -95.28
C GLN A 206 -15.03 -58.94 -95.66
N ILE A 207 -15.26 -58.70 -96.97
CA ILE A 207 -16.55 -58.27 -97.54
C ILE A 207 -17.58 -59.40 -97.34
N GLN A 208 -17.15 -60.66 -97.56
CA GLN A 208 -18.03 -61.82 -97.42
C GLN A 208 -18.51 -62.01 -95.99
N ALA A 209 -17.60 -61.80 -95.02
CA ALA A 209 -17.89 -61.88 -93.58
C ALA A 209 -19.02 -60.92 -93.18
N VAL A 210 -19.02 -59.69 -93.76
CA VAL A 210 -20.04 -58.65 -93.55
C VAL A 210 -21.41 -59.15 -94.08
N ILE A 211 -21.42 -59.80 -95.26
CA ILE A 211 -22.61 -60.38 -95.91
C ILE A 211 -23.15 -61.55 -95.08
N ASP A 212 -22.23 -62.41 -94.58
CA ASP A 212 -22.55 -63.58 -93.75
C ASP A 212 -23.16 -63.18 -92.40
N ALA A 213 -22.79 -61.99 -91.88
CA ALA A 213 -23.28 -61.42 -90.62
C ALA A 213 -24.72 -60.88 -90.72
N GLY A 214 -25.21 -60.68 -91.95
CA GLY A 214 -26.56 -60.20 -92.23
C GLY A 214 -26.70 -58.69 -92.20
N ALA A 215 -25.64 -57.98 -92.65
CA ALA A 215 -25.59 -56.52 -92.69
C ALA A 215 -26.41 -55.86 -93.80
N LEU A 216 -26.51 -56.54 -94.97
CA LEU A 216 -27.20 -56.05 -96.17
C LEU A 216 -28.70 -55.71 -95.97
N PRO A 217 -29.56 -56.53 -95.28
CA PRO A 217 -30.97 -56.12 -95.13
C PRO A 217 -31.17 -54.77 -94.43
N ALA A 218 -30.39 -54.51 -93.35
CA ALA A 218 -30.43 -53.26 -92.60
C ALA A 218 -29.83 -52.13 -93.44
N LEU A 219 -28.72 -52.42 -94.16
CA LEU A 219 -28.01 -51.48 -95.03
C LEU A 219 -28.90 -50.97 -96.17
N VAL A 220 -29.74 -51.86 -96.74
CA VAL A 220 -30.67 -51.54 -97.82
C VAL A 220 -31.82 -50.68 -97.27
N GLN A 221 -32.37 -51.05 -96.11
CA GLN A 221 -33.44 -50.29 -95.43
C GLN A 221 -33.02 -48.86 -95.09
N LEU A 222 -31.73 -48.67 -94.68
CA LEU A 222 -31.15 -47.37 -94.31
C LEU A 222 -30.99 -46.42 -95.50
N LEU A 223 -31.27 -46.90 -96.73
CA LEU A 223 -31.21 -46.05 -97.94
C LEU A 223 -32.50 -45.19 -98.06
N SER A 224 -33.56 -45.57 -97.33
CA SER A 224 -34.82 -44.85 -97.27
C SER A 224 -34.84 -43.92 -96.03
N SER A 225 -33.64 -43.54 -95.54
CA SER A 225 -33.47 -42.68 -94.37
C SER A 225 -33.46 -41.19 -94.70
N PRO A 226 -34.18 -40.37 -93.91
CA PRO A 226 -34.14 -38.90 -94.13
C PRO A 226 -32.89 -38.25 -93.51
N ASN A 227 -32.06 -39.06 -92.82
CA ASN A 227 -30.83 -38.62 -92.16
C ASN A 227 -29.64 -38.74 -93.14
N GLU A 228 -29.18 -37.60 -93.69
CA GLU A 228 -28.07 -37.53 -94.66
C GLU A 228 -26.78 -38.18 -94.18
N GLN A 229 -26.49 -38.09 -92.87
CA GLN A 229 -25.31 -38.67 -92.24
C GLN A 229 -25.40 -40.20 -92.20
N ILE A 230 -26.56 -40.76 -91.81
CA ILE A 230 -26.81 -42.20 -91.77
C ILE A 230 -26.78 -42.76 -93.20
N LEU A 231 -27.40 -41.99 -94.12
CA LEU A 231 -27.52 -42.27 -95.55
C LEU A 231 -26.13 -42.40 -96.19
N GLN A 232 -25.25 -41.39 -95.99
CA GLN A 232 -23.88 -41.37 -96.55
C GLN A 232 -23.08 -42.59 -96.12
N GLU A 233 -23.17 -42.98 -94.84
CA GLU A 233 -22.44 -44.13 -94.30
C GLU A 233 -22.98 -45.48 -94.77
N ALA A 234 -24.31 -45.62 -94.90
CA ALA A 234 -24.97 -46.84 -95.40
C ALA A 234 -24.57 -47.05 -96.87
N LEU A 235 -24.54 -45.94 -97.66
CA LEU A 235 -24.16 -45.91 -99.07
C LEU A 235 -22.70 -46.32 -99.25
N TRP A 236 -21.78 -45.70 -98.46
CA TRP A 236 -20.33 -45.95 -98.49
C TRP A 236 -20.00 -47.40 -98.18
N THR A 237 -20.78 -48.05 -97.28
CA THR A 237 -20.61 -49.45 -96.91
C THR A 237 -21.06 -50.34 -98.07
N LEU A 238 -22.25 -50.06 -98.65
CA LEU A 238 -22.81 -50.80 -99.79
C LEU A 238 -21.92 -50.70 -101.03
N GLY A 239 -21.28 -49.54 -101.21
CA GLY A 239 -20.36 -49.28 -102.30
C GLY A 239 -19.09 -50.10 -102.19
N ASN A 240 -18.55 -50.21 -100.95
CA ASN A 240 -17.34 -50.98 -100.62
C ASN A 240 -17.58 -52.48 -100.75
N ILE A 241 -18.81 -52.96 -100.46
CA ILE A 241 -19.19 -54.37 -100.61
C ILE A 241 -19.27 -54.68 -102.12
N ALA A 242 -19.85 -53.74 -102.90
CA ALA A 242 -20.02 -53.79 -104.36
C ALA A 242 -18.68 -53.69 -105.12
N SER A 243 -17.57 -53.34 -104.42
CA SER A 243 -16.23 -53.23 -105.01
C SER A 243 -15.49 -54.58 -104.95
N GLY A 244 -16.17 -55.60 -104.45
CA GLY A 244 -15.67 -56.96 -104.37
C GLY A 244 -16.05 -57.77 -105.60
N GLY A 245 -16.06 -59.10 -105.45
CA GLY A 245 -16.39 -60.05 -106.50
C GLY A 245 -17.85 -60.06 -106.90
N ASN A 246 -18.15 -60.69 -108.05
CA ASN A 246 -19.49 -60.80 -108.65
C ASN A 246 -20.53 -61.43 -107.74
N GLU A 247 -20.14 -62.48 -106.98
CA GLU A 247 -21.03 -63.18 -106.04
C GLU A 247 -21.43 -62.27 -104.85
N GLN A 248 -20.53 -61.35 -104.48
CA GLN A 248 -20.71 -60.37 -103.43
C GLN A 248 -21.57 -59.23 -103.96
N ILE A 249 -21.38 -58.86 -105.25
CA ILE A 249 -22.15 -57.86 -105.98
C ILE A 249 -23.61 -58.37 -106.11
N GLN A 250 -23.78 -59.69 -106.32
CA GLN A 250 -25.09 -60.34 -106.44
C GLN A 250 -25.87 -60.32 -105.12
N ALA A 251 -25.15 -60.41 -103.97
CA ALA A 251 -25.75 -60.36 -102.63
C ALA A 251 -26.42 -59.00 -102.36
N VAL A 252 -25.83 -57.92 -102.94
CA VAL A 252 -26.30 -56.52 -102.87
C VAL A 252 -27.63 -56.41 -103.65
N ILE A 253 -27.68 -57.00 -104.88
CA ILE A 253 -28.86 -56.99 -105.75
C ILE A 253 -30.01 -57.80 -105.13
N ASP A 254 -29.70 -59.02 -104.63
CA ASP A 254 -30.64 -59.94 -103.97
C ASP A 254 -31.38 -59.31 -102.78
N ALA A 255 -30.72 -58.38 -102.06
CA ALA A 255 -31.30 -57.66 -100.91
C ALA A 255 -32.27 -56.54 -101.32
N GLY A 256 -32.23 -56.15 -102.60
CA GLY A 256 -33.10 -55.12 -103.18
C GLY A 256 -32.55 -53.70 -103.12
N ALA A 257 -31.22 -53.54 -103.25
CA ALA A 257 -30.54 -52.25 -103.19
C ALA A 257 -30.76 -51.35 -104.40
N LEU A 258 -30.79 -51.95 -105.60
CA LEU A 258 -30.92 -51.25 -106.88
C LEU A 258 -32.11 -50.24 -106.96
N PRO A 259 -33.39 -50.59 -106.64
CA PRO A 259 -34.47 -49.56 -106.74
C PRO A 259 -34.23 -48.31 -105.89
N ALA A 260 -33.62 -48.48 -104.70
CA ALA A 260 -33.27 -47.41 -103.76
C ALA A 260 -32.11 -46.57 -104.33
N LEU A 261 -31.07 -47.23 -104.87
CA LEU A 261 -29.91 -46.59 -105.49
C LEU A 261 -30.31 -45.76 -106.71
N VAL A 262 -31.24 -46.28 -107.54
CA VAL A 262 -31.75 -45.60 -108.73
C VAL A 262 -32.54 -44.35 -108.30
N GLN A 263 -33.37 -44.48 -107.24
CA GLN A 263 -34.13 -43.38 -106.63
C GLN A 263 -33.20 -42.27 -106.12
N LEU A 264 -32.02 -42.65 -105.60
CA LEU A 264 -31.01 -41.73 -105.08
C LEU A 264 -30.27 -40.96 -106.17
N LEU A 265 -30.42 -41.38 -107.45
CA LEU A 265 -29.81 -40.69 -108.59
C LEU A 265 -30.56 -39.41 -108.93
N SER A 266 -31.68 -39.15 -108.24
CA SER A 266 -32.53 -37.97 -108.38
C SER A 266 -32.12 -36.87 -107.38
N SER A 267 -31.17 -37.16 -106.48
CA SER A 267 -30.71 -36.26 -105.42
C SER A 267 -29.97 -34.99 -105.89
N PRO A 268 -30.33 -33.80 -105.32
CA PRO A 268 -29.57 -32.58 -105.63
C PRO A 268 -28.38 -32.42 -104.65
N ASN A 269 -28.15 -33.43 -103.79
CA ASN A 269 -27.08 -33.44 -102.82
C ASN A 269 -25.91 -34.11 -103.50
N GLU A 270 -24.94 -33.29 -103.93
CA GLU A 270 -23.73 -33.72 -104.64
C GLU A 270 -22.91 -34.79 -103.88
N GLN A 271 -23.05 -34.87 -102.55
CA GLN A 271 -22.35 -35.85 -101.72
C GLN A 271 -23.02 -37.23 -101.84
N ILE A 272 -24.36 -37.28 -101.68
CA ILE A 272 -25.17 -38.50 -101.81
C ILE A 272 -25.11 -39.00 -103.26
N LEU A 273 -25.19 -38.06 -104.24
CA LEU A 273 -25.14 -38.34 -105.66
C LEU A 273 -23.82 -39.01 -106.08
N GLN A 274 -22.66 -38.44 -105.66
CA GLN A 274 -21.34 -38.99 -105.98
C GLN A 274 -21.17 -40.42 -105.47
N GLU A 275 -21.69 -40.71 -104.26
CA GLU A 275 -21.64 -42.03 -103.63
C GLU A 275 -22.62 -43.01 -104.28
N ALA A 276 -23.81 -42.52 -104.69
CA ALA A 276 -24.83 -43.34 -105.36
C ALA A 276 -24.30 -43.78 -106.75
N LEU A 277 -23.72 -42.83 -107.51
CA LEU A 277 -23.10 -43.07 -108.82
C LEU A 277 -21.91 -44.04 -108.71
N TRP A 278 -21.12 -43.93 -107.62
CA TRP A 278 -19.96 -44.79 -107.34
C TRP A 278 -20.39 -46.22 -106.98
N THR A 279 -21.45 -46.38 -106.15
CA THR A 279 -21.98 -47.68 -105.74
C THR A 279 -22.49 -48.45 -106.96
N LEU A 280 -23.26 -47.77 -107.84
CA LEU A 280 -23.79 -48.36 -109.06
C LEU A 280 -22.69 -48.69 -110.05
N GLY A 281 -21.66 -47.85 -110.10
CA GLY A 281 -20.48 -48.04 -110.94
C GLY A 281 -19.71 -49.28 -110.55
N ASN A 282 -19.70 -49.61 -109.25
CA ASN A 282 -19.04 -50.81 -108.74
C ASN A 282 -19.89 -52.05 -109.08
N ILE A 283 -21.24 -51.96 -108.96
CA ILE A 283 -22.16 -53.04 -109.29
C ILE A 283 -22.08 -53.33 -110.81
N ALA A 284 -21.98 -52.26 -111.61
CA ALA A 284 -21.88 -52.27 -113.07
C ALA A 284 -20.59 -52.92 -113.61
N SER A 285 -19.53 -53.00 -112.79
CA SER A 285 -18.25 -53.60 -113.20
C SER A 285 -18.17 -55.15 -113.05
N GLY A 286 -19.29 -55.74 -112.63
CA GLY A 286 -19.41 -57.20 -112.46
C GLY A 286 -19.69 -57.95 -113.75
N GLY A 287 -20.35 -59.09 -113.61
CA GLY A 287 -20.71 -59.96 -114.73
C GLY A 287 -21.96 -59.54 -115.44
N ASN A 288 -22.36 -60.31 -116.47
CA ASN A 288 -23.54 -60.05 -117.31
C ASN A 288 -24.87 -60.06 -116.54
N GLU A 289 -25.01 -60.99 -115.57
CA GLU A 289 -26.22 -61.14 -114.74
C GLU A 289 -26.48 -59.87 -113.91
N GLN A 290 -25.41 -59.29 -113.33
CA GLN A 290 -25.44 -58.08 -112.51
C GLN A 290 -25.72 -56.84 -113.36
N LYS A 291 -25.11 -56.77 -114.57
CA LYS A 291 -25.28 -55.67 -115.52
C LYS A 291 -26.74 -55.59 -115.96
N GLN A 292 -27.36 -56.76 -116.23
CA GLN A 292 -28.75 -56.91 -116.66
C GLN A 292 -29.74 -56.43 -115.59
N ALA A 293 -29.42 -56.68 -114.30
CA ALA A 293 -30.21 -56.25 -113.14
C ALA A 293 -30.21 -54.71 -113.00
N VAL A 294 -29.06 -54.07 -113.30
CA VAL A 294 -28.87 -52.61 -113.27
C VAL A 294 -29.70 -51.96 -114.38
N LYS A 295 -29.65 -52.54 -115.61
CA LYS A 295 -30.41 -52.07 -116.77
C LYS A 295 -31.92 -52.19 -116.50
N GLU A 296 -32.33 -53.31 -115.87
CA GLU A 296 -33.71 -53.65 -115.48
C GLU A 296 -34.30 -52.68 -114.47
N ALA A 297 -33.43 -52.07 -113.62
CA ALA A 297 -33.80 -51.09 -112.59
C ALA A 297 -34.04 -49.69 -113.16
N GLY A 298 -33.62 -49.47 -114.41
CA GLY A 298 -33.78 -48.23 -115.13
C GLY A 298 -32.67 -47.21 -114.91
N ALA A 299 -31.48 -47.69 -114.54
CA ALA A 299 -30.32 -46.84 -114.25
C ALA A 299 -29.70 -46.21 -115.49
N LEU A 300 -29.72 -46.93 -116.62
CA LEU A 300 -29.15 -46.54 -117.90
C LEU A 300 -29.46 -45.12 -118.35
N GLU A 301 -30.75 -44.73 -118.36
CA GLU A 301 -31.16 -43.39 -118.78
C GLU A 301 -30.72 -42.31 -117.81
N LYS A 302 -30.67 -42.64 -116.50
CA LYS A 302 -30.25 -41.73 -115.43
C LYS A 302 -28.74 -41.47 -115.50
N LEU A 303 -27.91 -42.55 -115.59
CA LEU A 303 -26.45 -42.48 -115.71
C LEU A 303 -26.03 -41.64 -116.93
N GLU A 304 -26.72 -41.81 -118.04
CA GLU A 304 -26.51 -41.11 -119.30
C GLU A 304 -26.84 -39.60 -119.15
N GLN A 305 -27.90 -39.27 -118.39
CA GLN A 305 -28.31 -37.90 -118.16
C GLN A 305 -27.32 -37.19 -117.21
N LEU A 306 -26.87 -37.89 -116.15
CA LEU A 306 -25.94 -37.33 -115.15
C LEU A 306 -24.55 -37.03 -115.73
N GLN A 307 -24.29 -37.46 -116.98
CA GLN A 307 -23.07 -37.16 -117.74
C GLN A 307 -23.07 -35.68 -118.17
N SER A 308 -24.24 -35.02 -118.13
CA SER A 308 -24.43 -33.60 -118.48
C SER A 308 -24.49 -32.69 -117.22
N HIS A 309 -24.08 -33.21 -116.05
CA HIS A 309 -24.05 -32.42 -114.80
C HIS A 309 -22.86 -31.45 -114.83
N GLU A 310 -23.08 -30.18 -114.43
CA GLU A 310 -22.08 -29.10 -114.38
C GLU A 310 -20.85 -29.46 -113.54
N ASN A 311 -21.06 -30.19 -112.44
CA ASN A 311 -19.98 -30.60 -111.54
C ASN A 311 -19.22 -31.79 -112.11
N GLU A 312 -17.91 -31.58 -112.37
CA GLU A 312 -16.97 -32.55 -112.95
C GLU A 312 -16.85 -33.85 -112.17
N LYS A 313 -17.05 -33.81 -110.84
CA LYS A 313 -16.98 -35.01 -109.99
C LYS A 313 -18.18 -35.94 -110.26
N ILE A 314 -19.38 -35.36 -110.41
CA ILE A 314 -20.63 -36.07 -110.73
C ILE A 314 -20.55 -36.58 -112.17
N GLN A 315 -20.15 -35.69 -113.10
CA GLN A 315 -19.96 -35.90 -114.53
C GLN A 315 -19.01 -37.11 -114.79
N LYS A 316 -17.85 -37.14 -114.11
CA LYS A 316 -16.85 -38.23 -114.21
C LYS A 316 -17.35 -39.56 -113.64
N GLU A 317 -17.99 -39.52 -112.44
CA GLU A 317 -18.55 -40.70 -111.78
C GLU A 317 -19.65 -41.34 -112.61
N ALA A 318 -20.52 -40.51 -113.26
CA ALA A 318 -21.60 -40.95 -114.15
C ALA A 318 -21.02 -41.58 -115.42
N GLN A 319 -19.95 -40.95 -115.98
CA GLN A 319 -19.25 -41.41 -117.16
C GLN A 319 -18.56 -42.76 -116.89
N GLU A 320 -17.85 -42.87 -115.75
CA GLU A 320 -17.17 -44.10 -115.32
C GLU A 320 -18.19 -45.24 -115.14
N ALA A 321 -19.30 -44.98 -114.41
CA ALA A 321 -20.39 -45.93 -114.16
C ALA A 321 -21.03 -46.45 -115.45
N LEU A 322 -21.36 -45.54 -116.40
CA LEU A 322 -21.97 -45.89 -117.69
C LEU A 322 -21.01 -46.71 -118.57
N GLU A 323 -19.69 -46.37 -118.51
CA GLU A 323 -18.62 -47.07 -119.24
C GLU A 323 -18.52 -48.51 -118.77
N LYS A 324 -18.35 -48.71 -117.44
CA LYS A 324 -18.25 -50.02 -116.78
C LYS A 324 -19.47 -50.89 -117.06
N LEU A 325 -20.67 -50.27 -117.17
CA LEU A 325 -21.93 -50.96 -117.46
C LEU A 325 -22.02 -51.48 -118.90
N GLN A 326 -21.66 -50.64 -119.89
CA GLN A 326 -21.74 -50.96 -121.32
C GLN A 326 -20.55 -51.78 -121.89
N SER A 327 -19.44 -51.90 -121.13
CA SER A 327 -18.25 -52.65 -121.56
C SER A 327 -18.39 -54.15 -121.27
N PRO B 2 2.88 -62.72 -115.90
CA PRO B 2 4.33 -62.80 -116.11
C PRO B 2 5.10 -61.66 -115.45
N THR B 3 6.19 -62.00 -114.76
CA THR B 3 7.05 -61.06 -114.03
C THR B 3 8.46 -61.03 -114.59
N ALA B 4 9.01 -59.82 -114.79
CA ALA B 4 10.37 -59.58 -115.24
C ALA B 4 11.24 -59.20 -114.03
N THR B 5 12.57 -59.33 -114.17
CA THR B 5 13.55 -58.98 -113.16
C THR B 5 14.57 -57.99 -113.72
N ALA B 6 15.11 -57.12 -112.86
CA ALA B 6 16.10 -56.11 -113.24
C ALA B 6 16.88 -55.70 -111.98
N PRO B 7 18.12 -55.17 -112.10
CA PRO B 7 18.83 -54.70 -110.90
C PRO B 7 18.07 -53.53 -110.27
N GLY B 8 18.05 -53.51 -108.94
CA GLY B 8 17.36 -52.50 -108.16
C GLY B 8 18.28 -51.49 -107.53
N GLY B 9 17.91 -50.22 -107.65
CA GLY B 9 18.66 -49.10 -107.09
C GLY B 9 17.85 -48.25 -106.13
N LEU B 10 16.87 -48.87 -105.42
CA LEU B 10 16.01 -48.18 -104.46
C LEU B 10 16.80 -47.53 -103.31
N SER B 11 16.29 -46.39 -102.80
CA SER B 11 16.92 -45.64 -101.71
C SER B 11 16.22 -45.85 -100.36
N ALA B 12 14.98 -46.40 -100.40
CA ALA B 12 14.15 -46.72 -99.23
C ALA B 12 13.27 -47.95 -99.51
N LYS B 13 12.50 -48.42 -98.51
CA LYS B 13 11.58 -49.55 -98.63
C LYS B 13 10.49 -49.26 -99.68
N ALA B 14 10.22 -50.25 -100.53
CA ALA B 14 9.21 -50.15 -101.58
C ALA B 14 8.34 -51.41 -101.58
N PRO B 15 7.03 -51.31 -101.25
CA PRO B 15 6.19 -52.51 -101.22
C PRO B 15 5.68 -52.91 -102.60
N ALA B 16 4.96 -54.05 -102.69
CA ALA B 16 4.39 -54.50 -103.96
C ALA B 16 3.37 -53.46 -104.43
N MET B 17 3.32 -53.23 -105.76
CA MET B 17 2.46 -52.29 -106.51
C MET B 17 3.07 -50.89 -106.64
N THR B 18 4.36 -50.73 -106.29
CA THR B 18 5.09 -49.47 -106.40
C THR B 18 5.53 -49.26 -107.87
N PRO B 19 5.16 -48.10 -108.51
CA PRO B 19 5.60 -47.88 -109.91
C PRO B 19 7.10 -47.61 -110.00
N LEU B 20 7.75 -48.26 -110.98
CA LEU B 20 9.19 -48.16 -111.19
C LEU B 20 9.56 -47.37 -112.44
N MET B 21 10.74 -46.74 -112.42
CA MET B 21 11.32 -45.99 -113.53
C MET B 21 12.80 -46.36 -113.63
N LEU B 22 13.42 -46.05 -114.77
CA LEU B 22 14.83 -46.34 -115.00
C LEU B 22 15.70 -45.19 -114.52
N ASP B 23 16.80 -45.52 -113.87
CA ASP B 23 17.79 -44.53 -113.45
C ASP B 23 18.89 -44.58 -114.52
N THR B 24 19.01 -43.48 -115.29
CA THR B 24 19.97 -43.36 -116.40
C THR B 24 21.43 -43.40 -115.95
N SER B 25 21.70 -43.09 -114.67
CA SER B 25 23.04 -43.11 -114.10
C SER B 25 23.52 -44.53 -113.83
N SER B 26 22.76 -45.28 -113.00
CA SER B 26 23.08 -46.64 -112.58
C SER B 26 22.64 -47.72 -113.55
N ARG B 27 21.70 -47.38 -114.44
CA ARG B 27 21.06 -48.27 -115.43
C ARG B 27 20.15 -49.29 -114.69
N LYS B 28 19.87 -48.99 -113.40
CA LYS B 28 19.05 -49.80 -112.50
C LYS B 28 17.65 -49.19 -112.35
N LEU B 29 16.71 -50.00 -111.84
CA LEU B 29 15.35 -49.51 -111.61
C LEU B 29 15.22 -48.93 -110.22
N VAL B 30 14.58 -47.77 -110.16
CA VAL B 30 14.30 -47.03 -108.93
C VAL B 30 12.78 -46.80 -108.85
N ALA B 31 12.28 -46.24 -107.74
CA ALA B 31 10.86 -45.91 -107.60
C ALA B 31 10.57 -44.69 -108.49
N TRP B 32 9.44 -44.71 -109.21
CA TRP B 32 9.05 -43.59 -110.06
C TRP B 32 8.73 -42.38 -109.19
N ASP B 33 9.36 -41.24 -109.52
CA ASP B 33 9.26 -39.97 -108.80
C ASP B 33 7.85 -39.37 -108.76
N GLY B 34 7.09 -39.54 -109.84
CA GLY B 34 5.74 -39.01 -109.97
C GLY B 34 5.73 -37.62 -110.59
N THR B 35 6.92 -37.16 -111.05
CA THR B 35 7.12 -35.85 -111.67
C THR B 35 7.53 -35.96 -113.14
N THR B 36 8.25 -37.05 -113.49
CA THR B 36 8.69 -37.31 -114.86
C THR B 36 7.58 -38.03 -115.61
N ASP B 37 6.93 -37.31 -116.55
CA ASP B 37 5.80 -37.79 -117.35
C ASP B 37 6.21 -38.89 -118.34
N GLY B 38 5.51 -40.02 -118.26
CA GLY B 38 5.73 -41.18 -119.12
C GLY B 38 7.00 -41.96 -118.89
N ALA B 39 7.65 -41.78 -117.71
CA ALA B 39 8.91 -42.46 -117.35
C ALA B 39 8.74 -43.82 -116.65
N ALA B 40 7.50 -44.13 -116.19
CA ALA B 40 7.17 -45.39 -115.51
C ALA B 40 7.32 -46.58 -116.48
N VAL B 41 8.19 -47.55 -116.10
CA VAL B 41 8.54 -48.72 -116.90
C VAL B 41 7.85 -50.02 -116.41
N GLY B 42 7.47 -50.06 -115.13
CA GLY B 42 6.84 -51.24 -114.55
C GLY B 42 6.25 -51.03 -113.17
N ILE B 43 5.70 -52.12 -112.60
CA ILE B 43 5.06 -52.11 -111.28
C ILE B 43 5.71 -53.20 -110.43
N LEU B 44 6.22 -52.85 -109.24
CA LEU B 44 6.86 -53.79 -108.33
C LEU B 44 5.91 -54.93 -107.93
N ALA B 45 6.38 -56.18 -108.06
CA ALA B 45 5.59 -57.37 -107.75
C ALA B 45 5.88 -57.91 -106.35
N VAL B 46 7.14 -57.83 -105.90
CA VAL B 46 7.60 -58.30 -104.59
C VAL B 46 8.22 -57.12 -103.85
N ALA B 47 7.82 -56.90 -102.57
CA ALA B 47 8.34 -55.83 -101.73
C ALA B 47 9.87 -55.92 -101.61
N ALA B 48 10.56 -54.79 -101.84
CA ALA B 48 12.01 -54.69 -101.79
C ALA B 48 12.48 -53.40 -101.09
N ASP B 49 13.80 -53.20 -100.97
CA ASP B 49 14.38 -52.00 -100.35
C ASP B 49 15.74 -51.65 -100.95
N GLN B 50 16.51 -50.79 -100.25
CA GLN B 50 17.83 -50.29 -100.63
C GLN B 50 18.91 -51.40 -100.67
N THR B 51 18.70 -52.51 -99.94
CA THR B 51 19.66 -53.64 -99.90
C THR B 51 19.43 -54.64 -101.04
N SER B 52 18.18 -54.73 -101.56
CA SER B 52 17.77 -55.64 -102.64
C SER B 52 18.56 -55.42 -103.94
N THR B 53 19.20 -56.50 -104.43
CA THR B 53 20.02 -56.48 -105.65
C THR B 53 19.12 -56.54 -106.88
N THR B 54 18.13 -57.45 -106.87
CA THR B 54 17.24 -57.70 -107.99
C THR B 54 15.79 -57.44 -107.64
N LEU B 55 15.09 -56.71 -108.53
CA LEU B 55 13.68 -56.39 -108.39
C LEU B 55 12.83 -57.29 -109.26
N THR B 56 11.69 -57.76 -108.74
CA THR B 56 10.72 -58.57 -109.49
C THR B 56 9.56 -57.62 -109.75
N PHE B 57 9.27 -57.38 -111.03
CA PHE B 57 8.24 -56.42 -111.41
C PHE B 57 7.39 -56.88 -112.59
N TYR B 58 6.20 -56.27 -112.75
CA TYR B 58 5.31 -56.53 -113.86
C TYR B 58 5.65 -55.51 -114.96
N LYS B 59 5.96 -56.01 -116.17
CA LYS B 59 6.27 -55.21 -117.35
C LYS B 59 5.04 -55.14 -118.29
N SER B 60 4.03 -55.98 -117.99
CA SER B 60 2.76 -56.12 -118.73
C SER B 60 1.58 -56.37 -117.77
N GLY B 61 0.36 -56.20 -118.28
CA GLY B 61 -0.86 -56.44 -117.53
C GLY B 61 -1.81 -55.28 -117.41
N THR B 62 -3.02 -55.56 -116.89
CA THR B 62 -4.09 -54.61 -116.65
C THR B 62 -4.26 -54.49 -115.13
N PHE B 63 -4.05 -53.26 -114.62
CA PHE B 63 -4.11 -52.96 -113.18
C PHE B 63 -5.11 -51.86 -112.86
N ARG B 64 -5.80 -51.97 -111.72
CA ARG B 64 -6.75 -50.96 -111.25
C ARG B 64 -5.97 -49.77 -110.71
N TYR B 65 -6.58 -48.56 -110.76
CA TYR B 65 -5.97 -47.33 -110.24
C TYR B 65 -5.78 -47.41 -108.71
N GLU B 66 -6.76 -48.01 -107.99
CA GLU B 66 -6.75 -48.18 -106.53
C GLU B 66 -5.60 -49.07 -106.05
N ASP B 67 -5.35 -50.20 -106.75
CA ASP B 67 -4.30 -51.18 -106.43
C ASP B 67 -2.88 -50.64 -106.47
N VAL B 68 -2.59 -49.72 -107.41
CA VAL B 68 -1.27 -49.13 -107.60
C VAL B 68 -0.96 -48.09 -106.50
N LEU B 69 0.22 -48.22 -105.87
CA LEU B 69 0.70 -47.33 -104.81
C LEU B 69 1.45 -46.14 -105.40
N TRP B 70 0.69 -45.14 -105.90
CA TRP B 70 1.20 -43.92 -106.52
C TRP B 70 2.02 -43.07 -105.53
N PRO B 71 3.14 -42.44 -105.97
CA PRO B 71 3.92 -41.60 -105.04
C PRO B 71 3.21 -40.29 -104.68
N GLU B 72 3.61 -39.67 -103.53
CA GLU B 72 3.05 -38.40 -103.03
C GLU B 72 3.16 -37.27 -104.06
N ALA B 73 4.34 -37.14 -104.72
CA ALA B 73 4.63 -36.12 -105.73
C ALA B 73 3.66 -36.12 -106.91
N ALA B 74 3.11 -37.32 -107.26
CA ALA B 74 2.13 -37.48 -108.33
C ALA B 74 0.78 -36.93 -107.84
N SER B 75 0.39 -35.75 -108.36
CA SER B 75 -0.83 -35.04 -107.99
C SER B 75 -1.92 -35.16 -109.06
N ASP B 76 -1.53 -35.06 -110.35
CA ASP B 76 -2.44 -35.14 -111.49
C ASP B 76 -2.86 -36.58 -111.75
N GLU B 77 -4.19 -36.82 -111.76
CA GLU B 77 -4.85 -38.10 -111.98
C GLU B 77 -4.59 -38.63 -113.41
N THR B 78 -4.71 -37.76 -114.43
CA THR B 78 -4.49 -38.12 -115.83
C THR B 78 -3.01 -38.42 -116.11
N LYS B 79 -2.09 -37.70 -115.43
CA LYS B 79 -0.63 -37.90 -115.57
C LYS B 79 -0.21 -39.24 -114.97
N LYS B 80 -0.96 -39.73 -113.96
CA LYS B 80 -0.76 -41.02 -113.32
C LYS B 80 -1.27 -42.12 -114.27
N ARG B 81 -2.44 -41.90 -114.88
CA ARG B 81 -3.06 -42.82 -115.85
C ARG B 81 -2.16 -42.97 -117.09
N THR B 82 -1.55 -41.85 -117.55
CA THR B 82 -0.67 -41.79 -118.73
C THR B 82 0.82 -42.00 -118.39
N ALA B 83 1.15 -42.43 -117.15
CA ALA B 83 2.53 -42.67 -116.72
C ALA B 83 3.15 -43.89 -117.42
N PHE B 84 2.32 -44.90 -117.75
CA PHE B 84 2.77 -46.13 -118.39
C PHE B 84 2.58 -46.11 -119.92
N ALA B 85 2.84 -44.93 -120.52
CA ALA B 85 2.73 -44.72 -121.97
C ALA B 85 3.94 -45.32 -122.65
N GLY B 86 3.70 -46.20 -123.63
CA GLY B 86 4.74 -46.89 -124.37
C GLY B 86 5.08 -48.26 -123.82
N THR B 87 4.30 -48.71 -122.80
CA THR B 87 4.45 -50.02 -122.14
C THR B 87 3.16 -50.83 -122.31
N ALA B 88 3.22 -52.13 -121.94
CA ALA B 88 2.09 -53.06 -122.01
C ALA B 88 1.12 -52.93 -120.82
N ILE B 89 1.43 -52.04 -119.84
CA ILE B 89 0.62 -51.76 -118.65
C ILE B 89 -0.65 -50.96 -119.02
N SER B 90 -1.78 -51.22 -118.30
CA SER B 90 -3.06 -50.54 -118.48
C SER B 90 -3.69 -50.19 -117.11
N ILE B 91 -4.23 -48.95 -116.97
CA ILE B 91 -4.84 -48.43 -115.73
C ILE B 91 -6.38 -48.19 -115.88
N VAL B 92 -7.14 -48.10 -114.73
CA VAL B 92 -8.60 -47.90 -114.71
C VAL B 92 -9.04 -46.59 -113.90
N GLY B 93 -9.98 -46.68 -112.94
CA GLY B 93 -10.51 -45.53 -112.20
C GLY B 93 -10.30 -45.43 -110.69
N SER B 94 -10.48 -44.19 -110.13
CA SER B 94 -10.26 -43.81 -108.72
C SER B 94 -11.52 -43.70 -107.81
N GLY B 95 -11.28 -43.68 -106.48
CA GLY B 95 -12.29 -43.59 -105.42
C GLY B 95 -12.65 -42.18 -105.00
N SER B 96 -12.91 -41.93 -103.67
CA SER B 96 -13.30 -40.59 -103.19
C SER B 96 -12.62 -40.12 -101.82
N PRO B 97 -13.07 -40.46 -100.56
CA PRO B 97 -12.43 -39.85 -99.36
C PRO B 97 -11.39 -40.69 -98.59
N LYS B 98 -11.04 -40.20 -97.37
CA LYS B 98 -10.06 -40.70 -96.37
C LYS B 98 -10.79 -41.02 -95.03
N ARG B 99 -10.26 -41.95 -94.18
CA ARG B 99 -10.99 -42.32 -92.94
C ARG B 99 -10.15 -42.58 -91.63
N LYS B 100 -9.14 -41.74 -91.33
CA LYS B 100 -8.35 -41.84 -90.08
C LYS B 100 -8.66 -40.66 -89.13
N ARG B 101 -9.54 -40.91 -88.14
CA ARG B 101 -10.05 -39.92 -87.19
C ARG B 101 -9.16 -39.65 -85.96
N LYS B 102 -8.80 -38.37 -85.77
CA LYS B 102 -8.01 -37.91 -84.63
C LYS B 102 -8.85 -36.90 -83.83
N ARG B 103 -8.76 -36.95 -82.49
CA ARG B 103 -9.51 -36.07 -81.60
C ARG B 103 -8.60 -35.40 -80.57
N LYS B 104 -8.28 -34.12 -80.79
CA LYS B 104 -7.45 -33.32 -79.89
C LYS B 104 -8.37 -32.49 -79.03
N ARG B 105 -8.11 -32.49 -77.71
CA ARG B 105 -8.94 -31.77 -76.74
C ARG B 105 -8.17 -30.70 -75.95
N LYS B 106 -8.69 -30.39 -74.73
CA LYS B 106 -8.33 -29.40 -73.70
C LYS B 106 -9.27 -28.21 -73.75
N GLU C 5 2.45 -20.28 -101.72
CA GLU C 5 1.54 -21.41 -101.93
C GLU C 5 0.14 -21.12 -101.36
N LEU C 6 0.05 -20.58 -100.13
CA LEU C 6 -1.19 -20.23 -99.45
C LEU C 6 -1.97 -19.09 -100.14
N PRO C 7 -1.34 -17.97 -100.63
CA PRO C 7 -2.15 -16.93 -101.31
C PRO C 7 -2.73 -17.38 -102.66
N GLN C 8 -2.14 -18.44 -103.26
CA GLN C 8 -2.59 -19.03 -104.53
C GLN C 8 -3.92 -19.77 -104.31
N MET C 9 -4.02 -20.53 -103.18
CA MET C 9 -5.20 -21.30 -102.78
C MET C 9 -6.40 -20.40 -102.47
N VAL C 10 -6.12 -19.22 -101.85
CA VAL C 10 -7.11 -18.21 -101.50
C VAL C 10 -7.72 -17.63 -102.79
N GLN C 11 -6.86 -17.43 -103.82
CA GLN C 11 -7.26 -16.97 -105.15
C GLN C 11 -8.15 -18.03 -105.84
N GLN C 12 -7.85 -19.32 -105.62
CA GLN C 12 -8.59 -20.46 -106.17
C GLN C 12 -10.00 -20.61 -105.59
N LEU C 13 -10.22 -20.15 -104.34
CA LEU C 13 -11.54 -20.19 -103.70
C LEU C 13 -12.46 -19.15 -104.31
N ASN C 14 -11.89 -17.97 -104.66
CA ASN C 14 -12.61 -16.84 -105.24
C ASN C 14 -12.85 -17.01 -106.75
N SER C 15 -12.12 -17.96 -107.38
CA SER C 15 -12.21 -18.25 -108.82
C SER C 15 -13.53 -18.97 -109.18
N PRO C 16 -14.15 -18.67 -110.36
CA PRO C 16 -15.41 -19.35 -110.72
C PRO C 16 -15.31 -20.85 -111.02
N ASP C 17 -14.08 -21.35 -111.33
CA ASP C 17 -13.82 -22.76 -111.62
C ASP C 17 -13.99 -23.60 -110.35
N GLN C 18 -15.04 -24.43 -110.31
CA GLN C 18 -15.43 -25.27 -109.18
C GLN C 18 -14.48 -26.44 -108.89
N GLN C 19 -13.69 -26.89 -109.89
CA GLN C 19 -12.74 -27.99 -109.73
C GLN C 19 -11.49 -27.56 -108.95
N GLU C 20 -10.94 -26.36 -109.24
CA GLU C 20 -9.77 -25.82 -108.54
C GLU C 20 -10.15 -25.25 -107.15
N LEU C 21 -11.42 -24.85 -107.00
CA LEU C 21 -12.04 -24.34 -105.77
C LEU C 21 -12.05 -25.50 -104.76
N GLN C 22 -12.63 -26.66 -105.15
CA GLN C 22 -12.74 -27.89 -104.37
C GLN C 22 -11.36 -28.45 -104.00
N SER C 23 -10.36 -28.28 -104.88
CA SER C 23 -8.99 -28.75 -104.64
C SER C 23 -8.29 -27.89 -103.58
N ALA C 24 -8.37 -26.54 -103.71
CA ALA C 24 -7.79 -25.57 -102.77
C ALA C 24 -8.41 -25.67 -101.37
N LEU C 25 -9.75 -25.84 -101.32
CA LEU C 25 -10.55 -25.98 -100.11
C LEU C 25 -10.12 -27.21 -99.29
N ARG C 26 -9.88 -28.35 -99.98
CA ARG C 26 -9.44 -29.62 -99.39
C ARG C 26 -8.05 -29.47 -98.79
N LYS C 27 -7.17 -28.73 -99.49
CA LYS C 27 -5.79 -28.44 -99.09
C LYS C 27 -5.77 -27.50 -97.88
N LEU C 28 -6.60 -26.43 -97.91
CA LEU C 28 -6.75 -25.45 -96.84
C LEU C 28 -7.36 -26.06 -95.58
N SER C 29 -8.28 -27.04 -95.74
CA SER C 29 -8.94 -27.75 -94.64
C SER C 29 -7.88 -28.51 -93.82
N GLN C 30 -6.92 -29.16 -94.53
CA GLN C 30 -5.80 -29.93 -93.96
C GLN C 30 -4.85 -29.04 -93.14
N ILE C 31 -4.59 -27.81 -93.63
CA ILE C 31 -3.72 -26.83 -92.94
C ILE C 31 -4.39 -26.37 -91.64
N ALA C 32 -5.68 -26.00 -91.72
CA ALA C 32 -6.52 -25.55 -90.60
C ALA C 32 -6.64 -26.59 -89.47
N SER C 33 -6.41 -27.88 -89.80
CA SER C 33 -6.47 -28.99 -88.84
C SER C 33 -5.18 -29.10 -87.99
N GLY C 34 -4.17 -28.29 -88.32
CA GLY C 34 -2.90 -28.23 -87.60
C GLY C 34 -2.97 -27.33 -86.38
N GLY C 35 -1.81 -26.81 -85.97
CA GLY C 35 -1.68 -25.93 -84.82
C GLY C 35 -2.17 -24.51 -85.07
N ASN C 36 -2.05 -23.65 -84.03
CA ASN C 36 -2.45 -22.24 -84.08
C ASN C 36 -1.67 -21.42 -85.12
N GLU C 37 -0.37 -21.73 -85.33
CA GLU C 37 0.49 -21.07 -86.31
C GLU C 37 -0.03 -21.26 -87.73
N GLN C 38 -0.55 -22.47 -88.03
CA GLN C 38 -1.10 -22.82 -89.34
C GLN C 38 -2.45 -22.15 -89.56
N ILE C 39 -3.28 -22.04 -88.50
CA ILE C 39 -4.60 -21.39 -88.52
C ILE C 39 -4.42 -19.91 -88.87
N GLN C 40 -3.47 -19.23 -88.17
CA GLN C 40 -3.14 -17.82 -88.38
C GLN C 40 -2.61 -17.56 -89.78
N ALA C 41 -1.84 -18.53 -90.35
CA ALA C 41 -1.31 -18.44 -91.71
C ALA C 41 -2.46 -18.42 -92.72
N VAL C 42 -3.53 -19.20 -92.45
CA VAL C 42 -4.75 -19.29 -93.28
C VAL C 42 -5.58 -17.99 -93.15
N ILE C 43 -5.64 -17.42 -91.92
CA ILE C 43 -6.36 -16.16 -91.65
C ILE C 43 -5.66 -14.99 -92.33
N ASP C 44 -4.34 -14.85 -92.09
CA ASP C 44 -3.48 -13.79 -92.66
C ASP C 44 -3.47 -13.79 -94.20
N ALA C 45 -3.66 -14.97 -94.82
CA ALA C 45 -3.75 -15.15 -96.26
C ALA C 45 -5.05 -14.55 -96.81
N GLY C 46 -6.09 -14.50 -95.98
CA GLY C 46 -7.40 -13.93 -96.31
C GLY C 46 -8.42 -14.95 -96.80
N ALA C 47 -8.38 -16.16 -96.25
CA ALA C 47 -9.26 -17.26 -96.65
C ALA C 47 -10.67 -17.20 -96.03
N LEU C 48 -10.84 -16.52 -94.87
CA LEU C 48 -12.12 -16.44 -94.16
C LEU C 48 -13.28 -15.79 -94.97
N PRO C 49 -13.15 -14.60 -95.64
CA PRO C 49 -14.29 -14.08 -96.41
C PRO C 49 -14.84 -15.04 -97.47
N ALA C 50 -13.95 -15.84 -98.09
CA ALA C 50 -14.29 -16.86 -99.09
C ALA C 50 -15.01 -18.05 -98.44
N LEU C 51 -14.46 -18.56 -97.30
CA LEU C 51 -15.02 -19.67 -96.52
C LEU C 51 -16.43 -19.39 -96.01
N VAL C 52 -16.69 -18.14 -95.59
CA VAL C 52 -17.99 -17.67 -95.10
C VAL C 52 -19.00 -17.67 -96.26
N GLN C 53 -18.58 -17.16 -97.43
CA GLN C 53 -19.37 -17.11 -98.67
C GLN C 53 -19.77 -18.53 -99.13
N LEU C 54 -18.86 -19.52 -98.98
CA LEU C 54 -19.11 -20.92 -99.35
C LEU C 54 -20.16 -21.63 -98.49
N LEU C 55 -20.65 -21.00 -97.41
CA LEU C 55 -21.71 -21.55 -96.56
C LEU C 55 -23.09 -21.32 -97.21
N SER C 56 -23.12 -20.53 -98.30
CA SER C 56 -24.32 -20.24 -99.10
C SER C 56 -24.31 -21.10 -100.37
N SER C 57 -23.31 -22.01 -100.50
CA SER C 57 -23.15 -22.85 -101.68
C SER C 57 -24.23 -23.91 -101.84
N PRO C 58 -24.81 -24.05 -103.06
CA PRO C 58 -25.80 -25.12 -103.29
C PRO C 58 -25.15 -26.50 -103.35
N ASN C 59 -23.79 -26.56 -103.47
CA ASN C 59 -23.03 -27.81 -103.48
C ASN C 59 -22.77 -28.21 -102.02
N GLU C 60 -23.45 -29.29 -101.56
CA GLU C 60 -23.36 -29.80 -100.20
C GLU C 60 -21.95 -30.27 -99.82
N GLN C 61 -21.21 -30.81 -100.78
CA GLN C 61 -19.82 -31.29 -100.62
C GLN C 61 -18.87 -30.12 -100.34
N ILE C 62 -19.08 -28.97 -101.01
CA ILE C 62 -18.30 -27.74 -100.83
C ILE C 62 -18.67 -27.06 -99.50
N LEU C 63 -20.00 -26.97 -99.20
CA LEU C 63 -20.53 -26.38 -97.97
C LEU C 63 -19.96 -27.12 -96.75
N GLN C 64 -19.97 -28.47 -96.77
CA GLN C 64 -19.48 -29.31 -95.68
C GLN C 64 -17.98 -29.13 -95.42
N GLU C 65 -17.17 -28.98 -96.48
CA GLU C 65 -15.73 -28.81 -96.32
C GLU C 65 -15.35 -27.41 -95.82
N ALA C 66 -16.11 -26.36 -96.20
CA ALA C 66 -15.87 -25.00 -95.73
C ALA C 66 -16.28 -24.88 -94.24
N LEU C 67 -17.39 -25.56 -93.85
CA LEU C 67 -17.90 -25.63 -92.48
C LEU C 67 -16.87 -26.31 -91.57
N TRP C 68 -16.25 -27.40 -92.08
CA TRP C 68 -15.23 -28.18 -91.37
C TRP C 68 -13.98 -27.34 -91.15
N THR C 69 -13.58 -26.52 -92.16
CA THR C 69 -12.42 -25.63 -92.09
C THR C 69 -12.63 -24.57 -91.00
N LEU C 70 -13.80 -23.88 -91.04
CA LEU C 70 -14.20 -22.86 -90.06
C LEU C 70 -14.30 -23.41 -88.63
N GLY C 71 -14.75 -24.65 -88.50
CA GLY C 71 -14.87 -25.35 -87.22
C GLY C 71 -13.55 -25.66 -86.59
N ASN C 72 -12.53 -25.94 -87.41
CA ASN C 72 -11.16 -26.22 -86.97
C ASN C 72 -10.38 -24.92 -86.74
N ILE C 73 -10.76 -23.84 -87.46
CA ILE C 73 -10.18 -22.50 -87.30
C ILE C 73 -10.71 -21.97 -85.95
N ALA C 74 -12.00 -22.25 -85.63
CA ALA C 74 -12.65 -21.85 -84.38
C ALA C 74 -12.16 -22.60 -83.14
N SER C 75 -11.32 -23.63 -83.31
CA SER C 75 -10.75 -24.40 -82.19
C SER C 75 -9.41 -23.78 -81.71
N GLY C 76 -8.97 -22.74 -82.41
CA GLY C 76 -7.75 -22.01 -82.09
C GLY C 76 -7.94 -21.02 -80.95
N GLY C 77 -7.07 -20.02 -80.90
CA GLY C 77 -7.08 -18.97 -79.88
C GLY C 77 -8.22 -17.99 -80.02
N ASN C 78 -8.43 -17.15 -79.00
CA ASN C 78 -9.50 -16.14 -78.97
C ASN C 78 -9.41 -15.12 -80.12
N GLU C 79 -8.17 -14.80 -80.55
CA GLU C 79 -7.89 -13.89 -81.66
C GLU C 79 -8.35 -14.51 -83.00
N GLN C 80 -8.17 -15.83 -83.13
CA GLN C 80 -8.55 -16.61 -84.32
C GLN C 80 -10.06 -16.81 -84.38
N ILE C 81 -10.70 -17.02 -83.20
CA ILE C 81 -12.16 -17.14 -83.06
C ILE C 81 -12.80 -15.78 -83.42
N GLN C 82 -12.17 -14.66 -82.99
CA GLN C 82 -12.67 -13.31 -83.28
C GLN C 82 -12.59 -13.00 -84.77
N ALA C 83 -11.57 -13.55 -85.46
CA ALA C 83 -11.37 -13.39 -86.91
C ALA C 83 -12.52 -14.05 -87.69
N VAL C 84 -13.02 -15.21 -87.20
CA VAL C 84 -14.15 -15.97 -87.74
C VAL C 84 -15.42 -15.10 -87.59
N ILE C 85 -15.60 -14.46 -86.41
CA ILE C 85 -16.72 -13.58 -86.08
C ILE C 85 -16.70 -12.32 -86.97
N ASP C 86 -15.52 -11.65 -87.04
CA ASP C 86 -15.30 -10.44 -87.85
C ASP C 86 -15.59 -10.65 -89.35
N ALA C 87 -15.39 -11.87 -89.87
CA ALA C 87 -15.64 -12.25 -91.27
C ALA C 87 -17.12 -12.47 -91.60
N GLY C 88 -17.99 -12.42 -90.57
CA GLY C 88 -19.43 -12.57 -90.70
C GLY C 88 -19.95 -13.99 -90.78
N ALA C 89 -19.33 -14.92 -90.02
CA ALA C 89 -19.71 -16.34 -90.03
C ALA C 89 -20.97 -16.68 -89.24
N LEU C 90 -21.17 -16.01 -88.08
CA LEU C 90 -22.28 -16.27 -87.15
C LEU C 90 -23.66 -16.19 -87.77
N PRO C 91 -24.05 -15.12 -88.53
CA PRO C 91 -25.39 -15.11 -89.15
C PRO C 91 -25.67 -16.32 -90.04
N ALA C 92 -24.66 -16.75 -90.83
CA ALA C 92 -24.73 -17.92 -91.73
C ALA C 92 -24.81 -19.21 -90.92
N LEU C 93 -24.02 -19.30 -89.83
CA LEU C 93 -23.98 -20.47 -88.94
C LEU C 93 -25.27 -20.62 -88.14
N VAL C 94 -25.97 -19.51 -87.87
CA VAL C 94 -27.24 -19.53 -87.14
C VAL C 94 -28.33 -20.02 -88.08
N GLN C 95 -28.27 -19.60 -89.36
CA GLN C 95 -29.16 -20.02 -90.44
C GLN C 95 -29.06 -21.54 -90.67
N LEU C 96 -27.82 -22.09 -90.61
CA LEU C 96 -27.56 -23.52 -90.80
C LEU C 96 -28.15 -24.41 -89.70
N LEU C 97 -28.61 -23.81 -88.59
CA LEU C 97 -29.25 -24.55 -87.49
C LEU C 97 -30.67 -24.99 -87.85
N SER C 98 -31.23 -24.36 -88.89
CA SER C 98 -32.56 -24.64 -89.44
C SER C 98 -32.44 -25.63 -90.64
N SER C 99 -31.25 -26.23 -90.85
CA SER C 99 -31.01 -27.14 -91.97
C SER C 99 -31.63 -28.53 -91.81
N PRO C 100 -32.30 -29.05 -92.89
CA PRO C 100 -32.82 -30.42 -92.83
C PRO C 100 -31.70 -31.47 -92.96
N ASN C 101 -30.48 -31.02 -93.38
CA ASN C 101 -29.31 -31.87 -93.52
C ASN C 101 -28.64 -32.02 -92.15
N GLU C 102 -28.74 -33.23 -91.56
CA GLU C 102 -28.20 -33.55 -90.23
C GLU C 102 -26.68 -33.43 -90.14
N GLN C 103 -25.97 -33.72 -91.26
CA GLN C 103 -24.51 -33.62 -91.36
C GLN C 103 -24.09 -32.16 -91.26
N ILE C 104 -24.74 -31.28 -92.07
CA ILE C 104 -24.50 -29.84 -92.10
C ILE C 104 -24.81 -29.21 -90.73
N LEU C 105 -25.96 -29.59 -90.14
CA LEU C 105 -26.44 -29.15 -88.84
C LEU C 105 -25.40 -29.44 -87.73
N GLN C 106 -24.91 -30.69 -87.67
CA GLN C 106 -23.89 -31.14 -86.72
C GLN C 106 -22.60 -30.33 -86.82
N GLU C 107 -22.12 -30.08 -88.05
CA GLU C 107 -20.91 -29.29 -88.29
C GLU C 107 -21.09 -27.83 -87.90
N ALA C 108 -22.32 -27.29 -88.04
CA ALA C 108 -22.65 -25.91 -87.68
C ALA C 108 -22.64 -25.76 -86.14
N LEU C 109 -23.23 -26.74 -85.41
CA LEU C 109 -23.27 -26.79 -83.95
C LEU C 109 -21.85 -26.89 -83.37
N TRP C 110 -21.02 -27.75 -83.97
CA TRP C 110 -19.61 -27.97 -83.60
C TRP C 110 -18.80 -26.67 -83.78
N THR C 111 -18.99 -25.98 -84.91
CA THR C 111 -18.32 -24.70 -85.20
C THR C 111 -18.74 -23.65 -84.16
N LEU C 112 -20.06 -23.56 -83.85
CA LEU C 112 -20.61 -22.64 -82.85
C LEU C 112 -20.10 -22.92 -81.44
N GLY C 113 -20.03 -24.21 -81.08
CA GLY C 113 -19.52 -24.67 -79.80
C GLY C 113 -18.05 -24.32 -79.62
N ASN C 114 -17.29 -24.32 -80.73
CA ASN C 114 -15.88 -23.94 -80.75
C ASN C 114 -15.73 -22.42 -80.65
N ILE C 115 -16.65 -21.66 -81.24
CA ILE C 115 -16.67 -20.19 -81.12
C ILE C 115 -16.99 -19.84 -79.65
N ALA C 116 -17.91 -20.60 -79.03
CA ALA C 116 -18.34 -20.45 -77.63
C ALA C 116 -17.31 -21.00 -76.60
N SER C 117 -16.14 -21.46 -77.07
CA SER C 117 -15.05 -21.94 -76.21
C SER C 117 -14.01 -20.80 -76.01
N GLY C 118 -14.30 -19.65 -76.63
CA GLY C 118 -13.49 -18.44 -76.50
C GLY C 118 -13.92 -17.60 -75.31
N GLY C 119 -13.51 -16.33 -75.31
CA GLY C 119 -13.86 -15.36 -74.26
C GLY C 119 -15.32 -14.98 -74.23
N ASN C 120 -15.70 -14.17 -73.23
CA ASN C 120 -17.08 -13.71 -73.02
C ASN C 120 -17.62 -12.81 -74.14
N GLU C 121 -16.74 -12.05 -74.81
CA GLU C 121 -17.13 -11.20 -75.94
C GLU C 121 -17.42 -12.06 -77.19
N GLN C 122 -16.74 -13.23 -77.31
CA GLN C 122 -16.96 -14.19 -78.40
C GLN C 122 -18.27 -14.93 -78.18
N ILE C 123 -18.55 -15.34 -76.91
CA ILE C 123 -19.79 -16.02 -76.51
C ILE C 123 -20.98 -15.06 -76.72
N GLN C 124 -20.82 -13.78 -76.31
CA GLN C 124 -21.86 -12.75 -76.48
C GLN C 124 -22.24 -12.56 -77.95
N ALA C 125 -21.24 -12.62 -78.86
CA ALA C 125 -21.44 -12.50 -80.32
C ALA C 125 -22.33 -13.65 -80.85
N VAL C 126 -22.20 -14.86 -80.27
CA VAL C 126 -23.00 -16.06 -80.59
C VAL C 126 -24.46 -15.82 -80.14
N ILE C 127 -24.64 -15.32 -78.91
CA ILE C 127 -25.94 -15.00 -78.31
C ILE C 127 -26.63 -13.92 -79.15
N ASP C 128 -25.91 -12.83 -79.48
CA ASP C 128 -26.40 -11.69 -80.29
C ASP C 128 -26.89 -12.11 -81.68
N ALA C 129 -26.32 -13.19 -82.25
CA ALA C 129 -26.68 -13.72 -83.57
C ALA C 129 -28.00 -14.55 -83.58
N GLY C 130 -28.55 -14.82 -82.39
CA GLY C 130 -29.79 -15.56 -82.22
C GLY C 130 -29.68 -17.07 -82.21
N ALA C 131 -28.56 -17.59 -81.67
CA ALA C 131 -28.31 -19.03 -81.60
C ALA C 131 -29.11 -19.75 -80.52
N LEU C 132 -29.32 -19.10 -79.35
CA LEU C 132 -29.99 -19.68 -78.18
C LEU C 132 -31.42 -20.21 -78.46
N PRO C 133 -32.37 -19.46 -79.11
CA PRO C 133 -33.70 -20.06 -79.36
C PRO C 133 -33.62 -21.38 -80.16
N ALA C 134 -32.73 -21.45 -81.17
CA ALA C 134 -32.53 -22.63 -81.99
C ALA C 134 -31.95 -23.81 -81.19
N LEU C 135 -30.96 -23.54 -80.32
CA LEU C 135 -30.32 -24.54 -79.46
C LEU C 135 -31.28 -25.13 -78.43
N VAL C 136 -32.14 -24.28 -77.85
CA VAL C 136 -33.13 -24.68 -76.83
C VAL C 136 -34.20 -25.57 -77.47
N GLN C 137 -34.59 -25.24 -78.70
CA GLN C 137 -35.53 -26.03 -79.52
C GLN C 137 -34.93 -27.42 -79.80
N LEU C 138 -33.62 -27.46 -80.16
CA LEU C 138 -32.88 -28.69 -80.44
C LEU C 138 -32.77 -29.64 -79.25
N LEU C 139 -33.08 -29.15 -78.01
CA LEU C 139 -33.04 -29.98 -76.81
C LEU C 139 -34.18 -30.99 -76.78
N SER C 140 -35.22 -30.75 -77.60
CA SER C 140 -36.39 -31.62 -77.76
C SER C 140 -36.19 -32.61 -78.93
N SER C 141 -34.96 -32.68 -79.48
CA SER C 141 -34.64 -33.53 -80.63
C SER C 141 -34.56 -35.02 -80.31
N PRO C 142 -35.20 -35.88 -81.15
CA PRO C 142 -35.07 -37.33 -80.96
C PRO C 142 -33.74 -37.86 -81.50
N ASN C 143 -32.93 -36.98 -82.15
CA ASN C 143 -31.63 -37.32 -82.71
C ASN C 143 -30.56 -37.09 -81.64
N GLU C 144 -30.05 -38.20 -81.07
CA GLU C 144 -29.04 -38.25 -80.00
C GLU C 144 -27.75 -37.52 -80.36
N GLN C 145 -27.35 -37.57 -81.64
CA GLN C 145 -26.15 -36.90 -82.16
C GLN C 145 -26.32 -35.38 -82.15
N ILE C 146 -27.51 -34.88 -82.51
CA ILE C 146 -27.82 -33.46 -82.57
C ILE C 146 -28.01 -32.90 -81.16
N LEU C 147 -28.69 -33.68 -80.28
CA LEU C 147 -28.92 -33.33 -78.89
C LEU C 147 -27.59 -33.10 -78.14
N GLN C 148 -26.60 -33.99 -78.33
CA GLN C 148 -25.26 -33.88 -77.71
C GLN C 148 -24.54 -32.62 -78.14
N GLU C 149 -24.60 -32.29 -79.43
CA GLU C 149 -23.93 -31.12 -80.00
C GLU C 149 -24.55 -29.82 -79.56
N ALA C 150 -25.89 -29.81 -79.39
CA ALA C 150 -26.64 -28.66 -78.94
C ALA C 150 -26.32 -28.40 -77.47
N LEU C 151 -26.31 -29.49 -76.64
CA LEU C 151 -25.96 -29.47 -75.23
C LEU C 151 -24.51 -29.02 -75.03
N TRP C 152 -23.59 -29.47 -75.91
CA TRP C 152 -22.17 -29.10 -75.90
C TRP C 152 -22.04 -27.60 -76.12
N THR C 153 -22.69 -27.06 -77.17
CA THR C 153 -22.68 -25.62 -77.50
C THR C 153 -23.28 -24.81 -76.35
N LEU C 154 -24.44 -25.24 -75.82
CA LEU C 154 -25.10 -24.56 -74.69
C LEU C 154 -24.24 -24.47 -73.45
N GLY C 155 -23.56 -25.58 -73.13
CA GLY C 155 -22.63 -25.67 -72.00
C GLY C 155 -21.48 -24.70 -72.16
N ASN C 156 -20.92 -24.61 -73.36
CA ASN C 156 -19.82 -23.70 -73.68
C ASN C 156 -20.22 -22.22 -73.57
N ILE C 157 -21.48 -21.88 -73.95
CA ILE C 157 -22.02 -20.53 -73.79
C ILE C 157 -22.20 -20.24 -72.27
N ALA C 158 -22.64 -21.28 -71.51
CA ALA C 158 -22.83 -21.19 -70.06
C ALA C 158 -21.50 -21.12 -69.31
N SER C 159 -20.36 -21.34 -70.00
CA SER C 159 -19.02 -21.23 -69.40
C SER C 159 -18.56 -19.77 -69.40
N GLY C 160 -19.43 -18.85 -69.79
CA GLY C 160 -19.13 -17.43 -69.83
C GLY C 160 -19.44 -16.75 -68.51
N GLY C 161 -19.60 -15.44 -68.56
CA GLY C 161 -19.94 -14.63 -67.39
C GLY C 161 -21.43 -14.66 -67.09
N ASN C 162 -21.84 -13.98 -66.00
CA ASN C 162 -23.23 -13.91 -65.53
C ASN C 162 -24.22 -13.43 -66.59
N GLU C 163 -23.83 -12.44 -67.42
CA GLU C 163 -24.66 -11.90 -68.51
C GLU C 163 -24.96 -12.99 -69.55
N GLN C 164 -23.96 -13.81 -69.86
CA GLN C 164 -24.04 -14.91 -70.82
C GLN C 164 -24.81 -16.10 -70.24
N ILE C 165 -24.60 -16.39 -68.92
CA ILE C 165 -25.32 -17.46 -68.22
C ILE C 165 -26.82 -17.09 -68.15
N GLN C 166 -27.11 -15.82 -67.81
CA GLN C 166 -28.47 -15.28 -67.72
C GLN C 166 -29.23 -15.37 -69.06
N ALA C 167 -28.51 -15.18 -70.19
CA ALA C 167 -29.07 -15.26 -71.54
C ALA C 167 -29.58 -16.68 -71.83
N VAL C 168 -28.84 -17.70 -71.37
CA VAL C 168 -29.17 -19.14 -71.47
C VAL C 168 -30.44 -19.42 -70.66
N ILE C 169 -30.51 -18.86 -69.44
CA ILE C 169 -31.64 -19.00 -68.52
C ILE C 169 -32.87 -18.37 -69.14
N ASP C 170 -32.73 -17.14 -69.69
CA ASP C 170 -33.82 -16.39 -70.34
C ASP C 170 -34.40 -17.07 -71.59
N ALA C 171 -33.60 -17.88 -72.30
CA ALA C 171 -34.04 -18.62 -73.50
C ALA C 171 -34.88 -19.91 -73.20
N GLY C 172 -35.08 -20.22 -71.92
CA GLY C 172 -35.88 -21.35 -71.45
C GLY C 172 -35.15 -22.69 -71.42
N ALA C 173 -33.81 -22.65 -71.28
CA ALA C 173 -32.98 -23.84 -71.27
C ALA C 173 -33.13 -24.74 -70.05
N LEU C 174 -33.24 -24.15 -68.83
CA LEU C 174 -33.32 -24.89 -67.55
C LEU C 174 -34.42 -25.99 -67.50
N PRO C 175 -35.70 -25.76 -67.91
CA PRO C 175 -36.70 -26.85 -67.86
C PRO C 175 -36.30 -28.11 -68.61
N ALA C 176 -35.69 -27.96 -69.81
CA ALA C 176 -35.23 -29.08 -70.62
C ALA C 176 -34.03 -29.79 -69.99
N LEU C 177 -33.03 -29.02 -69.50
CA LEU C 177 -31.84 -29.55 -68.82
C LEU C 177 -32.22 -30.38 -67.58
N VAL C 178 -33.24 -29.92 -66.82
CA VAL C 178 -33.74 -30.62 -65.63
C VAL C 178 -34.46 -31.91 -66.05
N GLN C 179 -35.19 -31.88 -67.18
CA GLN C 179 -35.88 -33.07 -67.72
C GLN C 179 -34.85 -34.11 -68.18
N LEU C 180 -33.73 -33.63 -68.77
CA LEU C 180 -32.65 -34.49 -69.25
C LEU C 180 -31.85 -35.16 -68.13
N LEU C 181 -32.11 -34.78 -66.86
CA LEU C 181 -31.46 -35.40 -65.69
C LEU C 181 -32.04 -36.79 -65.41
N SER C 182 -33.27 -37.05 -65.92
CA SER C 182 -33.97 -38.33 -65.83
C SER C 182 -33.66 -39.23 -67.05
N SER C 183 -32.62 -38.86 -67.85
CA SER C 183 -32.22 -39.59 -69.05
C SER C 183 -31.49 -40.92 -68.79
N PRO C 184 -31.88 -41.99 -69.50
CA PRO C 184 -31.14 -43.27 -69.35
C PRO C 184 -29.86 -43.30 -70.19
N ASN C 185 -29.61 -42.25 -71.00
CA ASN C 185 -28.46 -42.09 -71.86
C ASN C 185 -27.39 -41.32 -71.09
N GLU C 186 -26.29 -42.01 -70.74
CA GLU C 186 -25.16 -41.44 -69.97
C GLU C 186 -24.44 -40.29 -70.67
N GLN C 187 -24.46 -40.25 -72.02
CA GLN C 187 -23.80 -39.18 -72.78
C GLN C 187 -24.56 -37.85 -72.64
N ILE C 188 -25.89 -37.90 -72.81
CA ILE C 188 -26.80 -36.76 -72.73
C ILE C 188 -26.87 -36.23 -71.29
N LEU C 189 -27.01 -37.14 -70.31
CA LEU C 189 -27.03 -36.86 -68.89
C LEU C 189 -25.77 -36.09 -68.46
N GLN C 190 -24.58 -36.52 -68.93
CA GLN C 190 -23.31 -35.85 -68.63
C GLN C 190 -23.29 -34.41 -69.16
N GLU C 191 -23.78 -34.21 -70.39
CA GLU C 191 -23.81 -32.91 -71.04
C GLU C 191 -24.81 -31.94 -70.42
N ALA C 192 -25.96 -32.46 -69.97
CA ALA C 192 -26.99 -31.68 -69.29
C ALA C 192 -26.44 -31.22 -67.91
N LEU C 193 -25.67 -32.13 -67.24
CA LEU C 193 -25.02 -31.87 -65.96
C LEU C 193 -23.91 -30.82 -66.06
N TRP C 194 -23.14 -30.86 -67.16
CA TRP C 194 -22.05 -29.93 -67.45
C TRP C 194 -22.64 -28.53 -67.61
N THR C 195 -23.72 -28.42 -68.40
CA THR C 195 -24.42 -27.14 -68.63
C THR C 195 -24.97 -26.59 -67.31
N LEU C 196 -25.66 -27.42 -66.50
CA LEU C 196 -26.23 -27.03 -65.20
C LEU C 196 -25.15 -26.55 -64.23
N GLY C 197 -24.03 -27.29 -64.18
CA GLY C 197 -22.88 -26.95 -63.35
C GLY C 197 -22.24 -25.63 -63.74
N ASN C 198 -22.20 -25.35 -65.05
CA ASN C 198 -21.67 -24.11 -65.61
C ASN C 198 -22.59 -22.94 -65.29
N ILE C 199 -23.91 -23.20 -65.28
CA ILE C 199 -24.93 -22.21 -64.93
C ILE C 199 -24.82 -21.90 -63.42
N ALA C 200 -24.72 -22.97 -62.58
CA ALA C 200 -24.58 -22.87 -61.12
C ALA C 200 -23.25 -22.25 -60.70
N SER C 201 -22.25 -22.20 -61.61
CA SER C 201 -20.96 -21.59 -61.32
C SER C 201 -20.98 -20.07 -61.48
N GLY C 202 -22.16 -19.51 -61.79
CA GLY C 202 -22.37 -18.07 -61.90
C GLY C 202 -22.73 -17.47 -60.54
N GLY C 203 -23.32 -16.28 -60.58
CA GLY C 203 -23.75 -15.58 -59.38
C GLY C 203 -24.96 -16.19 -58.72
N ASN C 204 -25.35 -15.66 -57.55
CA ASN C 204 -26.48 -16.09 -56.72
C ASN C 204 -27.84 -16.03 -57.43
N GLU C 205 -28.00 -15.12 -58.41
CA GLU C 205 -29.22 -15.03 -59.21
C GLU C 205 -29.30 -16.22 -60.18
N GLN C 206 -28.15 -16.63 -60.73
CA GLN C 206 -28.03 -17.75 -61.66
C GLN C 206 -28.18 -19.08 -60.91
N ILE C 207 -27.67 -19.13 -59.65
CA ILE C 207 -27.80 -20.29 -58.73
C ILE C 207 -29.29 -20.45 -58.37
N GLN C 208 -29.97 -19.32 -58.09
CA GLN C 208 -31.39 -19.33 -57.73
C GLN C 208 -32.25 -19.95 -58.82
N ALA C 209 -31.97 -19.60 -60.08
CA ALA C 209 -32.65 -20.11 -61.27
C ALA C 209 -32.61 -21.65 -61.34
N VAL C 210 -31.44 -22.25 -61.04
CA VAL C 210 -31.20 -23.71 -61.01
C VAL C 210 -32.07 -24.38 -59.91
N ILE C 211 -32.09 -23.81 -58.69
CA ILE C 211 -32.90 -24.29 -57.56
C ILE C 211 -34.40 -24.25 -57.91
N ASP C 212 -34.85 -23.13 -58.50
CA ASP C 212 -36.24 -22.89 -58.92
C ASP C 212 -36.72 -23.81 -60.04
N ALA C 213 -35.79 -24.23 -60.94
CA ALA C 213 -36.09 -25.16 -62.05
C ALA C 213 -36.36 -26.62 -61.56
N GLY C 214 -36.05 -26.89 -60.29
CA GLY C 214 -36.26 -28.16 -59.63
C GLY C 214 -35.18 -29.19 -59.91
N ALA C 215 -33.94 -28.72 -60.06
CA ALA C 215 -32.77 -29.54 -60.36
C ALA C 215 -32.23 -30.33 -59.16
N LEU C 216 -32.31 -29.77 -57.93
CA LEU C 216 -31.77 -30.39 -56.71
C LEU C 216 -32.23 -31.84 -56.44
N PRO C 217 -33.55 -32.21 -56.48
CA PRO C 217 -33.91 -33.62 -56.18
C PRO C 217 -33.17 -34.64 -57.05
N ALA C 218 -33.06 -34.37 -58.37
CA ALA C 218 -32.36 -35.22 -59.34
C ALA C 218 -30.87 -35.24 -59.07
N LEU C 219 -30.28 -34.06 -58.74
CA LEU C 219 -28.87 -33.91 -58.44
C LEU C 219 -28.47 -34.72 -57.19
N VAL C 220 -29.35 -34.76 -56.16
CA VAL C 220 -29.13 -35.53 -54.93
C VAL C 220 -29.19 -37.03 -55.25
N GLN C 221 -30.19 -37.48 -56.04
CA GLN C 221 -30.32 -38.87 -56.44
C GLN C 221 -29.11 -39.37 -57.23
N LEU C 222 -28.45 -38.46 -57.97
CA LEU C 222 -27.25 -38.77 -58.76
C LEU C 222 -25.98 -38.92 -57.91
N LEU C 223 -26.05 -38.61 -56.60
CA LEU C 223 -24.93 -38.79 -55.68
C LEU C 223 -24.73 -40.28 -55.36
N SER C 224 -25.75 -41.11 -55.62
CA SER C 224 -25.74 -42.57 -55.42
C SER C 224 -25.40 -43.32 -56.74
N SER C 225 -24.95 -42.58 -57.78
CA SER C 225 -24.60 -43.15 -59.07
C SER C 225 -23.29 -43.96 -59.02
N PRO C 226 -23.29 -45.20 -59.60
CA PRO C 226 -22.05 -45.99 -59.64
C PRO C 226 -21.09 -45.54 -60.76
N ASN C 227 -21.51 -44.52 -61.53
CA ASN C 227 -20.77 -43.92 -62.63
C ASN C 227 -20.00 -42.69 -62.13
N GLU C 228 -18.66 -42.84 -61.99
CA GLU C 228 -17.72 -41.81 -61.52
C GLU C 228 -17.81 -40.51 -62.29
N GLN C 229 -18.06 -40.55 -63.61
CA GLN C 229 -18.21 -39.36 -64.46
C GLN C 229 -19.47 -38.56 -64.11
N ILE C 230 -20.61 -39.25 -63.96
CA ILE C 230 -21.90 -38.67 -63.61
C ILE C 230 -21.81 -38.05 -62.19
N LEU C 231 -21.25 -38.83 -61.25
CA LEU C 231 -21.05 -38.47 -59.85
C LEU C 231 -20.24 -37.17 -59.70
N GLN C 232 -19.12 -37.04 -60.45
CA GLN C 232 -18.27 -35.84 -60.43
C GLN C 232 -19.00 -34.57 -60.88
N GLU C 233 -19.87 -34.68 -61.88
CA GLU C 233 -20.61 -33.54 -62.42
C GLU C 233 -21.78 -33.12 -61.54
N ALA C 234 -22.47 -34.11 -60.93
CA ALA C 234 -23.58 -33.87 -60.01
C ALA C 234 -23.02 -33.20 -58.74
N LEU C 235 -21.81 -33.62 -58.29
CA LEU C 235 -21.09 -33.07 -57.14
C LEU C 235 -20.66 -31.65 -57.40
N TRP C 236 -20.11 -31.38 -58.60
CA TRP C 236 -19.65 -30.04 -58.97
C TRP C 236 -20.81 -29.04 -59.06
N THR C 237 -21.97 -29.45 -59.61
CA THR C 237 -23.17 -28.61 -59.69
C THR C 237 -23.64 -28.28 -58.26
N LEU C 238 -23.81 -29.31 -57.39
CA LEU C 238 -24.23 -29.13 -55.99
C LEU C 238 -23.25 -28.25 -55.20
N GLY C 239 -21.96 -28.44 -55.44
CA GLY C 239 -20.89 -27.67 -54.83
C GLY C 239 -20.96 -26.20 -55.18
N ASN C 240 -21.26 -25.89 -56.45
CA ASN C 240 -21.41 -24.52 -56.93
C ASN C 240 -22.71 -23.88 -56.42
N ILE C 241 -23.77 -24.70 -56.22
CA ILE C 241 -25.05 -24.24 -55.66
C ILE C 241 -24.81 -23.89 -54.19
N ALA C 242 -24.01 -24.73 -53.48
CA ALA C 242 -23.64 -24.55 -52.07
C ALA C 242 -22.72 -23.33 -51.83
N SER C 243 -22.17 -22.76 -52.92
CA SER C 243 -21.31 -21.57 -52.87
C SER C 243 -22.13 -20.27 -52.82
N GLY C 244 -23.46 -20.40 -52.87
CA GLY C 244 -24.39 -19.29 -52.82
C GLY C 244 -24.76 -18.88 -51.41
N GLY C 245 -25.85 -18.12 -51.30
CA GLY C 245 -26.38 -17.64 -50.02
C GLY C 245 -26.87 -18.75 -49.10
N ASN C 246 -27.05 -18.41 -47.80
CA ASN C 246 -27.49 -19.33 -46.74
C ASN C 246 -28.78 -20.08 -47.06
N GLU C 247 -29.78 -19.41 -47.68
CA GLU C 247 -31.05 -20.06 -48.04
C GLU C 247 -30.91 -20.98 -49.26
N GLN C 248 -29.89 -20.73 -50.10
CA GLN C 248 -29.54 -21.52 -51.27
C GLN C 248 -28.79 -22.78 -50.82
N ILE C 249 -28.01 -22.66 -49.72
CA ILE C 249 -27.30 -23.78 -49.08
C ILE C 249 -28.37 -24.64 -48.39
N GLN C 250 -29.37 -23.99 -47.75
CA GLN C 250 -30.47 -24.63 -47.05
C GLN C 250 -31.34 -25.44 -48.00
N ALA C 251 -31.46 -24.99 -49.27
CA ALA C 251 -32.19 -25.68 -50.34
C ALA C 251 -31.53 -27.04 -50.63
N VAL C 252 -30.17 -27.10 -50.61
CA VAL C 252 -29.35 -28.29 -50.82
C VAL C 252 -29.59 -29.29 -49.67
N ILE C 253 -29.62 -28.79 -48.40
CA ILE C 253 -29.86 -29.56 -47.16
C ILE C 253 -31.28 -30.14 -47.17
N ASP C 254 -32.27 -29.32 -47.55
CA ASP C 254 -33.69 -29.68 -47.66
C ASP C 254 -33.94 -30.77 -48.71
N ALA C 255 -33.10 -30.82 -49.76
CA ALA C 255 -33.18 -31.80 -50.85
C ALA C 255 -32.65 -33.18 -50.42
N GLY C 256 -31.96 -33.23 -49.29
CA GLY C 256 -31.41 -34.44 -48.68
C GLY C 256 -30.01 -34.78 -49.12
N ALA C 257 -29.20 -33.77 -49.46
CA ALA C 257 -27.84 -33.96 -49.94
C ALA C 257 -26.82 -34.44 -48.90
N LEU C 258 -26.98 -34.02 -47.63
CA LEU C 258 -26.05 -34.31 -46.54
C LEU C 258 -25.79 -35.81 -46.26
N PRO C 259 -26.81 -36.72 -46.13
CA PRO C 259 -26.49 -38.14 -45.90
C PRO C 259 -25.59 -38.75 -46.98
N ALA C 260 -25.89 -38.45 -48.27
CA ALA C 260 -25.13 -38.90 -49.45
C ALA C 260 -23.72 -38.30 -49.49
N LEU C 261 -23.58 -36.99 -49.20
CA LEU C 261 -22.29 -36.29 -49.13
C LEU C 261 -21.38 -36.87 -48.07
N VAL C 262 -21.95 -37.23 -46.91
CA VAL C 262 -21.22 -37.79 -45.77
C VAL C 262 -20.69 -39.18 -46.16
N GLN C 263 -21.50 -40.03 -46.82
CA GLN C 263 -21.11 -41.35 -47.34
C GLN C 263 -19.91 -41.24 -48.29
N LEU C 264 -19.87 -40.20 -49.14
CA LEU C 264 -18.79 -39.95 -50.09
C LEU C 264 -17.45 -39.59 -49.42
N LEU C 265 -17.47 -39.26 -48.11
CA LEU C 265 -16.22 -38.97 -47.38
C LEU C 265 -15.43 -40.26 -47.11
N SER C 266 -16.00 -41.43 -47.46
CA SER C 266 -15.39 -42.75 -47.30
C SER C 266 -14.69 -43.22 -48.58
N SER C 267 -14.82 -42.44 -49.67
CA SER C 267 -14.26 -42.73 -50.99
C SER C 267 -12.72 -42.78 -51.08
N PRO C 268 -12.16 -43.85 -51.70
CA PRO C 268 -10.71 -43.89 -51.94
C PRO C 268 -10.34 -43.16 -53.26
N ASN C 269 -11.32 -42.47 -53.87
CA ASN C 269 -11.14 -41.74 -55.11
C ASN C 269 -10.99 -40.27 -54.76
N GLU C 270 -9.74 -39.78 -54.87
CA GLU C 270 -9.30 -38.41 -54.55
C GLU C 270 -10.05 -37.32 -55.29
N GLN C 271 -10.56 -37.62 -56.50
CA GLN C 271 -11.32 -36.69 -57.34
C GLN C 271 -12.72 -36.48 -56.75
N ILE C 272 -13.41 -37.58 -56.39
CA ILE C 272 -14.75 -37.57 -55.79
C ILE C 272 -14.66 -36.99 -54.36
N LEU C 273 -13.68 -37.49 -53.57
CA LEU C 273 -13.38 -37.10 -52.20
C LEU C 273 -13.05 -35.61 -52.07
N GLN C 274 -12.25 -35.03 -52.99
CA GLN C 274 -11.91 -33.60 -52.94
C GLN C 274 -13.15 -32.76 -53.20
N GLU C 275 -14.01 -33.19 -54.15
CA GLU C 275 -15.26 -32.48 -54.50
C GLU C 275 -16.30 -32.61 -53.40
N ALA C 276 -16.34 -33.76 -52.71
CA ALA C 276 -17.27 -33.99 -51.60
C ALA C 276 -16.88 -33.11 -50.40
N LEU C 277 -15.57 -32.95 -50.16
CA LEU C 277 -15.03 -32.11 -49.09
C LEU C 277 -15.26 -30.63 -49.37
N TRP C 278 -15.12 -30.22 -50.65
CA TRP C 278 -15.34 -28.85 -51.10
C TRP C 278 -16.82 -28.48 -50.94
N THR C 279 -17.74 -29.37 -51.39
CA THR C 279 -19.21 -29.19 -51.29
C THR C 279 -19.65 -29.04 -49.83
N LEU C 280 -19.16 -29.92 -48.93
CA LEU C 280 -19.47 -29.87 -47.49
C LEU C 280 -18.94 -28.62 -46.84
N GLY C 281 -17.75 -28.18 -47.27
CA GLY C 281 -17.12 -26.96 -46.79
C GLY C 281 -17.94 -25.72 -47.12
N ASN C 282 -18.45 -25.65 -48.37
CA ASN C 282 -19.32 -24.57 -48.85
C ASN C 282 -20.62 -24.54 -48.04
N ILE C 283 -21.19 -25.74 -47.75
CA ILE C 283 -22.40 -25.91 -46.94
C ILE C 283 -22.12 -25.44 -45.50
N ALA C 284 -20.95 -25.82 -44.96
CA ALA C 284 -20.47 -25.48 -43.61
C ALA C 284 -20.23 -23.98 -43.44
N SER C 285 -19.86 -23.28 -44.53
CA SER C 285 -19.60 -21.85 -44.49
C SER C 285 -20.89 -20.99 -44.39
N GLY C 286 -22.05 -21.66 -44.26
CA GLY C 286 -23.33 -21.00 -44.09
C GLY C 286 -23.56 -20.51 -42.67
N GLY C 287 -24.82 -20.31 -42.33
CA GLY C 287 -25.24 -19.88 -41.01
C GLY C 287 -25.37 -21.05 -40.07
N ASN C 288 -25.73 -20.77 -38.79
CA ASN C 288 -25.88 -21.72 -37.69
C ASN C 288 -26.83 -22.88 -37.98
N GLU C 289 -27.95 -22.65 -38.70
CA GLU C 289 -28.92 -23.69 -39.09
C GLU C 289 -28.24 -24.73 -40.02
N GLN C 290 -27.39 -24.23 -40.94
CA GLN C 290 -26.66 -25.05 -41.92
C GLN C 290 -25.55 -25.84 -41.24
N LYS C 291 -24.76 -25.18 -40.36
CA LYS C 291 -23.67 -25.80 -39.59
C LYS C 291 -24.21 -26.93 -38.71
N GLN C 292 -25.36 -26.69 -38.05
CA GLN C 292 -26.03 -27.66 -37.18
C GLN C 292 -26.41 -28.92 -37.97
N ALA C 293 -27.01 -28.72 -39.16
CA ALA C 293 -27.42 -29.79 -40.08
C ALA C 293 -26.23 -30.67 -40.50
N VAL C 294 -25.05 -30.05 -40.75
CA VAL C 294 -23.81 -30.75 -41.12
C VAL C 294 -23.34 -31.64 -39.93
N LYS C 295 -23.36 -31.11 -38.69
CA LYS C 295 -22.96 -31.81 -37.46
C LYS C 295 -23.91 -32.98 -37.17
N GLU C 296 -25.22 -32.77 -37.39
CA GLU C 296 -26.25 -33.79 -37.20
C GLU C 296 -26.09 -34.96 -38.16
N ALA C 297 -25.53 -34.69 -39.36
CA ALA C 297 -25.25 -35.67 -40.42
C ALA C 297 -24.06 -36.59 -40.09
N GLY C 298 -23.28 -36.22 -39.06
CA GLY C 298 -22.14 -36.99 -38.57
C GLY C 298 -20.85 -36.74 -39.34
N ALA C 299 -20.73 -35.56 -39.95
CA ALA C 299 -19.59 -35.17 -40.77
C ALA C 299 -18.33 -34.80 -39.99
N LEU C 300 -18.47 -34.25 -38.78
CA LEU C 300 -17.38 -33.75 -37.94
C LEU C 300 -16.25 -34.74 -37.69
N GLU C 301 -16.56 -35.98 -37.28
CA GLU C 301 -15.53 -37.00 -37.02
C GLU C 301 -14.79 -37.44 -38.30
N LYS C 302 -15.52 -37.46 -39.44
CA LYS C 302 -14.99 -37.81 -40.77
C LYS C 302 -14.05 -36.72 -41.26
N LEU C 303 -14.49 -35.44 -41.13
CA LEU C 303 -13.70 -34.27 -41.52
C LEU C 303 -12.39 -34.23 -40.73
N GLU C 304 -12.48 -34.48 -39.42
CA GLU C 304 -11.35 -34.53 -38.50
C GLU C 304 -10.35 -35.63 -38.89
N GLN C 305 -10.86 -36.84 -39.21
CA GLN C 305 -10.02 -37.96 -39.64
C GLN C 305 -9.28 -37.69 -40.96
N LEU C 306 -9.95 -37.04 -41.92
CA LEU C 306 -9.40 -36.76 -43.26
C LEU C 306 -8.26 -35.73 -43.27
N GLN C 307 -8.01 -35.07 -42.12
CA GLN C 307 -6.92 -34.13 -41.92
C GLN C 307 -5.61 -34.91 -41.81
N SER C 308 -5.71 -36.23 -41.57
CA SER C 308 -4.59 -37.15 -41.48
C SER C 308 -4.33 -37.89 -42.83
N HIS C 309 -5.00 -37.47 -43.91
CA HIS C 309 -4.81 -38.04 -45.26
C HIS C 309 -3.47 -37.54 -45.84
N GLU C 310 -2.65 -38.46 -46.41
CA GLU C 310 -1.34 -38.19 -47.04
C GLU C 310 -1.45 -37.13 -48.15
N ASN C 311 -2.58 -37.13 -48.89
CA ASN C 311 -2.80 -36.18 -49.97
C ASN C 311 -3.07 -34.79 -49.43
N GLU C 312 -2.12 -33.87 -49.68
CA GLU C 312 -2.12 -32.45 -49.28
C GLU C 312 -3.40 -31.71 -49.69
N LYS C 313 -3.97 -32.00 -50.88
CA LYS C 313 -5.21 -31.37 -51.34
C LYS C 313 -6.41 -31.77 -50.48
N ILE C 314 -6.52 -33.08 -50.16
CA ILE C 314 -7.57 -33.66 -49.32
C ILE C 314 -7.43 -33.09 -47.88
N GLN C 315 -6.20 -33.12 -47.33
CA GLN C 315 -5.85 -32.62 -46.01
C GLN C 315 -6.29 -31.16 -45.79
N LYS C 316 -5.98 -30.27 -46.77
CA LYS C 316 -6.33 -28.84 -46.70
C LYS C 316 -7.83 -28.63 -46.79
N GLU C 317 -8.50 -29.34 -47.73
CA GLU C 317 -9.95 -29.24 -47.94
C GLU C 317 -10.74 -29.71 -46.71
N ALA C 318 -10.27 -30.77 -46.03
CA ALA C 318 -10.87 -31.31 -44.81
C ALA C 318 -10.75 -30.31 -43.65
N GLN C 319 -9.56 -29.69 -43.50
CA GLN C 319 -9.21 -28.70 -42.50
C GLN C 319 -10.05 -27.45 -42.67
N GLU C 320 -10.20 -26.98 -43.94
CA GLU C 320 -10.99 -25.81 -44.32
C GLU C 320 -12.47 -26.06 -43.98
N ALA C 321 -13.03 -27.21 -44.41
CA ALA C 321 -14.42 -27.62 -44.11
C ALA C 321 -14.67 -27.67 -42.60
N LEU C 322 -13.70 -28.21 -41.83
CA LEU C 322 -13.77 -28.34 -40.37
C LEU C 322 -13.69 -26.99 -39.66
N GLU C 323 -12.74 -26.11 -40.05
CA GLU C 323 -12.60 -24.77 -39.44
C GLU C 323 -13.84 -23.90 -39.74
N LYS C 324 -14.45 -24.08 -40.94
CA LYS C 324 -15.68 -23.39 -41.37
C LYS C 324 -16.85 -23.81 -40.48
N LEU C 325 -16.88 -25.09 -40.07
CA LEU C 325 -17.91 -25.64 -39.18
C LEU C 325 -17.81 -25.08 -37.77
N GLN C 326 -16.57 -24.96 -37.24
CA GLN C 326 -16.30 -24.49 -35.88
C GLN C 326 -16.54 -22.99 -35.68
N SER C 327 -16.50 -22.19 -36.77
CA SER C 327 -16.74 -20.74 -36.73
C SER C 327 -18.23 -20.43 -36.71
N GLY D 1 -3.33 2.09 -49.48
CA GLY D 1 -3.10 3.41 -48.90
C GLY D 1 -1.67 3.64 -48.46
N PRO D 2 -1.33 3.41 -47.17
CA PRO D 2 0.07 3.63 -46.72
C PRO D 2 1.00 2.50 -47.15
N THR D 3 2.24 2.86 -47.55
CA THR D 3 3.27 1.91 -47.99
C THR D 3 4.50 1.93 -47.08
N ALA D 4 5.31 0.86 -47.17
CA ALA D 4 6.56 0.71 -46.43
C ALA D 4 7.70 0.46 -47.42
N THR D 5 8.93 0.85 -47.04
CA THR D 5 10.13 0.64 -47.85
C THR D 5 11.10 -0.27 -47.09
N ALA D 6 11.51 -1.38 -47.71
CA ALA D 6 12.43 -2.35 -47.12
C ALA D 6 13.46 -2.82 -48.16
N PRO D 7 14.68 -3.25 -47.76
CA PRO D 7 15.66 -3.72 -48.76
C PRO D 7 15.16 -4.88 -49.63
N GLY D 8 15.30 -4.72 -50.95
CA GLY D 8 14.86 -5.70 -51.93
C GLY D 8 15.98 -6.40 -52.68
N GLY D 9 15.70 -7.64 -53.09
CA GLY D 9 16.64 -8.48 -53.83
C GLY D 9 16.00 -9.36 -54.87
N LEU D 10 15.09 -8.80 -55.70
CA LEU D 10 14.39 -9.51 -56.78
C LEU D 10 15.37 -10.09 -57.81
N SER D 11 15.02 -11.27 -58.37
CA SER D 11 15.83 -11.96 -59.38
C SER D 11 15.56 -11.46 -60.79
N ALA D 12 14.31 -11.00 -61.04
CA ALA D 12 13.84 -10.48 -62.33
C ALA D 12 12.90 -9.28 -62.13
N LYS D 13 12.28 -8.79 -63.22
CA LYS D 13 11.34 -7.68 -63.19
C LYS D 13 10.02 -8.15 -62.56
N ALA D 14 9.58 -7.44 -61.52
CA ALA D 14 8.35 -7.73 -60.81
C ALA D 14 7.40 -6.53 -60.93
N PRO D 15 6.21 -6.70 -61.54
CA PRO D 15 5.28 -5.56 -61.64
C PRO D 15 4.57 -5.29 -60.31
N ALA D 16 3.79 -4.18 -60.26
CA ALA D 16 3.01 -3.84 -59.07
C ALA D 16 1.91 -4.88 -58.87
N MET D 17 1.53 -5.16 -57.61
CA MET D 17 0.52 -6.14 -57.16
C MET D 17 1.09 -7.57 -57.04
N THR D 18 2.42 -7.71 -57.11
CA THR D 18 3.12 -8.98 -56.98
C THR D 18 3.34 -9.31 -55.49
N PRO D 19 2.93 -10.51 -55.01
CA PRO D 19 3.17 -10.86 -53.60
C PRO D 19 4.66 -11.08 -53.36
N LEU D 20 5.15 -10.56 -52.23
CA LEU D 20 6.56 -10.63 -51.84
C LEU D 20 6.75 -11.51 -50.64
N MET D 21 7.98 -12.01 -50.46
CA MET D 21 8.39 -12.81 -49.31
C MET D 21 9.85 -12.48 -48.95
N LEU D 22 10.26 -12.82 -47.73
CA LEU D 22 11.62 -12.59 -47.28
C LEU D 22 12.56 -13.72 -47.69
N ASP D 23 13.73 -13.35 -48.22
CA ASP D 23 14.81 -14.29 -48.52
C ASP D 23 15.64 -14.27 -47.22
N THR D 24 15.62 -15.40 -46.47
CA THR D 24 16.32 -15.48 -45.17
C THR D 24 17.85 -15.49 -45.30
N SER D 25 18.38 -15.69 -46.52
CA SER D 25 19.82 -15.69 -46.79
C SER D 25 20.35 -14.26 -46.95
N SER D 26 19.72 -13.48 -47.86
CA SER D 26 20.08 -12.11 -48.19
C SER D 26 19.48 -11.06 -47.26
N ARG D 27 18.39 -11.43 -46.53
CA ARG D 27 17.59 -10.58 -45.61
C ARG D 27 16.78 -9.57 -46.43
N LYS D 28 16.73 -9.79 -47.76
CA LYS D 28 16.04 -8.93 -48.70
C LYS D 28 14.69 -9.48 -49.11
N LEU D 29 13.83 -8.59 -49.63
CA LEU D 29 12.51 -8.98 -50.11
C LEU D 29 12.59 -9.41 -51.55
N VAL D 30 12.07 -10.61 -51.80
CA VAL D 30 12.01 -11.25 -53.10
C VAL D 30 10.54 -11.56 -53.41
N ALA D 31 10.26 -12.09 -54.61
CA ALA D 31 8.90 -12.47 -55.01
C ALA D 31 8.51 -13.74 -54.25
N TRP D 32 7.23 -13.85 -53.85
CA TRP D 32 6.75 -15.04 -53.16
C TRP D 32 6.77 -16.21 -54.16
N ASP D 33 7.33 -17.35 -53.74
CA ASP D 33 7.52 -18.55 -54.57
C ASP D 33 6.20 -19.25 -54.99
N GLY D 34 5.12 -18.98 -54.26
CA GLY D 34 3.82 -19.58 -54.51
C GLY D 34 3.71 -21.01 -53.98
N THR D 35 4.77 -21.51 -53.28
CA THR D 35 4.82 -22.88 -52.75
C THR D 35 4.85 -22.90 -51.23
N THR D 36 5.60 -21.97 -50.59
CA THR D 36 5.71 -21.86 -49.13
C THR D 36 4.45 -21.19 -48.56
N ASP D 37 3.64 -21.99 -47.81
CA ASP D 37 2.39 -21.56 -47.16
C ASP D 37 2.65 -20.49 -46.10
N GLY D 38 1.78 -19.47 -46.07
CA GLY D 38 1.80 -18.34 -45.14
C GLY D 38 3.11 -17.57 -45.07
N ALA D 39 3.87 -17.53 -46.18
CA ALA D 39 5.18 -16.88 -46.27
C ALA D 39 5.19 -15.49 -46.91
N ALA D 40 4.06 -15.02 -47.49
CA ALA D 40 3.99 -13.70 -48.12
C ALA D 40 3.92 -12.57 -47.07
N VAL D 41 4.89 -11.63 -47.15
CA VAL D 41 5.05 -10.50 -46.21
C VAL D 41 4.29 -9.22 -46.65
N GLY D 42 3.97 -9.14 -47.95
CA GLY D 42 3.27 -7.99 -48.53
C GLY D 42 3.09 -8.06 -50.03
N ILE D 43 2.56 -6.96 -50.61
CA ILE D 43 2.28 -6.81 -52.04
C ILE D 43 3.07 -5.60 -52.56
N LEU D 44 3.81 -5.79 -53.67
CA LEU D 44 4.62 -4.73 -54.31
C LEU D 44 3.75 -3.58 -54.80
N ALA D 45 3.99 -2.37 -54.28
CA ALA D 45 3.25 -1.16 -54.63
C ALA D 45 3.72 -0.54 -55.94
N VAL D 46 5.05 -0.37 -56.11
CA VAL D 46 5.67 0.22 -57.30
C VAL D 46 6.50 -0.87 -57.99
N ALA D 47 6.34 -1.00 -59.33
CA ALA D 47 7.07 -1.99 -60.17
C ALA D 47 8.58 -1.85 -60.00
N ALA D 48 9.24 -2.98 -59.71
CA ALA D 48 10.67 -3.02 -59.46
C ALA D 48 11.37 -4.15 -60.21
N ASP D 49 12.72 -4.21 -60.12
CA ASP D 49 13.54 -5.24 -60.75
C ASP D 49 14.75 -5.63 -59.88
N GLN D 50 15.74 -6.31 -60.49
CA GLN D 50 16.96 -6.79 -59.81
C GLN D 50 17.90 -5.67 -59.31
N THR D 51 17.81 -4.46 -59.90
CA THR D 51 18.63 -3.31 -59.50
C THR D 51 18.02 -2.51 -58.33
N SER D 52 16.72 -2.75 -58.02
CA SER D 52 15.98 -2.06 -56.95
C SER D 52 16.46 -2.49 -55.56
N THR D 53 17.34 -1.67 -54.95
CA THR D 53 17.93 -1.93 -53.62
C THR D 53 16.87 -1.89 -52.50
N THR D 54 15.79 -1.10 -52.68
CA THR D 54 14.64 -1.03 -51.78
C THR D 54 13.35 -1.20 -52.60
N LEU D 55 12.31 -1.76 -51.97
CA LEU D 55 11.02 -1.96 -52.63
C LEU D 55 9.89 -1.27 -51.87
N THR D 56 9.06 -0.51 -52.61
CA THR D 56 7.87 0.15 -52.07
C THR D 56 6.77 -0.90 -52.10
N PHE D 57 6.18 -1.21 -50.94
CA PHE D 57 5.17 -2.24 -50.84
C PHE D 57 4.12 -1.97 -49.77
N TYR D 58 2.98 -2.68 -49.85
CA TYR D 58 1.90 -2.62 -48.87
C TYR D 58 2.11 -3.75 -47.87
N LYS D 59 2.18 -3.43 -46.57
CA LYS D 59 2.32 -4.43 -45.51
C LYS D 59 1.04 -4.49 -44.63
N SER D 60 0.01 -3.75 -45.07
CA SER D 60 -1.33 -3.64 -44.49
C SER D 60 -2.34 -3.23 -45.59
N GLY D 61 -3.61 -3.55 -45.39
CA GLY D 61 -4.68 -3.21 -46.32
C GLY D 61 -5.52 -4.35 -46.83
N THR D 62 -6.68 -4.01 -47.40
CA THR D 62 -7.65 -4.92 -48.00
C THR D 62 -7.47 -4.94 -49.52
N PHE D 63 -7.21 -6.12 -50.08
CA PHE D 63 -6.97 -6.30 -51.51
C PHE D 63 -7.88 -7.36 -52.12
N ARG D 64 -8.42 -7.08 -53.31
CA ARG D 64 -9.26 -8.01 -54.02
C ARG D 64 -8.39 -9.04 -54.74
N TYR D 65 -8.77 -10.32 -54.61
CA TYR D 65 -8.13 -11.51 -55.17
C TYR D 65 -7.72 -11.35 -56.65
N GLU D 66 -8.62 -10.81 -57.49
CA GLU D 66 -8.44 -10.58 -58.93
C GLU D 66 -7.27 -9.63 -59.26
N ASP D 67 -7.08 -8.59 -58.42
CA ASP D 67 -6.06 -7.54 -58.56
C ASP D 67 -4.62 -8.03 -58.32
N VAL D 68 -4.44 -8.95 -57.36
CA VAL D 68 -3.15 -9.51 -56.98
C VAL D 68 -2.55 -10.38 -58.12
N LEU D 69 -1.30 -10.05 -58.53
CA LEU D 69 -0.60 -10.79 -59.57
C LEU D 69 0.13 -12.00 -58.98
N TRP D 70 -0.65 -13.07 -58.72
CA TRP D 70 -0.22 -14.35 -58.15
C TRP D 70 0.86 -15.06 -58.98
N PRO D 71 1.78 -15.83 -58.36
CA PRO D 71 2.78 -16.57 -59.15
C PRO D 71 2.16 -17.79 -59.84
N GLU D 72 2.83 -18.28 -60.91
CA GLU D 72 2.41 -19.44 -61.69
C GLU D 72 2.36 -20.70 -60.83
N ALA D 73 3.37 -20.88 -59.95
CA ALA D 73 3.51 -22.02 -59.02
C ALA D 73 2.35 -22.12 -58.02
N ALA D 74 1.74 -20.97 -57.66
CA ALA D 74 0.59 -20.91 -56.76
C ALA D 74 -0.67 -21.35 -57.54
N SER D 75 -0.88 -22.67 -57.63
CA SER D 75 -2.02 -23.24 -58.34
C SER D 75 -3.26 -23.35 -57.46
N ASP D 76 -3.08 -23.67 -56.17
CA ASP D 76 -4.17 -23.82 -55.21
C ASP D 76 -4.74 -22.47 -54.78
N GLU D 77 -6.09 -22.37 -54.77
CA GLU D 77 -6.87 -21.20 -54.36
C GLU D 77 -6.75 -20.95 -52.84
N THR D 78 -6.79 -22.04 -52.04
CA THR D 78 -6.71 -22.01 -50.56
C THR D 78 -5.41 -21.32 -50.09
N LYS D 79 -4.27 -21.69 -50.69
CA LYS D 79 -2.93 -21.17 -50.42
C LYS D 79 -2.82 -19.65 -50.63
N LYS D 80 -3.44 -19.12 -51.70
CA LYS D 80 -3.41 -17.71 -52.09
C LYS D 80 -3.99 -16.77 -51.03
N ARG D 81 -5.16 -17.10 -50.47
CA ARG D 81 -5.81 -16.31 -49.43
C ARG D 81 -5.03 -16.40 -48.10
N THR D 82 -4.51 -17.60 -47.77
CA THR D 82 -3.76 -17.88 -46.55
C THR D 82 -2.25 -17.56 -46.65
N ALA D 83 -1.80 -17.02 -47.81
CA ALA D 83 -0.39 -16.66 -48.06
C ALA D 83 0.09 -15.51 -47.17
N PHE D 84 -0.83 -14.60 -46.80
CA PHE D 84 -0.55 -13.42 -45.96
C PHE D 84 -0.99 -13.62 -44.50
N ALA D 85 -1.03 -14.89 -44.03
CA ALA D 85 -1.41 -15.24 -42.67
C ALA D 85 -0.35 -14.74 -41.69
N GLY D 86 -0.76 -13.89 -40.75
CA GLY D 86 0.12 -13.30 -39.74
C GLY D 86 0.59 -11.89 -40.06
N THR D 87 -0.02 -11.27 -41.09
CA THR D 87 0.26 -9.90 -41.53
C THR D 87 -1.05 -9.09 -41.50
N ALA D 88 -0.95 -7.75 -41.64
CA ALA D 88 -2.10 -6.85 -41.65
C ALA D 88 -2.80 -6.77 -43.05
N ILE D 89 -2.43 -7.68 -43.98
CA ILE D 89 -2.97 -7.81 -45.34
C ILE D 89 -4.21 -8.71 -45.30
N SER D 90 -5.30 -8.28 -45.97
CA SER D 90 -6.56 -9.03 -46.07
C SER D 90 -6.92 -9.29 -47.54
N ILE D 91 -7.10 -10.57 -47.91
CA ILE D 91 -7.47 -10.97 -49.28
C ILE D 91 -8.98 -11.24 -49.34
N VAL D 92 -9.71 -10.37 -50.04
CA VAL D 92 -11.17 -10.43 -50.19
C VAL D 92 -11.57 -10.95 -51.57
N GLY D 93 -12.49 -11.92 -51.58
CA GLY D 93 -13.03 -12.52 -52.79
C GLY D 93 -12.40 -13.83 -53.18
N SER D 94 -13.13 -14.60 -54.02
CA SER D 94 -12.71 -15.89 -54.56
C SER D 94 -12.55 -15.81 -56.08
N GLY D 95 -11.87 -16.80 -56.65
CA GLY D 95 -11.64 -16.89 -58.08
C GLY D 95 -12.85 -17.33 -58.87
N SER D 96 -12.84 -17.06 -60.19
CA SER D 96 -13.89 -17.45 -61.12
C SER D 96 -13.29 -18.42 -62.17
N PRO D 97 -13.08 -19.72 -61.82
CA PRO D 97 -12.51 -20.65 -62.81
C PRO D 97 -13.52 -21.12 -63.85
N LYS D 98 -13.21 -20.84 -65.12
CA LYS D 98 -14.06 -21.19 -66.27
C LYS D 98 -13.46 -22.35 -67.05
N ARG D 99 -14.29 -23.38 -67.30
CA ARG D 99 -13.91 -24.59 -68.03
C ARG D 99 -14.43 -24.57 -69.48
N LYS D 100 -13.51 -24.25 -70.41
CA LYS D 100 -13.82 -24.11 -71.83
C LYS D 100 -13.28 -25.28 -72.66
N ARG D 101 -14.18 -25.92 -73.40
CA ARG D 101 -13.89 -27.12 -74.19
C ARG D 101 -13.64 -26.85 -75.67
N LYS D 102 -12.40 -27.11 -76.12
CA LYS D 102 -11.97 -26.96 -77.52
C LYS D 102 -12.01 -28.35 -78.16
N ARG D 103 -12.70 -28.47 -79.32
CA ARG D 103 -12.87 -29.74 -80.04
C ARG D 103 -12.28 -29.69 -81.46
N LYS D 104 -11.05 -30.18 -81.59
CA LYS D 104 -10.32 -30.23 -82.85
C LYS D 104 -10.37 -31.66 -83.38
N ARG D 105 -10.93 -31.84 -84.58
CA ARG D 105 -10.99 -33.16 -85.20
C ARG D 105 -10.32 -33.16 -86.57
N LYS D 106 -9.38 -34.08 -86.75
CA LYS D 106 -8.62 -34.25 -87.99
C LYS D 106 -9.22 -35.36 -88.82
N ARG D 107 -9.23 -35.17 -90.16
CA ARG D 107 -9.78 -36.08 -91.20
C ARG D 107 -11.19 -36.56 -90.91
N GLU E 5 -5.92 -18.66 -39.17
CA GLU E 5 -5.51 -17.57 -38.29
C GLU E 5 -4.24 -17.92 -37.48
N LEU E 6 -4.11 -17.37 -36.26
CA LEU E 6 -2.99 -17.60 -35.35
C LEU E 6 -2.79 -19.08 -34.93
N PRO E 7 -3.85 -19.93 -34.70
CA PRO E 7 -3.58 -21.33 -34.31
C PRO E 7 -3.00 -22.19 -35.43
N GLN E 8 -3.26 -21.81 -36.70
CA GLN E 8 -2.72 -22.49 -37.88
C GLN E 8 -1.20 -22.27 -37.91
N MET E 9 -0.75 -21.04 -37.58
CA MET E 9 0.66 -20.65 -37.47
C MET E 9 1.36 -21.46 -36.36
N VAL E 10 0.65 -21.69 -35.23
CA VAL E 10 1.15 -22.48 -34.11
C VAL E 10 1.29 -23.96 -34.55
N GLN E 11 0.31 -24.47 -35.34
CA GLN E 11 0.34 -25.83 -35.92
C GLN E 11 1.55 -25.98 -36.86
N GLN E 12 1.86 -24.88 -37.60
CA GLN E 12 2.97 -24.76 -38.55
C GLN E 12 4.37 -24.81 -37.89
N LEU E 13 4.44 -24.79 -36.54
CA LEU E 13 5.71 -24.85 -35.81
C LEU E 13 6.28 -26.28 -35.71
N ASN E 14 5.47 -27.30 -36.10
CA ASN E 14 5.85 -28.72 -36.15
C ASN E 14 5.80 -29.26 -37.61
N SER E 15 5.85 -28.33 -38.59
CA SER E 15 5.83 -28.64 -40.02
C SER E 15 7.15 -29.25 -40.46
N PRO E 16 7.12 -30.34 -41.28
CA PRO E 16 8.37 -30.93 -41.77
C PRO E 16 9.08 -29.99 -42.76
N ASP E 17 8.33 -29.03 -43.36
CA ASP E 17 8.86 -28.01 -44.27
C ASP E 17 9.34 -26.87 -43.38
N GLN E 18 10.67 -26.74 -43.27
CA GLN E 18 11.32 -25.76 -42.40
C GLN E 18 11.12 -24.30 -42.85
N GLN E 19 10.79 -24.08 -44.14
CA GLN E 19 10.52 -22.75 -44.71
C GLN E 19 9.17 -22.20 -44.22
N GLU E 20 8.14 -23.08 -44.15
CA GLU E 20 6.78 -22.77 -43.68
C GLU E 20 6.82 -22.54 -42.17
N LEU E 21 7.67 -23.33 -41.46
CA LEU E 21 7.94 -23.27 -40.03
C LEU E 21 8.57 -21.93 -39.71
N GLN E 22 9.68 -21.60 -40.41
CA GLN E 22 10.43 -20.35 -40.25
C GLN E 22 9.58 -19.11 -40.48
N SER E 23 8.67 -19.14 -41.47
CA SER E 23 7.84 -17.97 -41.77
C SER E 23 6.77 -17.72 -40.72
N ALA E 24 6.13 -18.78 -40.21
CA ALA E 24 5.12 -18.69 -39.15
C ALA E 24 5.82 -18.12 -37.91
N LEU E 25 7.00 -18.70 -37.58
CA LEU E 25 7.89 -18.31 -36.48
C LEU E 25 8.35 -16.85 -36.60
N ARG E 26 8.74 -16.41 -37.80
CA ARG E 26 9.17 -15.02 -38.05
C ARG E 26 7.99 -14.07 -37.89
N LYS E 27 6.79 -14.47 -38.38
CA LYS E 27 5.58 -13.67 -38.29
C LYS E 27 5.04 -13.57 -36.85
N LEU E 28 5.22 -14.65 -36.03
CA LEU E 28 4.80 -14.68 -34.63
C LEU E 28 5.68 -13.73 -33.82
N SER E 29 7.01 -13.74 -34.09
CA SER E 29 7.99 -12.88 -33.42
C SER E 29 7.74 -11.39 -33.64
N GLN E 30 7.23 -11.01 -34.84
CA GLN E 30 6.93 -9.61 -35.17
C GLN E 30 5.53 -9.19 -34.68
N ILE E 31 4.62 -10.15 -34.41
CA ILE E 31 3.32 -9.87 -33.82
C ILE E 31 3.57 -9.58 -32.33
N ALA E 32 4.41 -10.44 -31.68
CA ALA E 32 4.83 -10.32 -30.28
C ALA E 32 5.62 -9.02 -29.98
N SER E 33 5.90 -8.20 -30.99
CA SER E 33 6.59 -6.92 -30.82
C SER E 33 5.63 -5.72 -30.90
N GLY E 34 4.34 -6.02 -31.11
CA GLY E 34 3.30 -5.01 -31.25
C GLY E 34 2.39 -4.76 -30.06
N GLY E 35 2.97 -4.72 -28.87
CA GLY E 35 2.23 -4.42 -27.65
C GLY E 35 1.49 -5.58 -27.02
N ASN E 36 1.02 -5.37 -25.78
CA ASN E 36 0.32 -6.32 -24.91
C ASN E 36 -0.89 -7.00 -25.55
N GLU E 37 -1.70 -6.24 -26.33
CA GLU E 37 -2.88 -6.76 -27.02
C GLU E 37 -2.47 -7.83 -28.04
N GLN E 38 -1.36 -7.57 -28.77
CA GLN E 38 -0.82 -8.48 -29.76
C GLN E 38 -0.07 -9.64 -29.12
N ILE E 39 0.65 -9.38 -27.98
CA ILE E 39 1.38 -10.42 -27.22
C ILE E 39 0.37 -11.45 -26.70
N GLN E 40 -0.76 -10.98 -26.14
CA GLN E 40 -1.82 -11.85 -25.60
C GLN E 40 -2.41 -12.78 -26.63
N ALA E 41 -2.58 -12.33 -27.89
CA ALA E 41 -3.13 -13.14 -28.98
C ALA E 41 -2.23 -14.35 -29.29
N VAL E 42 -0.90 -14.13 -29.24
CA VAL E 42 0.14 -15.16 -29.44
C VAL E 42 0.03 -16.17 -28.30
N ILE E 43 -0.17 -15.70 -27.04
CA ILE E 43 -0.31 -16.54 -25.85
C ILE E 43 -1.60 -17.36 -25.97
N ASP E 44 -2.73 -16.68 -26.26
CA ASP E 44 -4.06 -17.27 -26.43
C ASP E 44 -4.14 -18.30 -27.56
N ALA E 45 -3.28 -18.17 -28.58
CA ALA E 45 -3.21 -19.12 -29.70
C ALA E 45 -2.51 -20.44 -29.31
N GLY E 46 -1.95 -20.50 -28.10
CA GLY E 46 -1.27 -21.68 -27.57
C GLY E 46 0.13 -21.87 -28.12
N ALA E 47 0.83 -20.75 -28.39
CA ALA E 47 2.17 -20.74 -28.99
C ALA E 47 3.31 -21.08 -28.02
N LEU E 48 3.20 -20.66 -26.74
CA LEU E 48 4.25 -20.84 -25.73
C LEU E 48 4.74 -22.29 -25.57
N PRO E 49 3.90 -23.36 -25.46
CA PRO E 49 4.45 -24.72 -25.33
C PRO E 49 5.32 -25.13 -26.53
N ALA E 50 4.95 -24.70 -27.76
CA ALA E 50 5.69 -25.00 -28.98
C ALA E 50 7.02 -24.23 -29.01
N LEU E 51 7.00 -22.91 -28.70
CA LEU E 51 8.17 -22.04 -28.64
C LEU E 51 9.22 -22.53 -27.65
N VAL E 52 8.76 -23.11 -26.51
CA VAL E 52 9.63 -23.65 -25.46
C VAL E 52 10.32 -24.93 -25.98
N GLN E 53 9.55 -25.79 -26.67
CA GLN E 53 10.04 -27.03 -27.28
C GLN E 53 11.09 -26.75 -28.38
N LEU E 54 10.94 -25.64 -29.13
CA LEU E 54 11.89 -25.21 -30.17
C LEU E 54 13.26 -24.80 -29.59
N LEU E 55 13.34 -24.62 -28.26
CA LEU E 55 14.58 -24.24 -27.59
C LEU E 55 15.58 -25.40 -27.50
N SER E 56 15.12 -26.61 -27.90
CA SER E 56 15.91 -27.85 -27.96
C SER E 56 16.38 -28.07 -29.43
N SER E 57 15.91 -27.23 -30.39
CA SER E 57 16.21 -27.36 -31.82
C SER E 57 17.68 -27.31 -32.18
N PRO E 58 18.15 -28.30 -33.01
CA PRO E 58 19.53 -28.26 -33.50
C PRO E 58 19.73 -27.22 -34.60
N ASN E 59 18.61 -26.67 -35.15
CA ASN E 59 18.60 -25.63 -36.18
C ASN E 59 18.72 -24.25 -35.53
N GLU E 60 19.91 -23.62 -35.65
CA GLU E 60 20.26 -22.29 -35.10
C GLU E 60 19.31 -21.16 -35.51
N GLN E 61 18.73 -21.24 -36.73
CA GLN E 61 17.80 -20.24 -37.23
C GLN E 61 16.44 -20.34 -36.52
N ILE E 62 15.93 -21.57 -36.29
CA ILE E 62 14.67 -21.82 -35.62
C ILE E 62 14.81 -21.39 -34.16
N LEU E 63 15.97 -21.75 -33.55
CA LEU E 63 16.33 -21.39 -32.19
C LEU E 63 16.34 -19.87 -31.98
N GLN E 64 17.04 -19.11 -32.86
CA GLN E 64 17.12 -17.65 -32.77
C GLN E 64 15.74 -16.97 -32.80
N GLU E 65 14.88 -17.39 -33.73
CA GLU E 65 13.55 -16.84 -33.93
C GLU E 65 12.57 -17.23 -32.82
N ALA E 66 12.72 -18.45 -32.24
CA ALA E 66 11.91 -18.90 -31.11
C ALA E 66 12.27 -18.00 -29.91
N LEU E 67 13.59 -17.72 -29.71
CA LEU E 67 14.10 -16.82 -28.66
C LEU E 67 13.65 -15.38 -28.87
N TRP E 68 13.53 -14.94 -30.14
CA TRP E 68 13.06 -13.60 -30.49
C TRP E 68 11.60 -13.44 -30.09
N THR E 69 10.77 -14.48 -30.34
CA THR E 69 9.34 -14.48 -30.00
C THR E 69 9.14 -14.45 -28.47
N LEU E 70 9.83 -15.38 -27.74
CA LEU E 70 9.77 -15.48 -26.28
C LEU E 70 10.24 -14.21 -25.58
N GLY E 71 11.36 -13.66 -26.04
CA GLY E 71 11.93 -12.41 -25.51
C GLY E 71 11.00 -11.23 -25.71
N ASN E 72 10.25 -11.23 -26.82
CA ASN E 72 9.25 -10.22 -27.15
C ASN E 72 7.97 -10.37 -26.33
N ILE E 73 7.54 -11.63 -26.06
CA ILE E 73 6.39 -11.88 -25.20
C ILE E 73 6.77 -11.44 -23.77
N ALA E 74 8.05 -11.67 -23.37
CA ALA E 74 8.60 -11.31 -22.06
C ALA E 74 8.83 -9.80 -21.91
N SER E 75 8.53 -9.00 -22.95
CA SER E 75 8.67 -7.54 -22.88
C SER E 75 7.31 -6.87 -22.60
N GLY E 76 6.29 -7.72 -22.42
CA GLY E 76 4.94 -7.29 -22.10
C GLY E 76 4.71 -7.15 -20.61
N GLY E 77 3.45 -7.25 -20.20
CA GLY E 77 3.03 -7.17 -18.81
C GLY E 77 3.54 -8.33 -17.97
N ASN E 78 3.45 -8.19 -16.64
CA ASN E 78 3.90 -9.22 -15.69
C ASN E 78 3.17 -10.54 -15.83
N GLU E 79 1.89 -10.49 -16.25
CA GLU E 79 1.01 -11.63 -16.49
C GLU E 79 1.44 -12.38 -17.76
N GLN E 80 2.06 -11.66 -18.69
CA GLN E 80 2.56 -12.17 -19.96
C GLN E 80 3.92 -12.81 -19.75
N ILE E 81 4.72 -12.25 -18.82
CA ILE E 81 6.02 -12.78 -18.41
C ILE E 81 5.74 -14.08 -17.66
N GLN E 82 4.71 -14.07 -16.78
CA GLN E 82 4.30 -15.23 -15.99
C GLN E 82 3.92 -16.42 -16.86
N ALA E 83 3.20 -16.17 -17.97
CA ALA E 83 2.79 -17.19 -18.94
C ALA E 83 4.02 -17.86 -19.58
N VAL E 84 5.11 -17.09 -19.84
CA VAL E 84 6.39 -17.57 -20.36
C VAL E 84 7.02 -18.52 -19.33
N ILE E 85 7.02 -18.12 -18.03
CA ILE E 85 7.53 -18.90 -16.90
C ILE E 85 6.74 -20.20 -16.75
N ASP E 86 5.40 -20.09 -16.72
CA ASP E 86 4.46 -21.20 -16.56
C ASP E 86 4.54 -22.23 -17.70
N ALA E 87 5.10 -21.84 -18.85
CA ALA E 87 5.30 -22.73 -20.01
C ALA E 87 6.61 -23.53 -19.94
N GLY E 88 7.41 -23.32 -18.90
CA GLY E 88 8.66 -24.03 -18.69
C GLY E 88 9.86 -23.53 -19.48
N ALA E 89 9.88 -22.23 -19.79
CA ALA E 89 10.95 -21.59 -20.57
C ALA E 89 12.27 -21.43 -19.81
N LEU E 90 12.23 -21.25 -18.49
CA LEU E 90 13.42 -21.01 -17.65
C LEU E 90 14.43 -22.18 -17.65
N PRO E 91 14.05 -23.49 -17.43
CA PRO E 91 15.08 -24.57 -17.51
C PRO E 91 15.83 -24.59 -18.84
N ALA E 92 15.11 -24.30 -19.95
CA ALA E 92 15.62 -24.24 -21.30
C ALA E 92 16.60 -23.07 -21.50
N LEU E 93 16.21 -21.85 -21.04
CA LEU E 93 17.01 -20.62 -21.14
C LEU E 93 18.30 -20.69 -20.33
N VAL E 94 18.27 -21.36 -19.17
CA VAL E 94 19.43 -21.51 -18.29
C VAL E 94 20.45 -22.47 -18.94
N GLN E 95 19.95 -23.54 -19.60
CA GLN E 95 20.78 -24.50 -20.34
C GLN E 95 21.53 -23.80 -21.46
N LEU E 96 20.85 -22.87 -22.18
CA LEU E 96 21.41 -22.08 -23.29
C LEU E 96 22.54 -21.16 -22.86
N LEU E 97 22.72 -20.93 -21.55
CA LEU E 97 23.79 -20.10 -21.02
C LEU E 97 25.16 -20.78 -21.14
N SER E 98 25.15 -22.12 -21.33
CA SER E 98 26.32 -22.97 -21.52
C SER E 98 26.69 -23.07 -23.01
N SER E 99 25.87 -22.47 -23.90
CA SER E 99 26.06 -22.51 -25.36
C SER E 99 27.38 -21.94 -25.86
N PRO E 100 28.06 -22.69 -26.77
CA PRO E 100 29.29 -22.16 -27.39
C PRO E 100 28.98 -21.15 -28.51
N ASN E 101 27.70 -21.05 -28.91
CA ASN E 101 27.22 -20.12 -29.94
C ASN E 101 26.92 -18.77 -29.28
N GLU E 102 27.79 -17.77 -29.52
CA GLU E 102 27.72 -16.40 -28.97
C GLU E 102 26.41 -15.66 -29.27
N GLN E 103 25.79 -15.94 -30.43
CA GLN E 103 24.51 -15.35 -30.83
C GLN E 103 23.36 -15.90 -29.97
N ILE E 104 23.32 -17.23 -29.76
CA ILE E 104 22.30 -17.88 -28.97
C ILE E 104 22.44 -17.47 -27.50
N LEU E 105 23.69 -17.45 -27.00
CA LEU E 105 24.01 -17.02 -25.64
C LEU E 105 23.39 -15.64 -25.37
N GLN E 106 23.66 -14.65 -26.27
CA GLN E 106 23.14 -13.28 -26.21
C GLN E 106 21.59 -13.22 -26.25
N GLU E 107 20.93 -13.99 -27.14
CA GLU E 107 19.46 -14.00 -27.23
C GLU E 107 18.81 -14.60 -25.97
N ALA E 108 19.49 -15.57 -25.34
CA ALA E 108 19.01 -16.24 -24.13
C ALA E 108 19.14 -15.29 -22.92
N LEU E 109 20.29 -14.59 -22.81
CA LEU E 109 20.56 -13.59 -21.77
C LEU E 109 19.55 -12.42 -21.87
N TRP E 110 19.26 -11.97 -23.11
CA TRP E 110 18.30 -10.90 -23.37
C TRP E 110 16.86 -11.32 -22.98
N THR E 111 16.45 -12.58 -23.29
CA THR E 111 15.13 -13.12 -22.93
C THR E 111 14.99 -13.18 -21.42
N LEU E 112 16.05 -13.68 -20.72
CA LEU E 112 16.11 -13.79 -19.26
C LEU E 112 15.99 -12.43 -18.58
N GLY E 113 16.68 -11.43 -19.14
CA GLY E 113 16.65 -10.04 -18.68
C GLY E 113 15.27 -9.43 -18.75
N ASN E 114 14.48 -9.79 -19.78
CA ASN E 114 13.11 -9.32 -19.95
C ASN E 114 12.20 -9.97 -18.92
N ILE E 115 12.46 -11.26 -18.61
CA ILE E 115 11.72 -11.98 -17.58
C ILE E 115 12.04 -11.35 -16.20
N ALA E 116 13.33 -11.03 -15.96
CA ALA E 116 13.82 -10.40 -14.74
C ALA E 116 13.43 -8.91 -14.66
N SER E 117 12.78 -8.37 -15.71
CA SER E 117 12.31 -6.98 -15.74
C SER E 117 10.89 -6.87 -15.17
N GLY E 118 10.31 -8.00 -14.76
CA GLY E 118 8.99 -8.06 -14.18
C GLY E 118 9.01 -7.84 -12.67
N GLY E 119 7.99 -8.39 -12.01
CA GLY E 119 7.84 -8.31 -10.56
C GLY E 119 8.82 -9.19 -9.83
N ASN E 120 8.71 -9.24 -8.49
CA ASN E 120 9.61 -10.01 -7.64
C ASN E 120 9.37 -11.51 -7.75
N GLU E 121 8.12 -11.92 -8.04
CA GLU E 121 7.74 -13.31 -8.26
C GLU E 121 8.49 -13.80 -9.51
N GLN E 122 8.46 -12.97 -10.58
CA GLN E 122 9.13 -13.19 -11.86
C GLN E 122 10.65 -13.24 -11.71
N ILE E 123 11.23 -12.33 -10.88
CA ILE E 123 12.67 -12.29 -10.60
C ILE E 123 13.08 -13.56 -9.82
N GLN E 124 12.33 -13.92 -8.76
CA GLN E 124 12.61 -15.10 -7.93
C GLN E 124 12.65 -16.40 -8.73
N ALA E 125 11.75 -16.54 -9.73
CA ALA E 125 11.69 -17.67 -10.66
C ALA E 125 13.01 -17.84 -11.44
N VAL E 126 13.62 -16.72 -11.91
CA VAL E 126 14.90 -16.68 -12.62
C VAL E 126 16.03 -17.16 -11.66
N ILE E 127 15.99 -16.71 -10.38
CA ILE E 127 16.96 -17.09 -9.33
C ILE E 127 16.86 -18.60 -9.07
N ASP E 128 15.61 -19.09 -8.83
CA ASP E 128 15.29 -20.49 -8.55
C ASP E 128 15.59 -21.46 -9.72
N ALA E 129 15.78 -20.93 -10.93
CA ALA E 129 16.12 -21.70 -12.13
C ALA E 129 17.64 -21.92 -12.25
N GLY E 130 18.42 -21.28 -11.37
CA GLY E 130 19.87 -21.39 -11.32
C GLY E 130 20.63 -20.54 -12.30
N ALA E 131 20.08 -19.36 -12.63
CA ALA E 131 20.68 -18.44 -13.59
C ALA E 131 21.89 -17.67 -13.05
N LEU E 132 21.89 -17.30 -11.74
CA LEU E 132 22.96 -16.52 -11.10
C LEU E 132 24.39 -17.12 -11.24
N PRO E 133 24.68 -18.44 -11.01
CA PRO E 133 26.07 -18.93 -11.19
C PRO E 133 26.63 -18.73 -12.60
N ALA E 134 25.77 -18.87 -13.63
CA ALA E 134 26.13 -18.65 -15.03
C ALA E 134 26.33 -17.17 -15.31
N LEU E 135 25.41 -16.31 -14.82
CA LEU E 135 25.49 -14.85 -14.97
C LEU E 135 26.75 -14.25 -14.35
N VAL E 136 27.15 -14.72 -13.16
CA VAL E 136 28.34 -14.22 -12.45
C VAL E 136 29.60 -14.63 -13.22
N GLN E 137 29.65 -15.89 -13.72
CA GLN E 137 30.78 -16.38 -14.52
C GLN E 137 30.95 -15.60 -15.83
N LEU E 138 29.82 -15.16 -16.42
CA LEU E 138 29.82 -14.38 -17.66
C LEU E 138 30.34 -12.94 -17.48
N LEU E 139 30.53 -12.47 -16.22
CA LEU E 139 31.09 -11.14 -15.92
C LEU E 139 32.61 -11.08 -16.20
N SER E 140 33.26 -12.25 -16.37
CA SER E 140 34.68 -12.39 -16.69
C SER E 140 34.91 -12.61 -18.21
N SER E 141 33.83 -12.54 -19.01
CA SER E 141 33.85 -12.75 -20.46
C SER E 141 34.64 -11.70 -21.25
N PRO E 142 35.43 -12.13 -22.26
CA PRO E 142 36.13 -11.13 -23.10
C PRO E 142 35.21 -10.54 -24.18
N ASN E 143 34.00 -11.11 -24.36
CA ASN E 143 33.01 -10.65 -25.33
C ASN E 143 32.11 -9.59 -24.71
N GLU E 144 32.32 -8.33 -25.14
CA GLU E 144 31.61 -7.13 -24.69
C GLU E 144 30.08 -7.22 -24.82
N GLN E 145 29.59 -7.85 -25.90
CA GLN E 145 28.16 -8.05 -26.16
C GLN E 145 27.50 -9.01 -25.14
N ILE E 146 28.22 -10.09 -24.78
CA ILE E 146 27.75 -11.07 -23.79
C ILE E 146 27.86 -10.46 -22.37
N LEU E 147 28.94 -9.69 -22.09
CA LEU E 147 29.13 -9.01 -20.80
C LEU E 147 27.99 -8.01 -20.57
N GLN E 148 27.61 -7.23 -21.60
CA GLN E 148 26.51 -6.26 -21.53
C GLN E 148 25.17 -6.93 -21.24
N GLU E 149 24.92 -8.09 -21.84
CA GLU E 149 23.67 -8.81 -21.63
C GLU E 149 23.56 -9.45 -20.25
N ALA E 150 24.68 -9.99 -19.74
CA ALA E 150 24.78 -10.64 -18.43
C ALA E 150 24.56 -9.58 -17.34
N LEU E 151 25.17 -8.38 -17.52
CA LEU E 151 25.06 -7.21 -16.64
C LEU E 151 23.64 -6.67 -16.59
N TRP E 152 22.96 -6.60 -17.76
N TRP E 152 22.96 -6.60 -17.76
CA TRP E 152 21.58 -6.10 -17.89
CA TRP E 152 21.59 -6.10 -17.87
C TRP E 152 20.60 -7.01 -17.15
C TRP E 152 20.61 -7.01 -17.12
N THR E 153 20.83 -8.34 -17.21
CA THR E 153 20.02 -9.35 -16.53
C THR E 153 20.27 -9.31 -15.01
N LEU E 154 21.55 -9.23 -14.58
CA LEU E 154 21.91 -9.14 -13.16
C LEU E 154 21.32 -7.91 -12.50
N GLY E 155 21.35 -6.78 -13.20
CA GLY E 155 20.79 -5.51 -12.77
C GLY E 155 19.29 -5.53 -12.58
N ASN E 156 18.58 -6.26 -13.44
CA ASN E 156 17.14 -6.43 -13.36
C ASN E 156 16.79 -7.31 -12.16
N ILE E 157 17.63 -8.34 -11.88
CA ILE E 157 17.47 -9.22 -10.72
C ILE E 157 17.72 -8.39 -9.45
N ALA E 158 18.82 -7.61 -9.45
CA ALA E 158 19.24 -6.73 -8.35
C ALA E 158 18.22 -5.61 -8.04
N SER E 159 17.25 -5.38 -8.95
CA SER E 159 16.20 -4.37 -8.81
C SER E 159 14.95 -4.91 -8.11
N GLY E 160 15.05 -6.11 -7.55
CA GLY E 160 13.95 -6.73 -6.82
C GLY E 160 13.98 -6.42 -5.34
N GLY E 161 13.32 -7.28 -4.56
CA GLY E 161 13.28 -7.18 -3.10
C GLY E 161 14.64 -7.49 -2.48
N ASN E 162 14.72 -7.40 -1.15
CA ASN E 162 15.94 -7.66 -0.39
C ASN E 162 16.43 -9.10 -0.52
N GLU E 163 15.51 -10.09 -0.66
CA GLU E 163 15.83 -11.49 -0.84
C GLU E 163 16.52 -11.66 -2.21
N GLN E 164 16.00 -10.96 -3.25
CA GLN E 164 16.55 -11.00 -4.60
C GLN E 164 17.96 -10.39 -4.68
N ILE E 165 18.20 -9.28 -3.95
CA ILE E 165 19.49 -8.60 -3.86
C ILE E 165 20.50 -9.53 -3.16
N GLN E 166 20.06 -10.20 -2.07
CA GLN E 166 20.90 -11.11 -1.28
C GLN E 166 21.40 -12.30 -2.10
N ALA E 167 20.54 -12.83 -2.98
CA ALA E 167 20.87 -13.91 -3.89
C ALA E 167 22.05 -13.49 -4.80
N VAL E 168 22.01 -12.24 -5.32
CA VAL E 168 23.05 -11.63 -6.17
C VAL E 168 24.39 -11.56 -5.41
N ILE E 169 24.34 -11.10 -4.13
CA ILE E 169 25.50 -10.99 -3.23
C ILE E 169 26.08 -12.39 -2.96
N ASP E 170 25.21 -13.35 -2.61
CA ASP E 170 25.57 -14.75 -2.29
C ASP E 170 26.18 -15.52 -3.47
N ALA E 171 25.87 -15.11 -4.72
CA ALA E 171 26.39 -15.71 -5.95
C ALA E 171 27.85 -15.29 -6.26
N GLY E 172 28.37 -14.31 -5.53
CA GLY E 172 29.73 -13.78 -5.67
C GLY E 172 29.88 -12.71 -6.75
N ALA E 173 28.80 -11.95 -7.01
CA ALA E 173 28.78 -10.91 -8.03
C ALA E 173 29.57 -9.65 -7.71
N LEU E 174 29.58 -9.22 -6.43
CA LEU E 174 30.22 -7.99 -5.96
C LEU E 174 31.72 -7.87 -6.32
N PRO E 175 32.61 -8.86 -6.07
CA PRO E 175 34.03 -8.70 -6.48
C PRO E 175 34.23 -8.45 -7.98
N ALA E 176 33.38 -9.06 -8.83
CA ALA E 176 33.44 -8.88 -10.30
C ALA E 176 32.93 -7.50 -10.71
N LEU E 177 31.80 -7.05 -10.11
CA LEU E 177 31.20 -5.74 -10.39
C LEU E 177 32.12 -4.59 -10.02
N VAL E 178 32.88 -4.75 -8.91
CA VAL E 178 33.84 -3.75 -8.42
C VAL E 178 35.03 -3.65 -9.40
N GLN E 179 35.53 -4.80 -9.90
CA GLN E 179 36.59 -4.84 -10.91
C GLN E 179 36.18 -4.09 -12.18
N LEU E 180 34.89 -4.22 -12.58
CA LEU E 180 34.30 -3.57 -13.74
C LEU E 180 34.19 -2.05 -13.63
N LEU E 181 34.42 -1.49 -12.43
CA LEU E 181 34.38 -0.04 -12.25
C LEU E 181 35.67 0.62 -12.76
N SER E 182 36.70 -0.20 -13.04
CA SER E 182 37.99 0.24 -13.58
C SER E 182 38.00 0.16 -15.13
N SER E 183 36.94 -0.45 -15.72
CA SER E 183 36.75 -0.65 -17.16
C SER E 183 36.77 0.65 -17.99
N PRO E 184 37.47 0.66 -19.15
CA PRO E 184 37.46 1.87 -20.01
C PRO E 184 36.23 1.95 -20.92
N ASN E 185 35.34 0.95 -20.83
CA ASN E 185 34.12 0.83 -21.62
C ASN E 185 32.95 1.46 -20.85
N GLU E 186 32.49 2.63 -21.33
CA GLU E 186 31.41 3.43 -20.75
C GLU E 186 30.08 2.68 -20.59
N GLN E 187 29.77 1.78 -21.53
CA GLN E 187 28.55 0.98 -21.54
C GLN E 187 28.55 -0.06 -20.39
N ILE E 188 29.70 -0.76 -20.24
CA ILE E 188 29.93 -1.77 -19.20
C ILE E 188 29.95 -1.08 -17.84
N LEU E 189 30.65 0.07 -17.77
CA LEU E 189 30.76 0.91 -16.58
C LEU E 189 29.38 1.39 -16.10
N GLN E 190 28.59 2.03 -16.98
CA GLN E 190 27.24 2.51 -16.62
C GLN E 190 26.35 1.37 -16.11
N GLU E 191 26.50 0.16 -16.71
CA GLU E 191 25.74 -1.02 -16.32
C GLU E 191 26.18 -1.58 -14.98
N ALA E 192 27.51 -1.70 -14.74
CA ALA E 192 28.08 -2.17 -13.47
C ALA E 192 27.73 -1.18 -12.33
N LEU E 193 27.71 0.14 -12.64
CA LEU E 193 27.33 1.18 -11.69
C LEU E 193 25.84 1.07 -11.34
N TRP E 194 24.99 0.81 -12.34
CA TRP E 194 23.54 0.68 -12.18
C TRP E 194 23.14 -0.53 -11.33
N THR E 195 23.81 -1.69 -11.52
CA THR E 195 23.49 -2.90 -10.74
C THR E 195 23.94 -2.74 -9.29
N LEU E 196 25.13 -2.12 -9.08
CA LEU E 196 25.67 -1.83 -7.74
C LEU E 196 24.71 -0.94 -6.95
N GLY E 197 24.14 0.07 -7.62
CA GLY E 197 23.16 1.00 -7.06
C GLY E 197 21.87 0.31 -6.66
N ASN E 198 21.48 -0.71 -7.44
CA ASN E 198 20.31 -1.55 -7.19
C ASN E 198 20.56 -2.44 -5.96
N ILE E 199 21.78 -2.97 -5.82
CA ILE E 199 22.21 -3.78 -4.67
C ILE E 199 22.24 -2.87 -3.43
N ALA E 200 22.72 -1.62 -3.61
CA ALA E 200 22.81 -0.62 -2.53
C ALA E 200 21.44 -0.02 -2.15
N SER E 201 20.35 -0.42 -2.85
CA SER E 201 18.99 0.05 -2.58
C SER E 201 18.26 -0.82 -1.55
N GLY E 202 18.94 -1.87 -1.07
CA GLY E 202 18.40 -2.79 -0.07
C GLY E 202 18.73 -2.38 1.34
N GLY E 203 18.85 -3.38 2.21
CA GLY E 203 19.19 -3.22 3.61
C GLY E 203 20.62 -2.78 3.86
N ASN E 204 20.91 -2.42 5.12
CA ASN E 204 22.20 -1.95 5.61
C ASN E 204 23.29 -3.02 5.46
N GLU E 205 22.90 -4.29 5.61
CA GLU E 205 23.77 -5.48 5.48
C GLU E 205 24.22 -5.66 4.03
N GLN E 206 23.34 -5.28 3.09
CA GLN E 206 23.53 -5.35 1.66
C GLN E 206 24.32 -4.14 1.18
N ILE E 207 24.14 -2.97 1.85
CA ILE E 207 24.91 -1.75 1.57
C ILE E 207 26.36 -2.01 2.04
N GLN E 208 26.51 -2.63 3.23
CA GLN E 208 27.82 -2.98 3.81
C GLN E 208 28.59 -3.98 2.95
N ALA E 209 27.88 -4.91 2.29
CA ALA E 209 28.47 -5.91 1.40
C ALA E 209 29.16 -5.24 0.20
N VAL E 210 28.60 -4.10 -0.29
CA VAL E 210 29.10 -3.25 -1.39
C VAL E 210 30.33 -2.45 -0.89
N ILE E 211 30.29 -1.97 0.39
CA ILE E 211 31.38 -1.23 1.01
C ILE E 211 32.59 -2.16 1.20
N ASP E 212 32.35 -3.37 1.77
CA ASP E 212 33.37 -4.40 2.02
C ASP E 212 33.97 -4.98 0.73
N ALA E 213 33.31 -4.73 -0.42
CA ALA E 213 33.76 -5.15 -1.75
C ALA E 213 34.78 -4.16 -2.34
N GLY E 214 34.81 -2.94 -1.77
CA GLY E 214 35.73 -1.87 -2.15
C GLY E 214 35.25 -0.97 -3.27
N ALA E 215 33.94 -0.75 -3.35
CA ALA E 215 33.33 0.07 -4.40
C ALA E 215 33.54 1.56 -4.22
N LEU E 216 33.49 2.04 -2.97
CA LEU E 216 33.59 3.46 -2.59
C LEU E 216 34.78 4.22 -3.21
N PRO E 217 36.08 3.74 -3.19
CA PRO E 217 37.15 4.51 -3.84
C PRO E 217 36.90 4.79 -5.32
N ALA E 218 36.38 3.77 -6.05
CA ALA E 218 36.05 3.87 -7.47
C ALA E 218 34.90 4.88 -7.70
N LEU E 219 33.86 4.83 -6.85
CA LEU E 219 32.69 5.71 -6.88
C LEU E 219 33.05 7.17 -6.66
N VAL E 220 33.91 7.45 -5.64
CA VAL E 220 34.37 8.80 -5.28
C VAL E 220 35.12 9.45 -6.46
N GLN E 221 36.01 8.68 -7.12
CA GLN E 221 36.76 9.15 -8.29
C GLN E 221 35.84 9.53 -9.44
N LEU E 222 34.74 8.77 -9.62
CA LEU E 222 33.77 8.99 -10.68
C LEU E 222 32.94 10.28 -10.49
N LEU E 223 33.05 10.91 -9.31
CA LEU E 223 32.37 12.17 -9.05
C LEU E 223 33.08 13.32 -9.77
N SER E 224 34.34 13.08 -10.21
CA SER E 224 35.18 14.02 -10.96
C SER E 224 35.11 13.75 -12.48
N SER E 225 34.21 12.83 -12.91
CA SER E 225 34.04 12.46 -14.32
C SER E 225 33.39 13.56 -15.19
N PRO E 226 33.95 13.84 -16.40
CA PRO E 226 33.31 14.82 -17.31
C PRO E 226 32.12 14.21 -18.06
N ASN E 227 31.81 12.92 -17.79
CA ASN E 227 30.71 12.20 -18.41
C ASN E 227 29.48 12.27 -17.51
N GLU E 228 28.50 13.11 -17.91
CA GLU E 228 27.23 13.34 -17.18
C GLU E 228 26.49 12.05 -16.88
N GLN E 229 26.44 11.12 -17.85
CA GLN E 229 25.75 9.84 -17.71
C GLN E 229 26.40 8.91 -16.68
N ILE E 230 27.74 8.85 -16.66
CA ILE E 230 28.53 8.06 -15.70
C ILE E 230 28.40 8.67 -14.29
N LEU E 231 28.61 10.01 -14.20
CA LEU E 231 28.52 10.79 -12.98
C LEU E 231 27.17 10.56 -12.28
N GLN E 232 26.07 10.67 -13.04
CA GLN E 232 24.71 10.46 -12.53
C GLN E 232 24.51 9.05 -12.00
N GLU E 233 25.12 8.04 -12.66
CA GLU E 233 25.00 6.65 -12.23
C GLU E 233 25.79 6.39 -10.95
N ALA E 234 26.98 7.01 -10.84
CA ALA E 234 27.84 6.88 -9.66
C ALA E 234 27.20 7.60 -8.45
N LEU E 235 26.51 8.74 -8.71
CA LEU E 235 25.78 9.54 -7.71
C LEU E 235 24.62 8.77 -7.10
N TRP E 236 23.84 8.03 -7.92
N TRP E 236 23.83 8.04 -7.94
CA TRP E 236 22.69 7.23 -7.49
CA TRP E 236 22.69 7.24 -7.50
C TRP E 236 23.16 6.13 -6.55
C TRP E 236 23.17 6.15 -6.53
N THR E 237 24.31 5.51 -6.86
CA THR E 237 24.93 4.44 -6.08
C THR E 237 25.43 4.95 -4.73
N LEU E 238 26.10 6.12 -4.71
CA LEU E 238 26.60 6.75 -3.50
C LEU E 238 25.47 7.21 -2.59
N GLY E 239 24.42 7.75 -3.19
CA GLY E 239 23.22 8.21 -2.49
C GLY E 239 22.47 7.10 -1.78
N ASN E 240 22.46 5.90 -2.38
CA ASN E 240 21.82 4.71 -1.82
C ASN E 240 22.70 4.16 -0.71
N ILE E 241 24.04 4.23 -0.89
CA ILE E 241 24.99 3.78 0.15
C ILE E 241 24.83 4.71 1.37
N ALA E 242 24.70 6.04 1.11
CA ALA E 242 24.51 7.08 2.12
C ALA E 242 23.14 7.00 2.82
N SER E 243 22.18 6.24 2.23
CA SER E 243 20.84 6.05 2.80
C SER E 243 20.82 4.98 3.92
N GLY E 244 21.97 4.39 4.23
CA GLY E 244 22.10 3.37 5.27
C GLY E 244 22.33 3.93 6.66
N GLY E 245 22.86 3.09 7.53
CA GLY E 245 23.19 3.42 8.91
C GLY E 245 24.38 4.36 9.00
N ASN E 246 24.63 4.89 10.22
CA ASN E 246 25.71 5.84 10.53
C ASN E 246 27.11 5.37 10.10
N GLU E 247 27.42 4.08 10.34
CA GLU E 247 28.73 3.51 10.00
C GLU E 247 28.94 3.35 8.50
N GLN E 248 27.84 3.26 7.72
CA GLN E 248 27.88 3.17 6.25
C GLN E 248 28.09 4.58 5.69
N ILE E 249 27.45 5.59 6.32
CA ILE E 249 27.59 7.01 5.98
C ILE E 249 29.03 7.44 6.29
N GLN E 250 29.59 6.97 7.41
CA GLN E 250 30.96 7.27 7.81
C GLN E 250 31.97 6.73 6.80
N ALA E 251 31.70 5.53 6.24
CA ALA E 251 32.52 4.87 5.22
C ALA E 251 32.61 5.72 3.95
N VAL E 252 31.50 6.42 3.59
CA VAL E 252 31.37 7.34 2.45
C VAL E 252 32.27 8.56 2.68
N ILE E 253 32.20 9.15 3.90
CA ILE E 253 32.97 10.32 4.35
C ILE E 253 34.47 9.98 4.37
N ASP E 254 34.83 8.80 4.93
CA ASP E 254 36.20 8.28 5.00
C ASP E 254 36.82 8.06 3.61
N ALA E 255 35.98 7.85 2.58
CA ALA E 255 36.39 7.66 1.19
C ALA E 255 36.62 9.00 0.47
N GLY E 256 36.27 10.11 1.14
CA GLY E 256 36.47 11.47 0.66
C GLY E 256 35.45 11.99 -0.36
N ALA E 257 34.18 11.60 -0.20
CA ALA E 257 33.10 12.01 -1.09
C ALA E 257 32.67 13.46 -0.96
N LEU E 258 32.67 14.01 0.26
CA LEU E 258 32.23 15.37 0.58
C LEU E 258 32.89 16.50 -0.26
N PRO E 259 34.25 16.62 -0.40
CA PRO E 259 34.80 17.69 -1.26
C PRO E 259 34.26 17.67 -2.70
N ALA E 260 34.12 16.45 -3.26
CA ALA E 260 33.59 16.23 -4.61
C ALA E 260 32.08 16.55 -4.66
N LEU E 261 31.30 16.12 -3.64
CA LEU E 261 29.87 16.40 -3.52
C LEU E 261 29.54 17.89 -3.37
N VAL E 262 30.41 18.66 -2.66
CA VAL E 262 30.27 20.09 -2.45
C VAL E 262 30.54 20.85 -3.76
N GLN E 263 31.55 20.39 -4.54
CA GLN E 263 31.89 20.95 -5.87
C GLN E 263 30.68 20.85 -6.81
N LEU E 264 29.95 19.70 -6.77
CA LEU E 264 28.77 19.43 -7.60
C LEU E 264 27.57 20.33 -7.28
N LEU E 265 27.64 21.09 -6.16
CA LEU E 265 26.56 22.00 -5.77
C LEU E 265 26.60 23.30 -6.57
N SER E 266 27.68 23.50 -7.36
CA SER E 266 27.88 24.65 -8.25
C SER E 266 27.38 24.34 -9.67
N SER E 267 26.81 23.13 -9.87
CA SER E 267 26.33 22.64 -11.16
C SER E 267 25.04 23.31 -11.70
N PRO E 268 25.09 23.76 -12.98
CA PRO E 268 23.88 24.31 -13.60
C PRO E 268 22.98 23.19 -14.17
N ASN E 269 23.43 21.93 -14.03
CA ASN E 269 22.72 20.76 -14.47
C ASN E 269 21.79 20.29 -13.34
N GLU E 270 20.48 20.55 -13.52
CA GLU E 270 19.41 20.24 -12.57
C GLU E 270 19.36 18.76 -12.17
N GLN E 271 19.80 17.86 -13.06
CA GLN E 271 19.84 16.43 -12.79
C GLN E 271 20.96 16.07 -11.81
N ILE E 272 22.21 16.55 -12.06
CA ILE E 272 23.38 16.32 -11.21
C ILE E 272 23.15 17.02 -9.86
N LEU E 273 22.62 18.26 -9.91
CA LEU E 273 22.30 19.08 -8.76
C LEU E 273 21.29 18.41 -7.81
N GLN E 274 20.13 17.94 -8.33
CA GLN E 274 19.11 17.26 -7.51
C GLN E 274 19.66 16.01 -6.83
N GLU E 275 20.46 15.21 -7.54
CA GLU E 275 21.09 13.99 -7.03
C GLU E 275 22.13 14.26 -5.95
N ALA E 276 22.98 15.30 -6.13
CA ALA E 276 24.02 15.70 -5.18
C ALA E 276 23.40 16.23 -3.90
N LEU E 277 22.27 16.97 -4.02
CA LEU E 277 21.50 17.50 -2.90
C LEU E 277 20.88 16.34 -2.12
N TRP E 278 20.47 15.28 -2.83
CA TRP E 278 19.89 14.08 -2.24
C TRP E 278 20.93 13.24 -1.51
N THR E 279 22.12 12.98 -2.14
CA THR E 279 23.19 12.21 -1.48
C THR E 279 23.70 12.91 -0.21
N LEU E 280 23.88 14.25 -0.29
CA LEU E 280 24.34 15.08 0.83
C LEU E 280 23.35 15.10 1.98
N GLY E 281 22.06 15.08 1.66
CA GLY E 281 20.97 15.03 2.64
C GLY E 281 20.97 13.72 3.40
N ASN E 282 21.34 12.61 2.72
CA ASN E 282 21.44 11.28 3.32
C ASN E 282 22.62 11.21 4.30
N ILE E 283 23.78 11.80 3.93
CA ILE E 283 24.98 11.88 4.75
C ILE E 283 24.69 12.73 6.00
N ALA E 284 24.01 13.87 5.79
CA ALA E 284 23.62 14.84 6.81
C ALA E 284 22.63 14.27 7.83
N SER E 285 21.80 13.27 7.43
CA SER E 285 20.80 12.65 8.31
C SER E 285 21.41 11.63 9.31
N GLY E 286 22.74 11.53 9.33
CA GLY E 286 23.46 10.65 10.24
C GLY E 286 23.65 11.23 11.63
N GLY E 287 24.62 10.71 12.35
CA GLY E 287 24.97 11.16 13.70
C GLY E 287 25.66 12.50 13.71
N ASN E 288 26.04 12.98 14.90
CA ASN E 288 26.70 14.27 15.05
C ASN E 288 28.11 14.31 14.45
N GLU E 289 28.81 13.15 14.41
CA GLU E 289 30.13 13.03 13.80
C GLU E 289 30.00 13.29 12.29
N GLN E 290 28.93 12.74 11.67
CA GLN E 290 28.58 12.85 10.26
C GLN E 290 28.22 14.29 9.89
N LYS E 291 27.36 14.93 10.69
CA LYS E 291 26.91 16.32 10.49
C LYS E 291 28.07 17.31 10.53
N GLN E 292 29.04 17.08 11.43
CA GLN E 292 30.24 17.91 11.60
C GLN E 292 31.12 17.86 10.35
N ALA E 293 31.24 16.66 9.75
CA ALA E 293 32.02 16.41 8.54
C ALA E 293 31.47 17.20 7.35
N VAL E 294 30.13 17.27 7.24
CA VAL E 294 29.37 18.01 6.20
C VAL E 294 29.65 19.51 6.37
N LYS E 295 29.56 20.01 7.64
CA LYS E 295 29.79 21.41 8.01
C LYS E 295 31.22 21.84 7.69
N GLU E 296 32.21 20.96 8.00
CA GLU E 296 33.64 21.17 7.74
C GLU E 296 33.98 21.23 6.24
N ALA E 297 33.11 20.61 5.40
CA ALA E 297 33.24 20.60 3.94
C ALA E 297 32.65 21.87 3.29
N GLY E 298 32.05 22.72 4.11
CA GLY E 298 31.45 23.99 3.71
C GLY E 298 30.17 23.86 2.91
N ALA E 299 29.44 22.76 3.13
CA ALA E 299 28.18 22.50 2.41
C ALA E 299 27.05 23.41 2.87
N LEU E 300 27.06 23.80 4.15
CA LEU E 300 26.07 24.65 4.82
C LEU E 300 25.68 25.92 4.06
N GLU E 301 26.68 26.77 3.71
CA GLU E 301 26.43 28.00 2.96
C GLU E 301 25.87 27.76 1.55
N LYS E 302 26.31 26.67 0.87
CA LYS E 302 25.82 26.31 -0.44
C LYS E 302 24.40 25.76 -0.39
N LEU E 303 24.08 24.96 0.65
CA LEU E 303 22.73 24.41 0.88
C LEU E 303 21.73 25.55 1.12
N GLU E 304 22.16 26.57 1.89
CA GLU E 304 21.38 27.76 2.22
C GLU E 304 21.10 28.60 0.97
N GLN E 305 22.10 28.74 0.09
CA GLN E 305 21.97 29.47 -1.17
C GLN E 305 21.02 28.76 -2.15
N LEU E 306 21.12 27.43 -2.26
CA LEU E 306 20.30 26.61 -3.18
C LEU E 306 18.80 26.56 -2.81
N GLN E 307 18.44 27.11 -1.64
CA GLN E 307 17.05 27.24 -1.16
C GLN E 307 16.34 28.39 -1.90
N SER E 308 17.13 29.25 -2.59
CA SER E 308 16.65 30.37 -3.38
C SER E 308 16.64 30.05 -4.90
N HIS E 309 16.67 28.76 -5.26
CA HIS E 309 16.62 28.30 -6.66
C HIS E 309 15.15 28.33 -7.15
N GLU E 310 14.91 28.98 -8.32
CA GLU E 310 13.61 29.13 -9.00
C GLU E 310 12.91 27.78 -9.17
N ASN E 311 13.68 26.72 -9.49
CA ASN E 311 13.16 25.39 -9.69
C ASN E 311 12.73 24.73 -8.39
N GLU E 312 11.42 24.44 -8.30
CA GLU E 312 10.78 23.81 -7.14
C GLU E 312 11.40 22.49 -6.72
N LYS E 313 11.87 21.67 -7.69
CA LYS E 313 12.52 20.38 -7.38
C LYS E 313 13.84 20.57 -6.63
N ILE E 314 14.68 21.53 -7.08
CA ILE E 314 15.98 21.86 -6.49
C ILE E 314 15.78 22.52 -5.11
N GLN E 315 14.86 23.50 -5.04
CA GLN E 315 14.49 24.26 -3.84
C GLN E 315 14.05 23.31 -2.71
N LYS E 316 13.14 22.35 -3.02
CA LYS E 316 12.62 21.34 -2.08
C LYS E 316 13.73 20.41 -1.60
N GLU E 317 14.60 19.95 -2.53
CA GLU E 317 15.75 19.07 -2.26
C GLU E 317 16.77 19.74 -1.33
N ALA E 318 17.09 21.04 -1.58
CA ALA E 318 18.01 21.84 -0.78
C ALA E 318 17.46 22.07 0.64
N GLN E 319 16.15 22.34 0.74
CA GLN E 319 15.44 22.57 2.00
C GLN E 319 15.41 21.28 2.84
N GLU E 320 15.04 20.15 2.21
CA GLU E 320 14.97 18.81 2.80
C GLU E 320 16.34 18.37 3.33
N ALA E 321 17.42 18.68 2.58
CA ALA E 321 18.81 18.38 2.93
C ALA E 321 19.29 19.21 4.12
N LEU E 322 18.95 20.52 4.16
CA LEU E 322 19.33 21.43 5.25
C LEU E 322 18.56 21.09 6.52
N GLU E 323 17.31 20.59 6.36
CA GLU E 323 16.46 20.15 7.46
C GLU E 323 17.07 18.92 8.16
N LYS E 324 17.49 17.91 7.35
CA LYS E 324 18.15 16.68 7.82
C LYS E 324 19.45 16.96 8.56
N LEU E 325 20.15 18.06 8.19
CA LEU E 325 21.40 18.48 8.80
C LEU E 325 21.18 19.26 10.10
N GLN E 326 20.17 20.16 10.12
CA GLN E 326 19.86 21.01 11.29
C GLN E 326 19.02 20.33 12.38
N SER E 327 18.29 19.24 12.05
CA SER E 327 17.45 18.51 13.01
C SER E 327 18.29 17.70 14.01
N PRO F 2 7.87 -0.81 21.65
CA PRO F 2 6.99 0.30 21.23
C PRO F 2 5.83 -0.14 20.32
N THR F 3 5.32 -1.38 20.52
CA THR F 3 4.21 -1.96 19.75
C THR F 3 2.91 -2.03 20.54
N ALA F 4 1.78 -1.77 19.85
CA ALA F 4 0.43 -1.82 20.40
C ALA F 4 -0.41 -2.84 19.62
N THR F 5 -1.42 -3.43 20.28
CA THR F 5 -2.32 -4.41 19.68
C THR F 5 -3.74 -3.90 19.71
N ALA F 6 -4.45 -4.02 18.57
CA ALA F 6 -5.83 -3.58 18.41
C ALA F 6 -6.53 -4.44 17.36
N PRO F 7 -7.87 -4.64 17.42
CA PRO F 7 -8.55 -5.48 16.42
C PRO F 7 -8.31 -5.10 14.96
N GLY F 8 -8.09 -6.12 14.14
CA GLY F 8 -7.82 -6.01 12.72
C GLY F 8 -8.94 -6.55 11.85
N GLY F 9 -9.17 -5.87 10.73
CA GLY F 9 -10.19 -6.25 9.76
C GLY F 9 -9.71 -6.07 8.34
N LEU F 10 -8.44 -6.47 8.07
CA LEU F 10 -7.76 -6.39 6.77
C LEU F 10 -8.51 -7.21 5.72
N SER F 11 -8.52 -6.74 4.47
CA SER F 11 -9.20 -7.43 3.37
C SER F 11 -8.23 -8.36 2.63
N ALA F 12 -6.91 -8.10 2.75
CA ALA F 12 -5.86 -8.89 2.09
C ALA F 12 -4.58 -9.00 2.95
N LYS F 13 -3.57 -9.71 2.42
CA LYS F 13 -2.26 -9.92 3.04
C LYS F 13 -1.51 -8.59 3.11
N ALA F 14 -1.05 -8.20 4.31
CA ALA F 14 -0.33 -6.95 4.55
C ALA F 14 1.01 -7.20 5.23
N PRO F 15 2.15 -6.80 4.60
CA PRO F 15 3.45 -7.03 5.26
C PRO F 15 3.75 -5.97 6.32
N ALA F 16 4.85 -6.15 7.07
CA ALA F 16 5.28 -5.18 8.08
C ALA F 16 5.66 -3.88 7.39
N MET F 17 5.37 -2.73 8.04
CA MET F 17 5.60 -1.36 7.58
C MET F 17 4.43 -0.80 6.72
N THR F 18 3.26 -1.46 6.76
CA THR F 18 2.07 -1.02 6.05
C THR F 18 1.34 0.03 6.90
N PRO F 19 1.05 1.24 6.35
CA PRO F 19 0.31 2.24 7.15
C PRO F 19 -1.14 1.79 7.33
N LEU F 20 -1.65 1.95 8.56
CA LEU F 20 -3.00 1.55 8.93
C LEU F 20 -3.93 2.72 9.18
N MET F 21 -5.23 2.47 9.08
CA MET F 21 -6.28 3.43 9.37
C MET F 21 -7.45 2.70 10.04
N LEU F 22 -8.46 3.43 10.51
CA LEU F 22 -9.61 2.85 11.18
C LEU F 22 -10.81 2.74 10.23
N ASP F 23 -11.45 1.57 10.22
CA ASP F 23 -12.68 1.36 9.48
C ASP F 23 -13.79 1.70 10.47
N THR F 24 -14.48 2.81 10.23
CA THR F 24 -15.56 3.33 11.06
C THR F 24 -16.80 2.41 11.08
N SER F 25 -16.86 1.44 10.16
CA SER F 25 -17.97 0.48 10.08
C SER F 25 -17.72 -0.75 10.96
N SER F 26 -16.54 -1.37 10.80
CA SER F 26 -16.16 -2.59 11.52
C SER F 26 -15.53 -2.32 12.89
N ARG F 27 -15.01 -1.09 13.11
CA ARG F 27 -14.31 -0.63 14.32
C ARG F 27 -12.89 -1.23 14.40
N LYS F 28 -12.47 -1.90 13.33
CA LYS F 28 -11.16 -2.56 13.21
C LYS F 28 -10.20 -1.75 12.35
N LEU F 29 -8.90 -2.05 12.50
CA LEU F 29 -7.84 -1.43 11.73
C LEU F 29 -7.70 -2.15 10.40
N VAL F 30 -7.65 -1.37 9.34
CA VAL F 30 -7.48 -1.80 7.96
C VAL F 30 -6.27 -1.05 7.41
N ALA F 31 -5.72 -1.50 6.26
CA ALA F 31 -4.61 -0.83 5.61
C ALA F 31 -5.11 0.52 5.10
N TRP F 32 -4.31 1.58 5.30
CA TRP F 32 -4.65 2.92 4.85
C TRP F 32 -4.80 2.96 3.34
N ASP F 33 -5.94 3.53 2.86
CA ASP F 33 -6.33 3.63 1.45
C ASP F 33 -5.40 4.48 0.59
N GLY F 34 -4.79 5.50 1.20
CA GLY F 34 -3.89 6.41 0.50
C GLY F 34 -4.59 7.66 -0.01
N THR F 35 -5.95 7.66 0.03
CA THR F 35 -6.81 8.75 -0.45
C THR F 35 -7.31 9.70 0.66
N THR F 36 -7.56 9.16 1.87
CA THR F 36 -8.05 9.93 3.03
C THR F 36 -6.88 10.62 3.74
N ASP F 37 -6.80 11.96 3.61
CA ASP F 37 -5.76 12.80 4.19
C ASP F 37 -5.81 12.82 5.73
N GLY F 38 -4.66 12.59 6.36
CA GLY F 38 -4.51 12.57 7.81
C GLY F 38 -5.30 11.48 8.53
N ALA F 39 -5.58 10.34 7.83
CA ALA F 39 -6.35 9.21 8.36
C ALA F 39 -5.50 8.05 8.89
N ALA F 40 -4.18 8.03 8.59
CA ALA F 40 -3.29 6.97 9.05
C ALA F 40 -3.09 7.06 10.57
N VAL F 41 -3.36 5.95 11.28
CA VAL F 41 -3.30 5.86 12.74
C VAL F 41 -2.05 5.14 13.25
N GLY F 42 -1.44 4.32 12.41
CA GLY F 42 -0.25 3.56 12.76
C GLY F 42 0.43 2.90 11.59
N ILE F 43 1.46 2.10 11.88
CA ILE F 43 2.27 1.35 10.92
C ILE F 43 2.37 -0.10 11.42
N LEU F 44 1.91 -1.06 10.59
CA LEU F 44 1.93 -2.49 10.91
C LEU F 44 3.35 -2.93 11.28
N ALA F 45 3.49 -3.68 12.39
CA ALA F 45 4.76 -4.16 12.92
C ALA F 45 5.04 -5.60 12.53
N VAL F 46 4.01 -6.45 12.59
CA VAL F 46 4.08 -7.88 12.28
C VAL F 46 3.13 -8.16 11.10
N ALA F 47 3.66 -8.82 10.04
CA ALA F 47 2.89 -9.20 8.83
C ALA F 47 1.59 -9.92 9.20
N ALA F 48 0.48 -9.50 8.60
CA ALA F 48 -0.85 -10.05 8.88
C ALA F 48 -1.71 -10.24 7.62
N ASP F 49 -2.91 -10.82 7.79
CA ASP F 49 -3.86 -11.07 6.71
C ASP F 49 -5.32 -10.88 7.19
N GLN F 50 -6.29 -11.31 6.36
CA GLN F 50 -7.73 -11.20 6.63
C GLN F 50 -8.20 -11.98 7.87
N THR F 51 -7.50 -13.08 8.23
CA THR F 51 -7.82 -13.94 9.38
C THR F 51 -7.34 -13.35 10.72
N SER F 52 -6.39 -12.39 10.66
CA SER F 52 -5.78 -11.74 11.81
C SER F 52 -6.77 -10.90 12.63
N THR F 53 -7.32 -11.52 13.68
CA THR F 53 -8.28 -10.97 14.65
C THR F 53 -7.70 -9.72 15.33
N THR F 54 -6.38 -9.76 15.61
CA THR F 54 -5.62 -8.69 16.24
C THR F 54 -4.41 -8.30 15.36
N LEU F 55 -4.02 -7.02 15.38
CA LEU F 55 -2.86 -6.51 14.65
C LEU F 55 -1.82 -5.92 15.60
N THR F 56 -0.53 -6.23 15.34
CA THR F 56 0.62 -5.70 16.08
C THR F 56 1.12 -4.53 15.22
N PHE F 57 1.12 -3.30 15.79
CA PHE F 57 1.49 -2.09 15.06
C PHE F 57 2.15 -1.03 15.96
N TYR F 58 2.93 -0.10 15.34
CA TYR F 58 3.54 1.00 16.07
C TYR F 58 2.59 2.21 16.02
N LYS F 59 2.27 2.81 17.18
CA LYS F 59 1.40 3.99 17.27
C LYS F 59 2.21 5.26 17.55
N SER F 60 3.54 5.10 17.77
CA SER F 60 4.51 6.15 18.08
C SER F 60 5.87 5.85 17.48
N GLY F 61 6.66 6.90 17.22
CA GLY F 61 8.01 6.77 16.70
C GLY F 61 8.34 7.58 15.47
N THR F 62 9.64 7.73 15.22
CA THR F 62 10.18 8.45 14.08
C THR F 62 10.57 7.41 13.03
N PHE F 63 9.93 7.50 11.85
CA PHE F 63 10.15 6.57 10.74
C PHE F 63 10.56 7.34 9.49
N ARG F 64 11.56 6.80 8.76
CA ARG F 64 12.02 7.40 7.51
C ARG F 64 11.00 7.07 6.43
N TYR F 65 10.74 8.04 5.54
CA TYR F 65 9.79 7.93 4.43
C TYR F 65 9.96 6.65 3.61
N GLU F 66 11.21 6.31 3.21
CA GLU F 66 11.55 5.13 2.39
C GLU F 66 11.22 3.78 3.04
N ASP F 67 11.25 3.72 4.38
CA ASP F 67 10.99 2.51 5.17
C ASP F 67 9.51 2.08 5.16
N VAL F 68 8.60 3.06 5.08
CA VAL F 68 7.14 2.85 5.10
C VAL F 68 6.66 2.31 3.74
N LEU F 69 5.96 1.15 3.74
CA LEU F 69 5.41 0.57 2.52
C LEU F 69 4.06 1.22 2.21
N TRP F 70 4.12 2.37 1.53
CA TRP F 70 2.96 3.18 1.14
C TRP F 70 2.05 2.47 0.12
N PRO F 71 0.71 2.69 0.14
CA PRO F 71 -0.15 2.05 -0.87
C PRO F 71 -0.01 2.73 -2.24
N GLU F 72 -0.28 1.99 -3.34
CA GLU F 72 -0.18 2.50 -4.71
C GLU F 72 -1.09 3.72 -4.96
N ALA F 73 -2.28 3.74 -4.33
CA ALA F 73 -3.25 4.83 -4.45
C ALA F 73 -2.72 6.17 -3.94
N ALA F 74 -1.75 6.13 -3.00
CA ALA F 74 -1.11 7.33 -2.48
C ALA F 74 -0.07 7.77 -3.51
N SER F 75 -0.41 8.82 -4.29
CA SER F 75 0.41 9.36 -5.36
C SER F 75 1.15 10.64 -4.95
N ASP F 76 0.52 11.47 -4.10
CA ASP F 76 1.11 12.72 -3.63
C ASP F 76 2.15 12.48 -2.55
N GLU F 77 3.38 12.96 -2.81
CA GLU F 77 4.55 12.87 -1.93
C GLU F 77 4.30 13.63 -0.63
N THR F 78 3.61 14.80 -0.71
CA THR F 78 3.28 15.66 0.44
C THR F 78 2.21 15.02 1.34
N LYS F 79 1.12 14.51 0.71
CA LYS F 79 -0.01 13.87 1.40
C LYS F 79 0.41 12.62 2.19
N LYS F 80 1.49 11.95 1.76
CA LYS F 80 2.06 10.76 2.42
C LYS F 80 2.78 11.15 3.71
N ARG F 81 3.55 12.25 3.69
CA ARG F 81 4.28 12.75 4.86
C ARG F 81 3.33 13.21 5.98
N THR F 82 2.22 13.87 5.60
CA THR F 82 1.21 14.42 6.52
C THR F 82 0.09 13.44 6.91
N ALA F 83 0.17 12.17 6.46
CA ALA F 83 -0.83 11.12 6.74
C ALA F 83 -0.97 10.79 8.23
N PHE F 84 0.10 10.96 9.01
CA PHE F 84 0.14 10.66 10.43
C PHE F 84 -0.02 11.91 11.33
N ALA F 85 -0.77 12.92 10.83
CA ALA F 85 -1.04 14.16 11.56
C ALA F 85 -2.05 13.88 12.68
N GLY F 86 -1.70 14.30 13.90
CA GLY F 86 -2.52 14.09 15.08
C GLY F 86 -2.17 12.85 15.88
N THR F 87 -1.05 12.19 15.52
CA THR F 87 -0.55 10.98 16.20
C THR F 87 0.90 11.20 16.64
N ALA F 88 1.44 10.24 17.42
CA ALA F 88 2.81 10.29 17.91
C ALA F 88 3.84 9.80 16.87
N ILE F 89 3.36 9.41 15.65
CA ILE F 89 4.19 8.97 14.52
C ILE F 89 4.78 10.20 13.82
N SER F 90 6.09 10.18 13.54
CA SER F 90 6.80 11.25 12.82
C SER F 90 7.47 10.68 11.54
N ILE F 91 7.23 11.32 10.39
CA ILE F 91 7.80 10.91 9.10
C ILE F 91 8.99 11.81 8.74
N VAL F 92 10.17 11.21 8.47
CA VAL F 92 11.39 11.93 8.14
C VAL F 92 11.71 11.85 6.64
N GLY F 93 11.82 13.03 6.03
CA GLY F 93 12.15 13.21 4.62
C GLY F 93 11.02 12.83 3.69
N SER F 94 11.32 12.79 2.39
CA SER F 94 10.38 12.42 1.34
C SER F 94 11.01 11.39 0.39
N GLY F 95 10.31 11.09 -0.70
CA GLY F 95 10.76 10.13 -1.70
C GLY F 95 11.97 10.61 -2.47
N SER F 96 12.84 9.66 -2.83
CA SER F 96 14.04 9.92 -3.62
C SER F 96 13.62 10.14 -5.08
N PRO F 97 14.41 10.82 -5.95
CA PRO F 97 13.99 10.95 -7.37
C PRO F 97 14.06 9.61 -8.11
N LYS F 98 13.42 9.49 -9.31
CA LYS F 98 13.37 8.22 -10.07
C LYS F 98 13.62 8.36 -11.60
N ARG F 99 13.30 7.28 -12.38
CA ARG F 99 13.44 7.14 -13.85
C ARG F 99 12.63 5.91 -14.42
N LYS F 100 12.70 5.65 -15.76
CA LYS F 100 11.99 4.54 -16.43
C LYS F 100 12.76 3.91 -17.64
N ARG F 101 12.49 2.61 -17.98
CA ARG F 101 13.15 1.87 -19.07
C ARG F 101 12.23 1.01 -19.98
N LYS F 102 12.78 0.51 -21.13
CA LYS F 102 12.07 -0.28 -22.16
C LYS F 102 13.06 -1.06 -23.09
N ARG F 103 12.71 -2.31 -23.54
CA ARG F 103 13.53 -3.16 -24.46
C ARG F 103 12.69 -4.14 -25.30
N LYS F 104 13.00 -4.29 -26.63
CA LYS F 104 12.26 -5.16 -27.58
C LYS F 104 13.00 -5.41 -28.94
N ARG F 105 12.60 -6.49 -29.70
CA ARG F 105 13.17 -6.84 -31.02
C ARG F 105 12.34 -6.23 -32.16
N LYS F 106 12.88 -5.18 -32.82
CA LYS F 106 12.26 -4.44 -33.94
C LYS F 106 10.90 -3.84 -33.60
N GLU G 5 0.28 18.35 12.19
CA GLU G 5 0.20 19.17 13.40
C GLU G 5 -1.26 19.56 13.73
N LEU G 6 -1.48 20.23 14.88
CA LEU G 6 -2.80 20.67 15.34
C LEU G 6 -3.45 21.76 14.44
N PRO G 7 -2.73 22.80 13.93
CA PRO G 7 -3.42 23.82 13.12
C PRO G 7 -3.99 23.35 11.78
N GLN G 8 -3.36 22.32 11.16
CA GLN G 8 -3.83 21.78 9.88
C GLN G 8 -5.12 20.97 10.05
N MET G 9 -5.32 20.35 11.23
CA MET G 9 -6.49 19.54 11.56
C MET G 9 -7.73 20.40 11.74
N VAL G 10 -7.55 21.64 12.26
CA VAL G 10 -8.61 22.62 12.48
C VAL G 10 -9.19 23.06 11.12
N GLN G 11 -8.31 23.13 10.08
CA GLN G 11 -8.69 23.44 8.69
C GLN G 11 -9.51 22.28 8.13
N GLN G 12 -9.15 21.03 8.51
CA GLN G 12 -9.83 19.78 8.12
C GLN G 12 -11.22 19.63 8.76
N LEU G 13 -11.54 20.47 9.77
CA LEU G 13 -12.86 20.51 10.41
C LEU G 13 -13.78 21.37 9.54
N ASN G 14 -13.20 22.04 8.52
CA ASN G 14 -13.87 22.89 7.54
C ASN G 14 -13.59 22.32 6.13
N SER G 15 -13.57 20.96 6.03
CA SER G 15 -13.31 20.17 4.81
C SER G 15 -14.60 19.55 4.24
N PRO G 16 -14.78 19.53 2.90
CA PRO G 16 -15.99 18.91 2.34
C PRO G 16 -16.02 17.39 2.51
N ASP G 17 -14.83 16.74 2.52
CA ASP G 17 -14.68 15.29 2.69
C ASP G 17 -15.06 14.89 4.11
N GLN G 18 -16.12 14.07 4.24
CA GLN G 18 -16.62 13.59 5.53
C GLN G 18 -15.66 12.64 6.20
N GLN G 19 -14.91 11.84 5.42
CA GLN G 19 -13.90 10.89 5.92
C GLN G 19 -12.67 11.61 6.50
N GLU G 20 -12.22 12.70 5.84
CA GLU G 20 -11.08 13.54 6.28
C GLU G 20 -11.44 14.29 7.57
N LEU G 21 -12.68 14.82 7.62
CA LEU G 21 -13.25 15.54 8.76
C LEU G 21 -13.45 14.60 9.94
N GLN G 22 -13.86 13.33 9.67
CA GLN G 22 -14.09 12.29 10.67
C GLN G 22 -12.80 11.91 11.37
N SER G 23 -11.70 11.75 10.58
CA SER G 23 -10.39 11.38 11.10
C SER G 23 -9.80 12.53 11.91
N ALA G 24 -9.99 13.79 11.44
CA ALA G 24 -9.54 15.00 12.14
C ALA G 24 -10.28 15.12 13.48
N LEU G 25 -11.60 14.84 13.50
CA LEU G 25 -12.44 14.84 14.69
C LEU G 25 -11.99 13.76 15.67
N ARG G 26 -11.75 12.52 15.17
CA ARG G 26 -11.30 11.38 15.96
C ARG G 26 -9.93 11.61 16.57
N LYS G 27 -8.97 12.15 15.78
CA LYS G 27 -7.61 12.48 16.24
C LYS G 27 -7.64 13.52 17.34
N LEU G 28 -8.39 14.64 17.12
CA LEU G 28 -8.55 15.72 18.10
C LEU G 28 -9.18 15.23 19.39
N SER G 29 -10.16 14.30 19.29
CA SER G 29 -10.86 13.67 20.41
C SER G 29 -9.90 12.84 21.28
N GLN G 30 -8.94 12.15 20.64
CA GLN G 30 -7.94 11.30 21.30
C GLN G 30 -6.87 12.13 22.01
N ILE G 31 -6.50 13.29 21.42
CA ILE G 31 -5.52 14.22 22.00
C ILE G 31 -6.16 14.85 23.25
N ALA G 32 -7.45 15.22 23.16
CA ALA G 32 -8.26 15.79 24.24
C ALA G 32 -8.43 14.85 25.45
N SER G 33 -8.06 13.57 25.31
CA SER G 33 -8.14 12.58 26.39
C SER G 33 -6.78 12.37 27.08
N GLY G 34 -5.75 13.09 26.60
CA GLY G 34 -4.38 12.98 27.11
C GLY G 34 -3.94 14.08 28.04
N GLY G 35 -4.74 14.35 29.07
CA GLY G 35 -4.43 15.35 30.08
C GLY G 35 -4.59 16.79 29.66
N ASN G 36 -4.59 17.70 30.66
CA ASN G 36 -4.77 19.15 30.52
C ASN G 36 -3.79 19.84 29.57
N GLU G 37 -2.50 19.39 29.57
CA GLU G 37 -1.46 19.96 28.70
C GLU G 37 -1.83 19.80 27.22
N GLN G 38 -2.38 18.63 26.86
CA GLN G 38 -2.84 18.33 25.51
C GLN G 38 -4.16 19.04 25.20
N ILE G 39 -5.08 19.13 26.20
CA ILE G 39 -6.37 19.83 26.08
C ILE G 39 -6.14 21.29 25.72
N GLN G 40 -5.17 21.96 26.38
CA GLN G 40 -4.81 23.34 26.11
C GLN G 40 -4.33 23.57 24.69
N ALA G 41 -3.53 22.62 24.15
CA ALA G 41 -3.01 22.66 22.78
C ALA G 41 -4.14 22.64 21.74
N VAL G 42 -5.26 21.92 22.04
CA VAL G 42 -6.46 21.82 21.20
C VAL G 42 -7.20 23.17 21.21
N ILE G 43 -7.38 23.77 22.42
CA ILE G 43 -8.03 25.08 22.61
C ILE G 43 -7.23 26.17 21.88
N ASP G 44 -5.89 26.26 22.15
CA ASP G 44 -4.95 27.22 21.56
C ASP G 44 -4.86 27.14 20.03
N ALA G 45 -5.17 25.97 19.45
CA ALA G 45 -5.18 25.75 18.00
C ALA G 45 -6.42 26.38 17.35
N GLY G 46 -7.41 26.75 18.18
CA GLY G 46 -8.67 27.36 17.76
C GLY G 46 -9.69 26.36 17.27
N ALA G 47 -9.75 25.17 17.91
CA ALA G 47 -10.65 24.08 17.56
C ALA G 47 -12.09 24.27 18.03
N LEU G 48 -12.30 24.94 19.18
CA LEU G 48 -13.60 25.16 19.80
C LEU G 48 -14.69 25.80 18.88
N PRO G 49 -14.45 26.89 18.09
CA PRO G 49 -15.54 27.44 17.25
C PRO G 49 -16.13 26.45 16.23
N ALA G 50 -15.29 25.61 15.60
CA ALA G 50 -15.75 24.60 14.64
C ALA G 50 -16.52 23.47 15.34
N LEU G 51 -16.05 23.03 16.53
CA LEU G 51 -16.66 21.97 17.32
C LEU G 51 -18.08 22.33 17.77
N VAL G 52 -18.30 23.60 18.17
CA VAL G 52 -19.62 24.10 18.59
C VAL G 52 -20.54 24.20 17.35
N GLN G 53 -19.95 24.51 16.18
CA GLN G 53 -20.68 24.58 14.91
C GLN G 53 -21.11 23.17 14.45
N LEU G 54 -20.23 22.17 14.66
CA LEU G 54 -20.48 20.76 14.32
C LEU G 54 -21.60 20.13 15.16
N LEU G 55 -22.08 20.83 16.20
CA LEU G 55 -23.18 20.37 17.05
C LEU G 55 -24.53 20.51 16.31
N SER G 56 -24.59 21.39 15.30
CA SER G 56 -25.76 21.63 14.45
C SER G 56 -25.75 20.74 13.18
N SER G 57 -24.83 19.74 13.13
CA SER G 57 -24.65 18.83 11.99
C SER G 57 -25.74 17.78 11.87
N PRO G 58 -26.24 17.54 10.62
CA PRO G 58 -27.24 16.48 10.43
C PRO G 58 -26.62 15.08 10.39
N ASN G 59 -25.26 14.98 10.34
CA ASN G 59 -24.52 13.72 10.30
C ASN G 59 -24.26 13.24 11.74
N GLU G 60 -24.94 12.13 12.14
CA GLU G 60 -24.86 11.52 13.48
C GLU G 60 -23.44 11.11 13.88
N GLN G 61 -22.61 10.69 12.91
CA GLN G 61 -21.22 10.30 13.18
C GLN G 61 -20.38 11.54 13.48
N ILE G 62 -20.60 12.65 12.73
CA ILE G 62 -19.87 13.91 12.96
C ILE G 62 -20.28 14.53 14.30
N LEU G 63 -21.60 14.51 14.60
CA LEU G 63 -22.17 15.03 15.84
C LEU G 63 -21.62 14.30 17.08
N GLN G 64 -21.51 12.96 17.04
CA GLN G 64 -20.98 12.17 18.17
C GLN G 64 -19.53 12.49 18.49
N GLU G 65 -18.65 12.46 17.47
CA GLU G 65 -17.22 12.74 17.60
C GLU G 65 -16.96 14.17 18.10
N ALA G 66 -17.82 15.14 17.71
CA ALA G 66 -17.73 16.54 18.14
C ALA G 66 -18.09 16.66 19.62
N LEU G 67 -19.06 15.85 20.08
CA LEU G 67 -19.49 15.79 21.47
C LEU G 67 -18.42 15.10 22.32
N TRP G 68 -17.75 14.07 21.78
CA TRP G 68 -16.66 13.34 22.44
C TRP G 68 -15.50 14.29 22.71
N THR G 69 -15.15 15.14 21.71
CA THR G 69 -14.08 16.14 21.79
C THR G 69 -14.43 17.20 22.84
N LEU G 70 -15.63 17.82 22.72
CA LEU G 70 -16.11 18.85 23.65
C LEU G 70 -16.26 18.35 25.08
N GLY G 71 -16.69 17.11 25.25
CA GLY G 71 -16.84 16.47 26.56
C GLY G 71 -15.50 16.16 27.20
N ASN G 72 -14.49 15.83 26.38
CA ASN G 72 -13.12 15.55 26.82
C ASN G 72 -12.38 16.83 27.18
N ILE G 73 -12.64 17.94 26.46
CA ILE G 73 -12.05 19.25 26.74
C ILE G 73 -12.61 19.71 28.11
N ALA G 74 -13.93 19.48 28.32
CA ALA G 74 -14.67 19.79 29.54
C ALA G 74 -14.27 18.88 30.71
N SER G 75 -13.39 17.90 30.46
CA SER G 75 -12.91 16.99 31.49
C SER G 75 -11.63 17.51 32.17
N GLY G 76 -11.09 18.61 31.65
CA GLY G 76 -9.88 19.25 32.17
C GLY G 76 -10.18 20.27 33.25
N GLY G 77 -9.28 21.23 33.39
CA GLY G 77 -9.37 22.32 34.37
C GLY G 77 -10.55 23.24 34.15
N ASN G 78 -10.89 24.04 35.18
CA ASN G 78 -12.00 25.00 35.16
C ASN G 78 -11.85 26.06 34.07
N GLU G 79 -10.60 26.45 33.76
CA GLU G 79 -10.25 27.43 32.72
C GLU G 79 -10.46 26.82 31.32
N GLN G 80 -10.35 25.48 31.23
CA GLN G 80 -10.56 24.70 30.00
C GLN G 80 -12.05 24.51 29.82
N ILE G 81 -12.80 24.35 30.94
CA ILE G 81 -14.26 24.22 30.95
C ILE G 81 -14.89 25.55 30.53
N GLN G 82 -14.39 26.67 31.10
CA GLN G 82 -14.86 28.02 30.79
C GLN G 82 -14.71 28.35 29.30
N ALA G 83 -13.60 27.90 28.67
CA ALA G 83 -13.32 28.10 27.24
C ALA G 83 -14.43 27.52 26.36
N VAL G 84 -14.94 26.32 26.73
CA VAL G 84 -16.06 25.62 26.06
C VAL G 84 -17.35 26.44 26.21
N ILE G 85 -17.59 27.02 27.41
CA ILE G 85 -18.76 27.87 27.70
C ILE G 85 -18.69 29.14 26.85
N ASP G 86 -17.52 29.84 26.90
CA ASP G 86 -17.22 31.07 26.15
C ASP G 86 -17.43 30.90 24.65
N ALA G 87 -17.16 29.68 24.13
CA ALA G 87 -17.34 29.28 22.74
C ALA G 87 -18.83 29.18 22.34
N GLY G 88 -19.72 29.11 23.34
CA GLY G 88 -21.17 29.05 23.16
C GLY G 88 -21.73 27.66 22.96
N ALA G 89 -21.16 26.64 23.64
CA ALA G 89 -21.59 25.26 23.51
C ALA G 89 -22.87 24.91 24.26
N LEU G 90 -23.14 25.57 25.40
CA LEU G 90 -24.29 25.32 26.27
C LEU G 90 -25.66 25.47 25.60
N PRO G 91 -25.97 26.54 24.80
CA PRO G 91 -27.29 26.60 24.14
C PRO G 91 -27.60 25.40 23.24
N ALA G 92 -26.59 24.92 22.46
CA ALA G 92 -26.71 23.78 21.57
C ALA G 92 -26.84 22.47 22.35
N LEU G 93 -26.12 22.36 23.48
CA LEU G 93 -26.14 21.19 24.36
C LEU G 93 -27.50 20.99 25.03
N VAL G 94 -28.18 22.10 25.39
CA VAL G 94 -29.50 22.10 26.00
C VAL G 94 -30.56 21.71 24.95
N GLN G 95 -30.34 22.12 23.68
CA GLN G 95 -31.19 21.76 22.54
C GLN G 95 -31.09 20.26 22.25
N LEU G 96 -29.87 19.69 22.39
CA LEU G 96 -29.60 18.27 22.17
C LEU G 96 -30.25 17.35 23.23
N LEU G 97 -30.77 17.92 24.34
CA LEU G 97 -31.45 17.16 25.38
C LEU G 97 -32.88 16.75 24.97
N SER G 98 -33.40 17.34 23.88
CA SER G 98 -34.73 17.04 23.35
C SER G 98 -34.63 16.08 22.14
N SER G 99 -33.42 15.56 21.86
CA SER G 99 -33.14 14.66 20.75
C SER G 99 -33.81 13.29 20.90
N PRO G 100 -34.43 12.76 19.81
CA PRO G 100 -35.02 11.41 19.90
C PRO G 100 -33.94 10.32 19.79
N ASN G 101 -32.68 10.72 19.46
CA ASN G 101 -31.53 9.82 19.35
C ASN G 101 -30.95 9.59 20.75
N GLU G 102 -31.15 8.37 21.30
CA GLU G 102 -30.68 7.98 22.65
C GLU G 102 -29.17 8.12 22.85
N GLN G 103 -28.38 7.83 21.80
CA GLN G 103 -26.92 7.94 21.85
C GLN G 103 -26.47 9.39 22.00
N ILE G 104 -27.01 10.30 21.16
CA ILE G 104 -26.67 11.74 21.16
C ILE G 104 -27.11 12.42 22.48
N LEU G 105 -28.29 12.04 23.01
CA LEU G 105 -28.83 12.53 24.27
C LEU G 105 -27.86 12.24 25.41
N GLN G 106 -27.34 11.00 25.45
CA GLN G 106 -26.37 10.51 26.44
C GLN G 106 -25.03 11.26 26.33
N GLU G 107 -24.57 11.58 25.10
CA GLU G 107 -23.31 12.29 24.87
C GLU G 107 -23.43 13.76 25.30
N ALA G 108 -24.64 14.34 25.09
CA ALA G 108 -24.95 15.73 25.46
C ALA G 108 -25.03 15.86 26.98
N LEU G 109 -25.65 14.85 27.66
CA LEU G 109 -25.78 14.77 29.12
C LEU G 109 -24.41 14.65 29.78
N TRP G 110 -23.54 13.79 29.21
CA TRP G 110 -22.18 13.55 29.68
C TRP G 110 -21.31 14.80 29.53
N THR G 111 -21.44 15.54 28.40
CA THR G 111 -20.71 16.79 28.17
C THR G 111 -21.15 17.86 29.20
N LEU G 112 -22.47 17.98 29.43
CA LEU G 112 -23.07 18.90 30.40
C LEU G 112 -22.64 18.59 31.84
N GLY G 113 -22.47 17.31 32.14
CA GLY G 113 -22.02 16.83 33.44
C GLY G 113 -20.58 17.22 33.71
N ASN G 114 -19.72 17.07 32.68
CA ASN G 114 -18.30 17.43 32.76
C ASN G 114 -18.13 18.95 32.91
N ILE G 115 -19.01 19.74 32.25
CA ILE G 115 -19.01 21.20 32.40
C ILE G 115 -19.45 21.56 33.84
N ALA G 116 -20.45 20.81 34.37
CA ALA G 116 -20.97 21.02 35.73
C ALA G 116 -20.04 20.45 36.83
N SER G 117 -18.88 19.88 36.43
CA SER G 117 -17.88 19.34 37.36
C SER G 117 -16.87 20.44 37.74
N GLY G 118 -16.92 21.57 37.03
CA GLY G 118 -16.08 22.73 37.27
C GLY G 118 -16.51 23.51 38.49
N GLY G 119 -16.12 24.78 38.54
CA GLY G 119 -16.45 25.70 39.64
C GLY G 119 -17.89 26.17 39.61
N ASN G 120 -18.28 26.96 40.63
CA ASN G 120 -19.61 27.53 40.82
C ASN G 120 -20.11 28.39 39.66
N GLU G 121 -19.20 29.11 38.98
CA GLU G 121 -19.51 29.96 37.82
C GLU G 121 -19.81 29.09 36.60
N GLN G 122 -19.10 27.95 36.48
CA GLN G 122 -19.29 26.96 35.42
C GLN G 122 -20.62 26.25 35.62
N ILE G 123 -20.98 25.93 36.89
CA ILE G 123 -22.24 25.28 37.26
C ILE G 123 -23.43 26.24 37.00
N GLN G 124 -23.27 27.54 37.34
CA GLN G 124 -24.32 28.54 37.15
C GLN G 124 -24.62 28.77 35.68
N ALA G 125 -23.58 28.65 34.81
CA ALA G 125 -23.69 28.77 33.36
C ALA G 125 -24.60 27.67 32.80
N VAL G 126 -24.53 26.45 33.39
CA VAL G 126 -25.34 25.28 33.04
C VAL G 126 -26.80 25.53 33.47
N ILE G 127 -27.00 26.18 34.64
CA ILE G 127 -28.32 26.52 35.19
C ILE G 127 -28.99 27.60 34.33
N ASP G 128 -28.24 28.69 34.01
CA ASP G 128 -28.72 29.81 33.19
C ASP G 128 -29.03 29.41 31.74
N ALA G 129 -28.39 28.33 31.24
CA ALA G 129 -28.64 27.79 29.90
C ALA G 129 -30.00 27.08 29.82
N GLY G 130 -30.56 26.74 30.99
CA GLY G 130 -31.86 26.09 31.11
C GLY G 130 -31.79 24.58 31.02
N ALA G 131 -30.75 23.98 31.61
CA ALA G 131 -30.56 22.54 31.57
C ALA G 131 -31.43 21.78 32.58
N LEU G 132 -31.68 22.38 33.78
CA LEU G 132 -32.43 21.79 34.89
C LEU G 132 -33.85 21.26 34.55
N PRO G 133 -34.77 21.99 33.85
CA PRO G 133 -36.11 21.41 33.56
C PRO G 133 -36.05 20.12 32.75
N ALA G 134 -35.10 20.02 31.80
CA ALA G 134 -34.89 18.83 30.98
C ALA G 134 -34.31 17.69 31.82
N LEU G 135 -33.34 18.00 32.71
CA LEU G 135 -32.70 17.02 33.61
C LEU G 135 -33.70 16.38 34.56
N VAL G 136 -34.62 17.20 35.12
CA VAL G 136 -35.67 16.75 36.04
C VAL G 136 -36.67 15.84 35.31
N GLN G 137 -37.01 16.20 34.05
CA GLN G 137 -37.90 15.40 33.19
C GLN G 137 -37.27 14.04 32.89
N LEU G 138 -35.94 14.01 32.66
CA LEU G 138 -35.20 12.78 32.38
C LEU G 138 -35.08 11.85 33.59
N LEU G 139 -35.49 12.30 34.81
CA LEU G 139 -35.46 11.46 36.01
C LEU G 139 -36.58 10.41 35.98
N SER G 140 -37.58 10.61 35.09
CA SER G 140 -38.69 9.69 34.86
C SER G 140 -38.44 8.80 33.62
N SER G 141 -37.19 8.80 33.10
CA SER G 141 -36.80 8.03 31.91
C SER G 141 -36.79 6.51 32.17
N PRO G 142 -37.41 5.71 31.26
CA PRO G 142 -37.34 4.25 31.43
C PRO G 142 -35.99 3.69 30.94
N ASN G 143 -35.19 4.51 30.23
CA ASN G 143 -33.87 4.16 29.73
C ASN G 143 -32.86 4.43 30.85
N GLU G 144 -32.25 3.34 31.39
CA GLU G 144 -31.29 3.39 32.51
C GLU G 144 -29.99 4.14 32.19
N GLN G 145 -29.56 4.17 30.92
CA GLN G 145 -28.33 4.84 30.50
C GLN G 145 -28.48 6.37 30.54
N ILE G 146 -29.65 6.86 30.09
CA ILE G 146 -29.99 8.29 30.07
C ILE G 146 -30.23 8.79 31.50
N LEU G 147 -30.97 8.00 32.31
CA LEU G 147 -31.25 8.29 33.71
C LEU G 147 -29.93 8.42 34.51
N GLN G 148 -28.98 7.47 34.29
CA GLN G 148 -27.66 7.48 34.91
C GLN G 148 -26.89 8.76 34.57
N GLU G 149 -26.90 9.18 33.29
CA GLU G 149 -26.20 10.38 32.85
C GLU G 149 -26.84 11.66 33.35
N ALA G 150 -28.17 11.68 33.46
CA ALA G 150 -28.93 12.83 33.93
C ALA G 150 -28.70 13.03 35.44
N LEU G 151 -28.71 11.93 36.22
CA LEU G 151 -28.46 11.92 37.67
C LEU G 151 -27.05 12.41 37.98
N TRP G 152 -26.06 11.94 37.20
CA TRP G 152 -24.66 12.30 37.29
C TRP G 152 -24.46 13.80 37.08
N THR G 153 -25.18 14.38 36.09
CA THR G 153 -25.14 15.80 35.77
C THR G 153 -25.83 16.61 36.89
N LEU G 154 -27.03 16.17 37.31
CA LEU G 154 -27.83 16.79 38.37
C LEU G 154 -27.08 16.82 39.71
N GLY G 155 -26.33 15.74 40.01
CA GLY G 155 -25.48 15.62 41.18
C GLY G 155 -24.29 16.57 41.14
N ASN G 156 -23.74 16.78 39.93
CA ASN G 156 -22.63 17.71 39.66
C ASN G 156 -23.06 19.16 39.86
N ILE G 157 -24.34 19.47 39.55
CA ILE G 157 -24.90 20.81 39.74
C ILE G 157 -25.11 21.05 41.26
N ALA G 158 -25.60 20.02 41.99
CA ALA G 158 -25.84 20.04 43.43
C ALA G 158 -24.54 20.15 44.27
N SER G 159 -23.35 20.00 43.62
CA SER G 159 -22.05 20.12 44.30
C SER G 159 -21.54 21.57 44.41
N GLY G 160 -22.27 22.52 43.81
CA GLY G 160 -21.93 23.93 43.89
C GLY G 160 -22.36 24.54 45.21
N GLY G 161 -22.48 25.86 45.24
CA GLY G 161 -22.93 26.59 46.42
C GLY G 161 -24.42 26.48 46.63
N ASN G 162 -24.94 27.07 47.71
CA ASN G 162 -26.36 27.04 48.09
C ASN G 162 -27.31 27.58 47.02
N GLU G 163 -26.85 28.56 46.22
CA GLU G 163 -27.60 29.16 45.12
C GLU G 163 -27.81 28.16 43.96
N GLN G 164 -26.81 27.28 43.71
CA GLN G 164 -26.86 26.23 42.71
C GLN G 164 -27.73 25.08 43.22
N ILE G 165 -27.63 24.77 44.54
CA ILE G 165 -28.41 23.74 45.24
C ILE G 165 -29.89 24.14 45.24
N GLN G 166 -30.18 25.44 45.47
CA GLN G 166 -31.56 25.95 45.48
C GLN G 166 -32.23 25.83 44.12
N ALA G 167 -31.47 26.12 43.03
CA ALA G 167 -31.95 26.01 41.65
C ALA G 167 -32.43 24.59 41.33
N VAL G 168 -31.74 23.56 41.87
CA VAL G 168 -32.05 22.12 41.77
C VAL G 168 -33.40 21.83 42.47
N ILE G 169 -33.60 22.41 43.69
CA ILE G 169 -34.82 22.28 44.51
C ILE G 169 -36.02 22.94 43.82
N ASP G 170 -35.82 24.17 43.28
CA ASP G 170 -36.85 24.97 42.58
C ASP G 170 -37.28 24.33 41.26
N ALA G 171 -36.39 23.53 40.63
CA ALA G 171 -36.66 22.80 39.39
C ALA G 171 -37.59 21.59 39.66
N GLY G 172 -37.66 21.16 40.92
CA GLY G 172 -38.51 20.07 41.38
C GLY G 172 -37.86 18.70 41.32
N ALA G 173 -36.55 18.65 41.59
CA ALA G 173 -35.75 17.42 41.54
C ALA G 173 -36.00 16.49 42.74
N LEU G 174 -36.17 17.07 43.95
CA LEU G 174 -36.35 16.33 45.21
C LEU G 174 -37.49 15.27 45.22
N PRO G 175 -38.75 15.51 44.74
CA PRO G 175 -39.75 14.43 44.77
C PRO G 175 -39.36 13.20 43.94
N ALA G 176 -38.66 13.42 42.81
CA ALA G 176 -38.18 12.38 41.90
C ALA G 176 -37.03 11.58 42.53
N LEU G 177 -36.04 12.27 43.15
CA LEU G 177 -34.89 11.64 43.80
C LEU G 177 -35.29 10.75 44.97
N VAL G 178 -36.36 11.14 45.71
CA VAL G 178 -36.91 10.37 46.84
C VAL G 178 -37.55 9.07 46.32
N GLN G 179 -38.20 9.12 45.13
CA GLN G 179 -38.77 7.95 44.48
C GLN G 179 -37.68 6.96 44.05
N LEU G 180 -36.54 7.51 43.55
CA LEU G 180 -35.37 6.75 43.11
C LEU G 180 -34.68 5.97 44.25
N LEU G 181 -35.01 6.28 45.52
CA LEU G 181 -34.46 5.58 46.67
C LEU G 181 -35.07 4.17 46.84
N SER G 182 -36.26 3.95 46.24
CA SER G 182 -36.98 2.68 46.23
C SER G 182 -36.53 1.79 45.04
N SER G 183 -35.60 2.30 44.19
CA SER G 183 -35.09 1.62 43.00
C SER G 183 -34.37 0.30 43.30
N PRO G 184 -34.67 -0.78 42.51
CA PRO G 184 -33.93 -2.04 42.70
C PRO G 184 -32.55 -2.00 42.03
N ASN G 185 -32.27 -0.95 41.23
CA ASN G 185 -31.02 -0.73 40.51
C ASN G 185 -30.03 -0.03 41.42
N GLU G 186 -28.96 -0.74 41.81
CA GLU G 186 -27.91 -0.24 42.71
C GLU G 186 -27.12 0.96 42.18
N GLN G 187 -26.98 1.08 40.85
CA GLN G 187 -26.26 2.18 40.20
C GLN G 187 -27.07 3.48 40.27
N ILE G 188 -28.39 3.41 39.97
CA ILE G 188 -29.32 4.54 40.02
C ILE G 188 -29.46 5.00 41.47
N LEU G 189 -29.61 4.03 42.41
CA LEU G 189 -29.73 4.26 43.84
C LEU G 189 -28.51 4.99 44.42
N GLN G 190 -27.28 4.56 44.12
CA GLN G 190 -26.07 5.24 44.62
C GLN G 190 -26.01 6.70 44.15
N GLU G 191 -26.43 6.95 42.90
CA GLU G 191 -26.41 8.28 42.28
C GLU G 191 -27.45 9.20 42.88
N ALA G 192 -28.66 8.68 43.15
CA ALA G 192 -29.76 9.43 43.76
C ALA G 192 -29.38 9.81 45.20
N LEU G 193 -28.72 8.89 45.94
CA LEU G 193 -28.22 9.09 47.30
C LEU G 193 -27.12 10.14 47.34
N TRP G 194 -26.23 10.11 46.34
CA TRP G 194 -25.10 11.04 46.24
C TRP G 194 -25.57 12.46 45.88
N THR G 195 -26.60 12.61 45.03
CA THR G 195 -27.13 13.94 44.69
C THR G 195 -27.89 14.54 45.90
N LEU G 196 -28.68 13.70 46.61
CA LEU G 196 -29.42 14.10 47.81
C LEU G 196 -28.47 14.52 48.93
N GLY G 197 -27.32 13.85 49.01
CA GLY G 197 -26.27 14.14 49.98
C GLY G 197 -25.59 15.48 49.72
N ASN G 198 -25.47 15.85 48.42
CA ASN G 198 -24.90 17.11 47.96
C ASN G 198 -25.87 18.26 48.24
N ILE G 199 -27.19 18.02 48.05
CA ILE G 199 -28.25 19.01 48.34
C ILE G 199 -28.31 19.27 49.87
N ALA G 200 -28.12 18.20 50.67
CA ALA G 200 -28.12 18.25 52.14
C ALA G 200 -26.82 18.84 52.72
N SER G 201 -25.79 19.01 51.87
CA SER G 201 -24.50 19.58 52.27
C SER G 201 -24.55 21.12 52.30
N GLY G 202 -25.67 21.69 51.86
CA GLY G 202 -25.89 23.13 51.82
C GLY G 202 -26.32 23.71 53.16
N GLY G 203 -27.18 24.71 53.09
CA GLY G 203 -27.73 25.42 54.25
C GLY G 203 -28.93 24.72 54.86
N ASN G 204 -29.31 25.14 56.07
CA ASN G 204 -30.42 24.61 56.88
C ASN G 204 -31.76 24.53 56.14
N GLU G 205 -32.08 25.53 55.28
CA GLU G 205 -33.33 25.55 54.51
C GLU G 205 -33.30 24.53 53.39
N GLN G 206 -32.12 24.33 52.77
CA GLN G 206 -31.88 23.34 51.73
C GLN G 206 -31.96 21.94 52.33
N ILE G 207 -31.47 21.77 53.58
CA ILE G 207 -31.51 20.52 54.36
C ILE G 207 -32.98 20.20 54.68
N GLN G 208 -33.76 21.22 55.10
CA GLN G 208 -35.18 21.08 55.44
C GLN G 208 -35.99 20.59 54.25
N ALA G 209 -35.71 21.13 53.05
CA ALA G 209 -36.34 20.76 51.79
C ALA G 209 -36.26 19.24 51.54
N VAL G 210 -35.08 18.62 51.85
CA VAL G 210 -34.81 17.18 51.72
C VAL G 210 -35.70 16.38 52.70
N ILE G 211 -35.84 16.86 53.95
CA ILE G 211 -36.66 16.24 55.00
C ILE G 211 -38.14 16.29 54.60
N ASP G 212 -38.60 17.46 54.16
CA ASP G 212 -39.98 17.73 53.72
C ASP G 212 -40.38 16.90 52.51
N ALA G 213 -39.39 16.46 51.70
CA ALA G 213 -39.59 15.63 50.52
C ALA G 213 -39.83 14.15 50.90
N GLY G 214 -39.49 13.80 52.14
CA GLY G 214 -39.63 12.46 52.71
C GLY G 214 -38.45 11.53 52.49
N ALA G 215 -37.24 12.09 52.46
CA ALA G 215 -36.02 11.31 52.24
C ALA G 215 -35.57 10.47 53.44
N LEU G 216 -35.79 10.97 54.68
CA LEU G 216 -35.38 10.28 55.91
C LEU G 216 -35.89 8.83 56.07
N PRO G 217 -37.21 8.49 55.91
CA PRO G 217 -37.62 7.08 56.09
C PRO G 217 -36.80 6.07 55.27
N ALA G 218 -36.59 6.35 53.96
CA ALA G 218 -35.81 5.51 53.05
C ALA G 218 -34.33 5.46 53.42
N LEU G 219 -33.74 6.61 53.83
CA LEU G 219 -32.35 6.74 54.27
C LEU G 219 -32.06 5.89 55.52
N VAL G 220 -33.04 5.82 56.44
CA VAL G 220 -32.93 5.05 57.69
C VAL G 220 -32.90 3.56 57.38
N GLN G 221 -33.76 3.10 56.45
CA GLN G 221 -33.83 1.70 56.00
C GLN G 221 -32.53 1.24 55.35
N LEU G 222 -31.87 2.14 54.61
CA LEU G 222 -30.61 1.86 53.91
C LEU G 222 -29.41 1.72 54.85
N LEU G 223 -29.60 2.00 56.15
CA LEU G 223 -28.58 1.83 57.17
C LEU G 223 -28.46 0.33 57.52
N SER G 224 -29.51 -0.45 57.22
CA SER G 224 -29.59 -1.89 57.45
C SER G 224 -29.16 -2.68 56.19
N SER G 225 -28.66 -1.98 55.16
CA SER G 225 -28.23 -2.55 53.89
C SER G 225 -26.94 -3.38 53.97
N PRO G 226 -26.92 -4.59 53.38
CA PRO G 226 -25.67 -5.37 53.35
C PRO G 226 -24.68 -4.86 52.26
N ASN G 227 -25.09 -3.84 51.49
CA ASN G 227 -24.27 -3.23 50.44
C ASN G 227 -23.46 -2.08 51.03
N GLU G 228 -22.14 -2.29 51.18
CA GLU G 228 -21.21 -1.32 51.74
C GLU G 228 -21.21 0.03 51.02
N GLN G 229 -21.34 0.01 49.70
CA GLN G 229 -21.38 1.20 48.83
C GLN G 229 -22.64 2.06 49.08
N ILE G 230 -23.83 1.41 49.13
CA ILE G 230 -25.13 2.05 49.37
C ILE G 230 -25.20 2.59 50.81
N LEU G 231 -24.76 1.76 51.78
CA LEU G 231 -24.71 2.10 53.20
C LEU G 231 -23.88 3.35 53.45
N GLN G 232 -22.66 3.42 52.90
CA GLN G 232 -21.78 4.59 53.02
C GLN G 232 -22.39 5.84 52.43
N GLU G 233 -23.09 5.72 51.28
CA GLU G 233 -23.76 6.85 50.62
C GLU G 233 -24.96 7.37 51.43
N ALA G 234 -25.73 6.45 52.04
CA ALA G 234 -26.89 6.77 52.86
C ALA G 234 -26.42 7.45 54.17
N LEU G 235 -25.31 6.95 54.77
CA LEU G 235 -24.68 7.49 55.97
C LEU G 235 -24.20 8.92 55.79
N TRP G 236 -23.56 9.22 54.65
N TRP G 236 -23.57 9.22 54.64
CA TRP G 236 -23.04 10.55 54.31
CA TRP G 236 -23.04 10.54 54.29
C TRP G 236 -24.18 11.58 54.14
C TRP G 236 -24.16 11.57 54.11
N THR G 237 -25.32 11.14 53.57
CA THR G 237 -26.50 11.98 53.37
C THR G 237 -27.13 12.32 54.73
N LEU G 238 -27.27 11.30 55.61
CA LEU G 238 -27.81 11.44 56.96
C LEU G 238 -26.94 12.34 57.82
N GLY G 239 -25.61 12.18 57.72
CA GLY G 239 -24.64 12.99 58.43
C GLY G 239 -24.69 14.46 58.06
N ASN G 240 -24.95 14.74 56.78
CA ASN G 240 -25.09 16.10 56.23
C ASN G 240 -26.37 16.74 56.72
N ILE G 241 -27.47 15.95 56.80
CA ILE G 241 -28.76 16.40 57.32
C ILE G 241 -28.59 16.72 58.82
N ALA G 242 -27.88 15.82 59.55
CA ALA G 242 -27.61 15.97 60.98
C ALA G 242 -26.66 17.14 61.32
N SER G 243 -26.05 17.77 60.30
CA SER G 243 -25.14 18.91 60.46
C SER G 243 -25.90 20.25 60.51
N GLY G 244 -27.22 20.21 60.30
CA GLY G 244 -28.09 21.39 60.38
C GLY G 244 -28.47 21.76 61.79
N GLY G 245 -29.55 22.55 61.92
CA GLY G 245 -30.09 22.99 63.19
C GLY G 245 -30.79 21.90 63.97
N ASN G 246 -31.14 22.19 65.23
CA ASN G 246 -31.81 21.25 66.17
C ASN G 246 -33.10 20.61 65.63
N GLU G 247 -33.87 21.36 64.80
CA GLU G 247 -35.11 20.92 64.18
C GLU G 247 -34.83 19.81 63.16
N GLN G 248 -33.72 19.95 62.42
CA GLN G 248 -33.26 18.99 61.41
C GLN G 248 -32.67 17.75 62.07
N ILE G 249 -31.92 17.94 63.18
CA ILE G 249 -31.31 16.87 63.98
C ILE G 249 -32.43 16.02 64.61
N GLN G 250 -33.50 16.68 65.08
CA GLN G 250 -34.64 16.03 65.72
C GLN G 250 -35.41 15.13 64.74
N ALA G 251 -35.59 15.57 63.49
CA ALA G 251 -36.26 14.81 62.42
C ALA G 251 -35.54 13.47 62.14
N VAL G 252 -34.19 13.48 62.26
CA VAL G 252 -33.31 12.32 62.09
C VAL G 252 -33.59 11.31 63.22
N ILE G 253 -33.67 11.80 64.47
CA ILE G 253 -33.98 11.01 65.67
C ILE G 253 -35.40 10.44 65.55
N ASP G 254 -36.37 11.29 65.14
CA ASP G 254 -37.78 10.94 64.94
C ASP G 254 -37.98 9.83 63.89
N ALA G 255 -37.07 9.74 62.89
CA ALA G 255 -37.12 8.72 61.83
C ALA G 255 -36.56 7.35 62.27
N GLY G 256 -35.97 7.29 63.47
CA GLY G 256 -35.42 6.07 64.07
C GLY G 256 -34.01 5.72 63.66
N ALA G 257 -33.20 6.74 63.32
CA ALA G 257 -31.80 6.56 62.89
C ALA G 257 -30.83 6.10 63.99
N LEU G 258 -31.06 6.50 65.25
CA LEU G 258 -30.17 6.19 66.38
C LEU G 258 -29.99 4.69 66.64
N PRO G 259 -31.04 3.83 66.76
CA PRO G 259 -30.78 2.38 66.95
C PRO G 259 -29.90 1.78 65.86
N ALA G 260 -30.14 2.12 64.58
CA ALA G 260 -29.37 1.66 63.43
C ALA G 260 -27.93 2.20 63.47
N LEU G 261 -27.75 3.49 63.77
CA LEU G 261 -26.44 4.15 63.87
C LEU G 261 -25.57 3.58 64.99
N VAL G 262 -26.19 3.20 66.12
CA VAL G 262 -25.52 2.61 67.29
C VAL G 262 -24.98 1.21 66.94
N GLN G 263 -25.76 0.43 66.16
CA GLN G 263 -25.37 -0.90 65.70
C GLN G 263 -24.15 -0.83 64.78
N LEU G 264 -24.04 0.25 63.96
CA LEU G 264 -22.91 0.48 63.04
C LEU G 264 -21.60 0.77 63.77
N LEU G 265 -21.67 1.07 65.09
CA LEU G 265 -20.50 1.33 65.92
C LEU G 265 -19.76 0.03 66.26
N SER G 266 -20.39 -1.11 65.92
CA SER G 266 -19.84 -2.46 66.11
C SER G 266 -19.11 -2.92 64.83
N SER G 267 -19.12 -2.08 63.78
CA SER G 267 -18.52 -2.39 62.48
C SER G 267 -16.99 -2.45 62.46
N PRO G 268 -16.41 -3.54 61.88
CA PRO G 268 -14.94 -3.60 61.73
C PRO G 268 -14.47 -2.83 60.48
N ASN G 269 -15.43 -2.29 59.68
CA ASN G 269 -15.15 -1.52 58.50
C ASN G 269 -14.87 -0.09 58.93
N GLU G 270 -13.58 0.31 58.84
CA GLU G 270 -13.08 1.63 59.22
C GLU G 270 -13.79 2.78 58.53
N GLN G 271 -14.25 2.58 57.28
CA GLN G 271 -14.94 3.60 56.50
C GLN G 271 -16.35 3.86 57.04
N ILE G 272 -17.13 2.78 57.30
CA ILE G 272 -18.50 2.84 57.84
C ILE G 272 -18.47 3.41 59.25
N LEU G 273 -17.54 2.89 60.09
CA LEU G 273 -17.33 3.26 61.48
C LEU G 273 -17.04 4.75 61.64
N GLN G 274 -16.12 5.31 60.80
CA GLN G 274 -15.78 6.73 60.83
C GLN G 274 -17.01 7.59 60.49
N GLU G 275 -17.84 7.14 59.54
CA GLU G 275 -19.05 7.84 59.13
C GLU G 275 -20.16 7.77 60.15
N ALA G 276 -20.28 6.62 60.84
CA ALA G 276 -21.29 6.39 61.87
C ALA G 276 -21.00 7.27 63.08
N LEU G 277 -19.70 7.44 63.40
CA LEU G 277 -19.18 8.28 64.50
C LEU G 277 -19.38 9.77 64.21
N TRP G 278 -19.14 10.18 62.95
CA TRP G 278 -19.29 11.56 62.48
C TRP G 278 -20.76 11.98 62.48
N THR G 279 -21.66 11.07 62.03
CA THR G 279 -23.12 11.28 62.01
C THR G 279 -23.65 11.41 63.45
N LEU G 280 -23.17 10.55 64.36
CA LEU G 280 -23.57 10.58 65.78
C LEU G 280 -23.12 11.84 66.47
N GLY G 281 -21.90 12.30 66.18
CA GLY G 281 -21.33 13.53 66.71
C GLY G 281 -22.13 14.74 66.28
N ASN G 282 -22.62 14.75 65.03
CA ASN G 282 -23.47 15.82 64.51
C ASN G 282 -24.80 15.86 65.27
N ILE G 283 -25.39 14.68 65.56
CA ILE G 283 -26.62 14.55 66.32
C ILE G 283 -26.37 15.02 67.77
N ALA G 284 -25.22 14.60 68.36
CA ALA G 284 -24.78 14.93 69.71
C ALA G 284 -24.42 16.42 69.90
N SER G 285 -24.15 17.15 68.81
CA SER G 285 -23.84 18.58 68.88
C SER G 285 -25.10 19.48 69.03
N GLY G 286 -26.28 18.87 69.07
CA GLY G 286 -27.56 19.56 69.19
C GLY G 286 -27.94 19.93 70.62
N GLY G 287 -29.24 20.13 70.82
CA GLY G 287 -29.80 20.48 72.13
C GLY G 287 -29.83 19.33 73.12
N ASN G 288 -30.31 19.62 74.35
CA ASN G 288 -30.41 18.68 75.46
C ASN G 288 -31.32 17.48 75.17
N GLU G 289 -32.43 17.71 74.43
CA GLU G 289 -33.38 16.68 74.02
C GLU G 289 -32.67 15.67 73.11
N GLN G 290 -31.85 16.20 72.18
CA GLN G 290 -31.06 15.44 71.20
C GLN G 290 -29.98 14.62 71.89
N LYS G 291 -29.27 15.22 72.87
CA LYS G 291 -28.21 14.57 73.64
C LYS G 291 -28.78 13.42 74.46
N GLN G 292 -29.97 13.62 75.06
CA GLN G 292 -30.66 12.62 75.86
C GLN G 292 -31.11 11.41 75.02
N ALA G 293 -31.58 11.67 73.78
CA ALA G 293 -32.01 10.65 72.83
C ALA G 293 -30.84 9.72 72.46
N VAL G 294 -29.61 10.28 72.31
CA VAL G 294 -28.37 9.56 71.99
C VAL G 294 -27.96 8.68 73.18
N LYS G 295 -28.04 9.23 74.41
CA LYS G 295 -27.72 8.52 75.67
C LYS G 295 -28.66 7.32 75.87
N GLU G 296 -29.97 7.52 75.60
CA GLU G 296 -31.02 6.50 75.70
C GLU G 296 -30.87 5.36 74.69
N ALA G 297 -30.19 5.63 73.56
CA ALA G 297 -29.90 4.65 72.50
C ALA G 297 -28.70 3.74 72.87
N GLY G 298 -28.00 4.13 73.93
CA GLY G 298 -26.85 3.41 74.48
C GLY G 298 -25.55 3.64 73.74
N ALA G 299 -25.38 4.82 73.13
CA ALA G 299 -24.17 5.15 72.38
C ALA G 299 -22.97 5.43 73.27
N LEU G 300 -23.22 6.03 74.45
CA LEU G 300 -22.26 6.46 75.47
C LEU G 300 -21.10 5.48 75.73
N GLU G 301 -21.41 4.20 76.06
CA GLU G 301 -20.38 3.18 76.34
C GLU G 301 -19.57 2.77 75.10
N LYS G 302 -20.22 2.73 73.92
CA LYS G 302 -19.60 2.40 72.63
C LYS G 302 -18.61 3.50 72.24
N LEU G 303 -19.04 4.77 72.32
CA LEU G 303 -18.20 5.93 72.00
C LEU G 303 -16.94 5.91 72.89
N GLU G 304 -17.13 5.62 74.19
CA GLU G 304 -16.06 5.51 75.19
C GLU G 304 -15.07 4.39 74.83
N GLN G 305 -15.58 3.20 74.48
CA GLN G 305 -14.75 2.05 74.09
C GLN G 305 -13.96 2.35 72.80
N LEU G 306 -14.58 3.04 71.83
CA LEU G 306 -13.97 3.39 70.54
C LEU G 306 -12.83 4.42 70.66
N GLN G 307 -12.65 5.02 71.85
CA GLN G 307 -11.55 5.94 72.15
C GLN G 307 -10.26 5.11 72.34
N SER G 308 -10.41 3.77 72.51
CA SER G 308 -9.31 2.82 72.67
C SER G 308 -8.92 2.14 71.33
N HIS G 309 -9.56 2.54 70.20
CA HIS G 309 -9.26 2.01 68.87
C HIS G 309 -7.87 2.50 68.38
N GLU G 310 -7.02 1.56 67.91
CA GLU G 310 -5.66 1.76 67.40
C GLU G 310 -5.57 2.90 66.39
N ASN G 311 -6.55 2.98 65.47
CA ASN G 311 -6.64 3.97 64.41
C ASN G 311 -6.90 5.37 64.96
N GLU G 312 -5.96 6.30 64.72
CA GLU G 312 -6.02 7.70 65.14
C GLU G 312 -7.29 8.41 64.66
N LYS G 313 -7.72 8.14 63.41
CA LYS G 313 -8.94 8.69 62.80
C LYS G 313 -10.19 8.32 63.60
N ILE G 314 -10.35 7.02 63.96
CA ILE G 314 -11.50 6.51 64.72
C ILE G 314 -11.51 7.06 66.16
N GLN G 315 -10.36 6.98 66.84
CA GLN G 315 -10.08 7.42 68.20
C GLN G 315 -10.48 8.89 68.40
N LYS G 316 -10.08 9.78 67.45
CA LYS G 316 -10.38 11.21 67.46
C LYS G 316 -11.84 11.49 67.13
N GLU G 317 -12.44 10.70 66.22
CA GLU G 317 -13.84 10.83 65.82
C GLU G 317 -14.76 10.49 66.99
N ALA G 318 -14.41 9.43 67.75
CA ALA G 318 -15.13 8.96 68.93
C ALA G 318 -14.93 9.93 70.11
N GLN G 319 -13.70 10.45 70.28
CA GLN G 319 -13.33 11.42 71.32
C GLN G 319 -14.16 12.70 71.16
N GLU G 320 -14.29 13.19 69.92
CA GLU G 320 -15.04 14.39 69.58
C GLU G 320 -16.56 14.21 69.67
N ALA G 321 -17.07 13.00 69.37
CA ALA G 321 -18.49 12.69 69.45
C ALA G 321 -18.93 12.62 70.93
N LEU G 322 -18.08 12.02 71.78
CA LEU G 322 -18.31 11.88 73.22
C LEU G 322 -18.21 13.25 73.92
N GLU G 323 -17.39 14.14 73.35
CA GLU G 323 -17.17 15.52 73.80
C GLU G 323 -18.47 16.32 73.63
N LYS G 324 -18.99 16.40 72.38
CA LYS G 324 -20.24 17.09 71.99
C LYS G 324 -21.43 16.63 72.83
N LEU G 325 -21.50 15.30 73.08
CA LEU G 325 -22.53 14.66 73.89
C LEU G 325 -22.45 15.07 75.38
N GLN G 326 -21.26 15.46 75.85
CA GLN G 326 -21.03 15.86 77.24
C GLN G 326 -20.50 17.29 77.35
N PRO H 2 -7.36 42.34 66.54
CA PRO H 2 -6.03 42.48 67.13
C PRO H 2 -5.02 41.42 66.66
N THR H 3 -3.86 41.90 66.17
CA THR H 3 -2.77 41.07 65.64
C THR H 3 -1.55 41.10 66.57
N ALA H 4 -0.86 39.94 66.69
CA ALA H 4 0.33 39.77 67.52
C ALA H 4 1.64 39.76 66.69
N THR H 5 2.79 40.00 67.37
CA THR H 5 4.12 40.03 66.76
C THR H 5 4.99 38.82 67.17
N ALA H 6 5.61 38.16 66.17
CA ALA H 6 6.48 37.00 66.37
C ALA H 6 7.47 36.79 65.21
N PRO H 7 8.71 36.29 65.46
CA PRO H 7 9.65 36.05 64.35
C PRO H 7 9.26 34.82 63.53
N GLY H 8 9.45 34.93 62.21
CA GLY H 8 9.10 33.87 61.27
C GLY H 8 10.28 33.11 60.70
N GLY H 9 10.17 31.80 60.70
CA GLY H 9 11.19 30.90 60.18
C GLY H 9 10.66 29.96 59.10
N LEU H 10 9.87 30.51 58.18
CA LEU H 10 9.25 29.77 57.07
C LEU H 10 10.29 29.38 56.02
N SER H 11 9.99 28.32 55.24
CA SER H 11 10.86 27.77 54.20
C SER H 11 10.24 27.87 52.79
N ALA H 12 8.90 27.99 52.72
CA ALA H 12 8.12 28.10 51.48
C ALA H 12 7.20 29.34 51.55
N LYS H 13 6.48 29.63 50.45
CA LYS H 13 5.55 30.77 50.41
C LYS H 13 4.30 30.50 51.23
N ALA H 14 4.01 31.39 52.20
CA ALA H 14 2.84 31.29 53.06
C ALA H 14 1.83 32.41 52.79
N PRO H 15 0.72 32.13 52.06
CA PRO H 15 -0.28 33.18 51.79
C PRO H 15 -1.13 33.53 53.03
N ALA H 16 -2.14 34.39 52.85
CA ALA H 16 -3.04 34.81 53.93
C ALA H 16 -3.89 33.63 54.44
N MET H 17 -4.34 33.72 55.71
CA MET H 17 -5.17 32.73 56.42
C MET H 17 -4.49 31.33 56.59
N THR H 18 -3.14 31.31 56.62
CA THR H 18 -2.36 30.08 56.81
C THR H 18 -2.16 29.82 58.32
N PRO H 19 -2.51 28.62 58.84
CA PRO H 19 -2.31 28.35 60.27
C PRO H 19 -0.83 28.14 60.59
N LEU H 20 -0.37 28.76 61.70
CA LEU H 20 1.02 28.71 62.14
C LEU H 20 1.24 27.90 63.41
N MET H 21 2.46 27.36 63.56
CA MET H 21 2.89 26.60 64.73
C MET H 21 4.31 27.05 65.13
N LEU H 22 4.74 26.72 66.35
CA LEU H 22 6.05 27.08 66.86
C LEU H 22 7.11 26.03 66.52
N ASP H 23 8.29 26.47 66.05
CA ASP H 23 9.43 25.59 65.83
C ASP H 23 10.22 25.67 67.15
N THR H 24 10.24 24.57 67.93
CA THR H 24 10.89 24.52 69.26
C THR H 24 12.43 24.57 69.18
N SER H 25 12.99 24.47 67.98
CA SER H 25 14.43 24.54 67.73
C SER H 25 14.84 26.02 67.59
N SER H 26 14.21 26.74 66.62
CA SER H 26 14.48 28.15 66.31
C SER H 26 13.76 29.17 67.20
N ARG H 27 12.66 28.75 67.88
CA ARG H 27 11.79 29.58 68.73
C ARG H 27 10.91 30.49 67.86
N LYS H 28 11.07 30.39 66.53
CA LYS H 28 10.33 31.15 65.53
C LYS H 28 9.03 30.42 65.13
N LEU H 29 8.08 31.16 64.53
CA LEU H 29 6.81 30.62 64.04
C LEU H 29 6.98 30.14 62.59
N VAL H 30 6.53 28.92 62.34
CA VAL H 30 6.55 28.25 61.04
C VAL H 30 5.10 27.89 60.65
N ALA H 31 4.89 27.35 59.45
CA ALA H 31 3.55 26.92 59.01
C ALA H 31 3.17 25.62 59.73
N TRP H 32 1.88 25.47 60.12
CA TRP H 32 1.41 24.25 60.77
C TRP H 32 1.50 23.06 59.80
N ASP H 33 2.19 22.00 60.23
CA ASP H 33 2.43 20.79 59.44
C ASP H 33 1.16 19.98 59.08
N GLY H 34 0.06 20.19 59.81
CA GLY H 34 -1.21 19.48 59.60
C GLY H 34 -1.25 18.07 60.14
N THR H 35 -0.15 17.63 60.80
CA THR H 35 0.00 16.28 61.36
C THR H 35 0.11 16.29 62.89
N THR H 36 0.52 17.43 63.49
CA THR H 36 0.68 17.58 64.93
C THR H 36 -0.61 18.13 65.57
N ASP H 37 -1.33 17.27 66.31
CA ASP H 37 -2.59 17.58 67.01
C ASP H 37 -2.38 18.73 68.01
N GLY H 38 -3.28 19.73 67.94
CA GLY H 38 -3.27 20.90 68.81
C GLY H 38 -2.00 21.73 68.83
N ALA H 39 -1.21 21.70 67.73
CA ALA H 39 0.05 22.44 67.63
C ALA H 39 -0.09 23.88 67.07
N ALA H 40 -1.23 24.20 66.44
CA ALA H 40 -1.50 25.52 65.85
C ALA H 40 -1.71 26.61 66.92
N VAL H 41 -0.91 27.69 66.83
CA VAL H 41 -0.89 28.82 67.78
C VAL H 41 -1.59 30.09 67.25
N GLY H 42 -1.73 30.21 65.93
CA GLY H 42 -2.35 31.37 65.29
C GLY H 42 -2.59 31.21 63.79
N ILE H 43 -3.18 32.25 63.17
CA ILE H 43 -3.49 32.30 61.74
C ILE H 43 -2.82 33.52 61.11
N LEU H 44 -2.00 33.31 60.06
CA LEU H 44 -1.29 34.36 59.35
C LEU H 44 -2.22 35.38 58.69
N ALA H 45 -2.05 36.67 59.06
CA ALA H 45 -2.84 37.80 58.57
C ALA H 45 -2.34 38.30 57.20
N VAL H 46 -1.03 38.65 57.11
CA VAL H 46 -0.41 39.16 55.88
C VAL H 46 0.55 38.12 55.27
N ALA H 47 0.34 37.82 53.96
CA ALA H 47 1.11 36.86 53.17
C ALA H 47 2.62 37.10 53.25
N ALA H 48 3.39 36.02 53.53
CA ALA H 48 4.84 36.05 53.69
C ALA H 48 5.52 34.85 52.99
N ASP H 49 6.87 34.77 53.05
CA ASP H 49 7.66 33.69 52.44
C ASP H 49 8.92 33.38 53.28
N GLN H 50 9.89 32.62 52.72
CA GLN H 50 11.14 32.26 53.41
C GLN H 50 12.05 33.46 53.71
N THR H 51 11.97 34.52 52.86
CA THR H 51 12.76 35.75 52.99
C THR H 51 12.25 36.67 54.11
N SER H 52 10.99 36.48 54.55
CA SER H 52 10.35 37.27 55.61
C SER H 52 11.04 37.09 56.96
N THR H 53 10.98 38.13 57.82
CA THR H 53 11.62 38.11 59.15
C THR H 53 10.59 38.05 60.27
N THR H 54 9.60 38.97 60.28
CA THR H 54 8.56 39.04 61.30
C THR H 54 7.19 38.71 60.69
N LEU H 55 6.30 38.07 61.47
CA LEU H 55 4.97 37.66 61.01
C LEU H 55 3.81 38.38 61.70
N THR H 56 2.84 38.85 60.89
CA THR H 56 1.60 39.49 61.32
C THR H 56 0.57 38.35 61.37
N PHE H 57 0.05 38.03 62.56
CA PHE H 57 -0.90 36.92 62.72
C PHE H 57 -1.96 37.18 63.79
N TYR H 58 -3.08 36.42 63.71
CA TYR H 58 -4.17 36.51 64.68
C TYR H 58 -3.95 35.43 65.76
N LYS H 59 -3.62 35.86 66.99
CA LYS H 59 -3.40 34.97 68.12
C LYS H 59 -4.74 34.66 68.81
N SER H 60 -5.75 35.55 68.60
CA SER H 60 -7.11 35.49 69.14
C SER H 60 -8.14 35.80 68.05
N GLY H 61 -9.38 35.34 68.25
CA GLY H 61 -10.48 35.57 67.32
C GLY H 61 -11.34 34.36 67.01
N THR H 62 -12.36 34.57 66.15
CA THR H 62 -13.31 33.54 65.70
C THR H 62 -13.28 33.50 64.18
N PHE H 63 -12.96 32.32 63.61
CA PHE H 63 -12.80 32.12 62.17
C PHE H 63 -13.68 31.00 61.61
N ARG H 64 -14.14 31.15 60.37
CA ARG H 64 -14.97 30.16 59.68
C ARG H 64 -14.06 29.04 59.15
N TYR H 65 -14.58 27.79 59.05
CA TYR H 65 -13.85 26.63 58.56
C TYR H 65 -13.44 26.76 57.09
N GLU H 66 -14.29 27.41 56.26
CA GLU H 66 -14.07 27.65 54.83
C GLU H 66 -13.00 28.73 54.55
N ASP H 67 -12.87 29.72 55.45
CA ASP H 67 -11.94 30.86 55.36
C ASP H 67 -10.47 30.47 55.55
N VAL H 68 -10.20 29.56 56.50
CA VAL H 68 -8.85 29.07 56.85
C VAL H 68 -8.20 28.31 55.69
N LEU H 69 -6.98 28.72 55.31
CA LEU H 69 -6.21 28.11 54.24
C LEU H 69 -5.37 26.96 54.84
N TRP H 70 -6.03 25.80 55.02
CA TRP H 70 -5.47 24.58 55.61
C TRP H 70 -4.29 23.99 54.84
N PRO H 71 -3.31 23.32 55.53
CA PRO H 71 -2.18 22.71 54.80
C PRO H 71 -2.57 21.45 54.04
N GLU H 72 -1.70 21.03 53.08
CA GLU H 72 -1.88 19.84 52.24
C GLU H 72 -2.08 18.56 53.06
N ALA H 73 -1.23 18.35 54.10
CA ALA H 73 -1.28 17.17 54.98
C ALA H 73 -2.52 17.09 55.89
N ALA H 74 -3.19 18.24 56.16
CA ALA H 74 -4.40 18.27 56.98
C ALA H 74 -5.60 17.82 56.14
N SER H 75 -5.91 16.51 56.23
CA SER H 75 -7.01 15.89 55.48
C SER H 75 -8.23 15.55 56.33
N ASP H 76 -8.02 15.03 57.55
CA ASP H 76 -9.08 14.69 58.50
C ASP H 76 -9.74 15.98 59.03
N GLU H 77 -11.09 16.07 58.92
CA GLU H 77 -11.89 17.22 59.35
C GLU H 77 -11.76 17.49 60.85
N THR H 78 -11.70 16.41 61.66
CA THR H 78 -11.56 16.46 63.12
C THR H 78 -10.19 17.02 63.53
N LYS H 79 -9.14 16.70 62.75
CA LYS H 79 -7.76 17.19 62.95
C LYS H 79 -7.67 18.71 62.69
N LYS H 80 -8.42 19.21 61.68
CA LYS H 80 -8.46 20.64 61.30
C LYS H 80 -9.17 21.50 62.36
N ARG H 81 -10.34 21.06 62.83
CA ARG H 81 -11.15 21.77 63.83
C ARG H 81 -10.50 21.87 65.21
N THR H 82 -9.84 20.78 65.67
CA THR H 82 -9.19 20.70 66.98
C THR H 82 -7.71 21.13 66.98
N ALA H 83 -7.26 21.78 65.89
CA ALA H 83 -5.88 22.26 65.75
C ALA H 83 -5.57 23.43 66.69
N PHE H 84 -6.59 24.27 66.98
CA PHE H 84 -6.45 25.44 67.84
C PHE H 84 -6.93 25.19 69.27
N ALA H 85 -6.62 23.99 69.80
CA ALA H 85 -6.97 23.56 71.16
C ALA H 85 -5.98 24.15 72.16
N GLY H 86 -6.51 24.94 73.10
CA GLY H 86 -5.72 25.62 74.14
C GLY H 86 -5.36 27.05 73.82
N THR H 87 -6.01 27.63 72.79
CA THR H 87 -5.81 29.00 72.32
C THR H 87 -7.15 29.75 72.29
N ALA H 88 -7.10 31.07 72.09
CA ALA H 88 -8.29 31.93 72.03
C ALA H 88 -9.05 31.81 70.68
N ILE H 89 -8.46 31.08 69.70
CA ILE H 89 -9.03 30.84 68.37
C ILE H 89 -10.20 29.84 68.44
N SER H 90 -11.31 30.16 67.74
CA SER H 90 -12.51 29.34 67.64
C SER H 90 -12.90 29.15 66.17
N ILE H 91 -13.08 27.87 65.76
CA ILE H 91 -13.42 27.52 64.38
C ILE H 91 -14.92 27.24 64.23
N VAL H 92 -15.64 28.14 63.53
CA VAL H 92 -17.08 28.02 63.26
C VAL H 92 -17.26 26.96 62.17
N GLY H 93 -17.99 25.91 62.53
CA GLY H 93 -18.24 24.74 61.69
C GLY H 93 -19.05 24.94 60.43
N SER H 94 -18.37 24.89 59.27
CA SER H 94 -18.97 24.95 57.94
C SER H 94 -18.85 23.56 57.30
N GLY H 95 -17.65 22.99 57.38
CA GLY H 95 -17.35 21.65 56.91
C GLY H 95 -17.00 21.47 55.45
N SER H 96 -17.74 22.17 54.55
CA SER H 96 -17.64 22.08 53.08
C SER H 96 -17.71 20.59 52.65
N PRO H 97 -18.86 19.89 52.88
CA PRO H 97 -18.92 18.46 52.56
C PRO H 97 -19.39 18.15 51.13
N LYS H 98 -18.70 18.75 50.14
CA LYS H 98 -18.99 18.59 48.71
C LYS H 98 -17.91 17.75 48.04
N ARG H 99 -18.28 16.54 47.58
CA ARG H 99 -17.39 15.58 46.92
C ARG H 99 -17.57 15.63 45.39
N LYS H 100 -16.46 15.76 44.63
CA LYS H 100 -16.52 15.80 43.17
C LYS H 100 -15.79 14.67 42.47
N ARG H 101 -16.45 14.12 41.42
CA ARG H 101 -15.96 13.02 40.58
C ARG H 101 -15.91 13.47 39.11
N LYS H 102 -15.05 12.82 38.28
CA LYS H 102 -14.87 13.18 36.86
C LYS H 102 -14.93 11.99 35.87
N ARG H 103 -15.38 12.27 34.61
CA ARG H 103 -15.54 11.30 33.51
C ARG H 103 -14.80 11.71 32.21
N LYS H 104 -14.27 10.72 31.47
CA LYS H 104 -13.51 10.89 30.23
C LYS H 104 -13.69 9.67 29.29
N ARG H 105 -13.59 9.86 27.95
CA ARG H 105 -13.74 8.78 26.96
C ARG H 105 -12.47 7.91 26.85
N GLU I 5 -8.36 14.27 -20.62
CA GLU I 5 -7.21 14.44 -19.74
C GLU I 5 -5.92 14.82 -20.49
N LEU I 6 -5.72 14.23 -21.70
CA LEU I 6 -4.57 14.51 -22.57
C LEU I 6 -4.48 15.98 -23.04
N PRO I 7 -5.60 16.68 -23.42
CA PRO I 7 -5.46 18.10 -23.84
C PRO I 7 -5.08 19.04 -22.69
N GLN I 8 -5.30 18.63 -21.43
CA GLN I 8 -4.93 19.39 -20.23
C GLN I 8 -3.41 19.37 -20.10
N MET I 9 -2.81 18.16 -20.29
CA MET I 9 -1.37 17.89 -20.26
C MET I 9 -0.62 18.69 -21.32
N VAL I 10 -1.20 18.81 -22.53
CA VAL I 10 -0.64 19.53 -23.69
C VAL I 10 -0.61 21.04 -23.38
N GLN I 11 -1.69 21.57 -22.77
CA GLN I 11 -1.79 22.98 -22.37
C GLN I 11 -0.82 23.32 -21.24
N GLN I 12 -0.65 22.38 -20.28
CA GLN I 12 0.27 22.51 -19.15
C GLN I 12 1.75 22.60 -19.60
N LEU I 13 2.08 22.03 -20.79
CA LEU I 13 3.42 22.08 -21.38
C LEU I 13 3.74 23.47 -21.89
N ASN I 14 2.72 24.25 -22.26
CA ASN I 14 2.85 25.61 -22.78
C ASN I 14 2.78 26.68 -21.69
N SER I 15 2.28 26.31 -20.50
CA SER I 15 2.10 27.19 -19.33
C SER I 15 3.42 27.73 -18.73
N PRO I 16 3.43 28.94 -18.11
CA PRO I 16 4.68 29.46 -17.52
C PRO I 16 5.09 28.83 -16.19
N ASP I 17 4.20 28.03 -15.55
CA ASP I 17 4.47 27.35 -14.29
C ASP I 17 5.34 26.13 -14.57
N GLN I 18 6.60 26.16 -14.13
CA GLN I 18 7.58 25.09 -14.37
C GLN I 18 7.26 23.76 -13.71
N GLN I 19 6.70 23.78 -12.48
CA GLN I 19 6.35 22.53 -11.77
C GLN I 19 5.15 21.82 -12.38
N GLU I 20 4.20 22.60 -12.94
CA GLU I 20 3.00 22.11 -13.63
C GLU I 20 3.44 21.48 -14.97
N LEU I 21 4.37 22.15 -15.67
CA LEU I 21 4.98 21.74 -16.94
C LEU I 21 5.71 20.40 -16.75
N GLN I 22 6.51 20.29 -15.66
CA GLN I 22 7.29 19.09 -15.32
C GLN I 22 6.43 17.88 -14.97
N SER I 23 5.32 18.11 -14.22
CA SER I 23 4.38 17.05 -13.81
C SER I 23 3.65 16.50 -15.05
N ALA I 24 3.21 17.42 -15.95
CA ALA I 24 2.53 17.09 -17.20
C ALA I 24 3.45 16.31 -18.13
N LEU I 25 4.72 16.76 -18.29
CA LEU I 25 5.75 16.13 -19.14
C LEU I 25 6.06 14.69 -18.71
N ARG I 26 6.05 14.40 -17.39
CA ARG I 26 6.31 13.06 -16.84
C ARG I 26 5.15 12.08 -17.11
N LYS I 27 3.89 12.57 -16.96
CA LYS I 27 2.66 11.79 -17.20
C LYS I 27 2.57 11.45 -18.69
N LEU I 28 2.84 12.45 -19.55
CA LEU I 28 2.82 12.36 -21.01
C LEU I 28 3.96 11.48 -21.54
N SER I 29 5.10 11.44 -20.81
CA SER I 29 6.28 10.62 -21.14
C SER I 29 5.97 9.15 -20.94
N GLN I 30 5.13 8.84 -19.92
CA GLN I 30 4.67 7.50 -19.55
C GLN I 30 3.77 6.89 -20.64
N ILE I 31 2.82 7.69 -21.19
CA ILE I 31 1.89 7.28 -22.25
C ILE I 31 2.67 6.95 -23.55
N ALA I 32 3.61 7.84 -23.94
CA ALA I 32 4.47 7.71 -25.14
C ALA I 32 5.23 6.39 -25.28
N SER I 33 5.34 5.61 -24.19
CA SER I 33 6.02 4.31 -24.20
C SER I 33 5.03 3.15 -24.40
N GLY I 34 3.76 3.38 -24.04
CA GLY I 34 2.69 2.38 -24.10
C GLY I 34 2.17 1.91 -25.45
N GLY I 35 3.06 1.73 -26.43
CA GLY I 35 2.70 1.23 -27.75
C GLY I 35 2.06 2.23 -28.68
N ASN I 36 2.06 1.90 -29.99
CA ASN I 36 1.56 2.69 -31.11
C ASN I 36 0.20 3.37 -30.90
N GLU I 37 -0.75 2.69 -30.20
CA GLU I 37 -2.08 3.26 -29.93
C GLU I 37 -2.01 4.42 -28.95
N GLN I 38 -1.13 4.33 -27.94
CA GLN I 38 -0.90 5.37 -26.94
C GLN I 38 -0.01 6.51 -27.48
N ILE I 39 0.92 6.19 -28.40
CA ILE I 39 1.81 7.14 -29.07
C ILE I 39 0.95 8.09 -29.90
N GLN I 40 0.01 7.53 -30.68
CA GLN I 40 -0.94 8.26 -31.52
C GLN I 40 -1.81 9.19 -30.69
N ALA I 41 -2.19 8.79 -29.46
CA ALA I 41 -2.99 9.61 -28.53
C ALA I 41 -2.24 10.91 -28.17
N VAL I 42 -0.90 10.81 -27.99
CA VAL I 42 0.01 11.93 -27.69
C VAL I 42 0.11 12.85 -28.92
N ILE I 43 0.22 12.26 -30.13
CA ILE I 43 0.30 12.97 -31.42
C ILE I 43 -1.01 13.73 -31.70
N ASP I 44 -2.16 13.01 -31.59
CA ASP I 44 -3.51 13.54 -31.81
C ASP I 44 -3.90 14.66 -30.84
N ALA I 45 -3.25 14.71 -29.66
CA ALA I 45 -3.46 15.74 -28.64
C ALA I 45 -2.67 17.03 -28.95
N GLY I 46 -1.74 16.95 -29.91
CA GLY I 46 -0.92 18.06 -30.36
C GLY I 46 0.23 18.41 -29.44
N ALA I 47 0.86 17.38 -28.85
CA ALA I 47 1.98 17.51 -27.91
C ALA I 47 3.33 17.72 -28.58
N LEU I 48 3.48 17.29 -29.83
CA LEU I 48 4.74 17.35 -30.59
C LEU I 48 5.35 18.77 -30.73
N PRO I 49 4.63 19.86 -31.14
CA PRO I 49 5.29 21.18 -31.24
C PRO I 49 5.89 21.69 -29.92
N ALA I 50 5.19 21.43 -28.78
CA ALA I 50 5.64 21.81 -27.44
C ALA I 50 6.87 21.01 -27.01
N LEU I 51 6.91 19.70 -27.34
CA LEU I 51 8.03 18.80 -27.03
C LEU I 51 9.30 19.25 -27.76
N VAL I 52 9.15 19.69 -29.03
CA VAL I 52 10.25 20.18 -29.89
C VAL I 52 10.82 21.46 -29.28
N GLN I 53 9.94 22.36 -28.80
CA GLN I 53 10.34 23.60 -28.14
C GLN I 53 11.14 23.34 -26.87
N LEU I 54 10.71 22.34 -26.06
CA LEU I 54 11.37 21.94 -24.82
C LEU I 54 12.80 21.40 -25.01
N LEU I 55 13.24 21.16 -26.26
CA LEU I 55 14.61 20.72 -26.54
C LEU I 55 15.59 21.88 -26.41
N SER I 56 15.06 23.12 -26.37
CA SER I 56 15.83 24.37 -26.20
C SER I 56 15.88 24.78 -24.72
N SER I 57 15.40 23.91 -23.81
CA SER I 57 15.34 24.15 -22.37
C SER I 57 16.70 24.19 -21.66
N PRO I 58 16.95 25.21 -20.80
CA PRO I 58 18.20 25.22 -20.01
C PRO I 58 18.13 24.23 -18.83
N ASN I 59 16.92 23.72 -18.52
CA ASN I 59 16.71 22.71 -17.47
C ASN I 59 16.91 21.34 -18.13
N GLU I 60 18.00 20.65 -17.73
CA GLU I 60 18.38 19.33 -18.24
C GLU I 60 17.30 18.27 -18.01
N GLN I 61 16.57 18.38 -16.89
CA GLN I 61 15.50 17.43 -16.57
C GLN I 61 14.33 17.57 -17.54
N ILE I 62 13.99 18.81 -17.92
CA ILE I 62 12.93 19.10 -18.88
C ILE I 62 13.38 18.61 -20.28
N LEU I 63 14.61 18.98 -20.70
CA LEU I 63 15.22 18.62 -21.97
C LEU I 63 15.25 17.08 -22.17
N GLN I 64 15.88 16.34 -21.22
CA GLN I 64 16.01 14.88 -21.26
C GLN I 64 14.68 14.13 -21.35
N GLU I 65 13.66 14.58 -20.61
CA GLU I 65 12.34 13.95 -20.62
C GLU I 65 11.60 14.20 -21.92
N ALA I 66 11.74 15.41 -22.49
CA ALA I 66 11.10 15.78 -23.76
C ALA I 66 11.77 14.98 -24.90
N LEU I 67 13.11 14.87 -24.85
CA LEU I 67 13.97 14.14 -25.78
C LEU I 67 13.64 12.65 -25.72
N TRP I 68 13.43 12.11 -24.50
CA TRP I 68 13.07 10.71 -24.28
C TRP I 68 11.68 10.41 -24.86
N THR I 69 10.73 11.36 -24.70
CA THR I 69 9.36 11.27 -25.21
C THR I 69 9.32 11.24 -26.74
N LEU I 70 10.10 12.13 -27.41
CA LEU I 70 10.19 12.20 -28.87
C LEU I 70 10.79 10.92 -29.44
N GLY I 71 11.80 10.39 -28.75
CA GLY I 71 12.47 9.15 -29.12
C GLY I 71 11.58 7.94 -29.07
N ASN I 72 10.64 7.92 -28.10
CA ASN I 72 9.64 6.86 -27.94
C ASN I 72 8.57 7.00 -29.00
N ILE I 73 8.15 8.25 -29.32
CA ILE I 73 7.18 8.51 -30.39
C ILE I 73 7.79 8.05 -31.74
N ALA I 74 9.09 8.35 -31.96
CA ALA I 74 9.84 7.94 -33.15
C ALA I 74 10.05 6.42 -33.24
N SER I 75 9.80 5.67 -32.14
CA SER I 75 9.94 4.20 -32.12
C SER I 75 8.75 3.47 -32.75
N GLY I 76 7.66 4.21 -32.99
CA GLY I 76 6.44 3.70 -33.60
C GLY I 76 6.50 3.58 -35.12
N GLY I 77 5.32 3.60 -35.74
CA GLY I 77 5.14 3.48 -37.18
C GLY I 77 5.66 4.65 -37.98
N ASN I 78 5.74 4.48 -39.31
CA ASN I 78 6.23 5.47 -40.27
C ASN I 78 5.47 6.79 -40.23
N GLU I 79 4.12 6.73 -40.08
CA GLU I 79 3.25 7.89 -39.98
C GLU I 79 3.52 8.70 -38.69
N GLN I 80 3.95 7.99 -37.62
CA GLN I 80 4.29 8.53 -36.32
C GLN I 80 5.69 9.16 -36.34
N ILE I 81 6.62 8.58 -37.14
CA ILE I 81 7.98 9.10 -37.36
C ILE I 81 7.82 10.43 -38.14
N GLN I 82 6.94 10.43 -39.18
CA GLN I 82 6.65 11.58 -40.02
C GLN I 82 6.08 12.74 -39.21
N ALA I 83 5.30 12.43 -38.16
CA ALA I 83 4.71 13.40 -37.26
C ALA I 83 5.80 14.17 -36.48
N VAL I 84 6.89 13.46 -36.09
CA VAL I 84 8.07 14.00 -35.40
C VAL I 84 8.82 14.93 -36.39
N ILE I 85 8.97 14.48 -37.66
CA ILE I 85 9.64 15.21 -38.73
C ILE I 85 8.87 16.50 -39.05
N ASP I 86 7.56 16.39 -39.29
CA ASP I 86 6.65 17.51 -39.58
C ASP I 86 6.61 18.54 -38.47
N ALA I 87 6.85 18.12 -37.20
CA ALA I 87 6.89 18.99 -36.01
C ALA I 87 8.16 19.87 -35.93
N GLY I 88 9.16 19.59 -36.76
CA GLY I 88 10.41 20.34 -36.82
C GLY I 88 11.46 19.88 -35.83
N ALA I 89 11.42 18.60 -35.43
CA ALA I 89 12.36 18.03 -34.47
C ALA I 89 13.80 17.86 -34.97
N LEU I 90 13.97 17.58 -36.28
CA LEU I 90 15.29 17.30 -36.89
C LEU I 90 16.34 18.39 -36.70
N PRO I 91 16.09 19.71 -36.99
CA PRO I 91 17.13 20.73 -36.76
C PRO I 91 17.62 20.81 -35.32
N ALA I 92 16.70 20.59 -34.35
CA ALA I 92 16.98 20.59 -32.91
C ALA I 92 17.80 19.35 -32.51
N LEU I 93 17.49 18.18 -33.11
CA LEU I 93 18.20 16.92 -32.83
C LEU I 93 19.65 16.93 -33.36
N VAL I 94 19.87 17.54 -34.55
CA VAL I 94 21.21 17.65 -35.15
C VAL I 94 22.06 18.62 -34.30
N GLN I 95 21.44 19.70 -33.77
CA GLN I 95 22.07 20.66 -32.85
C GLN I 95 22.59 19.91 -31.59
N LEU I 96 21.76 19.00 -31.04
CA LEU I 96 22.08 18.21 -29.85
C LEU I 96 23.24 17.23 -30.03
N LEU I 97 23.66 16.97 -31.28
CA LEU I 97 24.80 16.09 -31.57
C LEU I 97 26.14 16.74 -31.18
N SER I 98 26.12 18.07 -30.98
CA SER I 98 27.29 18.86 -30.56
C SER I 98 27.27 19.13 -29.04
N SER I 99 26.38 18.43 -28.30
CA SER I 99 26.24 18.60 -26.85
C SER I 99 27.42 18.05 -26.03
N PRO I 100 27.90 18.81 -25.02
CA PRO I 100 28.95 18.28 -24.14
C PRO I 100 28.39 17.27 -23.12
N ASN I 101 27.03 17.20 -23.01
CA ASN I 101 26.30 16.29 -22.13
C ASN I 101 26.16 14.92 -22.83
N GLU I 102 26.90 13.89 -22.36
CA GLU I 102 26.91 12.53 -22.93
C GLU I 102 25.56 11.84 -22.89
N GLN I 103 24.73 12.14 -21.86
CA GLN I 103 23.39 11.56 -21.74
C GLN I 103 22.46 12.14 -22.80
N ILE I 104 22.52 13.48 -23.00
CA ILE I 104 21.70 14.16 -24.01
C ILE I 104 22.11 13.71 -25.42
N LEU I 105 23.43 13.60 -25.67
CA LEU I 105 24.01 13.16 -26.93
C LEU I 105 23.50 11.77 -27.35
N GLN I 106 23.58 10.76 -26.45
CA GLN I 106 23.11 9.39 -26.70
C GLN I 106 21.60 9.35 -27.03
N GLU I 107 20.78 10.11 -26.30
CA GLU I 107 19.33 10.17 -26.50
C GLU I 107 18.99 10.79 -27.85
N ALA I 108 19.79 11.78 -28.30
CA ALA I 108 19.62 12.45 -29.59
C ALA I 108 19.97 11.46 -30.72
N LEU I 109 21.07 10.69 -30.55
CA LEU I 109 21.55 9.67 -31.47
C LEU I 109 20.52 8.53 -31.59
N TRP I 110 19.90 8.15 -30.45
CA TRP I 110 18.89 7.11 -30.37
C TRP I 110 17.58 7.54 -31.04
N THR I 111 17.15 8.81 -30.84
CA THR I 111 15.95 9.37 -31.47
C THR I 111 16.15 9.42 -32.99
N LEU I 112 17.34 9.90 -33.45
CA LEU I 112 17.72 10.00 -34.85
C LEU I 112 17.78 8.65 -35.54
N GLY I 113 18.26 7.63 -34.82
CA GLY I 113 18.35 6.25 -35.28
C GLY I 113 16.99 5.59 -35.41
N ASN I 114 16.00 6.10 -34.66
CA ASN I 114 14.62 5.63 -34.69
C ASN I 114 13.86 6.23 -35.87
N ILE I 115 14.17 7.50 -36.22
CA ILE I 115 13.59 8.18 -37.36
C ILE I 115 14.17 7.54 -38.64
N ALA I 116 15.48 7.21 -38.62
CA ALA I 116 16.23 6.57 -39.70
C ALA I 116 15.82 5.10 -39.93
N SER I 117 14.94 4.56 -39.09
CA SER I 117 14.45 3.18 -39.22
C SER I 117 13.13 3.16 -40.01
N GLY I 118 12.71 4.33 -40.48
CA GLY I 118 11.50 4.49 -41.28
C GLY I 118 11.75 4.39 -42.77
N GLY I 119 10.86 4.99 -43.55
CA GLY I 119 10.92 5.03 -45.00
C GLY I 119 12.11 5.82 -45.51
N ASN I 120 12.40 5.67 -46.82
CA ASN I 120 13.53 6.35 -47.49
C ASN I 120 13.44 7.87 -47.42
N GLU I 121 12.22 8.41 -47.45
CA GLU I 121 11.92 9.84 -47.36
C GLU I 121 12.22 10.35 -45.94
N GLN I 122 12.04 9.46 -44.95
CA GLN I 122 12.30 9.71 -43.53
C GLN I 122 13.80 9.67 -43.24
N ILE I 123 14.52 8.72 -43.89
CA ILE I 123 15.99 8.62 -43.83
C ILE I 123 16.60 9.87 -44.52
N GLN I 124 16.07 10.25 -45.70
CA GLN I 124 16.55 11.40 -46.47
C GLN I 124 16.38 12.70 -45.70
N ALA I 125 15.29 12.80 -44.89
CA ALA I 125 15.00 13.95 -44.03
C ALA I 125 16.11 14.14 -42.99
N VAL I 126 16.61 13.00 -42.43
CA VAL I 126 17.73 12.96 -41.47
C VAL I 126 19.02 13.44 -42.15
N ILE I 127 19.24 13.03 -43.42
CA ILE I 127 20.42 13.39 -44.23
C ILE I 127 20.41 14.89 -44.54
N ASP I 128 19.27 15.41 -45.04
CA ASP I 128 19.08 16.81 -45.40
C ASP I 128 19.22 17.75 -44.21
N ALA I 129 18.97 17.25 -42.98
CA ALA I 129 19.11 18.00 -41.72
C ALA I 129 20.57 18.21 -41.30
N GLY I 130 21.50 17.50 -41.94
CA GLY I 130 22.95 17.60 -41.72
C GLY I 130 23.53 16.72 -40.64
N ALA I 131 22.91 15.55 -40.41
CA ALA I 131 23.32 14.63 -39.35
C ALA I 131 24.57 13.79 -39.64
N LEU I 132 24.84 13.48 -40.92
CA LEU I 132 25.95 12.61 -41.32
C LEU I 132 27.36 13.11 -40.91
N PRO I 133 27.77 14.40 -41.08
CA PRO I 133 29.12 14.80 -40.62
C PRO I 133 29.38 14.54 -39.12
N ALA I 134 28.36 14.75 -38.27
CA ALA I 134 28.46 14.51 -36.82
C ALA I 134 28.56 13.02 -36.51
N LEU I 135 27.74 12.18 -37.20
CA LEU I 135 27.72 10.72 -37.06
C LEU I 135 29.05 10.09 -37.42
N VAL I 136 29.70 10.60 -38.48
CA VAL I 136 31.00 10.12 -38.99
C VAL I 136 32.12 10.48 -38.01
N GLN I 137 32.00 11.67 -37.39
CA GLN I 137 32.94 12.18 -36.39
C GLN I 137 32.91 11.32 -35.12
N LEU I 138 31.70 10.91 -34.69
CA LEU I 138 31.48 10.07 -33.50
C LEU I 138 31.98 8.63 -33.69
N LEU I 139 32.39 8.27 -34.91
CA LEU I 139 32.97 6.95 -35.21
C LEU I 139 34.38 6.86 -34.61
N SER I 140 35.02 8.03 -34.39
CA SER I 140 36.35 8.17 -33.79
C SER I 140 36.25 8.37 -32.26
N SER I 141 35.03 8.31 -31.70
CA SER I 141 34.77 8.50 -30.28
C SER I 141 35.32 7.38 -29.40
N PRO I 142 35.99 7.72 -28.26
CA PRO I 142 36.48 6.68 -27.35
C PRO I 142 35.39 6.15 -26.40
N ASN I 143 34.18 6.76 -26.46
CA ASN I 143 33.01 6.40 -25.68
C ASN I 143 32.24 5.33 -26.45
N GLU I 144 32.26 4.09 -25.92
CA GLU I 144 31.60 2.93 -26.52
C GLU I 144 30.09 3.09 -26.60
N GLN I 145 29.48 3.78 -25.61
CA GLN I 145 28.04 4.04 -25.57
C GLN I 145 27.63 4.97 -26.71
N ILE I 146 28.45 6.00 -26.99
CA ILE I 146 28.20 6.96 -28.05
C ILE I 146 28.52 6.35 -29.44
N LEU I 147 29.66 5.61 -29.55
CA LEU I 147 30.07 4.93 -30.77
C LEU I 147 28.99 3.94 -31.24
N GLN I 148 28.47 3.09 -30.34
CA GLN I 148 27.39 2.14 -30.63
C GLN I 148 26.13 2.84 -31.14
N GLU I 149 25.74 3.98 -30.54
CA GLU I 149 24.52 4.68 -30.98
C GLU I 149 24.69 5.35 -32.33
N ALA I 150 25.89 5.90 -32.60
CA ALA I 150 26.24 6.55 -33.85
C ALA I 150 26.23 5.50 -34.96
N LEU I 151 26.87 4.32 -34.70
CA LEU I 151 26.93 3.16 -35.58
C LEU I 151 25.56 2.62 -35.95
N TRP I 152 24.67 2.49 -34.96
CA TRP I 152 23.31 2.01 -35.14
C TRP I 152 22.52 2.98 -36.02
N THR I 153 22.69 4.31 -35.84
CA THR I 153 22.03 5.34 -36.64
C THR I 153 22.51 5.32 -38.10
N LEU I 154 23.84 5.17 -38.34
CA LEU I 154 24.43 5.09 -39.67
C LEU I 154 23.94 3.85 -40.42
N GLY I 155 23.91 2.71 -39.71
CA GLY I 155 23.46 1.42 -40.23
C GLY I 155 22.04 1.46 -40.75
N ASN I 156 21.17 2.20 -40.04
CA ASN I 156 19.76 2.38 -40.40
C ASN I 156 19.63 3.32 -41.61
N ILE I 157 20.48 4.36 -41.69
CA ILE I 157 20.52 5.29 -42.83
C ILE I 157 20.98 4.52 -44.09
N ALA I 158 21.98 3.63 -43.92
CA ALA I 158 22.55 2.80 -44.98
C ALA I 158 21.57 1.70 -45.43
N SER I 159 20.44 1.50 -44.71
CA SER I 159 19.42 0.50 -45.05
C SER I 159 18.38 1.06 -46.05
N GLY I 160 18.59 2.31 -46.48
CA GLY I 160 17.74 2.98 -47.47
C GLY I 160 18.15 2.63 -48.89
N GLY I 161 17.79 3.49 -49.82
CA GLY I 161 18.14 3.31 -51.22
C GLY I 161 19.56 3.76 -51.52
N ASN I 162 19.96 3.66 -52.79
CA ASN I 162 21.28 4.05 -53.30
C ASN I 162 21.65 5.49 -53.01
N GLU I 163 20.65 6.41 -53.06
CA GLU I 163 20.87 7.84 -52.77
C GLU I 163 21.28 8.01 -51.30
N GLN I 164 20.62 7.26 -50.38
CA GLN I 164 20.86 7.29 -48.93
C GLN I 164 22.22 6.67 -48.57
N ILE I 165 22.57 5.53 -49.22
CA ILE I 165 23.83 4.82 -49.03
C ILE I 165 24.98 5.71 -49.54
N GLN I 166 24.86 6.25 -50.77
CA GLN I 166 25.88 7.12 -51.35
C GLN I 166 26.17 8.33 -50.44
N ALA I 167 25.12 8.90 -49.80
CA ALA I 167 25.20 10.00 -48.83
C ALA I 167 26.10 9.60 -47.65
N VAL I 168 26.01 8.34 -47.17
CA VAL I 168 26.84 7.78 -46.09
C VAL I 168 28.31 7.69 -46.54
N ILE I 169 28.54 7.23 -47.80
CA ILE I 169 29.85 7.07 -48.45
C ILE I 169 30.51 8.43 -48.64
N ASP I 170 29.75 9.42 -49.18
CA ASP I 170 30.17 10.81 -49.40
C ASP I 170 30.53 11.55 -48.11
N ALA I 171 29.92 11.15 -46.98
CA ALA I 171 30.22 11.74 -45.66
C ALA I 171 31.56 11.19 -45.10
N GLY I 172 32.12 10.18 -45.78
CA GLY I 172 33.40 9.57 -45.45
C GLY I 172 33.35 8.53 -44.34
N ALA I 173 32.24 7.78 -44.27
CA ALA I 173 32.05 6.78 -43.23
C ALA I 173 32.87 5.50 -43.39
N LEU I 174 33.19 5.11 -44.65
CA LEU I 174 33.91 3.87 -44.97
C LEU I 174 35.33 3.75 -44.37
N PRO I 175 36.26 4.74 -44.41
CA PRO I 175 37.60 4.52 -43.80
C PRO I 175 37.53 4.18 -42.31
N ALA I 176 36.61 4.85 -41.57
CA ALA I 176 36.37 4.63 -40.14
C ALA I 176 35.69 3.27 -39.93
N LEU I 177 34.72 2.90 -40.80
CA LEU I 177 34.02 1.61 -40.75
C LEU I 177 34.96 0.44 -40.96
N VAL I 178 35.98 0.59 -41.84
CA VAL I 178 36.97 -0.44 -42.11
C VAL I 178 37.92 -0.56 -40.92
N GLN I 179 38.30 0.57 -40.31
CA GLN I 179 39.15 0.59 -39.12
C GLN I 179 38.51 -0.16 -37.95
N LEU I 180 37.18 -0.02 -37.79
CA LEU I 180 36.40 -0.70 -36.73
C LEU I 180 36.29 -2.22 -36.92
N LEU I 181 36.82 -2.77 -38.03
CA LEU I 181 36.82 -4.22 -38.28
C LEU I 181 37.98 -4.90 -37.54
N SER I 182 38.90 -4.10 -36.97
CA SER I 182 40.06 -4.55 -36.19
C SER I 182 39.77 -4.38 -34.68
N SER I 183 38.50 -4.03 -34.34
CA SER I 183 38.05 -3.80 -32.98
C SER I 183 37.98 -5.07 -32.12
N PRO I 184 38.55 -5.03 -30.89
CA PRO I 184 38.44 -6.19 -29.98
C PRO I 184 37.05 -6.25 -29.31
N ASN I 185 36.23 -5.21 -29.52
CA ASN I 185 34.87 -5.08 -29.01
C ASN I 185 33.88 -5.70 -30.00
N GLU I 186 33.29 -6.85 -29.62
CA GLU I 186 32.34 -7.62 -30.45
C GLU I 186 31.06 -6.87 -30.79
N GLN I 187 30.60 -5.94 -29.93
CA GLN I 187 29.39 -5.13 -30.15
C GLN I 187 29.63 -4.14 -31.30
N ILE I 188 30.76 -3.40 -31.23
CA ILE I 188 31.17 -2.41 -32.22
C ILE I 188 31.41 -3.13 -33.53
N LEU I 189 32.14 -4.27 -33.48
CA LEU I 189 32.46 -5.10 -34.63
C LEU I 189 31.20 -5.58 -35.37
N GLN I 190 30.18 -6.10 -34.65
CA GLN I 190 28.93 -6.54 -35.28
C GLN I 190 28.18 -5.39 -35.98
N GLU I 191 28.11 -4.21 -35.32
CA GLU I 191 27.45 -3.01 -35.84
C GLU I 191 28.20 -2.41 -37.04
N ALA I 192 29.54 -2.55 -37.02
CA ALA I 192 30.41 -2.09 -38.11
C ALA I 192 30.12 -2.95 -39.34
N LEU I 193 30.08 -4.32 -39.17
CA LEU I 193 29.79 -5.30 -40.24
C LEU I 193 28.37 -5.16 -40.78
N TRP I 194 27.41 -4.83 -39.90
CA TRP I 194 26.01 -4.64 -40.29
C TRP I 194 25.85 -3.35 -41.13
N THR I 195 26.60 -2.27 -40.80
CA THR I 195 26.57 -1.01 -41.57
C THR I 195 27.19 -1.25 -42.96
N LEU I 196 28.37 -1.89 -43.02
CA LEU I 196 29.07 -2.24 -44.25
C LEU I 196 28.24 -3.14 -45.16
N GLY I 197 27.52 -4.09 -44.55
CA GLY I 197 26.62 -5.01 -45.24
C GLY I 197 25.45 -4.30 -45.89
N ASN I 198 24.92 -3.25 -45.23
CA ASN I 198 23.83 -2.42 -45.72
C ASN I 198 24.28 -1.54 -46.88
N ILE I 199 25.53 -1.04 -46.82
CA ILE I 199 26.17 -0.26 -47.89
C ILE I 199 26.42 -1.17 -49.12
N ALA I 200 26.85 -2.43 -48.86
CA ALA I 200 27.11 -3.43 -49.90
C ALA I 200 25.81 -3.97 -50.54
N SER I 201 24.64 -3.62 -49.95
CA SER I 201 23.32 -4.01 -50.48
C SER I 201 22.90 -3.10 -51.64
N GLY I 202 23.65 -2.03 -51.86
CA GLY I 202 23.38 -1.07 -52.93
C GLY I 202 23.86 -1.51 -54.31
N GLY I 203 24.00 -0.53 -55.20
CA GLY I 203 24.49 -0.75 -56.56
C GLY I 203 25.99 -0.99 -56.57
N ASN I 204 26.54 -1.33 -57.74
CA ASN I 204 27.96 -1.59 -57.92
C ASN I 204 28.82 -0.37 -57.58
N GLU I 205 28.30 0.85 -57.82
CA GLU I 205 28.93 2.12 -57.46
C GLU I 205 29.19 2.15 -55.93
N GLN I 206 28.21 1.64 -55.15
CA GLN I 206 28.26 1.56 -53.70
C GLN I 206 29.15 0.42 -53.22
N ILE I 207 29.04 -0.77 -53.84
CA ILE I 207 29.83 -1.96 -53.52
C ILE I 207 31.34 -1.70 -53.78
N GLN I 208 31.66 -1.08 -54.92
CA GLN I 208 33.05 -0.78 -55.27
C GLN I 208 33.73 0.08 -54.22
N ALA I 209 33.01 1.05 -53.65
CA ALA I 209 33.50 1.93 -52.60
C ALA I 209 33.91 1.15 -51.33
N VAL I 210 33.17 0.07 -50.98
CA VAL I 210 33.45 -0.83 -49.85
C VAL I 210 34.76 -1.61 -50.15
N ILE I 211 34.92 -2.06 -51.42
CA ILE I 211 36.10 -2.81 -51.92
C ILE I 211 37.34 -1.90 -51.93
N ASP I 212 37.20 -0.68 -52.49
CA ASP I 212 38.25 0.33 -52.58
C ASP I 212 38.73 0.82 -51.20
N ALA I 213 37.88 0.68 -50.15
CA ALA I 213 38.20 1.05 -48.76
C ALA I 213 39.07 0.00 -48.06
N GLY I 214 39.22 -1.17 -48.70
CA GLY I 214 40.02 -2.27 -48.19
C GLY I 214 39.33 -3.14 -47.16
N ALA I 215 38.00 -3.31 -47.30
CA ALA I 215 37.20 -4.11 -46.38
C ALA I 215 37.32 -5.63 -46.55
N LEU I 216 37.55 -6.11 -47.80
CA LEU I 216 37.63 -7.53 -48.14
C LEU I 216 38.69 -8.32 -47.35
N PRO I 217 39.96 -7.85 -47.16
CA PRO I 217 40.92 -8.62 -46.35
C PRO I 217 40.48 -8.92 -44.92
N ALA I 218 39.75 -7.98 -44.27
CA ALA I 218 39.24 -8.16 -42.92
C ALA I 218 38.07 -9.15 -42.90
N LEU I 219 37.13 -9.03 -43.86
CA LEU I 219 35.96 -9.91 -43.98
C LEU I 219 36.37 -11.36 -44.20
N VAL I 220 37.39 -11.60 -45.05
CA VAL I 220 37.91 -12.93 -45.38
C VAL I 220 38.55 -13.55 -44.13
N GLN I 221 39.31 -12.74 -43.36
CA GLN I 221 39.91 -13.19 -42.09
C GLN I 221 38.83 -13.52 -41.04
N LEU I 222 37.72 -12.76 -41.01
CA LEU I 222 36.60 -12.96 -40.10
C LEU I 222 35.80 -14.24 -40.40
N LEU I 223 36.12 -14.92 -41.51
CA LEU I 223 35.48 -16.19 -41.87
C LEU I 223 36.05 -17.35 -41.05
N SER I 224 37.22 -17.11 -40.42
CA SER I 224 37.91 -18.06 -39.54
C SER I 224 37.52 -17.85 -38.06
N SER I 225 36.54 -16.96 -37.81
CA SER I 225 36.08 -16.60 -36.47
C SER I 225 35.34 -17.71 -35.68
N PRO I 226 35.74 -17.92 -34.39
CA PRO I 226 34.99 -18.88 -33.54
C PRO I 226 33.70 -18.22 -33.00
N ASN I 227 33.48 -16.94 -33.33
CA ASN I 227 32.29 -16.21 -32.93
C ASN I 227 31.24 -16.33 -34.05
N GLU I 228 30.18 -17.12 -33.79
CA GLU I 228 29.07 -17.37 -34.72
C GLU I 228 28.32 -16.10 -35.14
N GLN I 229 28.25 -15.10 -34.24
CA GLN I 229 27.58 -13.81 -34.45
C GLN I 229 28.38 -12.96 -35.44
N ILE I 230 29.71 -12.86 -35.24
CA ILE I 230 30.65 -12.12 -36.08
C ILE I 230 30.77 -12.78 -37.46
N LEU I 231 30.98 -14.11 -37.50
CA LEU I 231 31.08 -14.91 -38.73
C LEU I 231 29.83 -14.72 -39.62
N GLN I 232 28.63 -14.78 -39.03
CA GLN I 232 27.37 -14.60 -39.76
C GLN I 232 27.26 -13.21 -40.40
N GLU I 233 27.71 -12.17 -39.71
CA GLU I 233 27.62 -10.81 -40.24
C GLU I 233 28.66 -10.51 -41.33
N ALA I 234 29.89 -11.04 -41.16
CA ALA I 234 30.98 -10.92 -42.13
C ALA I 234 30.58 -11.64 -43.43
N LEU I 235 29.96 -12.84 -43.31
CA LEU I 235 29.44 -13.65 -44.40
C LEU I 235 28.33 -12.92 -45.17
N TRP I 236 27.43 -12.24 -44.44
CA TRP I 236 26.33 -11.48 -45.03
C TRP I 236 26.87 -10.29 -45.84
N THR I 237 27.92 -9.63 -45.34
CA THR I 237 28.58 -8.49 -46.01
C THR I 237 29.27 -8.99 -47.31
N LEU I 238 29.98 -10.15 -47.25
CA LEU I 238 30.65 -10.76 -48.39
C LEU I 238 29.67 -11.18 -49.49
N GLY I 239 28.53 -11.74 -49.08
CA GLY I 239 27.46 -12.17 -49.97
C GLY I 239 26.85 -11.01 -50.74
N ASN I 240 26.77 -9.83 -50.10
CA ASN I 240 26.24 -8.61 -50.69
C ASN I 240 27.21 -8.02 -51.70
N ILE I 241 28.52 -8.06 -51.39
CA ILE I 241 29.58 -7.61 -52.30
C ILE I 241 29.58 -8.54 -53.56
N ALA I 242 29.38 -9.86 -53.35
CA ALA I 242 29.33 -10.87 -54.40
C ALA I 242 28.03 -10.81 -55.24
N SER I 243 27.02 -10.06 -54.77
CA SER I 243 25.74 -9.90 -55.47
C SER I 243 25.82 -8.82 -56.57
N GLY I 244 26.98 -8.17 -56.67
CA GLY I 244 27.25 -7.13 -57.67
C GLY I 244 27.72 -7.68 -58.99
N GLY I 245 28.33 -6.80 -59.80
CA GLY I 245 28.86 -7.13 -61.11
C GLY I 245 30.03 -8.11 -61.06
N ASN I 246 30.45 -8.60 -62.24
CA ASN I 246 31.54 -9.57 -62.39
C ASN I 246 32.86 -9.09 -61.80
N GLU I 247 33.13 -7.77 -61.87
CA GLU I 247 34.35 -7.19 -61.31
C GLU I 247 34.30 -7.08 -59.77
N GLN I 248 33.08 -7.03 -59.18
CA GLN I 248 32.92 -7.02 -57.73
C GLN I 248 33.06 -8.47 -57.22
N ILE I 249 32.56 -9.45 -58.02
CA ILE I 249 32.66 -10.89 -57.75
C ILE I 249 34.15 -11.25 -57.81
N GLN I 250 34.88 -10.75 -58.83
CA GLN I 250 36.31 -11.01 -59.00
C GLN I 250 37.14 -10.54 -57.82
N ALA I 251 36.78 -9.37 -57.24
CA ALA I 251 37.45 -8.78 -56.07
C ALA I 251 37.36 -9.73 -54.85
N VAL I 252 36.21 -10.46 -54.69
CA VAL I 252 35.97 -11.45 -53.63
C VAL I 252 36.90 -12.67 -53.82
N ILE I 253 37.01 -13.18 -55.07
CA ILE I 253 37.87 -14.31 -55.43
C ILE I 253 39.35 -13.95 -55.18
N ASP I 254 39.78 -12.77 -55.69
CA ASP I 254 41.13 -12.22 -55.53
C ASP I 254 41.56 -12.05 -54.06
N ALA I 255 40.58 -11.82 -53.15
CA ALA I 255 40.81 -11.65 -51.71
C ALA I 255 41.02 -12.98 -50.94
N GLY I 256 40.83 -14.13 -51.61
CA GLY I 256 41.03 -15.45 -51.03
C GLY I 256 39.87 -16.03 -50.23
N ALA I 257 38.64 -15.61 -50.55
CA ALA I 257 37.43 -16.04 -49.86
C ALA I 257 36.98 -17.48 -50.15
N LEU I 258 37.15 -17.95 -51.41
CA LEU I 258 36.74 -19.28 -51.87
C LEU I 258 37.22 -20.45 -50.97
N PRO I 259 38.53 -20.59 -50.58
CA PRO I 259 38.91 -21.71 -49.69
C PRO I 259 38.11 -21.71 -48.38
N ALA I 260 37.94 -20.52 -47.75
CA ALA I 260 37.18 -20.33 -46.52
C ALA I 260 35.69 -20.66 -46.71
N LEU I 261 35.06 -20.17 -47.81
CA LEU I 261 33.65 -20.42 -48.13
C LEU I 261 33.35 -21.90 -48.30
N VAL I 262 34.27 -22.63 -48.93
CA VAL I 262 34.17 -24.07 -49.20
C VAL I 262 34.23 -24.85 -47.86
N GLN I 263 35.11 -24.42 -46.93
CA GLN I 263 35.21 -24.99 -45.58
C GLN I 263 33.91 -24.81 -44.78
N LEU I 264 33.22 -23.67 -44.99
CA LEU I 264 31.94 -23.35 -44.35
C LEU I 264 30.76 -24.20 -44.88
N LEU I 265 30.96 -24.96 -45.98
CA LEU I 265 29.91 -25.84 -46.51
C LEU I 265 29.77 -27.11 -45.69
N SER I 266 30.72 -27.38 -44.77
CA SER I 266 30.73 -28.53 -43.87
C SER I 266 30.16 -28.16 -42.47
N SER I 267 29.58 -26.95 -42.36
CA SER I 267 29.01 -26.43 -41.12
C SER I 267 27.62 -26.99 -40.77
N PRO I 268 27.44 -27.49 -39.51
CA PRO I 268 26.11 -27.97 -39.10
C PRO I 268 25.18 -26.82 -38.67
N ASN I 269 25.70 -25.59 -38.65
CA ASN I 269 24.97 -24.38 -38.30
C ASN I 269 24.23 -23.91 -39.55
N GLU I 270 22.90 -24.04 -39.54
CA GLU I 270 22.01 -23.69 -40.66
C GLU I 270 22.15 -22.24 -41.14
N GLN I 271 22.41 -21.29 -40.23
CA GLN I 271 22.57 -19.87 -40.54
C GLN I 271 23.87 -19.59 -41.29
N ILE I 272 24.98 -20.20 -40.85
CA ILE I 272 26.28 -20.07 -41.50
C ILE I 272 26.25 -20.80 -42.86
N LEU I 273 25.71 -22.04 -42.90
CA LEU I 273 25.56 -22.87 -44.09
C LEU I 273 24.73 -22.18 -45.20
N GLN I 274 23.57 -21.59 -44.85
CA GLN I 274 22.70 -20.88 -45.79
C GLN I 274 23.40 -19.66 -46.42
N GLU I 275 24.13 -18.89 -45.61
CA GLU I 275 24.85 -17.70 -46.07
C GLU I 275 26.07 -18.05 -46.89
N ALA I 276 26.70 -19.21 -46.61
CA ALA I 276 27.86 -19.69 -47.36
C ALA I 276 27.36 -20.12 -48.77
N LEU I 277 26.24 -20.87 -48.83
CA LEU I 277 25.60 -21.32 -50.07
C LEU I 277 25.13 -20.15 -50.91
N TRP I 278 24.57 -19.11 -50.27
CA TRP I 278 24.07 -17.90 -50.93
C TRP I 278 25.22 -17.11 -51.55
N THR I 279 26.32 -16.91 -50.80
CA THR I 279 27.53 -16.19 -51.25
C THR I 279 28.17 -16.91 -52.45
N LEU I 280 28.33 -18.23 -52.35
CA LEU I 280 28.89 -19.08 -53.42
C LEU I 280 28.03 -19.06 -54.68
N GLY I 281 26.71 -19.00 -54.48
CA GLY I 281 25.72 -18.90 -55.54
C GLY I 281 25.82 -17.58 -56.27
N ASN I 282 26.12 -16.50 -55.52
CA ASN I 282 26.28 -15.15 -56.07
C ASN I 282 27.57 -15.09 -56.89
N ILE I 283 28.64 -15.72 -56.38
CA ILE I 283 29.94 -15.81 -57.08
C ILE I 283 29.76 -16.60 -58.38
N ALA I 284 29.05 -17.75 -58.30
CA ALA I 284 28.74 -18.63 -59.44
C ALA I 284 27.84 -17.97 -60.50
N SER I 285 27.21 -16.83 -60.14
CA SER I 285 26.34 -16.10 -61.07
C SER I 285 27.12 -15.14 -62.00
N GLY I 286 28.44 -15.22 -61.93
CA GLY I 286 29.35 -14.43 -62.76
C GLY I 286 29.66 -15.11 -64.07
N GLY I 287 30.82 -14.80 -64.63
CA GLY I 287 31.29 -15.38 -65.89
C GLY I 287 32.06 -16.67 -65.70
N ASN I 288 32.50 -17.27 -66.83
CA ASN I 288 33.26 -18.53 -66.90
C ASN I 288 34.56 -18.50 -66.09
N GLU I 289 35.20 -17.33 -66.02
CA GLU I 289 36.42 -17.07 -65.25
C GLU I 289 36.09 -17.32 -63.75
N GLN I 290 35.01 -16.67 -63.26
CA GLN I 290 34.52 -16.79 -61.89
C GLN I 290 33.97 -18.18 -61.56
N LYS I 291 33.27 -18.82 -62.53
CA LYS I 291 32.72 -20.18 -62.39
C LYS I 291 33.82 -21.22 -62.24
N GLN I 292 34.94 -21.06 -62.97
CA GLN I 292 36.09 -21.97 -62.93
C GLN I 292 36.84 -21.91 -61.60
N ALA I 293 36.99 -20.71 -61.03
CA ALA I 293 37.65 -20.49 -59.74
C ALA I 293 36.89 -21.23 -58.61
N VAL I 294 35.54 -21.25 -58.70
CA VAL I 294 34.66 -21.93 -57.74
C VAL I 294 34.83 -23.45 -57.86
N LYS I 295 34.92 -23.95 -59.10
CA LYS I 295 35.12 -25.36 -59.42
C LYS I 295 36.47 -25.84 -58.91
N GLU I 296 37.53 -25.02 -59.11
CA GLU I 296 38.91 -25.26 -58.67
C GLU I 296 39.03 -25.32 -57.14
N ALA I 297 38.07 -24.71 -56.41
CA ALA I 297 38.03 -24.66 -54.95
C ALA I 297 37.44 -25.94 -54.29
N GLY I 298 36.88 -26.84 -55.10
CA GLY I 298 36.30 -28.11 -54.67
C GLY I 298 34.86 -28.01 -54.19
N ALA I 299 34.12 -27.01 -54.71
CA ALA I 299 32.74 -26.72 -54.33
C ALA I 299 31.69 -27.68 -54.89
N LEU I 300 31.85 -28.13 -56.16
CA LEU I 300 30.91 -28.99 -56.90
C LEU I 300 30.33 -30.19 -56.13
N GLU I 301 31.20 -31.09 -55.62
CA GLU I 301 30.78 -32.29 -54.87
C GLU I 301 30.06 -31.95 -53.56
N LYS I 302 30.50 -30.86 -52.90
CA LYS I 302 29.96 -30.34 -51.64
C LYS I 302 28.58 -29.73 -51.88
N LEU I 303 28.40 -29.01 -53.00
CA LEU I 303 27.12 -28.41 -53.38
C LEU I 303 26.14 -29.50 -53.78
N GLU I 304 26.65 -30.55 -54.46
CA GLU I 304 25.84 -31.67 -54.92
C GLU I 304 25.32 -32.46 -53.72
N GLN I 305 26.18 -32.76 -52.73
CA GLN I 305 25.78 -33.47 -51.50
C GLN I 305 24.74 -32.68 -50.72
N LEU I 306 24.89 -31.33 -50.65
CA LEU I 306 23.99 -30.45 -49.89
C LEU I 306 22.58 -30.35 -50.48
N GLN I 307 22.35 -30.94 -51.67
CA GLN I 307 21.03 -31.02 -52.30
C GLN I 307 20.21 -32.12 -51.56
N SER I 308 20.92 -33.01 -50.84
CA SER I 308 20.32 -34.07 -50.04
C SER I 308 20.05 -33.62 -48.58
N HIS I 309 20.21 -32.33 -48.28
CA HIS I 309 19.93 -31.77 -46.94
C HIS I 309 18.42 -31.72 -46.70
N GLU I 310 17.98 -32.10 -45.48
CA GLU I 310 16.58 -32.12 -45.02
C GLU I 310 15.95 -30.74 -45.02
N ASN I 311 16.75 -29.69 -44.81
CA ASN I 311 16.28 -28.32 -44.78
C ASN I 311 16.03 -27.82 -46.21
N GLU I 312 14.75 -27.56 -46.53
CA GLU I 312 14.26 -27.13 -47.86
C GLU I 312 14.96 -25.87 -48.41
N LYS I 313 15.29 -24.92 -47.53
CA LYS I 313 16.00 -23.69 -47.92
C LYS I 313 17.48 -23.99 -48.24
N ILE I 314 18.08 -24.97 -47.53
CA ILE I 314 19.47 -25.38 -47.76
C ILE I 314 19.59 -26.08 -49.13
N GLN I 315 18.70 -27.06 -49.44
CA GLN I 315 18.73 -27.78 -50.71
C GLN I 315 18.43 -26.87 -51.90
N LYS I 316 17.52 -25.88 -51.75
CA LYS I 316 17.19 -24.90 -52.79
C LYS I 316 18.40 -24.04 -53.14
N GLU I 317 19.08 -23.51 -52.12
CA GLU I 317 20.29 -22.67 -52.26
C GLU I 317 21.44 -23.46 -52.88
N ALA I 318 21.63 -24.73 -52.48
CA ALA I 318 22.65 -25.63 -53.02
C ALA I 318 22.36 -25.95 -54.50
N GLN I 319 21.08 -26.24 -54.83
CA GLN I 319 20.60 -26.54 -56.18
C GLN I 319 20.78 -25.33 -57.12
N GLU I 320 20.37 -24.13 -56.66
CA GLU I 320 20.49 -22.87 -57.41
C GLU I 320 21.96 -22.59 -57.72
N ALA I 321 22.85 -22.70 -56.70
CA ALA I 321 24.30 -22.49 -56.82
C ALA I 321 24.93 -23.49 -57.80
N LEU I 322 24.56 -24.78 -57.70
CA LEU I 322 25.08 -25.86 -58.55
C LEU I 322 24.66 -25.68 -60.01
N GLU I 323 23.42 -25.23 -60.26
CA GLU I 323 22.88 -24.97 -61.59
C GLU I 323 23.66 -23.86 -62.29
N LYS I 324 23.95 -22.76 -61.57
CA LYS I 324 24.72 -21.60 -62.05
C LYS I 324 26.12 -22.01 -62.49
N LEU I 325 26.77 -22.93 -61.74
CA LEU I 325 28.09 -23.46 -62.06
C LEU I 325 28.07 -24.36 -63.29
N GLN I 326 27.01 -25.17 -63.46
CA GLN I 326 26.89 -26.14 -64.56
C GLN I 326 26.40 -25.55 -65.91
N SER I 327 25.91 -24.29 -65.91
CA SER I 327 25.41 -23.59 -67.10
C SER I 327 26.57 -23.17 -68.01
N GLU J 5 9.97 14.43 46.69
CA GLU J 5 9.59 13.86 47.99
C GLU J 5 9.05 12.42 47.87
N LEU J 6 8.86 11.93 46.63
CA LEU J 6 8.34 10.58 46.33
C LEU J 6 9.14 9.43 46.97
N PRO J 7 10.52 9.40 47.04
CA PRO J 7 11.20 8.27 47.71
C PRO J 7 10.84 8.11 49.18
N GLN J 8 10.55 9.24 49.88
CA GLN J 8 10.14 9.27 51.28
C GLN J 8 8.73 8.69 51.43
N MET J 9 7.79 9.10 50.54
CA MET J 9 6.40 8.64 50.48
C MET J 9 6.28 7.12 50.30
N VAL J 10 7.12 6.56 49.40
CA VAL J 10 7.19 5.12 49.10
C VAL J 10 7.72 4.38 50.32
N GLN J 11 8.78 4.93 50.98
CA GLN J 11 9.37 4.36 52.19
C GLN J 11 8.37 4.40 53.36
N GLN J 12 7.49 5.43 53.40
CA GLN J 12 6.43 5.57 54.40
C GLN J 12 5.32 4.53 54.23
N LEU J 13 5.10 4.04 52.99
CA LEU J 13 4.11 3.00 52.70
C LEU J 13 4.58 1.64 53.21
N ASN J 14 5.91 1.44 53.23
CA ASN J 14 6.58 0.24 53.73
C ASN J 14 6.65 0.25 55.27
N SER J 15 6.67 1.46 55.88
CA SER J 15 6.77 1.72 57.33
C SER J 15 5.62 1.12 58.15
N PRO J 16 5.88 0.70 59.42
CA PRO J 16 4.79 0.12 60.23
C PRO J 16 3.81 1.17 60.77
N ASP J 17 4.23 2.46 60.86
CA ASP J 17 3.41 3.58 61.35
C ASP J 17 2.25 3.90 60.40
N GLN J 18 1.01 3.65 60.88
CA GLN J 18 -0.25 3.82 60.12
C GLN J 18 -0.61 5.28 59.81
N GLN J 19 -0.23 6.25 60.68
CA GLN J 19 -0.48 7.68 60.49
C GLN J 19 0.34 8.19 59.30
N GLU J 20 1.65 7.82 59.27
CA GLU J 20 2.63 8.16 58.23
C GLU J 20 2.30 7.46 56.90
N LEU J 21 1.85 6.18 56.97
CA LEU J 21 1.46 5.33 55.85
C LEU J 21 0.30 5.95 55.08
N GLN J 22 -0.79 6.30 55.80
CA GLN J 22 -2.03 6.89 55.29
C GLN J 22 -1.82 8.25 54.65
N SER J 23 -0.99 9.11 55.27
CA SER J 23 -0.67 10.44 54.75
C SER J 23 0.11 10.34 53.44
N ALA J 24 1.06 9.37 53.35
CA ALA J 24 1.86 9.10 52.16
C ALA J 24 0.98 8.48 51.05
N LEU J 25 0.00 7.64 51.43
CA LEU J 25 -0.94 6.96 50.53
C LEU J 25 -1.88 7.94 49.82
N ARG J 26 -2.43 8.91 50.56
CA ARG J 26 -3.32 9.92 49.98
C ARG J 26 -2.56 10.87 49.04
N LYS J 27 -1.26 11.11 49.34
CA LYS J 27 -0.37 11.96 48.53
C LYS J 27 -0.05 11.28 47.20
N LEU J 28 0.25 9.96 47.22
CA LEU J 28 0.55 9.21 46.01
C LEU J 28 -0.70 8.94 45.18
N SER J 29 -1.88 8.80 45.84
CA SER J 29 -3.16 8.55 45.17
C SER J 29 -3.60 9.73 44.31
N GLN J 30 -3.37 10.98 44.79
CA GLN J 30 -3.75 12.20 44.06
C GLN J 30 -2.83 12.48 42.88
N ILE J 31 -1.52 12.21 43.03
CA ILE J 31 -0.51 12.36 41.96
C ILE J 31 -0.82 11.38 40.83
N ALA J 32 -1.17 10.11 41.17
CA ALA J 32 -1.51 9.02 40.24
C ALA J 32 -2.75 9.27 39.37
N SER J 33 -3.37 10.46 39.52
CA SER J 33 -4.54 10.90 38.76
C SER J 33 -4.15 11.85 37.62
N GLY J 34 -3.05 12.59 37.82
CA GLY J 34 -2.53 13.61 36.90
C GLY J 34 -1.86 13.16 35.62
N GLY J 35 -2.51 12.28 34.86
CA GLY J 35 -2.04 11.79 33.56
C GLY J 35 -0.79 10.94 33.56
N ASN J 36 -0.50 10.33 32.39
CA ASN J 36 0.63 9.43 32.09
C ASN J 36 1.99 9.91 32.63
N GLU J 37 2.26 11.23 32.57
CA GLU J 37 3.49 11.85 33.05
C GLU J 37 3.68 11.64 34.57
N GLN J 38 2.61 11.89 35.36
CA GLN J 38 2.63 11.73 36.83
C GLN J 38 2.47 10.26 37.24
N ILE J 39 1.74 9.46 36.43
CA ILE J 39 1.53 8.02 36.65
C ILE J 39 2.90 7.33 36.62
N GLN J 40 3.76 7.72 35.65
CA GLN J 40 5.11 7.18 35.48
C GLN J 40 6.04 7.53 36.64
N ALA J 41 5.88 8.75 37.21
CA ALA J 41 6.67 9.23 38.34
C ALA J 41 6.48 8.34 39.58
N VAL J 42 5.21 7.91 39.82
CA VAL J 42 4.80 7.03 40.92
C VAL J 42 5.41 5.63 40.70
N ILE J 43 5.40 5.14 39.43
CA ILE J 43 5.96 3.84 39.03
C ILE J 43 7.47 3.82 39.29
N ASP J 44 8.20 4.81 38.73
CA ASP J 44 9.65 4.95 38.84
C ASP J 44 10.14 5.14 40.28
N ALA J 45 9.26 5.64 41.18
CA ALA J 45 9.55 5.81 42.60
C ALA J 45 9.52 4.47 43.34
N GLY J 46 8.88 3.47 42.71
CA GLY J 46 8.75 2.11 43.23
C GLY J 46 7.58 1.94 44.18
N ALA J 47 6.47 2.67 43.94
CA ALA J 47 5.28 2.64 44.78
C ALA J 47 4.39 1.43 44.56
N LEU J 48 4.38 0.87 43.33
CA LEU J 48 3.55 -0.27 42.94
C LEU J 48 3.66 -1.50 43.86
N PRO J 49 4.84 -2.03 44.27
CA PRO J 49 4.84 -3.22 45.16
C PRO J 49 4.23 -2.96 46.53
N ALA J 50 4.42 -1.72 47.06
CA ALA J 50 3.87 -1.29 48.34
C ALA J 50 2.34 -1.23 48.25
N LEU J 51 1.79 -0.74 47.12
CA LEU J 51 0.35 -0.64 46.85
C LEU J 51 -0.32 -2.01 46.76
N VAL J 52 0.38 -3.01 46.21
CA VAL J 52 -0.11 -4.38 46.05
C VAL J 52 -0.19 -5.07 47.42
N GLN J 53 0.84 -4.83 48.26
CA GLN J 53 0.91 -5.37 49.63
C GLN J 53 -0.26 -4.84 50.45
N LEU J 54 -0.61 -3.54 50.28
CA LEU J 54 -1.72 -2.86 50.97
C LEU J 54 -3.12 -3.38 50.58
N LEU J 55 -3.20 -4.30 49.59
CA LEU J 55 -4.46 -4.92 49.18
C LEU J 55 -4.83 -6.05 50.17
N SER J 56 -3.87 -6.44 51.04
CA SER J 56 -4.03 -7.43 52.12
C SER J 56 -4.44 -6.72 53.45
N SER J 57 -4.62 -5.38 53.41
CA SER J 57 -4.92 -4.57 54.59
C SER J 57 -6.31 -4.82 55.23
N PRO J 58 -6.33 -5.04 56.57
CA PRO J 58 -7.60 -5.19 57.28
C PRO J 58 -8.32 -3.84 57.41
N ASN J 59 -7.62 -2.73 57.11
CA ASN J 59 -8.16 -1.38 57.13
C ASN J 59 -8.75 -1.07 55.75
N GLU J 60 -10.10 -1.03 55.66
CA GLU J 60 -10.88 -0.76 54.44
C GLU J 60 -10.51 0.57 53.78
N GLN J 61 -10.11 1.58 54.58
CA GLN J 61 -9.72 2.88 54.04
C GLN J 61 -8.41 2.77 53.26
N ILE J 62 -7.42 2.06 53.82
CA ILE J 62 -6.12 1.83 53.20
C ILE J 62 -6.27 0.97 51.93
N LEU J 63 -7.03 -0.16 52.03
CA LEU J 63 -7.31 -1.06 50.91
C LEU J 63 -7.94 -0.28 49.74
N GLN J 64 -9.06 0.44 49.98
CA GLN J 64 -9.78 1.22 48.96
C GLN J 64 -8.91 2.25 48.26
N GLU J 65 -8.06 2.98 49.01
CA GLU J 65 -7.18 4.02 48.46
C GLU J 65 -6.09 3.43 47.57
N ALA J 66 -5.43 2.34 48.03
CA ALA J 66 -4.37 1.64 47.30
C ALA J 66 -4.91 1.02 46.00
N LEU J 67 -6.13 0.45 46.07
CA LEU J 67 -6.88 -0.17 44.99
C LEU J 67 -7.30 0.87 43.94
N TRP J 68 -7.63 2.09 44.41
CA TRP J 68 -8.01 3.21 43.55
C TRP J 68 -6.78 3.77 42.84
N THR J 69 -5.63 3.73 43.52
CA THR J 69 -4.33 4.17 42.97
C THR J 69 -3.91 3.20 41.87
N LEU J 70 -4.04 1.89 42.11
CA LEU J 70 -3.70 0.85 41.15
C LEU J 70 -4.58 0.89 39.90
N GLY J 71 -5.87 1.15 40.10
CA GLY J 71 -6.84 1.25 39.02
C GLY J 71 -6.56 2.43 38.11
N ASN J 72 -6.10 3.56 38.69
CA ASN J 72 -5.73 4.77 37.97
C ASN J 72 -4.43 4.59 37.21
N ILE J 73 -3.44 3.88 37.80
CA ILE J 73 -2.17 3.57 37.14
C ILE J 73 -2.44 2.62 35.96
N ALA J 74 -3.35 1.64 36.13
CA ALA J 74 -3.74 0.68 35.09
C ALA J 74 -4.58 1.32 33.96
N SER J 75 -5.00 2.60 34.14
CA SER J 75 -5.77 3.33 33.13
C SER J 75 -4.88 4.09 32.12
N GLY J 76 -3.56 3.97 32.30
CA GLY J 76 -2.56 4.58 31.43
C GLY J 76 -2.21 3.67 30.27
N GLY J 77 -1.03 3.89 29.70
CA GLY J 77 -0.53 3.10 28.57
C GLY J 77 -0.17 1.67 28.94
N ASN J 78 0.06 0.83 27.91
CA ASN J 78 0.43 -0.59 28.05
C ASN J 78 1.65 -0.86 28.91
N GLU J 79 2.66 0.03 28.85
CA GLU J 79 3.90 -0.07 29.63
C GLU J 79 3.62 0.15 31.13
N GLN J 80 2.62 1.02 31.42
CA GLN J 80 2.16 1.34 32.77
C GLN J 80 1.26 0.22 33.30
N ILE J 81 0.42 -0.39 32.42
CA ILE J 81 -0.42 -1.56 32.73
C ILE J 81 0.48 -2.75 33.07
N GLN J 82 1.55 -2.97 32.28
CA GLN J 82 2.51 -4.05 32.48
C GLN J 82 3.24 -3.91 33.81
N ALA J 83 3.53 -2.66 34.22
CA ALA J 83 4.19 -2.34 35.49
C ALA J 83 3.33 -2.79 36.68
N VAL J 84 1.99 -2.66 36.58
CA VAL J 84 1.01 -3.09 37.60
C VAL J 84 1.02 -4.63 37.65
N ILE J 85 1.13 -5.30 36.49
CA ILE J 85 1.18 -6.76 36.35
C ILE J 85 2.45 -7.31 36.98
N ASP J 86 3.60 -6.66 36.68
CA ASP J 86 4.92 -7.06 37.20
C ASP J 86 5.02 -6.92 38.73
N ALA J 87 4.18 -6.04 39.33
CA ALA J 87 4.13 -5.81 40.78
C ALA J 87 3.36 -6.90 41.57
N GLY J 88 2.73 -7.83 40.85
CA GLY J 88 1.97 -8.94 41.43
C GLY J 88 0.57 -8.59 41.89
N ALA J 89 -0.08 -7.64 41.20
CA ALA J 89 -1.42 -7.16 41.52
C ALA J 89 -2.53 -8.15 41.20
N LEU J 90 -2.39 -8.89 40.09
CA LEU J 90 -3.39 -9.83 39.56
C LEU J 90 -3.85 -10.92 40.54
N PRO J 91 -2.97 -11.70 41.22
CA PRO J 91 -3.49 -12.70 42.19
C PRO J 91 -4.29 -12.06 43.34
N ALA J 92 -3.91 -10.84 43.77
CA ALA J 92 -4.59 -10.09 44.82
C ALA J 92 -5.95 -9.58 44.35
N LEU J 93 -6.01 -9.08 43.09
CA LEU J 93 -7.24 -8.56 42.48
C LEU J 93 -8.27 -9.66 42.24
N VAL J 94 -7.80 -10.87 41.86
CA VAL J 94 -8.68 -12.02 41.62
C VAL J 94 -9.27 -12.46 42.98
N GLN J 95 -8.44 -12.46 44.04
CA GLN J 95 -8.87 -12.79 45.41
C GLN J 95 -9.98 -11.83 45.88
N LEU J 96 -9.86 -10.53 45.52
CA LEU J 96 -10.85 -9.51 45.85
C LEU J 96 -12.20 -9.68 45.11
N LEU J 97 -12.27 -10.58 44.12
CA LEU J 97 -13.52 -10.85 43.39
C LEU J 97 -14.48 -11.68 44.25
N SER J 98 -13.96 -12.31 45.33
CA SER J 98 -14.70 -13.10 46.31
C SER J 98 -15.14 -12.20 47.51
N SER J 99 -14.89 -10.88 47.41
CA SER J 99 -15.18 -9.94 48.49
C SER J 99 -16.68 -9.66 48.74
N PRO J 100 -17.10 -9.71 50.04
CA PRO J 100 -18.48 -9.34 50.38
C PRO J 100 -18.68 -7.82 50.36
N ASN J 101 -17.58 -7.03 50.30
CA ASN J 101 -17.61 -5.58 50.24
C ASN J 101 -17.84 -5.17 48.78
N GLU J 102 -19.07 -4.71 48.46
CA GLU J 102 -19.48 -4.31 47.11
C GLU J 102 -18.64 -3.14 46.55
N GLN J 103 -18.11 -2.27 47.42
CA GLN J 103 -17.26 -1.15 47.00
C GLN J 103 -15.88 -1.68 46.57
N ILE J 104 -15.30 -2.61 47.37
CA ILE J 104 -14.00 -3.23 47.10
C ILE J 104 -14.07 -4.05 45.80
N LEU J 105 -15.13 -4.89 45.65
CA LEU J 105 -15.42 -5.72 44.49
C LEU J 105 -15.49 -4.88 43.20
N GLN J 106 -16.31 -3.80 43.19
CA GLN J 106 -16.46 -2.90 42.05
C GLN J 106 -15.15 -2.24 41.62
N GLU J 107 -14.29 -1.84 42.59
CA GLU J 107 -12.99 -1.22 42.34
C GLU J 107 -12.00 -2.25 41.78
N ALA J 108 -12.09 -3.51 42.25
CA ALA J 108 -11.25 -4.63 41.80
C ALA J 108 -11.59 -5.01 40.35
N LEU J 109 -12.89 -4.93 39.98
CA LEU J 109 -13.41 -5.18 38.63
C LEU J 109 -12.97 -4.08 37.69
N TRP J 110 -13.07 -2.82 38.13
CA TRP J 110 -12.66 -1.64 37.37
C TRP J 110 -11.15 -1.70 37.06
N THR J 111 -10.32 -2.06 38.06
CA THR J 111 -8.86 -2.24 37.94
C THR J 111 -8.53 -3.36 36.94
N LEU J 112 -9.25 -4.50 37.02
CA LEU J 112 -9.06 -5.65 36.13
C LEU J 112 -9.43 -5.29 34.70
N GLY J 113 -10.57 -4.59 34.56
CA GLY J 113 -11.09 -4.12 33.28
C GLY J 113 -10.15 -3.16 32.58
N ASN J 114 -9.39 -2.38 33.38
CA ASN J 114 -8.39 -1.44 32.88
C ASN J 114 -7.16 -2.19 32.40
N ILE J 115 -6.74 -3.25 33.12
CA ILE J 115 -5.62 -4.10 32.73
C ILE J 115 -5.97 -4.82 31.40
N ALA J 116 -7.20 -5.37 31.32
CA ALA J 116 -7.73 -6.07 30.13
C ALA J 116 -7.93 -5.13 28.93
N SER J 117 -7.78 -3.80 29.10
CA SER J 117 -7.90 -2.85 27.99
C SER J 117 -6.55 -2.66 27.27
N GLY J 118 -5.50 -3.29 27.79
CA GLY J 118 -4.17 -3.26 27.21
C GLY J 118 -4.00 -4.27 26.09
N GLY J 119 -2.75 -4.67 25.87
CA GLY J 119 -2.35 -5.63 24.84
C GLY J 119 -2.77 -7.05 25.14
N ASN J 120 -2.64 -7.94 24.13
CA ASN J 120 -2.99 -9.36 24.22
C ASN J 120 -2.22 -10.09 25.30
N GLU J 121 -0.97 -9.65 25.58
CA GLU J 121 -0.11 -10.20 26.62
C GLU J 121 -0.64 -9.81 28.00
N GLN J 122 -1.22 -8.59 28.11
CA GLN J 122 -1.84 -8.05 29.32
C GLN J 122 -3.18 -8.73 29.60
N ILE J 123 -3.96 -9.01 28.52
CA ILE J 123 -5.26 -9.69 28.59
C ILE J 123 -5.04 -11.15 29.05
N GLN J 124 -4.03 -11.83 28.47
CA GLN J 124 -3.67 -13.21 28.79
C GLN J 124 -3.26 -13.38 30.24
N ALA J 125 -2.61 -12.35 30.82
CA ALA J 125 -2.18 -12.31 32.22
C ALA J 125 -3.39 -12.43 33.17
N VAL J 126 -4.49 -11.69 32.85
CA VAL J 126 -5.78 -11.65 33.55
C VAL J 126 -6.44 -13.04 33.49
N ILE J 127 -6.35 -13.74 32.34
CA ILE J 127 -6.91 -15.08 32.11
C ILE J 127 -6.11 -16.10 32.92
N ASP J 128 -4.75 -16.04 32.82
CA ASP J 128 -3.80 -16.92 33.53
C ASP J 128 -3.91 -16.78 35.06
N ALA J 129 -4.41 -15.62 35.54
CA ALA J 129 -4.61 -15.31 36.96
C ALA J 129 -5.92 -15.92 37.50
N GLY J 130 -6.70 -16.54 36.60
CA GLY J 130 -7.95 -17.22 36.92
C GLY J 130 -9.16 -16.34 37.17
N ALA J 131 -9.25 -15.18 36.49
CA ALA J 131 -10.33 -14.22 36.69
C ALA J 131 -11.65 -14.56 36.01
N LEU J 132 -11.62 -15.33 34.92
CA LEU J 132 -12.79 -15.64 34.10
C LEU J 132 -13.91 -16.39 34.84
N PRO J 133 -13.67 -17.45 35.68
CA PRO J 133 -14.80 -18.09 36.38
C PRO J 133 -15.60 -17.14 37.29
N ALA J 134 -14.91 -16.19 37.94
CA ALA J 134 -15.53 -15.18 38.81
C ALA J 134 -16.34 -14.17 37.99
N LEU J 135 -15.76 -13.67 36.87
CA LEU J 135 -16.41 -12.73 35.96
C LEU J 135 -17.69 -13.31 35.36
N VAL J 136 -17.67 -14.62 35.03
CA VAL J 136 -18.81 -15.31 34.42
C VAL J 136 -19.95 -15.46 35.43
N GLN J 137 -19.62 -15.80 36.69
CA GLN J 137 -20.55 -15.93 37.81
C GLN J 137 -21.26 -14.60 38.09
N LEU J 138 -20.49 -13.47 38.07
CA LEU J 138 -21.00 -12.13 38.30
C LEU J 138 -22.02 -11.64 37.27
N LEU J 139 -22.18 -12.37 36.15
CA LEU J 139 -23.17 -12.03 35.11
C LEU J 139 -24.59 -12.40 35.60
N SER J 140 -24.67 -13.28 36.61
CA SER J 140 -25.92 -13.70 37.25
C SER J 140 -26.27 -12.77 38.44
N SER J 141 -25.39 -11.77 38.72
CA SER J 141 -25.56 -10.82 39.81
C SER J 141 -26.80 -9.92 39.72
N PRO J 142 -27.54 -9.77 40.84
CA PRO J 142 -28.70 -8.84 40.83
C PRO J 142 -28.26 -7.38 41.05
N ASN J 143 -26.95 -7.15 41.27
CA ASN J 143 -26.35 -5.83 41.49
C ASN J 143 -25.89 -5.25 40.15
N GLU J 144 -26.70 -4.33 39.59
CA GLU J 144 -26.46 -3.67 38.29
C GLU J 144 -25.11 -2.96 38.19
N GLN J 145 -24.60 -2.42 39.32
CA GLN J 145 -23.30 -1.74 39.41
C GLN J 145 -22.16 -2.74 39.17
N ILE J 146 -22.25 -3.93 39.78
CA ILE J 146 -21.24 -4.99 39.64
C ILE J 146 -21.37 -5.67 38.26
N LEU J 147 -22.61 -5.92 37.83
CA LEU J 147 -22.90 -6.52 36.52
C LEU J 147 -22.23 -5.72 35.40
N GLN J 148 -22.42 -4.39 35.40
CA GLN J 148 -21.83 -3.48 34.42
C GLN J 148 -20.31 -3.59 34.39
N GLU J 149 -19.68 -3.70 35.56
CA GLU J 149 -18.22 -3.79 35.67
C GLU J 149 -17.67 -5.11 35.19
N ALA J 150 -18.39 -6.22 35.47
CA ALA J 150 -18.00 -7.56 35.05
C ALA J 150 -18.13 -7.67 33.51
N LEU J 151 -19.21 -7.08 32.92
CA LEU J 151 -19.45 -7.01 31.47
C LEU J 151 -18.37 -6.20 30.77
N TRP J 152 -17.95 -5.06 31.35
N TRP J 152 -17.95 -5.05 31.35
CA TRP J 152 -16.90 -4.21 30.79
CA TRP J 152 -16.90 -4.21 30.76
C TRP J 152 -15.55 -4.93 30.78
C TRP J 152 -15.55 -4.92 30.78
N THR J 153 -15.27 -5.71 31.83
CA THR J 153 -14.02 -6.47 31.96
C THR J 153 -13.98 -7.62 30.93
N LEU J 154 -15.07 -8.44 30.83
CA LEU J 154 -15.18 -9.54 29.87
C LEU J 154 -15.08 -9.06 28.42
N GLY J 155 -15.73 -7.93 28.14
CA GLY J 155 -15.73 -7.29 26.84
C GLY J 155 -14.36 -6.86 26.36
N ASN J 156 -13.51 -6.38 27.29
CA ASN J 156 -12.13 -5.97 26.98
C ASN J 156 -11.22 -7.17 26.75
N ILE J 157 -11.48 -8.28 27.46
CA ILE J 157 -10.76 -9.56 27.31
C ILE J 157 -11.07 -10.10 25.91
N ALA J 158 -12.36 -10.08 25.51
CA ALA J 158 -12.87 -10.51 24.21
C ALA J 158 -12.42 -9.59 23.06
N SER J 159 -11.70 -8.49 23.37
CA SER J 159 -11.19 -7.57 22.35
C SER J 159 -9.75 -7.95 21.97
N GLY J 160 -9.29 -9.09 22.47
CA GLY J 160 -7.97 -9.66 22.17
C GLY J 160 -8.00 -10.59 20.98
N GLY J 161 -7.05 -11.52 20.93
CA GLY J 161 -6.95 -12.49 19.85
C GLY J 161 -7.92 -13.64 20.03
N ASN J 162 -7.89 -14.60 19.10
CA ASN J 162 -8.75 -15.79 19.10
C ASN J 162 -8.59 -16.65 20.35
N GLU J 163 -7.35 -16.76 20.87
CA GLU J 163 -7.01 -17.52 22.09
C GLU J 163 -7.70 -16.89 23.30
N GLN J 164 -7.74 -15.55 23.35
CA GLN J 164 -8.38 -14.78 24.42
C GLN J 164 -9.90 -14.87 24.36
N ILE J 165 -10.50 -14.74 23.13
CA ILE J 165 -11.94 -14.88 22.91
C ILE J 165 -12.38 -16.31 23.31
N GLN J 166 -11.62 -17.32 22.87
CA GLN J 166 -11.95 -18.72 23.15
C GLN J 166 -11.96 -19.02 24.65
N ALA J 167 -11.05 -18.39 25.41
CA ALA J 167 -10.95 -18.52 26.87
C ALA J 167 -12.24 -18.03 27.52
N VAL J 168 -12.81 -16.92 27.00
CA VAL J 168 -14.07 -16.33 27.47
C VAL J 168 -15.24 -17.29 27.15
N ILE J 169 -15.21 -17.91 25.94
CA ILE J 169 -16.21 -18.89 25.46
C ILE J 169 -16.16 -20.14 26.33
N ASP J 170 -14.94 -20.69 26.58
CA ASP J 170 -14.71 -21.87 27.42
C ASP J 170 -15.16 -21.70 28.87
N ALA J 171 -15.08 -20.47 29.42
CA ALA J 171 -15.53 -20.19 30.80
C ALA J 171 -17.08 -20.15 30.93
N GLY J 172 -17.79 -20.30 29.81
CA GLY J 172 -19.25 -20.35 29.75
C GLY J 172 -19.97 -19.03 29.80
N ALA J 173 -19.35 -17.99 29.22
CA ALA J 173 -19.90 -16.64 29.20
C ALA J 173 -21.08 -16.46 28.25
N LEU J 174 -21.10 -17.20 27.12
CA LEU J 174 -22.11 -17.08 26.07
C LEU J 174 -23.57 -17.34 26.56
N PRO J 175 -23.92 -18.44 27.29
CA PRO J 175 -25.32 -18.58 27.76
C PRO J 175 -25.83 -17.40 28.59
N ALA J 176 -24.96 -16.89 29.50
CA ALA J 176 -25.28 -15.73 30.32
C ALA J 176 -25.43 -14.46 29.47
N LEU J 177 -24.53 -14.23 28.48
CA LEU J 177 -24.57 -13.07 27.57
C LEU J 177 -25.79 -13.01 26.68
N VAL J 178 -26.29 -14.17 26.24
CA VAL J 178 -27.46 -14.30 25.38
C VAL J 178 -28.71 -13.99 26.21
N GLN J 179 -28.75 -14.45 27.48
CA GLN J 179 -29.85 -14.16 28.39
C GLN J 179 -29.96 -12.65 28.68
N LEU J 180 -28.82 -11.94 28.74
CA LEU J 180 -28.77 -10.49 28.97
C LEU J 180 -29.28 -9.68 27.76
N LEU J 181 -29.60 -10.34 26.63
CA LEU J 181 -30.13 -9.65 25.44
C LEU J 181 -31.64 -9.37 25.56
N SER J 182 -32.29 -9.98 26.56
CA SER J 182 -33.72 -9.83 26.87
C SER J 182 -33.91 -8.83 28.01
N SER J 183 -32.81 -8.20 28.46
CA SER J 183 -32.79 -7.25 29.57
C SER J 183 -33.53 -5.92 29.30
N PRO J 184 -34.31 -5.42 30.28
CA PRO J 184 -34.96 -4.10 30.10
C PRO J 184 -34.02 -2.93 30.48
N ASN J 185 -32.76 -3.25 30.84
CA ASN J 185 -31.74 -2.27 31.21
C ASN J 185 -30.87 -2.02 29.99
N GLU J 186 -31.02 -0.81 29.40
CA GLU J 186 -30.32 -0.36 28.19
C GLU J 186 -28.80 -0.35 28.35
N GLN J 187 -28.31 -0.03 29.56
CA GLN J 187 -26.88 0.00 29.88
C GLN J 187 -26.28 -1.42 29.83
N ILE J 188 -26.96 -2.40 30.46
CA ILE J 188 -26.51 -3.80 30.49
C ILE J 188 -26.59 -4.37 29.07
N LEU J 189 -27.73 -4.12 28.39
CA LEU J 189 -28.00 -4.55 27.01
C LEU J 189 -26.90 -4.09 26.06
N GLN J 190 -26.49 -2.81 26.13
CA GLN J 190 -25.45 -2.29 25.25
C GLN J 190 -24.09 -2.97 25.50
N GLU J 191 -23.72 -3.17 26.77
CA GLU J 191 -22.47 -3.82 27.17
C GLU J 191 -22.43 -5.29 26.81
N ALA J 192 -23.59 -5.98 26.87
CA ALA J 192 -23.70 -7.39 26.51
C ALA J 192 -23.60 -7.53 24.97
N LEU J 193 -24.21 -6.58 24.20
CA LEU J 193 -24.15 -6.54 22.74
C LEU J 193 -22.71 -6.29 22.29
N TRP J 194 -22.01 -5.37 22.98
CA TRP J 194 -20.62 -5.04 22.72
C TRP J 194 -19.71 -6.24 23.02
N THR J 195 -19.98 -6.98 24.12
CA THR J 195 -19.21 -8.18 24.47
C THR J 195 -19.40 -9.26 23.39
N LEU J 196 -20.64 -9.49 22.93
CA LEU J 196 -20.93 -10.48 21.89
C LEU J 196 -20.27 -10.09 20.56
N GLY J 197 -20.30 -8.80 20.23
CA GLY J 197 -19.69 -8.22 19.04
C GLY J 197 -18.18 -8.39 18.98
N ASN J 198 -17.52 -8.43 20.16
CA ASN J 198 -16.07 -8.62 20.30
C ASN J 198 -15.72 -10.08 20.15
N ILE J 199 -16.58 -10.97 20.66
CA ILE J 199 -16.46 -12.43 20.54
C ILE J 199 -16.64 -12.81 19.07
N ALA J 200 -17.64 -12.19 18.40
CA ALA J 200 -18.00 -12.37 16.99
C ALA J 200 -16.92 -11.81 16.04
N SER J 201 -15.86 -11.18 16.57
CA SER J 201 -14.76 -10.62 15.79
C SER J 201 -13.63 -11.62 15.57
N GLY J 202 -13.78 -12.81 16.15
CA GLY J 202 -12.80 -13.88 16.01
C GLY J 202 -13.02 -14.73 14.78
N GLY J 203 -12.37 -15.89 14.76
CA GLY J 203 -12.50 -16.86 13.69
C GLY J 203 -13.87 -17.50 13.67
N ASN J 204 -14.10 -18.39 12.71
CA ASN J 204 -15.36 -19.11 12.52
C ASN J 204 -15.69 -20.03 13.68
N GLU J 205 -14.66 -20.51 14.38
CA GLU J 205 -14.76 -21.33 15.59
C GLU J 205 -15.47 -20.51 16.69
N GLN J 206 -15.16 -19.19 16.76
CA GLN J 206 -15.71 -18.27 17.75
C GLN J 206 -17.10 -17.77 17.37
N ILE J 207 -17.30 -17.38 16.10
CA ILE J 207 -18.58 -16.89 15.58
C ILE J 207 -19.65 -18.01 15.68
N GLN J 208 -19.30 -19.25 15.32
CA GLN J 208 -20.25 -20.38 15.36
C GLN J 208 -20.76 -20.63 16.78
N ALA J 209 -19.90 -20.43 17.78
CA ALA J 209 -20.25 -20.56 19.20
C ALA J 209 -21.33 -19.54 19.59
N VAL J 210 -21.24 -18.30 19.08
CA VAL J 210 -22.22 -17.22 19.30
C VAL J 210 -23.57 -17.65 18.66
N ILE J 211 -23.51 -18.23 17.44
CA ILE J 211 -24.67 -18.70 16.68
C ILE J 211 -25.36 -19.85 17.42
N ASP J 212 -24.58 -20.89 17.81
CA ASP J 212 -25.09 -22.03 18.56
C ASP J 212 -25.66 -21.64 19.95
N ALA J 213 -25.19 -20.52 20.54
CA ALA J 213 -25.71 -20.02 21.82
C ALA J 213 -27.11 -19.37 21.68
N GLY J 214 -27.60 -19.22 20.46
CA GLY J 214 -28.92 -18.68 20.16
C GLY J 214 -29.00 -17.17 20.16
N ALA J 215 -27.89 -16.49 19.86
CA ALA J 215 -27.81 -15.04 19.84
C ALA J 215 -28.49 -14.35 18.65
N LEU J 216 -28.57 -15.03 17.46
CA LEU J 216 -29.14 -14.44 16.23
C LEU J 216 -30.62 -13.98 16.37
N PRO J 217 -31.60 -14.79 16.89
CA PRO J 217 -32.98 -14.26 17.02
C PRO J 217 -33.12 -12.93 17.76
N ALA J 218 -32.38 -12.75 18.88
CA ALA J 218 -32.37 -11.51 19.67
C ALA J 218 -31.76 -10.33 18.90
N LEU J 219 -30.64 -10.54 18.18
CA LEU J 219 -29.98 -9.51 17.36
C LEU J 219 -30.89 -9.04 16.22
N VAL J 220 -31.67 -9.98 15.61
CA VAL J 220 -32.60 -9.68 14.54
C VAL J 220 -33.75 -8.81 15.06
N GLN J 221 -34.33 -9.18 16.23
CA GLN J 221 -35.40 -8.42 16.90
C GLN J 221 -34.95 -7.02 17.27
N LEU J 222 -33.68 -6.86 17.69
CA LEU J 222 -33.10 -5.58 18.07
C LEU J 222 -32.91 -4.63 16.87
N LEU J 223 -33.00 -5.14 15.63
CA LEU J 223 -32.92 -4.30 14.43
C LEU J 223 -34.18 -3.43 14.24
N SER J 224 -35.28 -3.80 14.95
CA SER J 224 -36.55 -3.09 14.96
C SER J 224 -36.65 -2.12 16.15
N SER J 225 -35.54 -1.95 16.91
CA SER J 225 -35.49 -1.08 18.08
C SER J 225 -35.59 0.42 17.77
N PRO J 226 -36.36 1.19 18.57
CA PRO J 226 -36.41 2.66 18.37
C PRO J 226 -35.23 3.37 19.04
N ASN J 227 -34.33 2.59 19.70
CA ASN J 227 -33.14 3.08 20.39
C ASN J 227 -31.92 2.98 19.46
N GLU J 228 -31.43 4.14 18.99
CA GLU J 228 -30.28 4.28 18.08
C GLU J 228 -28.97 3.71 18.64
N GLN J 229 -28.82 3.72 19.97
CA GLN J 229 -27.63 3.22 20.67
C GLN J 229 -27.60 1.67 20.66
N ILE J 230 -28.76 1.04 20.93
CA ILE J 230 -28.93 -0.41 20.94
C ILE J 230 -28.85 -0.96 19.51
N LEU J 231 -29.59 -0.31 18.57
CA LEU J 231 -29.62 -0.66 17.16
C LEU J 231 -28.20 -0.73 16.58
N GLN J 232 -27.39 0.31 16.82
CA GLN J 232 -26.00 0.38 16.36
C GLN J 232 -25.17 -0.80 16.89
N GLU J 233 -25.32 -1.14 18.18
CA GLU J 233 -24.52 -2.22 18.77
C GLU J 233 -24.92 -3.61 18.28
N ALA J 234 -26.22 -3.83 18.02
CA ALA J 234 -26.73 -5.11 17.50
C ALA J 234 -26.30 -5.27 16.02
N LEU J 235 -26.39 -4.16 15.23
CA LEU J 235 -25.96 -4.09 13.82
C LEU J 235 -24.47 -4.46 13.69
N TRP J 236 -23.63 -3.94 14.60
CA TRP J 236 -22.21 -4.21 14.63
C TRP J 236 -21.94 -5.69 14.94
N THR J 237 -22.67 -6.28 15.91
CA THR J 237 -22.58 -7.70 16.27
C THR J 237 -22.94 -8.61 15.07
N LEU J 238 -24.08 -8.33 14.41
CA LEU J 238 -24.55 -9.05 13.22
C LEU J 238 -23.53 -8.96 12.10
N GLY J 239 -22.99 -7.77 11.88
CA GLY J 239 -21.97 -7.53 10.87
C GLY J 239 -20.71 -8.36 11.07
N ASN J 240 -20.30 -8.55 12.32
CA ASN J 240 -19.11 -9.35 12.66
C ASN J 240 -19.35 -10.83 12.49
N ILE J 241 -20.59 -11.28 12.75
CA ILE J 241 -21.02 -12.67 12.55
C ILE J 241 -21.02 -12.95 11.03
N ALA J 242 -21.55 -11.98 10.25
CA ALA J 242 -21.62 -12.06 8.79
C ALA J 242 -20.25 -11.94 8.12
N SER J 243 -19.21 -11.52 8.88
CA SER J 243 -17.84 -11.40 8.37
C SER J 243 -17.11 -12.75 8.37
N GLY J 244 -17.82 -13.81 8.78
CA GLY J 244 -17.29 -15.17 8.85
C GLY J 244 -17.47 -15.95 7.56
N GLY J 245 -17.36 -17.27 7.67
CA GLY J 245 -17.52 -18.20 6.56
C GLY J 245 -18.94 -18.23 6.02
N ASN J 246 -19.14 -18.93 4.90
CA ASN J 246 -20.42 -19.04 4.19
C ASN J 246 -21.55 -19.63 5.01
N GLU J 247 -21.24 -20.56 5.93
CA GLU J 247 -22.26 -21.15 6.78
C GLU J 247 -22.66 -20.23 7.94
N GLN J 248 -21.78 -19.27 8.30
CA GLN J 248 -22.04 -18.25 9.32
C GLN J 248 -22.88 -17.14 8.69
N ILE J 249 -22.65 -16.87 7.38
CA ILE J 249 -23.41 -15.88 6.60
C ILE J 249 -24.82 -16.42 6.43
N GLN J 250 -24.93 -17.72 6.07
CA GLN J 250 -26.22 -18.40 5.90
C GLN J 250 -27.08 -18.31 7.16
N ALA J 251 -26.47 -18.57 8.34
CA ALA J 251 -27.15 -18.50 9.64
C ALA J 251 -27.83 -17.15 9.89
N VAL J 252 -27.19 -16.03 9.45
CA VAL J 252 -27.71 -14.65 9.55
C VAL J 252 -28.98 -14.53 8.67
N ILE J 253 -28.89 -14.97 7.39
CA ILE J 253 -29.97 -14.98 6.39
C ILE J 253 -31.15 -15.80 6.93
N ASP J 254 -30.87 -17.02 7.43
CA ASP J 254 -31.86 -17.95 8.00
C ASP J 254 -32.63 -17.39 9.19
N ALA J 255 -31.99 -16.45 9.96
CA ALA J 255 -32.57 -15.78 11.12
C ALA J 255 -33.57 -14.67 10.76
N GLY J 256 -33.65 -14.33 9.46
CA GLY J 256 -34.56 -13.33 8.92
C GLY J 256 -34.05 -11.91 9.04
N ALA J 257 -32.71 -11.76 8.97
CA ALA J 257 -32.03 -10.47 9.11
C ALA J 257 -32.08 -9.57 7.86
N LEU J 258 -32.16 -10.16 6.65
CA LEU J 258 -32.18 -9.42 5.38
C LEU J 258 -33.33 -8.40 5.23
N PRO J 259 -34.63 -8.73 5.50
CA PRO J 259 -35.68 -7.70 5.36
C PRO J 259 -35.46 -6.46 6.21
N ALA J 260 -34.98 -6.64 7.46
CA ALA J 260 -34.69 -5.56 8.42
C ALA J 260 -33.50 -4.71 7.95
N LEU J 261 -32.42 -5.37 7.51
CA LEU J 261 -31.21 -4.71 6.96
C LEU J 261 -31.56 -3.87 5.73
N VAL J 262 -32.48 -4.36 4.88
CA VAL J 262 -32.93 -3.64 3.68
C VAL J 262 -33.71 -2.38 4.08
N GLN J 263 -34.57 -2.47 5.12
CA GLN J 263 -35.33 -1.34 5.68
C GLN J 263 -34.41 -0.24 6.23
N LEU J 264 -33.27 -0.64 6.83
CA LEU J 264 -32.28 0.26 7.40
C LEU J 264 -31.46 1.01 6.33
N LEU J 265 -31.61 0.65 5.04
CA LEU J 265 -30.93 1.32 3.93
C LEU J 265 -31.61 2.65 3.60
N SER J 266 -32.81 2.87 4.17
CA SER J 266 -33.60 4.09 4.00
C SER J 266 -33.34 5.07 5.16
N SER J 267 -32.36 4.74 6.03
CA SER J 267 -32.05 5.55 7.19
C SER J 267 -31.29 6.85 6.88
N PRO J 268 -31.74 8.02 7.43
CA PRO J 268 -30.97 9.26 7.25
C PRO J 268 -29.82 9.37 8.26
N ASN J 269 -29.71 8.36 9.17
CA ASN J 269 -28.70 8.25 10.21
C ASN J 269 -27.46 7.59 9.63
N GLU J 270 -26.40 8.39 9.39
CA GLU J 270 -25.12 7.96 8.83
C GLU J 270 -24.49 6.76 9.54
N GLN J 271 -24.59 6.70 10.87
CA GLN J 271 -24.04 5.60 11.67
C GLN J 271 -24.78 4.29 11.41
N ILE J 272 -26.13 4.32 11.44
CA ILE J 272 -26.98 3.16 11.18
C ILE J 272 -26.79 2.69 9.73
N LEU J 273 -26.93 3.63 8.76
CA LEU J 273 -26.78 3.41 7.33
C LEU J 273 -25.43 2.77 6.95
N GLN J 274 -24.31 3.29 7.51
CA GLN J 274 -22.96 2.77 7.26
C GLN J 274 -22.82 1.31 7.69
N GLU J 275 -23.38 0.96 8.85
CA GLU J 275 -23.34 -0.37 9.45
C GLU J 275 -24.26 -1.38 8.76
N ALA J 276 -25.43 -0.95 8.27
CA ALA J 276 -26.35 -1.81 7.53
C ALA J 276 -25.72 -2.16 6.16
N LEU J 277 -25.05 -1.16 5.51
CA LEU J 277 -24.33 -1.34 4.24
C LEU J 277 -23.17 -2.30 4.43
N TRP J 278 -22.42 -2.15 5.53
CA TRP J 278 -21.27 -2.99 5.87
C TRP J 278 -21.69 -4.43 6.17
N THR J 279 -22.84 -4.64 6.85
CA THR J 279 -23.37 -5.98 7.16
C THR J 279 -23.80 -6.67 5.85
N LEU J 280 -24.53 -5.95 4.97
CA LEU J 280 -24.97 -6.44 3.67
C LEU J 280 -23.82 -6.80 2.75
N GLY J 281 -22.73 -6.03 2.83
CA GLY J 281 -21.50 -6.29 2.09
C GLY J 281 -20.83 -7.57 2.55
N ASN J 282 -20.88 -7.84 3.87
CA ASN J 282 -20.32 -9.06 4.46
C ASN J 282 -21.11 -10.28 4.02
N ILE J 283 -22.45 -10.15 3.91
CA ILE J 283 -23.36 -11.19 3.44
C ILE J 283 -23.15 -11.43 1.93
N ALA J 284 -23.00 -10.33 1.15
CA ALA J 284 -22.78 -10.37 -0.30
C ALA J 284 -21.43 -10.99 -0.70
N SER J 285 -20.45 -11.04 0.23
CA SER J 285 -19.14 -11.65 0.02
C SER J 285 -19.20 -13.20 0.11
N GLY J 286 -20.40 -13.73 0.33
CA GLY J 286 -20.64 -15.17 0.38
C GLY J 286 -20.81 -15.78 -1.01
N GLY J 287 -21.27 -17.02 -1.04
CA GLY J 287 -21.52 -17.76 -2.28
C GLY J 287 -22.79 -17.29 -2.99
N ASN J 288 -23.13 -17.99 -4.10
CA ASN J 288 -24.30 -17.71 -4.95
C ASN J 288 -25.65 -17.83 -4.22
N GLU J 289 -25.76 -18.77 -3.26
CA GLU J 289 -26.95 -18.98 -2.42
C GLU J 289 -27.18 -17.69 -1.62
N GLN J 290 -26.11 -17.21 -0.95
CA GLN J 290 -26.08 -15.99 -0.15
C GLN J 290 -26.37 -14.74 -0.99
N LYS J 291 -25.70 -14.59 -2.15
CA LYS J 291 -25.89 -13.45 -3.06
C LYS J 291 -27.33 -13.37 -3.59
N GLN J 292 -27.94 -14.53 -3.91
CA GLN J 292 -29.32 -14.62 -4.41
C GLN J 292 -30.34 -14.17 -3.38
N ALA J 293 -30.12 -14.55 -2.10
CA ALA J 293 -30.96 -14.19 -0.95
C ALA J 293 -31.04 -12.68 -0.78
N VAL J 294 -29.89 -11.98 -0.98
CA VAL J 294 -29.75 -10.53 -0.89
C VAL J 294 -30.56 -9.85 -2.01
N LYS J 295 -30.42 -10.36 -3.26
CA LYS J 295 -31.14 -9.87 -4.45
C LYS J 295 -32.66 -10.01 -4.29
N GLU J 296 -33.13 -11.16 -3.74
CA GLU J 296 -34.54 -11.45 -3.49
C GLU J 296 -35.15 -10.60 -2.37
N ALA J 297 -34.28 -10.00 -1.51
CA ALA J 297 -34.68 -9.15 -0.41
C ALA J 297 -34.85 -7.67 -0.84
N GLY J 298 -34.65 -7.40 -2.13
CA GLY J 298 -34.79 -6.08 -2.73
C GLY J 298 -33.68 -5.10 -2.42
N ALA J 299 -32.44 -5.59 -2.27
CA ALA J 299 -31.29 -4.76 -1.93
C ALA J 299 -30.63 -4.02 -3.10
N LEU J 300 -30.58 -4.63 -4.31
CA LEU J 300 -29.91 -4.08 -5.51
C LEU J 300 -30.19 -2.61 -5.83
N GLU J 301 -31.47 -2.22 -6.01
CA GLU J 301 -31.83 -0.85 -6.37
C GLU J 301 -31.45 0.20 -5.32
N LYS J 302 -31.58 -0.16 -4.04
CA LYS J 302 -31.26 0.70 -2.90
C LYS J 302 -29.75 0.91 -2.76
N LEU J 303 -28.95 -0.16 -2.97
CA LEU J 303 -27.49 -0.14 -2.94
C LEU J 303 -26.96 0.67 -4.11
N GLU J 304 -27.55 0.46 -5.29
CA GLU J 304 -27.18 1.17 -6.51
C GLU J 304 -27.40 2.67 -6.27
N GLN J 305 -28.55 3.03 -5.68
CA GLN J 305 -28.90 4.42 -5.36
C GLN J 305 -27.93 5.07 -4.37
N LEU J 306 -27.51 4.32 -3.34
CA LEU J 306 -26.60 4.81 -2.31
C LEU J 306 -25.15 5.08 -2.79
N GLN J 307 -24.81 4.70 -4.03
CA GLN J 307 -23.51 4.99 -4.64
C GLN J 307 -23.46 6.49 -5.02
N SER J 308 -24.63 7.17 -4.97
CA SER J 308 -24.81 8.59 -5.26
C SER J 308 -24.92 9.42 -3.96
N HIS J 309 -24.63 8.83 -2.78
CA HIS J 309 -24.66 9.54 -1.51
C HIS J 309 -23.40 10.42 -1.36
N GLU J 310 -23.57 11.71 -0.98
CA GLU J 310 -22.52 12.73 -0.74
C GLU J 310 -21.41 12.23 0.19
N ASN J 311 -21.76 11.43 1.22
CA ASN J 311 -20.82 10.86 2.18
C ASN J 311 -19.98 9.76 1.55
N GLU J 312 -18.69 10.06 1.34
CA GLU J 312 -17.65 9.21 0.73
C GLU J 312 -17.57 7.80 1.34
N LYS J 313 -17.77 7.66 2.66
CA LYS J 313 -17.74 6.34 3.32
C LYS J 313 -18.99 5.52 2.97
N ILE J 314 -20.17 6.16 2.95
CA ILE J 314 -21.45 5.53 2.58
C ILE J 314 -21.37 5.05 1.11
N GLN J 315 -20.76 5.88 0.23
CA GLN J 315 -20.55 5.68 -1.20
C GLN J 315 -19.71 4.42 -1.47
N LYS J 316 -18.49 4.35 -0.87
CA LYS J 316 -17.54 3.24 -0.97
C LYS J 316 -18.13 1.93 -0.45
N GLU J 317 -18.91 1.99 0.64
CA GLU J 317 -19.54 0.80 1.23
C GLU J 317 -20.70 0.27 0.37
N ALA J 318 -21.46 1.19 -0.27
CA ALA J 318 -22.58 0.83 -1.14
C ALA J 318 -22.08 0.23 -2.47
N GLN J 319 -20.96 0.76 -2.99
CA GLN J 319 -20.32 0.32 -4.23
C GLN J 319 -19.73 -1.08 -4.06
N GLU J 320 -19.00 -1.29 -2.94
CA GLU J 320 -18.35 -2.54 -2.57
C GLU J 320 -19.36 -3.69 -2.45
N ALA J 321 -20.47 -3.48 -1.70
CA ALA J 321 -21.54 -4.44 -1.49
C ALA J 321 -22.21 -4.84 -2.82
N LEU J 322 -22.48 -3.84 -3.71
CA LEU J 322 -23.09 -4.05 -5.02
C LEU J 322 -22.12 -4.78 -5.97
N GLU J 323 -20.80 -4.45 -5.88
CA GLU J 323 -19.76 -5.10 -6.68
C GLU J 323 -19.62 -6.56 -6.29
N LYS J 324 -19.73 -6.87 -4.98
CA LYS J 324 -19.67 -8.24 -4.45
C LYS J 324 -20.86 -9.06 -4.91
N LEU J 325 -22.06 -8.43 -4.99
CA LEU J 325 -23.29 -9.06 -5.44
C LEU J 325 -23.26 -9.40 -6.91
N GLN J 326 -22.80 -8.45 -7.73
CA GLN J 326 -22.70 -8.57 -9.19
C GLN J 326 -21.50 -9.43 -9.64
N SER J 327 -20.60 -9.83 -8.68
CA SER J 327 -19.43 -10.68 -8.92
C SER J 327 -19.79 -12.16 -8.90
N HIS J 328 -18.92 -12.99 -9.51
CA HIS J 328 -19.08 -14.44 -9.62
C HIS J 328 -17.91 -15.17 -8.97
N GLU K 5 -10.34 21.55 74.37
CA GLU K 5 -10.55 21.73 75.80
C GLU K 5 -9.37 21.27 76.67
N LEU K 6 -9.28 21.82 77.90
CA LEU K 6 -8.24 21.52 78.89
C LEU K 6 -8.14 20.01 79.23
N PRO K 7 -9.24 19.23 79.47
CA PRO K 7 -9.07 17.79 79.77
C PRO K 7 -8.40 16.98 78.65
N GLN K 8 -8.64 17.36 77.37
CA GLN K 8 -8.02 16.73 76.18
C GLN K 8 -6.50 16.92 76.26
N MET K 9 -6.07 18.17 76.57
CA MET K 9 -4.67 18.58 76.72
C MET K 9 -3.97 17.82 77.85
N VAL K 10 -4.73 17.46 78.92
CA VAL K 10 -4.22 16.71 80.07
C VAL K 10 -3.92 15.25 79.63
N GLN K 11 -4.84 14.64 78.84
CA GLN K 11 -4.70 13.29 78.27
C GLN K 11 -3.49 13.23 77.31
N GLN K 12 -3.19 14.36 76.64
CA GLN K 12 -2.08 14.55 75.70
C GLN K 12 -0.69 14.56 76.40
N LEU K 13 -0.67 14.60 77.75
CA LEU K 13 0.57 14.60 78.52
C LEU K 13 1.18 13.18 78.63
N ASN K 14 0.40 12.15 78.31
CA ASN K 14 0.83 10.74 78.27
C ASN K 14 0.89 10.21 76.82
N SER K 15 0.93 11.14 75.84
CA SER K 15 0.99 10.87 74.40
C SER K 15 2.38 10.40 73.96
N PRO K 16 2.48 9.28 73.19
CA PRO K 16 3.81 8.84 72.71
C PRO K 16 4.42 9.81 71.71
N ASP K 17 3.60 10.66 71.06
CA ASP K 17 4.05 11.69 70.11
C ASP K 17 4.52 12.87 70.98
N GLN K 18 5.84 13.03 71.10
CA GLN K 18 6.49 14.06 71.92
C GLN K 18 6.19 15.49 71.47
N GLN K 19 5.83 15.68 70.18
CA GLN K 19 5.45 16.97 69.60
C GLN K 19 4.04 17.40 70.05
N GLU K 20 3.09 16.43 70.12
CA GLU K 20 1.70 16.62 70.54
C GLU K 20 1.67 16.94 72.04
N LEU K 21 2.56 16.27 72.81
CA LEU K 21 2.77 16.40 74.23
C LEU K 21 3.35 17.76 74.55
N GLN K 22 4.46 18.15 73.86
CA GLN K 22 5.18 19.42 74.03
C GLN K 22 4.29 20.63 73.78
N SER K 23 3.38 20.56 72.80
CA SER K 23 2.46 21.66 72.48
C SER K 23 1.37 21.80 73.55
N ALA K 24 0.75 20.66 73.95
CA ALA K 24 -0.29 20.59 75.00
C ALA K 24 0.28 21.19 76.30
N LEU K 25 1.52 20.77 76.66
CA LEU K 25 2.32 21.21 77.80
C LEU K 25 2.66 22.70 77.70
N ARG K 26 3.09 23.17 76.49
CA ARG K 26 3.43 24.58 76.23
C ARG K 26 2.19 25.47 76.39
N LYS K 27 1.03 25.03 75.86
CA LYS K 27 -0.23 25.77 75.96
C LYS K 27 -0.72 25.85 77.40
N LEU K 28 -0.74 24.71 78.14
CA LEU K 28 -1.11 24.64 79.56
C LEU K 28 -0.24 25.57 80.41
N SER K 29 1.08 25.60 80.11
CA SER K 29 2.08 26.46 80.75
C SER K 29 1.77 27.95 80.53
N GLN K 30 1.37 28.33 79.30
CA GLN K 30 1.01 29.71 78.92
C GLN K 30 -0.30 30.09 79.60
N ILE K 31 -1.28 29.15 79.65
CA ILE K 31 -2.57 29.36 80.31
C ILE K 31 -2.32 29.61 81.82
N ALA K 32 -1.41 28.82 82.43
CA ALA K 32 -1.02 28.94 83.84
C ALA K 32 -0.24 30.24 84.15
N SER K 33 0.33 30.90 83.12
CA SER K 33 1.07 32.15 83.29
C SER K 33 0.14 33.34 83.50
N GLY K 34 -1.15 33.16 83.16
CA GLY K 34 -2.18 34.17 83.31
C GLY K 34 -2.62 34.40 84.73
N GLY K 35 -3.87 34.81 84.90
CA GLY K 35 -4.45 35.08 86.21
C GLY K 35 -4.79 33.84 87.01
N ASN K 36 -5.31 34.03 88.23
CA ASN K 36 -5.70 32.95 89.14
C ASN K 36 -6.89 32.14 88.61
N GLU K 37 -7.75 32.76 87.80
CA GLU K 37 -8.93 32.12 87.20
C GLU K 37 -8.47 31.09 86.17
N GLN K 38 -7.38 31.40 85.44
CA GLN K 38 -6.78 30.55 84.42
C GLN K 38 -6.01 29.39 85.05
N ILE K 39 -5.28 29.64 86.17
CA ILE K 39 -4.54 28.64 86.94
C ILE K 39 -5.54 27.62 87.49
N GLN K 40 -6.68 28.09 88.01
CA GLN K 40 -7.72 27.23 88.55
C GLN K 40 -8.30 26.29 87.50
N ALA K 41 -8.41 26.76 86.24
CA ALA K 41 -8.91 25.97 85.12
C ALA K 41 -7.95 24.80 84.81
N VAL K 42 -6.62 25.05 84.88
CA VAL K 42 -5.57 24.06 84.66
C VAL K 42 -5.65 23.00 85.79
N ILE K 43 -5.87 23.46 87.05
CA ILE K 43 -6.02 22.59 88.24
C ILE K 43 -7.27 21.72 88.13
N ASP K 44 -8.42 22.32 87.77
CA ASP K 44 -9.72 21.67 87.63
C ASP K 44 -9.79 20.62 86.53
N ALA K 45 -8.85 20.65 85.57
CA ALA K 45 -8.76 19.70 84.47
C ALA K 45 -7.95 18.43 84.84
N GLY K 46 -7.35 18.43 86.04
CA GLY K 46 -6.55 17.33 86.57
C GLY K 46 -5.15 17.27 86.03
N ALA K 47 -4.55 18.44 85.78
CA ALA K 47 -3.20 18.54 85.22
C ALA K 47 -2.09 18.21 86.20
N LEU K 48 -2.25 18.60 87.49
CA LEU K 48 -1.24 18.43 88.54
C LEU K 48 -0.70 16.99 88.71
N PRO K 49 -1.51 15.89 88.80
CA PRO K 49 -0.90 14.55 88.94
C PRO K 49 0.00 14.16 87.76
N ALA K 50 -0.37 14.62 86.54
CA ALA K 50 0.38 14.37 85.31
C ALA K 50 1.70 15.15 85.31
N LEU K 51 1.65 16.46 85.69
CA LEU K 51 2.79 17.37 85.80
C LEU K 51 3.79 16.87 86.82
N VAL K 52 3.33 16.29 87.94
CA VAL K 52 4.20 15.75 88.99
C VAL K 52 4.96 14.50 88.46
N GLN K 53 4.25 13.58 87.76
CA GLN K 53 4.86 12.38 87.18
C GLN K 53 5.89 12.76 86.09
N LEU K 54 5.61 13.81 85.30
CA LEU K 54 6.53 14.30 84.27
C LEU K 54 7.87 14.80 84.83
N LEU K 55 8.01 14.92 86.15
CA LEU K 55 9.24 15.37 86.78
C LEU K 55 10.28 14.24 86.86
N SER K 56 9.85 13.00 86.56
CA SER K 56 10.67 11.77 86.49
C SER K 56 11.22 11.60 85.05
N SER K 57 10.71 12.44 84.11
CA SER K 57 11.04 12.38 82.67
C SER K 57 12.52 12.49 82.31
N PRO K 58 13.01 11.56 81.44
CA PRO K 58 14.39 11.66 80.96
C PRO K 58 14.55 12.71 79.84
N ASN K 59 13.43 13.24 79.31
CA ASN K 59 13.39 14.28 78.29
C ASN K 59 13.48 15.62 78.98
N GLU K 60 14.63 16.32 78.83
CA GLU K 60 14.89 17.63 79.45
C GLU K 60 13.92 18.74 79.03
N GLN K 61 13.36 18.65 77.80
CA GLN K 61 12.41 19.62 77.26
C GLN K 61 11.04 19.50 77.92
N ILE K 62 10.55 18.26 78.14
CA ILE K 62 9.28 17.99 78.80
C ILE K 62 9.42 18.43 80.29
N LEU K 63 10.50 17.98 80.95
CA LEU K 63 10.86 18.30 82.32
C LEU K 63 10.85 19.82 82.58
N GLN K 64 11.59 20.62 81.75
CA GLN K 64 11.65 22.08 81.87
C GLN K 64 10.26 22.74 81.80
N GLU K 65 9.43 22.29 80.84
CA GLU K 65 8.10 22.85 80.61
C GLU K 65 7.09 22.40 81.65
N ALA K 66 7.28 21.20 82.25
CA ALA K 66 6.41 20.69 83.32
C ALA K 66 6.71 21.54 84.58
N LEU K 67 8.01 21.85 84.83
CA LEU K 67 8.48 22.73 85.89
C LEU K 67 7.92 24.14 85.73
N TRP K 68 7.88 24.68 84.50
CA TRP K 68 7.31 26.02 84.23
C TRP K 68 5.83 26.05 84.63
N THR K 69 5.06 25.00 84.26
CA THR K 69 3.62 24.89 84.53
C THR K 69 3.37 24.84 86.03
N LEU K 70 4.12 23.98 86.76
CA LEU K 70 4.03 23.84 88.22
C LEU K 70 4.42 25.14 88.91
N GLY K 71 5.52 25.76 88.46
CA GLY K 71 6.00 27.03 88.98
C GLY K 71 5.07 28.20 88.74
N ASN K 72 4.36 28.20 87.59
CA ASN K 72 3.38 29.22 87.21
C ASN K 72 2.08 29.03 87.98
N ILE K 73 1.71 27.77 88.29
CA ILE K 73 0.52 27.46 89.10
C ILE K 73 0.80 27.92 90.54
N ALA K 74 2.02 27.66 91.05
CA ALA K 74 2.48 28.04 92.39
C ALA K 74 2.71 29.57 92.53
N SER K 75 2.56 30.33 91.43
CA SER K 75 2.68 31.78 91.43
C SER K 75 1.30 32.43 91.67
N GLY K 76 0.28 31.58 91.84
CA GLY K 76 -1.10 31.97 92.09
C GLY K 76 -1.40 32.13 93.56
N GLY K 77 -2.69 32.03 93.90
CA GLY K 77 -3.18 32.16 95.27
C GLY K 77 -2.72 31.03 96.15
N ASN K 78 -2.90 31.18 97.48
CA ASN K 78 -2.49 30.18 98.47
C ASN K 78 -3.23 28.87 98.34
N GLU K 79 -4.47 28.89 97.82
CA GLU K 79 -5.26 27.67 97.58
C GLU K 79 -4.68 26.88 96.39
N GLN K 80 -4.03 27.58 95.44
CA GLN K 80 -3.39 27.02 94.25
C GLN K 80 -2.02 26.46 94.56
N ILE K 81 -1.30 27.08 95.52
CA ILE K 81 -0.01 26.61 96.03
C ILE K 81 -0.29 25.29 96.76
N GLN K 82 -1.41 25.26 97.52
CA GLN K 82 -1.84 24.11 98.30
C GLN K 82 -2.13 22.90 97.43
N ALA K 83 -2.73 23.12 96.25
CA ALA K 83 -3.05 22.08 95.26
C ALA K 83 -1.76 21.49 94.66
N VAL K 84 -0.68 22.30 94.55
CA VAL K 84 0.63 21.85 94.06
C VAL K 84 1.23 20.91 95.12
N ILE K 85 1.13 21.30 96.42
CA ILE K 85 1.64 20.56 97.57
C ILE K 85 0.87 19.24 97.71
N ASP K 86 -0.47 19.32 97.71
CA ASP K 86 -1.37 18.17 97.82
C ASP K 86 -1.20 17.15 96.66
N ALA K 87 -0.54 17.56 95.56
CA ALA K 87 -0.25 16.69 94.40
C ALA K 87 1.07 15.91 94.57
N GLY K 88 1.81 16.19 95.63
CA GLY K 88 3.08 15.52 95.92
C GLY K 88 4.24 16.02 95.08
N ALA K 89 4.24 17.33 94.75
CA ALA K 89 5.29 17.94 93.94
C ALA K 89 6.60 18.13 94.71
N LEU K 90 6.51 18.47 96.01
CA LEU K 90 7.65 18.77 96.89
C LEU K 90 8.69 17.65 96.96
N PRO K 91 8.35 16.35 97.20
CA PRO K 91 9.39 15.30 97.19
C PRO K 91 10.22 15.28 95.88
N ALA K 92 9.55 15.51 94.72
CA ALA K 92 10.17 15.52 93.40
C ALA K 92 11.02 16.78 93.16
N LEU K 93 10.54 17.96 93.61
CA LEU K 93 11.25 19.23 93.51
C LEU K 93 12.52 19.23 94.36
N VAL K 94 12.49 18.58 95.55
CA VAL K 94 13.63 18.47 96.46
C VAL K 94 14.71 17.58 95.80
N GLN K 95 14.31 16.47 95.16
CA GLN K 95 15.19 15.58 94.40
C GLN K 95 15.91 16.33 93.26
N LEU K 96 15.18 17.22 92.56
CA LEU K 96 15.71 18.01 91.43
C LEU K 96 16.79 19.03 91.82
N LEU K 97 16.97 19.26 93.13
CA LEU K 97 17.98 20.18 93.65
C LEU K 97 19.39 19.59 93.56
N SER K 98 19.47 18.25 93.37
CA SER K 98 20.72 17.50 93.21
C SER K 98 21.01 17.27 91.71
N SER K 99 20.37 18.07 90.83
CA SER K 99 20.50 17.96 89.38
C SER K 99 21.78 18.57 88.82
N PRO K 100 22.49 17.84 87.91
CA PRO K 100 23.68 18.41 87.24
C PRO K 100 23.30 19.42 86.14
N ASN K 101 22.01 19.47 85.74
CA ASN K 101 21.47 20.38 84.72
C ASN K 101 21.07 21.70 85.37
N GLU K 102 21.89 22.76 85.16
CA GLU K 102 21.71 24.09 85.74
C GLU K 102 20.36 24.72 85.41
N GLN K 103 19.82 24.41 84.23
CA GLN K 103 18.52 24.92 83.81
C GLN K 103 17.40 24.28 84.64
N ILE K 104 17.44 22.96 84.81
CA ILE K 104 16.45 22.23 85.61
C ILE K 104 16.55 22.65 87.09
N LEU K 105 17.79 22.80 87.59
CA LEU K 105 18.08 23.25 88.94
C LEU K 105 17.44 24.60 89.24
N GLN K 106 17.66 25.61 88.38
CA GLN K 106 17.09 26.95 88.51
C GLN K 106 15.55 26.95 88.48
N GLU K 107 14.93 26.20 87.55
CA GLU K 107 13.46 26.10 87.43
C GLU K 107 12.83 25.42 88.67
N ALA K 108 13.56 24.48 89.30
CA ALA K 108 13.10 23.75 90.49
C ALA K 108 13.20 24.67 91.72
N LEU K 109 14.31 25.44 91.83
CA LEU K 109 14.55 26.46 92.87
C LEU K 109 13.47 27.54 92.77
N TRP K 110 13.13 27.96 91.53
CA TRP K 110 12.10 28.95 91.25
C TRP K 110 10.70 28.47 91.66
N THR K 111 10.35 27.20 91.36
CA THR K 111 9.06 26.59 91.71
C THR K 111 8.92 26.50 93.23
N LEU K 112 9.99 26.07 93.93
CA LEU K 112 10.08 25.97 95.38
C LEU K 112 9.93 27.32 96.07
N GLY K 113 10.51 28.36 95.46
CA GLY K 113 10.43 29.73 95.94
C GLY K 113 9.04 30.29 95.84
N ASN K 114 8.27 29.89 94.82
CA ASN K 114 6.89 30.34 94.65
C ASN K 114 5.98 29.66 95.67
N ILE K 115 6.27 28.40 96.02
CA ILE K 115 5.52 27.67 97.05
C ILE K 115 5.83 28.32 98.41
N ALA K 116 7.11 28.74 98.63
CA ALA K 116 7.56 29.37 99.87
C ALA K 116 7.07 30.82 100.01
N SER K 117 6.44 31.37 98.96
CA SER K 117 5.87 32.71 99.02
C SER K 117 4.43 32.66 99.54
N GLY K 118 3.96 31.46 99.93
CA GLY K 118 2.63 31.26 100.46
C GLY K 118 2.57 31.36 101.97
N GLY K 119 1.56 30.70 102.56
CA GLY K 119 1.34 30.65 103.99
C GLY K 119 2.46 29.98 104.74
N ASN K 120 2.50 30.16 106.07
CA ASN K 120 3.51 29.62 106.98
C ASN K 120 3.49 28.09 106.98
N GLU K 121 2.30 27.50 106.77
CA GLU K 121 2.07 26.06 106.68
C GLU K 121 2.64 25.51 105.34
N GLN K 122 2.61 26.35 104.28
CA GLN K 122 3.14 26.04 102.96
C GLN K 122 4.66 26.12 102.96
N ILE K 123 5.22 27.09 103.73
CA ILE K 123 6.66 27.22 103.94
C ILE K 123 7.13 25.98 104.71
N GLN K 124 6.40 25.61 105.79
CA GLN K 124 6.75 24.47 106.63
C GLN K 124 6.76 23.16 105.84
N ALA K 125 5.87 23.03 104.84
CA ALA K 125 5.78 21.88 103.93
C ALA K 125 7.09 21.77 103.14
N VAL K 126 7.64 22.92 102.66
CA VAL K 126 8.92 23.02 101.94
C VAL K 126 10.09 22.59 102.86
N ILE K 127 10.05 23.01 104.14
CA ILE K 127 11.06 22.70 105.15
C ILE K 127 11.03 21.21 105.43
N ASP K 128 9.82 20.67 105.70
CA ASP K 128 9.56 19.26 106.00
C ASP K 128 9.95 18.31 104.86
N ALA K 129 9.87 18.78 103.60
CA ALA K 129 10.29 17.99 102.42
C ALA K 129 11.83 17.92 102.35
N GLY K 130 12.53 18.64 103.22
CA GLY K 130 13.98 18.64 103.33
C GLY K 130 14.73 19.49 102.33
N ALA K 131 14.18 20.66 101.96
CA ALA K 131 14.80 21.57 101.00
C ALA K 131 15.96 22.42 101.56
N LEU K 132 15.91 22.81 102.85
CA LEU K 132 16.91 23.71 103.48
C LEU K 132 18.39 23.23 103.36
N PRO K 133 18.75 21.95 103.63
CA PRO K 133 20.18 21.55 103.49
C PRO K 133 20.79 21.86 102.13
N ALA K 134 20.04 21.65 101.02
CA ALA K 134 20.49 21.92 99.65
C ALA K 134 20.59 23.41 99.39
N LEU K 135 19.57 24.20 99.83
CA LEU K 135 19.53 25.68 99.69
C LEU K 135 20.73 26.36 100.34
N VAL K 136 21.15 25.90 101.53
CA VAL K 136 22.27 26.45 102.31
C VAL K 136 23.59 26.13 101.58
N GLN K 137 23.67 24.91 101.02
CA GLN K 137 24.82 24.45 100.25
C GLN K 137 24.98 25.24 98.95
N LEU K 138 23.84 25.62 98.31
CA LEU K 138 23.82 26.39 97.07
C LEU K 138 24.23 27.86 97.27
N LEU K 139 24.42 28.28 98.53
CA LEU K 139 24.86 29.63 98.86
C LEU K 139 26.35 29.81 98.57
N SER K 140 27.07 28.68 98.44
CA SER K 140 28.50 28.60 98.14
C SER K 140 28.75 28.43 96.63
N SER K 141 27.68 28.50 95.81
CA SER K 141 27.74 28.29 94.37
C SER K 141 28.46 29.39 93.60
N PRO K 142 29.36 29.00 92.66
CA PRO K 142 30.00 30.01 91.79
C PRO K 142 29.06 30.47 90.67
N ASN K 143 27.91 29.82 90.51
CA ASN K 143 26.91 30.16 89.50
C ASN K 143 25.94 31.20 90.08
N GLU K 144 26.04 32.46 89.59
CA GLU K 144 25.21 33.58 90.06
C GLU K 144 23.71 33.37 89.84
N GLN K 145 23.31 32.72 88.74
CA GLN K 145 21.92 32.43 88.44
C GLN K 145 21.30 31.46 89.49
N ILE K 146 22.05 30.39 89.86
CA ILE K 146 21.63 29.40 90.84
C ILE K 146 21.66 30.01 92.26
N LEU K 147 22.70 30.79 92.60
CA LEU K 147 22.83 31.46 93.89
C LEU K 147 21.65 32.43 94.13
N GLN K 148 21.27 33.24 93.12
CA GLN K 148 20.14 34.19 93.20
C GLN K 148 18.80 33.50 93.43
N GLU K 149 18.59 32.34 92.81
CA GLU K 149 17.35 31.60 92.96
C GLU K 149 17.24 30.93 94.31
N ALA K 150 18.35 30.36 94.79
CA ALA K 150 18.44 29.69 96.10
C ALA K 150 18.23 30.75 97.20
N LEU K 151 18.87 31.94 97.04
CA LEU K 151 18.74 33.07 97.95
C LEU K 151 17.32 33.59 98.05
N TRP K 152 16.60 33.62 96.93
N TRP K 152 16.58 33.64 96.93
CA TRP K 152 15.21 34.08 96.87
CA TRP K 152 15.20 34.11 96.93
C TRP K 152 14.27 33.10 97.57
C TRP K 152 14.26 33.10 97.60
N THR K 153 14.53 31.80 97.43
CA THR K 153 13.74 30.72 98.05
C THR K 153 13.96 30.72 99.58
N LEU K 154 15.22 30.88 100.02
CA LEU K 154 15.62 30.96 101.43
C LEU K 154 14.91 32.14 102.13
N GLY K 155 14.94 33.31 101.48
CA GLY K 155 14.32 34.54 101.94
C GLY K 155 12.83 34.42 102.14
N ASN K 156 12.17 33.66 101.24
CA ASN K 156 10.74 33.40 101.34
C ASN K 156 10.45 32.46 102.49
N ILE K 157 11.33 31.47 102.71
CA ILE K 157 11.20 30.57 103.86
C ILE K 157 11.39 31.38 105.17
N ALA K 158 12.38 32.30 105.17
CA ALA K 158 12.70 33.18 106.29
C ALA K 158 11.59 34.19 106.59
N SER K 159 10.64 34.40 105.63
CA SER K 159 9.53 35.34 105.76
C SER K 159 8.33 34.75 106.51
N GLY K 160 8.51 33.56 107.07
CA GLY K 160 7.49 32.91 107.87
C GLY K 160 7.58 33.33 109.33
N GLY K 161 6.96 32.54 110.21
CA GLY K 161 6.97 32.76 111.65
C GLY K 161 8.26 32.26 112.25
N ASN K 162 8.35 32.28 113.58
CA ASN K 162 9.53 31.87 114.33
C ASN K 162 9.96 30.44 114.09
N GLU K 163 9.00 29.51 113.91
CA GLU K 163 9.28 28.09 113.64
C GLU K 163 9.97 27.93 112.27
N GLN K 164 9.56 28.74 111.28
CA GLN K 164 10.15 28.71 109.95
C GLN K 164 11.52 29.40 109.93
N ILE K 165 11.66 30.54 110.65
CA ILE K 165 12.93 31.28 110.76
C ILE K 165 13.95 30.39 111.48
N GLN K 166 13.53 29.72 112.56
CA GLN K 166 14.41 28.84 113.36
C GLN K 166 14.98 27.70 112.55
N ALA K 167 14.17 27.11 111.64
CA ALA K 167 14.58 26.03 110.73
C ALA K 167 15.75 26.49 109.84
N VAL K 168 15.64 27.74 109.30
CA VAL K 168 16.66 28.41 108.49
C VAL K 168 17.97 28.58 109.28
N ILE K 169 17.86 29.06 110.54
CA ILE K 169 19.00 29.27 111.45
C ILE K 169 19.66 27.93 111.78
N ASP K 170 18.85 26.90 112.12
CA ASP K 170 19.32 25.55 112.46
C ASP K 170 19.98 24.81 111.28
N ALA K 171 19.65 25.20 110.04
CA ALA K 171 20.22 24.63 108.81
C ALA K 171 21.64 25.19 108.50
N GLY K 172 22.07 26.20 109.27
CA GLY K 172 23.38 26.83 109.16
C GLY K 172 23.50 27.90 108.10
N ALA K 173 22.39 28.60 107.82
CA ALA K 173 22.32 29.62 106.81
C ALA K 173 23.08 30.91 107.13
N LEU K 174 23.00 31.40 108.39
CA LEU K 174 23.57 32.67 108.84
C LEU K 174 25.06 32.86 108.53
N PRO K 175 26.01 31.90 108.77
CA PRO K 175 27.41 32.15 108.39
C PRO K 175 27.60 32.45 106.89
N ALA K 176 26.84 31.77 106.02
CA ALA K 176 26.88 31.98 104.57
C ALA K 176 26.27 33.34 104.19
N LEU K 177 25.15 33.72 104.83
CA LEU K 177 24.46 35.00 104.62
C LEU K 177 25.32 36.19 105.04
N VAL K 178 26.11 36.04 106.13
CA VAL K 178 27.00 37.10 106.61
C VAL K 178 28.17 37.28 105.63
N GLN K 179 28.69 36.16 105.09
CA GLN K 179 29.75 36.16 104.07
C GLN K 179 29.28 36.90 102.81
N LEU K 180 28.00 36.67 102.39
CA LEU K 180 27.42 37.31 101.19
C LEU K 180 27.29 38.83 101.31
N LEU K 181 27.37 39.37 102.55
CA LEU K 181 27.33 40.81 102.80
C LEU K 181 28.61 41.51 102.31
N SER K 182 29.67 40.72 102.05
CA SER K 182 30.97 41.18 101.52
C SER K 182 31.01 41.09 99.96
N SER K 183 29.92 40.60 99.34
CA SER K 183 29.83 40.43 97.90
C SER K 183 29.85 41.72 97.07
N PRO K 184 30.65 41.73 95.97
CA PRO K 184 30.62 42.90 95.07
C PRO K 184 29.43 42.87 94.08
N ASN K 185 28.57 41.82 94.13
CA ASN K 185 27.37 41.65 93.30
C ASN K 185 26.16 42.24 94.06
N GLU K 186 25.66 43.39 93.58
CA GLU K 186 24.56 44.15 94.20
C GLU K 186 23.23 43.40 94.23
N GLN K 187 23.02 42.43 93.31
CA GLN K 187 21.80 41.61 93.25
C GLN K 187 21.82 40.58 94.38
N ILE K 188 22.96 39.91 94.58
CA ILE K 188 23.17 38.91 95.65
C ILE K 188 23.15 39.61 97.03
N LEU K 189 23.79 40.79 97.14
CA LEU K 189 23.86 41.59 98.36
C LEU K 189 22.47 41.96 98.88
N GLN K 190 21.60 42.51 98.01
CA GLN K 190 20.23 42.88 98.35
C GLN K 190 19.44 41.68 98.87
N GLU K 191 19.54 40.52 98.19
CA GLU K 191 18.85 39.28 98.56
C GLU K 191 19.35 38.68 99.89
N ALA K 192 20.65 38.86 100.18
CA ALA K 192 21.26 38.38 101.42
C ALA K 192 20.81 39.30 102.58
N LEU K 193 20.69 40.63 102.29
CA LEU K 193 20.22 41.64 103.24
C LEU K 193 18.74 41.40 103.53
N TRP K 194 17.97 41.13 102.47
CA TRP K 194 16.54 40.87 102.57
C TRP K 194 16.27 39.61 103.39
N THR K 195 17.03 38.50 103.15
CA THR K 195 16.89 37.25 103.93
C THR K 195 17.17 37.51 105.43
N LEU K 196 18.28 38.23 105.73
CA LEU K 196 18.69 38.59 107.09
C LEU K 196 17.64 39.44 107.80
N GLY K 197 17.04 40.39 107.08
CA GLY K 197 15.98 41.25 107.59
C GLY K 197 14.71 40.50 107.97
N ASN K 198 14.42 39.41 107.23
CA ASN K 198 13.27 38.53 107.47
C ASN K 198 13.52 37.67 108.70
N ILE K 199 14.80 37.28 108.92
CA ILE K 199 15.22 36.50 110.07
C ILE K 199 15.14 37.41 111.30
N ALA K 200 15.61 38.68 111.14
CA ALA K 200 15.57 39.73 112.16
C ALA K 200 14.13 40.19 112.46
N SER K 201 13.16 39.82 111.59
CA SER K 201 11.73 40.14 111.73
C SER K 201 11.04 39.17 112.67
N GLY K 202 11.80 38.21 113.18
CA GLY K 202 11.29 37.21 114.11
C GLY K 202 11.39 37.66 115.55
N GLY K 203 11.34 36.70 116.45
CA GLY K 203 11.45 36.96 117.89
C GLY K 203 12.85 37.34 118.28
N ASN K 204 13.05 37.63 119.57
CA ASN K 204 14.33 38.03 120.17
C ASN K 204 15.38 36.93 120.13
N GLU K 205 14.97 35.67 120.03
CA GLU K 205 15.89 34.53 119.92
C GLU K 205 16.46 34.47 118.51
N GLN K 206 15.65 34.86 117.51
CA GLN K 206 16.01 34.90 116.10
C GLN K 206 16.84 36.15 115.79
N ILE K 207 16.57 37.26 116.50
CA ILE K 207 17.36 38.51 116.41
C ILE K 207 18.74 38.20 117.03
N GLN K 208 18.78 37.43 118.14
CA GLN K 208 20.01 37.05 118.82
C GLN K 208 20.96 36.32 117.90
N ALA K 209 20.44 35.35 117.14
CA ALA K 209 21.17 34.56 116.15
C ALA K 209 21.85 35.49 115.10
N VAL K 210 21.14 36.53 114.60
CA VAL K 210 21.69 37.50 113.64
C VAL K 210 22.90 38.23 114.22
N ILE K 211 22.78 38.71 115.49
CA ILE K 211 23.84 39.42 116.20
C ILE K 211 25.05 38.52 116.39
N ASP K 212 24.84 37.30 116.91
CA ASP K 212 25.88 36.30 117.17
C ASP K 212 26.61 35.81 115.91
N ALA K 213 25.97 35.91 114.72
CA ALA K 213 26.53 35.53 113.42
C ALA K 213 27.57 36.55 112.91
N GLY K 214 27.57 37.77 113.49
CA GLY K 214 28.49 38.84 113.15
C GLY K 214 28.02 39.75 112.03
N ALA K 215 26.69 39.89 111.87
CA ALA K 215 26.10 40.70 110.82
C ALA K 215 26.21 42.22 111.03
N LEU K 216 26.17 42.69 112.30
CA LEU K 216 26.20 44.12 112.65
C LEU K 216 27.37 44.92 112.05
N PRO K 217 28.66 44.48 112.13
CA PRO K 217 29.73 45.28 111.50
C PRO K 217 29.50 45.55 110.01
N ALA K 218 29.04 44.53 109.25
CA ALA K 218 28.74 44.65 107.82
C ALA K 218 27.53 45.54 107.56
N LEU K 219 26.46 45.41 108.38
CA LEU K 219 25.23 46.23 108.27
C LEU K 219 25.52 47.70 108.50
N VAL K 220 26.45 48.02 109.44
CA VAL K 220 26.84 49.38 109.81
C VAL K 220 27.67 50.01 108.68
N GLN K 221 28.60 49.26 108.08
CA GLN K 221 29.41 49.73 106.95
C GLN K 221 28.54 50.06 105.75
N LEU K 222 27.48 49.27 105.51
CA LEU K 222 26.53 49.46 104.42
C LEU K 222 25.67 50.73 104.60
N LEU K 223 25.65 51.33 105.82
CA LEU K 223 24.92 52.57 106.07
C LEU K 223 25.58 53.77 105.37
N SER K 224 26.85 53.60 104.95
CA SER K 224 27.63 54.60 104.23
C SER K 224 27.59 54.34 102.71
N SER K 225 26.73 53.40 102.26
CA SER K 225 26.59 53.06 100.85
C SER K 225 25.92 54.14 99.98
N PRO K 226 26.48 54.41 98.78
CA PRO K 226 25.82 55.37 97.87
C PRO K 226 24.66 54.71 97.10
N ASN K 227 24.43 53.40 97.33
CA ASN K 227 23.36 52.63 96.68
C ASN K 227 22.13 52.63 97.58
N GLU K 228 21.08 53.36 97.16
CA GLU K 228 19.81 53.52 97.88
C GLU K 228 19.03 52.20 98.08
N GLN K 229 19.21 51.21 97.18
CA GLN K 229 18.57 49.90 97.26
C GLN K 229 19.22 49.05 98.37
N ILE K 230 20.56 49.12 98.47
CA ILE K 230 21.38 48.42 99.47
C ILE K 230 21.20 49.07 100.85
N LEU K 231 21.33 50.43 100.90
CA LEU K 231 21.17 51.24 102.10
C LEU K 231 19.81 51.00 102.74
N GLN K 232 18.73 51.03 101.94
CA GLN K 232 17.37 50.76 102.41
C GLN K 232 17.26 49.35 103.05
N GLU K 233 17.88 48.33 102.42
CA GLU K 233 17.80 46.96 102.93
C GLU K 233 18.64 46.74 104.19
N ALA K 234 19.81 47.38 104.31
CA ALA K 234 20.67 47.26 105.48
C ALA K 234 20.03 47.98 106.70
N LEU K 235 19.37 49.14 106.44
CA LEU K 235 18.63 49.93 107.42
C LEU K 235 17.45 49.15 108.00
N TRP K 236 16.67 48.51 107.11
CA TRP K 236 15.51 47.69 107.45
C TRP K 236 15.90 46.47 108.32
N THR K 237 17.09 45.90 108.11
CA THR K 237 17.62 44.78 108.91
C THR K 237 17.98 45.29 110.33
N LEU K 238 18.78 46.38 110.40
CA LEU K 238 19.22 47.02 111.64
C LEU K 238 18.07 47.45 112.52
N GLY K 239 17.04 48.04 111.91
CA GLY K 239 15.83 48.49 112.59
C GLY K 239 15.09 47.35 113.25
N ASN K 240 14.99 46.19 112.55
CA ASN K 240 14.36 44.97 113.06
C ASN K 240 15.18 44.41 114.23
N ILE K 241 16.52 44.46 114.13
CA ILE K 241 17.40 44.05 115.23
C ILE K 241 17.17 44.98 116.43
N ALA K 242 17.07 46.31 116.16
CA ALA K 242 16.82 47.32 117.20
C ALA K 242 15.43 47.19 117.86
N SER K 243 14.52 46.40 117.29
CA SER K 243 13.18 46.16 117.84
C SER K 243 13.19 45.06 118.94
N GLY K 244 14.37 44.51 119.21
CA GLY K 244 14.56 43.49 120.24
C GLY K 244 14.82 44.10 121.61
N GLY K 245 15.30 43.26 122.53
CA GLY K 245 15.63 43.66 123.90
C GLY K 245 16.71 44.72 124.00
N ASN K 246 16.87 45.30 125.22
CA ASN K 246 17.83 46.37 125.54
C ASN K 246 19.29 46.01 125.28
N GLU K 247 19.69 44.74 125.53
CA GLU K 247 21.07 44.31 125.26
C GLU K 247 21.34 44.12 123.79
N GLN K 248 20.28 43.87 123.00
CA GLN K 248 20.32 43.69 121.55
C GLN K 248 20.40 45.08 120.89
N ILE K 249 19.75 46.08 121.51
CA ILE K 249 19.80 47.48 121.08
C ILE K 249 21.24 47.97 121.33
N GLN K 250 21.83 47.57 122.46
CA GLN K 250 23.19 47.93 122.85
C GLN K 250 24.22 47.36 121.89
N ALA K 251 23.95 46.18 121.32
CA ALA K 251 24.82 45.52 120.34
C ALA K 251 24.93 46.37 119.07
N VAL K 252 23.80 47.00 118.65
CA VAL K 252 23.67 47.90 117.50
C VAL K 252 24.48 49.17 117.76
N ILE K 253 24.37 49.73 119.00
CA ILE K 253 25.09 50.93 119.44
C ILE K 253 26.59 50.66 119.46
N ASP K 254 27.01 49.56 120.12
CA ASP K 254 28.39 49.13 120.22
C ASP K 254 29.06 48.86 118.86
N ALA K 255 28.25 48.57 117.81
CA ALA K 255 28.71 48.34 116.44
C ALA K 255 29.07 49.66 115.72
N GLY K 256 28.61 50.78 116.30
CA GLY K 256 28.87 52.13 115.79
C GLY K 256 27.81 52.65 114.84
N ALA K 257 26.58 52.15 114.99
CA ALA K 257 25.46 52.51 114.12
C ALA K 257 24.98 53.95 114.24
N LEU K 258 24.97 54.50 115.47
CA LEU K 258 24.44 55.82 115.77
C LEU K 258 25.06 56.95 114.94
N PRO K 259 26.41 57.14 114.84
CA PRO K 259 26.94 58.22 113.97
C PRO K 259 26.35 58.23 112.56
N ALA K 260 26.25 57.04 111.91
CA ALA K 260 25.70 56.88 110.57
C ALA K 260 24.20 57.17 110.47
N LEU K 261 23.40 56.69 111.44
CA LEU K 261 21.95 56.88 111.50
C LEU K 261 21.58 58.35 111.66
N VAL K 262 22.38 59.10 112.46
CA VAL K 262 22.19 60.53 112.72
C VAL K 262 22.40 61.33 111.44
N GLN K 263 23.42 60.95 110.65
CA GLN K 263 23.71 61.55 109.35
C GLN K 263 22.59 61.29 108.33
N LEU K 264 21.94 60.11 108.41
CA LEU K 264 20.81 59.75 107.53
C LEU K 264 19.56 60.59 107.81
N LEU K 265 19.50 61.29 108.96
CA LEU K 265 18.39 62.16 109.31
C LEU K 265 18.40 63.45 108.46
N SER K 266 19.49 63.68 107.71
CA SER K 266 19.64 64.84 106.82
C SER K 266 19.25 64.48 105.37
N SER K 267 18.72 63.27 105.15
CA SER K 267 18.36 62.78 103.84
C SER K 267 17.05 63.37 103.25
N PRO K 268 17.10 63.83 101.98
CA PRO K 268 15.85 64.28 101.33
C PRO K 268 15.02 63.11 100.79
N ASN K 269 15.53 61.86 100.91
CA ASN K 269 14.87 60.64 100.47
C ASN K 269 13.94 60.16 101.57
N GLU K 270 12.62 60.39 101.37
CA GLU K 270 11.55 60.03 102.31
C GLU K 270 11.62 58.58 102.76
N GLN K 271 12.01 57.67 101.84
CA GLN K 271 12.14 56.23 102.11
C GLN K 271 13.28 55.93 103.08
N ILE K 272 14.47 56.54 102.86
CA ILE K 272 15.64 56.37 103.73
C ILE K 272 15.42 57.05 105.09
N LEU K 273 14.85 58.27 105.07
CA LEU K 273 14.54 59.09 106.24
C LEU K 273 13.58 58.37 107.20
N GLN K 274 12.48 57.82 106.68
CA GLN K 274 11.45 57.09 107.45
C GLN K 274 12.04 55.88 108.19
N GLU K 275 12.96 55.13 107.53
CA GLU K 275 13.61 53.97 108.14
C GLU K 275 14.64 54.38 109.18
N ALA K 276 15.34 55.52 108.96
CA ALA K 276 16.33 56.05 109.90
C ALA K 276 15.62 56.47 111.19
N LEU K 277 14.47 57.17 111.06
CA LEU K 277 13.63 57.62 112.17
C LEU K 277 13.04 56.44 112.94
N TRP K 278 12.63 55.39 112.20
CA TRP K 278 12.08 54.16 112.77
C TRP K 278 13.16 53.41 113.59
N THR K 279 14.39 53.23 113.01
CA THR K 279 15.53 52.57 113.68
C THR K 279 15.92 53.30 114.96
N LEU K 280 16.03 54.64 114.90
CA LEU K 280 16.40 55.46 116.05
C LEU K 280 15.35 55.41 117.14
N GLY K 281 14.08 55.44 116.76
CA GLY K 281 12.95 55.33 117.68
C GLY K 281 12.96 53.99 118.38
N ASN K 282 13.40 52.93 117.67
CA ASN K 282 13.55 51.58 118.21
C ASN K 282 14.72 51.54 119.20
N ILE K 283 15.83 52.24 118.89
CA ILE K 283 16.99 52.36 119.79
C ILE K 283 16.59 53.14 121.05
N ALA K 284 15.90 54.29 120.86
CA ALA K 284 15.40 55.21 121.89
C ALA K 284 14.40 54.55 122.86
N SER K 285 13.75 53.44 122.44
CA SER K 285 12.79 52.70 123.26
C SER K 285 13.47 51.71 124.26
N GLY K 286 14.80 51.78 124.36
CA GLY K 286 15.58 50.98 125.29
C GLY K 286 15.65 51.61 126.67
N GLY K 287 16.70 51.28 127.40
CA GLY K 287 16.96 51.80 128.74
C GLY K 287 17.76 53.08 128.68
N ASN K 288 18.11 53.64 129.86
CA ASN K 288 18.88 54.89 130.00
C ASN K 288 20.22 54.86 129.29
N GLU K 289 20.93 53.71 129.31
CA GLU K 289 22.22 53.51 128.64
C GLU K 289 22.05 53.73 127.12
N GLN K 290 20.93 53.24 126.56
CA GLN K 290 20.61 53.36 125.14
C GLN K 290 20.15 54.78 124.80
N LYS K 291 19.25 55.36 125.62
CA LYS K 291 18.74 56.73 125.45
C LYS K 291 19.87 57.77 125.54
N GLN K 292 20.86 57.56 126.43
CA GLN K 292 22.00 58.48 126.61
C GLN K 292 22.94 58.49 125.42
N ALA K 293 23.21 57.31 124.85
CA ALA K 293 24.07 57.11 123.68
C ALA K 293 23.51 57.86 122.47
N VAL K 294 22.16 57.86 122.32
CA VAL K 294 21.41 58.53 121.25
C VAL K 294 21.56 60.03 121.37
N LYS K 295 21.39 60.58 122.61
CA LYS K 295 21.54 62.02 122.91
C LYS K 295 22.99 62.45 122.68
N GLU K 296 23.97 61.62 123.09
CA GLU K 296 25.40 61.86 122.90
C GLU K 296 25.80 61.83 121.41
N ALA K 297 24.97 61.22 120.54
CA ALA K 297 25.16 61.16 119.09
C ALA K 297 24.62 62.44 118.40
N GLY K 298 23.97 63.30 119.18
CA GLY K 298 23.41 64.57 118.72
C GLY K 298 22.13 64.43 117.92
N ALA K 299 21.28 63.47 118.29
CA ALA K 299 20.02 63.18 117.59
C ALA K 299 18.85 64.11 117.94
N LEU K 300 18.79 64.64 119.19
CA LEU K 300 17.71 65.49 119.71
C LEU K 300 17.35 66.68 118.83
N GLU K 301 18.39 67.45 118.40
CA GLU K 301 18.25 68.64 117.57
C GLU K 301 17.54 68.30 116.25
N LYS K 302 18.08 67.32 115.48
CA LYS K 302 17.48 66.92 114.20
C LYS K 302 16.12 66.24 114.37
N LEU K 303 15.95 65.39 115.42
CA LEU K 303 14.66 64.72 115.64
C LEU K 303 13.52 65.73 115.86
N GLU K 304 13.78 66.75 116.68
CA GLU K 304 12.84 67.81 116.99
C GLU K 304 12.46 68.63 115.74
N GLN K 305 13.46 68.94 114.88
CA GLN K 305 13.23 69.68 113.64
C GLN K 305 12.35 68.88 112.68
N LEU K 306 12.56 67.56 112.60
CA LEU K 306 11.83 66.62 111.74
C LEU K 306 10.34 66.43 112.10
N GLN K 307 9.89 66.96 113.26
CA GLN K 307 8.49 66.95 113.70
C GLN K 307 7.73 68.03 112.87
N SER K 308 8.47 68.90 112.16
CA SER K 308 7.95 69.98 111.31
C SER K 308 8.05 69.61 109.81
N HIS K 309 8.14 68.31 109.50
CA HIS K 309 8.20 67.83 108.12
C HIS K 309 6.76 67.69 107.61
N GLU K 310 6.52 68.11 106.35
CA GLU K 310 5.23 68.03 105.65
C GLU K 310 4.72 66.59 105.59
N ASN K 311 5.63 65.62 105.39
CA ASN K 311 5.26 64.20 105.34
C ASN K 311 4.81 63.71 106.71
N GLU K 312 3.51 63.37 106.76
CA GLU K 312 2.77 62.88 107.92
C GLU K 312 3.44 61.70 108.62
N LYS K 313 3.94 60.72 107.85
CA LYS K 313 4.61 59.54 108.40
C LYS K 313 5.98 59.89 109.02
N ILE K 314 6.77 60.75 108.34
CA ILE K 314 8.07 61.24 108.80
C ILE K 314 7.89 61.98 110.14
N GLN K 315 6.86 62.84 110.21
CA GLN K 315 6.43 63.64 111.34
C GLN K 315 6.10 62.76 112.56
N LYS K 316 5.29 61.70 112.35
CA LYS K 316 4.86 60.72 113.37
C LYS K 316 6.06 59.97 113.96
N GLU K 317 6.94 59.46 113.08
CA GLU K 317 8.15 58.72 113.45
C GLU K 317 9.15 59.58 114.25
N ALA K 318 9.25 60.88 113.92
CA ALA K 318 10.11 61.87 114.59
C ALA K 318 9.60 62.19 116.00
N GLN K 319 8.26 62.33 116.14
CA GLN K 319 7.58 62.61 117.41
C GLN K 319 7.70 61.44 118.39
N GLU K 320 7.51 60.19 117.90
CA GLU K 320 7.63 58.93 118.65
C GLU K 320 9.04 58.79 119.22
N ALA K 321 10.07 58.92 118.35
CA ALA K 321 11.49 58.82 118.69
C ALA K 321 11.90 59.83 119.78
N LEU K 322 11.42 61.08 119.68
CA LEU K 322 11.72 62.16 120.62
C LEU K 322 11.03 61.94 121.96
N GLU K 323 9.77 61.48 121.94
CA GLU K 323 9.00 61.20 123.16
C GLU K 323 9.64 60.09 123.98
N LYS K 324 10.14 59.02 123.30
CA LYS K 324 10.83 57.88 123.90
C LYS K 324 12.16 58.29 124.58
N LEU K 325 12.91 59.20 123.94
CA LEU K 325 14.18 59.71 124.48
C LEU K 325 13.99 60.53 125.75
N GLN K 326 12.97 61.41 125.76
CA GLN K 326 12.63 62.31 126.86
C GLN K 326 11.86 61.64 128.01
N SER K 327 11.50 60.34 127.87
CA SER K 327 10.79 59.56 128.88
C SER K 327 11.75 58.70 129.71
N GLU L 5 -15.53 50.46 93.62
CA GLU L 5 -14.39 50.10 94.44
C GLU L 5 -13.11 50.83 94.01
N LEU L 6 -12.74 50.74 92.72
CA LEU L 6 -11.56 51.35 92.12
C LEU L 6 -11.62 52.89 91.96
N PRO L 7 -12.78 53.55 91.64
CA PRO L 7 -12.77 55.02 91.47
C PRO L 7 -12.40 55.83 92.72
N GLN L 8 -12.58 55.23 93.91
CA GLN L 8 -12.24 55.84 95.19
C GLN L 8 -10.72 55.90 95.36
N MET L 9 -10.01 54.87 94.84
CA MET L 9 -8.56 54.77 94.89
C MET L 9 -7.91 55.73 93.90
N VAL L 10 -8.54 55.93 92.72
CA VAL L 10 -8.08 56.85 91.68
C VAL L 10 -8.22 58.29 92.17
N GLN L 11 -9.30 58.58 92.93
CA GLN L 11 -9.56 59.88 93.53
C GLN L 11 -8.58 60.16 94.68
N GLN L 12 -8.09 59.08 95.35
CA GLN L 12 -7.10 59.15 96.43
C GLN L 12 -5.72 59.57 95.92
N LEU L 13 -5.48 59.49 94.59
CA LEU L 13 -4.23 59.89 93.93
C LEU L 13 -4.14 61.43 93.75
N ASN L 14 -5.07 62.17 94.38
CA ASN L 14 -5.17 63.63 94.36
C ASN L 14 -5.07 64.21 95.79
N SER L 15 -5.11 63.33 96.82
CA SER L 15 -5.05 63.71 98.24
C SER L 15 -3.68 64.29 98.67
N PRO L 16 -3.65 65.40 99.45
CA PRO L 16 -2.35 65.92 99.90
C PRO L 16 -1.62 65.00 100.89
N ASP L 17 -2.39 64.14 101.60
CA ASP L 17 -1.87 63.18 102.58
C ASP L 17 -1.10 62.09 101.84
N GLN L 18 0.22 62.03 102.08
CA GLN L 18 1.15 61.10 101.45
C GLN L 18 0.94 59.65 101.90
N GLN L 19 0.35 59.45 103.09
CA GLN L 19 0.05 58.12 103.64
C GLN L 19 -1.18 57.49 102.94
N GLU L 20 -2.21 58.32 102.62
CA GLU L 20 -3.43 57.90 101.94
C GLU L 20 -3.13 57.57 100.48
N LEU L 21 -2.26 58.37 99.84
CA LEU L 21 -1.78 58.23 98.47
C LEU L 21 -0.98 56.94 98.32
N GLN L 22 -0.04 56.67 99.27
CA GLN L 22 0.81 55.49 99.29
C GLN L 22 -0.03 54.22 99.40
N SER L 23 -1.05 54.25 100.27
CA SER L 23 -1.94 53.10 100.49
C SER L 23 -2.74 52.75 99.24
N ALA L 24 -3.24 53.79 98.53
CA ALA L 24 -3.99 53.67 97.28
C ALA L 24 -3.10 53.06 96.20
N LEU L 25 -1.86 53.62 96.04
CA LEU L 25 -0.83 53.16 95.12
C LEU L 25 -0.48 51.70 95.32
N ARG L 26 -0.29 51.28 96.58
CA ARG L 26 0.04 49.90 96.96
C ARG L 26 -1.09 48.93 96.62
N LYS L 27 -2.35 49.36 96.84
CA LYS L 27 -3.55 48.56 96.54
C LYS L 27 -3.78 48.45 95.03
N LEU L 28 -3.59 49.55 94.28
CA LEU L 28 -3.72 49.57 92.80
C LEU L 28 -2.60 48.74 92.16
N SER L 29 -1.38 48.81 92.73
CA SER L 29 -0.20 48.05 92.31
C SER L 29 -0.45 46.56 92.50
N GLN L 30 -1.18 46.19 93.58
CA GLN L 30 -1.53 44.81 93.91
C GLN L 30 -2.59 44.29 92.93
N ILE L 31 -3.59 45.13 92.58
CA ILE L 31 -4.66 44.77 91.63
C ILE L 31 -4.05 44.55 90.23
N ALA L 32 -3.14 45.45 89.82
CA ALA L 32 -2.43 45.37 88.53
C ALA L 32 -1.40 44.23 88.48
N SER L 33 -1.04 43.65 89.66
CA SER L 33 -0.06 42.56 89.75
C SER L 33 -0.57 41.20 89.24
N GLY L 34 -1.90 41.04 89.16
CA GLY L 34 -2.49 39.79 88.70
C GLY L 34 -3.64 39.93 87.73
N GLY L 35 -3.51 39.26 86.59
CA GLY L 35 -4.51 39.20 85.53
C GLY L 35 -4.76 40.46 84.72
N ASN L 36 -4.80 40.29 83.38
CA ASN L 36 -5.07 41.35 82.40
C ASN L 36 -6.46 41.96 82.60
N GLU L 37 -7.45 41.13 83.02
CA GLU L 37 -8.82 41.58 83.30
C GLU L 37 -8.79 42.63 84.42
N GLN L 38 -7.94 42.40 85.45
CA GLN L 38 -7.77 43.31 86.58
C GLN L 38 -6.94 44.56 86.20
N ILE L 39 -5.96 44.40 85.27
CA ILE L 39 -5.13 45.51 84.76
C ILE L 39 -6.03 46.51 84.02
N GLN L 40 -6.94 45.98 83.17
CA GLN L 40 -7.90 46.75 82.38
C GLN L 40 -8.85 47.54 83.29
N ALA L 41 -9.25 46.93 84.42
CA ALA L 41 -10.12 47.54 85.42
C ALA L 41 -9.46 48.78 86.06
N VAL L 42 -8.11 48.78 86.14
CA VAL L 42 -7.33 49.89 86.69
C VAL L 42 -7.26 51.00 85.62
N ILE L 43 -7.07 50.63 84.34
CA ILE L 43 -7.02 51.53 83.18
C ILE L 43 -8.36 52.25 83.04
N ASP L 44 -9.46 51.48 82.95
CA ASP L 44 -10.84 51.95 82.79
C ASP L 44 -11.29 52.90 83.92
N ALA L 45 -10.65 52.79 85.08
CA ALA L 45 -10.90 53.64 86.24
C ALA L 45 -10.23 55.03 86.09
N GLY L 46 -9.25 55.11 85.17
CA GLY L 46 -8.53 56.35 84.87
C GLY L 46 -7.34 56.62 85.76
N ALA L 47 -6.60 55.57 86.14
CA ALA L 47 -5.43 55.70 87.01
C ALA L 47 -4.20 56.23 86.27
N LEU L 48 -4.05 55.87 84.99
CA LEU L 48 -2.92 56.21 84.12
C LEU L 48 -2.52 57.70 84.09
N PRO L 49 -3.43 58.71 83.90
CA PRO L 49 -2.95 60.11 83.90
C PRO L 49 -2.33 60.58 85.22
N ALA L 50 -2.86 60.08 86.35
CA ALA L 50 -2.35 60.39 87.69
C ALA L 50 -1.00 59.71 87.94
N LEU L 51 -0.85 58.44 87.50
CA LEU L 51 0.37 57.62 87.66
C LEU L 51 1.56 58.17 86.87
N VAL L 52 1.31 58.77 85.69
CA VAL L 52 2.34 59.39 84.84
C VAL L 52 2.78 60.71 85.50
N GLN L 53 1.82 61.46 86.07
CA GLN L 53 2.06 62.72 86.80
C GLN L 53 2.94 62.47 88.05
N LEU L 54 2.71 61.34 88.75
CA LEU L 54 3.46 60.93 89.95
C LEU L 54 4.90 60.50 89.67
N LEU L 55 5.30 60.43 88.39
CA LEU L 55 6.66 60.09 87.99
C LEU L 55 7.59 61.29 88.18
N SER L 56 7.01 62.47 88.46
CA SER L 56 7.71 63.72 88.73
C SER L 56 7.63 64.09 90.22
N SER L 57 7.17 63.14 91.08
CA SER L 57 7.02 63.35 92.51
C SER L 57 8.37 63.36 93.24
N PRO L 58 8.63 64.41 94.06
CA PRO L 58 9.89 64.44 94.82
C PRO L 58 9.98 63.43 95.98
N ASN L 59 8.88 62.71 96.27
CA ASN L 59 8.80 61.69 97.31
C ASN L 59 9.21 60.33 96.70
N GLU L 60 10.41 59.82 97.06
CA GLU L 60 10.96 58.56 96.54
C GLU L 60 10.05 57.35 96.77
N GLN L 61 9.34 57.31 97.92
CA GLN L 61 8.40 56.24 98.27
C GLN L 61 7.22 56.25 97.29
N ILE L 62 6.64 57.44 97.02
CA ILE L 62 5.51 57.60 96.10
C ILE L 62 5.94 57.32 94.65
N LEU L 63 7.18 57.71 94.29
CA LEU L 63 7.73 57.47 92.96
C LEU L 63 7.96 55.95 92.73
N GLN L 64 8.43 55.20 93.76
CA GLN L 64 8.64 53.75 93.69
C GLN L 64 7.31 53.03 93.44
N GLU L 65 6.28 53.34 94.26
CA GLU L 65 4.93 52.80 94.18
C GLU L 65 4.26 53.11 92.84
N ALA L 66 4.52 54.30 92.26
CA ALA L 66 3.97 54.73 90.97
C ALA L 66 4.56 53.91 89.81
N LEU L 67 5.89 53.65 89.87
CA LEU L 67 6.64 52.84 88.90
C LEU L 67 6.19 51.38 88.96
N TRP L 68 5.94 50.85 90.18
CA TRP L 68 5.46 49.49 90.40
C TRP L 68 4.10 49.29 89.74
N THR L 69 3.19 50.28 89.89
CA THR L 69 1.84 50.25 89.32
C THR L 69 1.89 50.32 87.78
N LEU L 70 2.67 51.27 87.22
CA LEU L 70 2.81 51.41 85.78
C LEU L 70 3.50 50.20 85.16
N GLY L 71 4.50 49.67 85.87
CA GLY L 71 5.25 48.49 85.45
C GLY L 71 4.40 47.25 85.39
N ASN L 72 3.43 47.13 86.34
CA ASN L 72 2.50 46.01 86.41
C ASN L 72 1.42 46.11 85.34
N ILE L 73 1.03 47.34 84.97
CA ILE L 73 0.04 47.57 83.91
C ILE L 73 0.69 47.20 82.57
N ALA L 74 1.99 47.57 82.41
CA ALA L 74 2.80 47.26 81.23
C ALA L 74 3.17 45.78 81.16
N SER L 75 2.85 44.99 82.20
CA SER L 75 3.13 43.55 82.20
C SER L 75 2.00 42.75 81.51
N GLY L 76 0.91 43.44 81.18
CA GLY L 76 -0.24 42.87 80.51
C GLY L 76 -0.08 42.77 79.00
N GLY L 77 -1.23 42.82 78.31
CA GLY L 77 -1.29 42.72 76.85
C GLY L 77 -0.89 43.97 76.11
N ASN L 78 -0.61 43.83 74.80
CA ASN L 78 -0.20 44.89 73.87
C ASN L 78 -1.09 46.13 73.91
N GLU L 79 -2.41 45.93 74.09
CA GLU L 79 -3.42 46.99 74.20
C GLU L 79 -3.25 47.81 75.47
N GLN L 80 -2.86 47.13 76.57
CA GLN L 80 -2.64 47.72 77.89
C GLN L 80 -1.29 48.42 77.94
N ILE L 81 -0.30 47.87 77.22
CA ILE L 81 1.03 48.47 77.06
C ILE L 81 0.88 49.79 76.29
N GLN L 82 0.03 49.81 75.24
CA GLN L 82 -0.24 50.99 74.42
C GLN L 82 -0.93 52.08 75.24
N ALA L 83 -1.80 51.69 76.19
CA ALA L 83 -2.49 52.62 77.10
C ALA L 83 -1.47 53.39 77.97
N VAL L 84 -0.35 52.73 78.37
CA VAL L 84 0.75 53.31 79.16
C VAL L 84 1.50 54.32 78.28
N ILE L 85 1.74 53.97 77.01
CA ILE L 85 2.42 54.81 76.01
C ILE L 85 1.59 56.08 75.74
N ASP L 86 0.28 55.89 75.42
CA ASP L 86 -0.71 56.93 75.13
C ASP L 86 -0.91 57.91 76.30
N ALA L 87 -0.62 57.46 77.54
CA ALA L 87 -0.69 58.25 78.77
C ALA L 87 0.53 59.19 78.89
N GLY L 88 1.55 58.96 78.05
CA GLY L 88 2.78 59.77 77.99
C GLY L 88 3.83 59.43 79.03
N ALA L 89 3.96 58.13 79.36
CA ALA L 89 4.89 57.64 80.37
C ALA L 89 6.36 57.56 79.95
N LEU L 90 6.62 57.24 78.67
CA LEU L 90 7.96 57.05 78.12
C LEU L 90 8.93 58.25 78.28
N PRO L 91 8.55 59.54 78.00
CA PRO L 91 9.53 60.64 78.20
C PRO L 91 10.00 60.79 79.65
N ALA L 92 9.13 60.49 80.62
CA ALA L 92 9.42 60.52 82.05
C ALA L 92 10.31 59.34 82.45
N LEU L 93 10.06 58.14 81.86
CA LEU L 93 10.80 56.91 82.11
C LEU L 93 12.23 56.98 81.59
N VAL L 94 12.45 57.66 80.44
CA VAL L 94 13.79 57.85 79.84
C VAL L 94 14.58 58.87 80.71
N GLN L 95 13.88 59.82 81.35
CA GLN L 95 14.47 60.81 82.26
C GLN L 95 14.98 60.13 83.53
N LEU L 96 14.23 59.12 84.04
CA LEU L 96 14.61 58.37 85.25
C LEU L 96 15.81 57.46 85.02
N LEU L 97 16.25 57.31 83.75
CA LEU L 97 17.42 56.50 83.40
C LEU L 97 18.74 57.18 83.79
N SER L 98 18.67 58.50 84.06
CA SER L 98 19.79 59.30 84.51
C SER L 98 19.78 59.47 86.05
N SER L 99 18.79 58.83 86.72
CA SER L 99 18.61 58.89 88.16
C SER L 99 19.81 58.34 88.96
N PRO L 100 20.28 59.10 89.99
CA PRO L 100 21.40 58.61 90.81
C PRO L 100 20.94 57.52 91.80
N ASN L 101 19.60 57.36 91.97
CA ASN L 101 18.97 56.38 92.85
C ASN L 101 18.85 55.03 92.12
N GLU L 102 19.69 54.05 92.53
CA GLU L 102 19.76 52.69 91.98
C GLU L 102 18.43 51.91 92.01
N GLN L 103 17.54 52.25 92.97
CA GLN L 103 16.24 51.60 93.08
C GLN L 103 15.28 52.12 92.00
N ILE L 104 15.20 53.45 91.82
CA ILE L 104 14.33 54.10 90.84
C ILE L 104 14.79 53.77 89.42
N LEU L 105 16.12 53.70 89.19
CA LEU L 105 16.68 53.36 87.88
C LEU L 105 16.26 51.95 87.47
N GLN L 106 16.41 50.97 88.38
CA GLN L 106 16.06 49.58 88.17
C GLN L 106 14.56 49.40 87.87
N GLU L 107 13.71 50.19 88.55
CA GLU L 107 12.27 50.14 88.36
C GLU L 107 11.84 50.77 87.05
N ALA L 108 12.55 51.83 86.61
CA ALA L 108 12.29 52.50 85.34
C ALA L 108 12.69 51.54 84.21
N LEU L 109 13.85 50.84 84.39
CA LEU L 109 14.39 49.83 83.47
C LEU L 109 13.40 48.68 83.33
N TRP L 110 12.92 48.13 84.46
CA TRP L 110 11.93 47.06 84.48
C TRP L 110 10.60 47.47 83.81
N THR L 111 10.13 48.73 84.00
CA THR L 111 8.90 49.24 83.37
C THR L 111 9.10 49.34 81.85
N LEU L 112 10.25 49.89 81.42
CA LEU L 112 10.61 50.04 80.00
C LEU L 112 10.70 48.69 79.28
N GLY L 113 11.20 47.67 79.98
CA GLY L 113 11.32 46.31 79.47
C GLY L 113 10.00 45.61 79.25
N ASN L 114 8.99 45.92 80.09
CA ASN L 114 7.64 45.36 79.99
C ASN L 114 6.92 45.97 78.80
N ILE L 115 7.20 47.27 78.50
CA ILE L 115 6.69 47.99 77.34
C ILE L 115 7.35 47.42 76.07
N ALA L 116 8.68 47.16 76.13
CA ALA L 116 9.47 46.57 75.05
C ALA L 116 9.13 45.08 74.85
N SER L 117 8.34 44.48 75.76
CA SER L 117 7.90 43.07 75.67
C SER L 117 6.59 42.96 74.84
N GLY L 118 6.11 44.11 74.32
CA GLY L 118 4.92 44.20 73.49
C GLY L 118 5.24 44.06 72.01
N GLY L 119 4.36 44.61 71.18
CA GLY L 119 4.48 44.60 69.73
C GLY L 119 5.60 45.48 69.21
N ASN L 120 5.86 45.39 67.89
CA ASN L 120 6.91 46.15 67.21
C ASN L 120 6.67 47.65 67.23
N GLU L 121 5.39 48.06 67.29
CA GLU L 121 4.95 49.45 67.38
C GLU L 121 5.19 49.99 68.81
N GLN L 122 5.13 49.09 69.80
CA GLN L 122 5.38 49.37 71.22
C GLN L 122 6.89 49.52 71.47
N ILE L 123 7.71 48.62 70.85
CA ILE L 123 9.18 48.63 70.91
C ILE L 123 9.71 49.92 70.25
N GLN L 124 9.17 50.28 69.08
CA GLN L 124 9.57 51.48 68.33
C GLN L 124 9.34 52.76 69.14
N ALA L 125 8.27 52.82 69.95
CA ALA L 125 7.94 53.94 70.83
C ALA L 125 9.05 54.19 71.87
N VAL L 126 9.60 53.10 72.46
CA VAL L 126 10.69 53.11 73.45
C VAL L 126 11.97 53.65 72.78
N ILE L 127 12.23 53.19 71.53
CA ILE L 127 13.37 53.58 70.70
C ILE L 127 13.29 55.06 70.39
N ASP L 128 12.12 55.54 69.91
CA ASP L 128 11.84 56.94 69.58
C ASP L 128 11.91 57.86 70.81
N ALA L 129 11.66 57.32 72.01
CA ALA L 129 11.76 58.07 73.27
C ALA L 129 13.23 58.32 73.65
N GLY L 130 14.15 57.64 72.96
CA GLY L 130 15.59 57.77 73.13
C GLY L 130 16.17 56.98 74.27
N ALA L 131 15.71 55.72 74.44
CA ALA L 131 16.15 54.84 75.52
C ALA L 131 17.45 54.07 75.26
N LEU L 132 17.76 53.76 73.99
CA LEU L 132 18.93 52.96 73.60
C LEU L 132 20.29 53.56 74.05
N PRO L 133 20.60 54.88 73.89
CA PRO L 133 21.90 55.39 74.35
C PRO L 133 22.17 55.16 75.84
N ALA L 134 21.13 55.27 76.68
CA ALA L 134 21.24 55.02 78.13
C ALA L 134 21.47 53.54 78.40
N LEU L 135 20.70 52.64 77.73
CA LEU L 135 20.79 51.18 77.88
C LEU L 135 22.18 50.65 77.53
N VAL L 136 22.77 51.17 76.44
CA VAL L 136 24.11 50.76 75.98
C VAL L 136 25.19 51.16 77.01
N GLN L 137 25.11 52.39 77.55
CA GLN L 137 26.03 52.88 78.60
C GLN L 137 25.90 52.05 79.88
N LEU L 138 24.66 51.62 80.21
CA LEU L 138 24.38 50.79 81.39
C LEU L 138 24.93 49.35 81.26
N LEU L 139 25.48 48.98 80.08
CA LEU L 139 26.09 47.66 79.87
C LEU L 139 27.50 47.62 80.46
N SER L 140 28.11 48.81 80.68
CA SER L 140 29.44 48.99 81.28
C SER L 140 29.33 49.30 82.79
N SER L 141 28.13 49.10 83.36
CA SER L 141 27.84 49.37 84.78
C SER L 141 28.49 48.33 85.71
N PRO L 142 29.05 48.76 86.87
CA PRO L 142 29.59 47.78 87.82
C PRO L 142 28.48 47.14 88.67
N ASN L 143 27.23 47.68 88.57
CA ASN L 143 26.05 47.22 89.30
C ASN L 143 25.35 46.09 88.54
N GLU L 144 25.51 44.84 89.03
CA GLU L 144 24.95 43.63 88.43
C GLU L 144 23.42 43.65 88.35
N GLN L 145 22.73 44.34 89.28
CA GLN L 145 21.26 44.47 89.30
C GLN L 145 20.80 45.40 88.16
N ILE L 146 21.53 46.51 87.91
CA ILE L 146 21.20 47.45 86.86
C ILE L 146 21.62 46.90 85.49
N LEU L 147 22.78 46.21 85.41
CA LEU L 147 23.26 45.56 84.18
C LEU L 147 22.22 44.52 83.71
N GLN L 148 21.73 43.65 84.61
CA GLN L 148 20.72 42.63 84.34
C GLN L 148 19.42 43.21 83.82
N GLU L 149 18.92 44.29 84.45
CA GLU L 149 17.67 44.94 84.03
C GLU L 149 17.78 45.65 82.69
N ALA L 150 18.94 46.31 82.43
CA ALA L 150 19.22 46.99 81.16
C ALA L 150 19.37 45.96 80.02
N LEU L 151 20.03 44.81 80.29
CA LEU L 151 20.22 43.70 79.35
C LEU L 151 18.88 43.07 78.93
N TRP L 152 17.94 42.91 79.88
N TRP L 152 17.94 42.92 79.88
CA TRP L 152 16.63 42.33 79.61
CA TRP L 152 16.61 42.35 79.66
C TRP L 152 15.76 43.23 78.73
C TRP L 152 15.76 43.24 78.75
N THR L 153 15.81 44.57 78.96
CA THR L 153 15.06 45.55 78.18
C THR L 153 15.60 45.66 76.75
N LEU L 154 16.95 45.69 76.62
CA LEU L 154 17.67 45.74 75.34
C LEU L 154 17.38 44.46 74.52
N GLY L 155 17.34 43.31 75.20
CA GLY L 155 17.04 42.02 74.62
C GLY L 155 15.60 41.94 74.10
N ASN L 156 14.67 42.59 74.82
CA ASN L 156 13.26 42.68 74.44
C ASN L 156 13.10 43.56 73.20
N ILE L 157 13.93 44.62 73.09
CA ILE L 157 13.93 45.54 71.95
C ILE L 157 14.39 44.80 70.71
N ALA L 158 15.48 44.01 70.85
CA ALA L 158 16.05 43.17 69.81
C ALA L 158 15.10 42.04 69.38
N SER L 159 14.06 41.74 70.20
CA SER L 159 13.03 40.73 69.89
C SER L 159 12.00 41.24 68.86
N GLY L 160 12.18 42.48 68.39
CA GLY L 160 11.33 43.09 67.37
C GLY L 160 11.78 42.78 65.96
N GLY L 161 11.26 43.54 65.00
CA GLY L 161 11.60 43.40 63.58
C GLY L 161 12.92 44.04 63.22
N ASN L 162 13.29 43.96 61.95
CA ASN L 162 14.57 44.47 61.41
C ASN L 162 14.84 45.95 61.68
N GLU L 163 13.78 46.80 61.73
CA GLU L 163 13.93 48.23 62.02
C GLU L 163 14.33 48.40 63.50
N GLN L 164 13.74 47.58 64.39
CA GLN L 164 14.03 47.59 65.82
C GLN L 164 15.41 46.99 66.13
N ILE L 165 15.77 45.90 65.42
CA ILE L 165 17.06 45.20 65.58
C ILE L 165 18.22 46.13 65.13
N GLN L 166 18.05 46.82 63.98
CA GLN L 166 19.05 47.74 63.44
C GLN L 166 19.29 48.93 64.37
N ALA L 167 18.24 49.42 65.06
CA ALA L 167 18.31 50.52 66.03
C ALA L 167 19.27 50.16 67.18
N VAL L 168 19.24 48.89 67.64
CA VAL L 168 20.12 48.34 68.69
C VAL L 168 21.58 48.36 68.19
N ILE L 169 21.80 48.01 66.89
CA ILE L 169 23.11 47.97 66.24
C ILE L 169 23.68 49.39 66.05
N ASP L 170 22.86 50.35 65.55
CA ASP L 170 23.26 51.75 65.35
C ASP L 170 23.61 52.46 66.68
N ALA L 171 23.05 51.95 67.82
CA ALA L 171 23.30 52.47 69.17
C ALA L 171 24.68 52.02 69.72
N GLY L 172 25.28 51.00 69.10
CA GLY L 172 26.59 50.47 69.47
C GLY L 172 26.55 49.44 70.58
N ALA L 173 25.47 48.63 70.63
CA ALA L 173 25.29 47.62 71.65
C ALA L 173 26.14 46.36 71.43
N LEU L 174 26.41 46.01 70.16
CA LEU L 174 27.18 44.81 69.81
C LEU L 174 28.59 44.74 70.43
N PRO L 175 29.48 45.78 70.38
CA PRO L 175 30.80 45.64 71.02
C PRO L 175 30.73 45.24 72.49
N ALA L 176 29.82 45.89 73.27
CA ALA L 176 29.58 45.65 74.68
C ALA L 176 29.06 44.22 74.95
N LEU L 177 28.10 43.75 74.12
CA LEU L 177 27.49 42.41 74.19
C LEU L 177 28.51 41.29 73.94
N VAL L 178 29.48 41.52 73.05
CA VAL L 178 30.54 40.55 72.75
C VAL L 178 31.52 40.46 73.96
N GLN L 179 31.79 41.60 74.63
CA GLN L 179 32.64 41.66 75.83
C GLN L 179 32.00 40.89 76.98
N LEU L 180 30.66 41.01 77.13
CA LEU L 180 29.89 40.31 78.16
C LEU L 180 29.86 38.78 77.98
N LEU L 181 30.32 38.26 76.80
CA LEU L 181 30.39 36.82 76.55
C LEU L 181 31.53 36.17 77.34
N SER L 182 32.51 36.98 77.77
CA SER L 182 33.69 36.56 78.56
C SER L 182 33.44 36.70 80.08
N SER L 183 32.20 37.08 80.48
CA SER L 183 31.79 37.29 81.86
C SER L 183 31.76 36.04 82.74
N PRO L 184 32.26 36.15 84.00
CA PRO L 184 32.16 35.01 84.92
C PRO L 184 30.76 34.90 85.56
N ASN L 185 29.88 35.88 85.32
CA ASN L 185 28.51 35.90 85.84
C ASN L 185 27.58 35.20 84.85
N GLU L 186 27.05 34.02 85.24
CA GLU L 186 26.18 33.16 84.42
C GLU L 186 24.87 33.81 84.00
N GLN L 187 24.30 34.66 84.87
CA GLN L 187 23.05 35.38 84.65
C GLN L 187 23.23 36.42 83.53
N ILE L 188 24.33 37.19 83.59
CA ILE L 188 24.69 38.22 82.63
C ILE L 188 25.02 37.57 81.27
N LEU L 189 25.79 36.46 81.31
CA LEU L 189 26.18 35.68 80.14
C LEU L 189 24.96 35.15 79.40
N GLN L 190 23.99 34.55 80.12
CA GLN L 190 22.77 34.02 79.52
C GLN L 190 21.95 35.13 78.83
N GLU L 191 21.87 36.31 79.48
CA GLU L 191 21.13 37.48 78.99
C GLU L 191 21.79 38.12 77.78
N ALA L 192 23.13 38.10 77.73
CA ALA L 192 23.93 38.63 76.62
C ALA L 192 23.75 37.71 75.40
N LEU L 193 23.77 36.37 75.63
CA LEU L 193 23.57 35.35 74.58
C LEU L 193 22.16 35.42 74.01
N TRP L 194 21.15 35.66 74.87
CA TRP L 194 19.75 35.80 74.48
C TRP L 194 19.55 37.04 73.61
N THR L 195 20.20 38.19 74.00
CA THR L 195 20.15 39.46 73.25
C THR L 195 20.80 39.28 71.88
N LEU L 196 21.99 38.64 71.84
CA LEU L 196 22.73 38.36 70.60
C LEU L 196 21.93 37.47 69.67
N GLY L 197 21.28 36.44 70.22
CA GLY L 197 20.42 35.52 69.48
C GLY L 197 19.24 36.21 68.82
N ASN L 198 18.61 37.16 69.54
CA ASN L 198 17.48 37.97 69.07
C ASN L 198 17.91 38.87 67.91
N ILE L 199 19.16 39.39 67.94
CA ILE L 199 19.73 40.23 66.88
C ILE L 199 19.99 39.36 65.66
N ALA L 200 20.56 38.17 65.88
CA ALA L 200 20.86 37.15 64.88
C ALA L 200 19.58 36.57 64.27
N SER L 201 18.40 36.90 64.86
CA SER L 201 17.09 36.46 64.38
C SER L 201 16.54 37.42 63.30
N GLY L 202 17.33 38.42 62.94
CA GLY L 202 16.96 39.40 61.91
C GLY L 202 17.45 39.01 60.54
N GLY L 203 17.56 40.00 59.66
CA GLY L 203 18.05 39.83 58.29
C GLY L 203 19.54 39.53 58.25
N ASN L 204 20.04 39.15 57.07
CA ASN L 204 21.45 38.79 56.85
C ASN L 204 22.43 39.93 57.14
N GLU L 205 21.96 41.18 57.06
CA GLU L 205 22.73 42.39 57.36
C GLU L 205 22.97 42.46 58.88
N GLN L 206 21.91 42.14 59.65
CA GLN L 206 21.91 42.11 61.11
C GLN L 206 22.78 40.95 61.61
N ILE L 207 22.67 39.77 60.94
CA ILE L 207 23.45 38.56 61.24
C ILE L 207 24.94 38.84 61.00
N GLN L 208 25.26 39.52 59.88
CA GLN L 208 26.64 39.87 59.53
C GLN L 208 27.26 40.79 60.59
N ALA L 209 26.45 41.75 61.11
CA ALA L 209 26.85 42.70 62.16
C ALA L 209 27.30 41.96 63.44
N VAL L 210 26.66 40.80 63.75
CA VAL L 210 27.01 39.93 64.88
C VAL L 210 28.39 39.27 64.63
N ILE L 211 28.64 38.80 63.36
CA ILE L 211 29.90 38.18 62.93
C ILE L 211 31.05 39.20 63.01
N ASP L 212 30.83 40.41 62.44
CA ASP L 212 31.80 41.52 62.41
C ASP L 212 32.17 42.02 63.82
N ALA L 213 31.26 41.85 64.79
CA ALA L 213 31.46 42.22 66.19
C ALA L 213 32.39 41.23 66.93
N GLY L 214 32.69 40.09 66.29
CA GLY L 214 33.57 39.04 66.81
C GLY L 214 32.93 38.09 67.78
N ALA L 215 31.61 37.84 67.63
CA ALA L 215 30.83 36.98 68.51
C ALA L 215 31.13 35.48 68.40
N LEU L 216 31.35 34.98 67.17
CA LEU L 216 31.59 33.57 66.85
C LEU L 216 32.71 32.88 67.66
N PRO L 217 33.96 33.44 67.85
CA PRO L 217 34.96 32.71 68.65
C PRO L 217 34.51 32.31 70.06
N ALA L 218 33.79 33.22 70.77
CA ALA L 218 33.24 32.98 72.10
C ALA L 218 32.05 32.02 72.06
N LEU L 219 31.18 32.15 71.02
CA LEU L 219 30.01 31.28 70.82
C LEU L 219 30.44 29.83 70.59
N VAL L 220 31.59 29.62 69.92
CA VAL L 220 32.14 28.29 69.62
C VAL L 220 32.70 27.67 70.91
N GLN L 221 33.44 28.47 71.71
CA GLN L 221 33.99 28.04 72.99
C GLN L 221 32.90 27.61 74.00
N LEU L 222 31.73 28.29 73.97
CA LEU L 222 30.60 27.98 74.86
C LEU L 222 29.88 26.68 74.49
N LEU L 223 30.23 26.06 73.34
CA LEU L 223 29.65 24.78 72.94
C LEU L 223 30.28 23.64 73.76
N SER L 224 31.42 23.92 74.41
CA SER L 224 32.16 23.00 75.27
C SER L 224 31.66 23.07 76.73
N SER L 225 30.78 24.06 77.03
CA SER L 225 30.24 24.34 78.37
C SER L 225 29.56 23.18 79.11
N PRO L 226 29.88 23.02 80.43
CA PRO L 226 29.17 22.01 81.24
C PRO L 226 27.78 22.54 81.69
N ASN L 227 27.55 23.86 81.52
CA ASN L 227 26.30 24.51 81.87
C ASN L 227 25.30 24.42 80.71
N GLU L 228 24.28 23.55 80.88
CA GLU L 228 23.21 23.28 79.92
C GLU L 228 22.42 24.54 79.53
N GLN L 229 22.26 25.50 80.46
CA GLN L 229 21.54 26.76 80.25
C GLN L 229 22.33 27.68 79.28
N ILE L 230 23.66 27.77 79.49
CA ILE L 230 24.60 28.56 78.71
C ILE L 230 24.77 27.96 77.30
N LEU L 231 25.04 26.63 77.22
CA LEU L 231 25.17 25.88 75.97
C LEU L 231 23.95 26.07 75.06
N GLN L 232 22.73 25.87 75.61
CA GLN L 232 21.46 26.01 74.90
C GLN L 232 21.28 27.41 74.31
N GLU L 233 21.74 28.46 75.02
CA GLU L 233 21.65 29.85 74.54
C GLU L 233 22.71 30.18 73.49
N ALA L 234 23.94 29.67 73.64
CA ALA L 234 25.06 29.84 72.68
C ALA L 234 24.71 29.13 71.36
N LEU L 235 24.14 27.89 71.46
CA LEU L 235 23.69 27.07 70.36
C LEU L 235 22.54 27.74 69.60
N TRP L 236 21.62 28.40 70.33
CA TRP L 236 20.48 29.09 69.72
C TRP L 236 20.96 30.30 68.91
N THR L 237 21.95 31.06 69.42
CA THR L 237 22.52 32.20 68.70
C THR L 237 23.26 31.72 67.45
N LEU L 238 24.13 30.68 67.59
CA LEU L 238 24.88 30.06 66.49
C LEU L 238 23.98 29.52 65.40
N GLY L 239 22.86 28.93 65.80
CA GLY L 239 21.86 28.40 64.89
C GLY L 239 21.20 29.48 64.05
N ASN L 240 20.89 30.65 64.66
CA ASN L 240 20.27 31.80 63.99
C ASN L 240 21.27 32.46 63.05
N ILE L 241 22.57 32.46 63.41
CA ILE L 241 23.64 32.99 62.54
C ILE L 241 23.75 32.06 61.30
N ALA L 242 23.71 30.74 61.54
CA ALA L 242 23.78 29.70 60.51
C ALA L 242 22.54 29.69 59.58
N SER L 243 21.46 30.42 59.98
CA SER L 243 20.21 30.53 59.22
C SER L 243 20.26 31.60 58.11
N GLY L 244 21.36 32.35 58.05
CA GLY L 244 21.57 33.40 57.06
C GLY L 244 22.03 32.88 55.71
N GLY L 245 22.78 33.72 55.00
CA GLY L 245 23.32 33.39 53.68
C GLY L 245 24.59 32.56 53.75
N ASN L 246 25.16 32.21 52.58
CA ASN L 246 26.37 31.41 52.43
C ASN L 246 27.61 32.01 53.11
N GLU L 247 27.75 33.36 53.07
CA GLU L 247 28.83 34.11 53.71
C GLU L 247 28.78 33.90 55.23
N GLN L 248 27.55 33.92 55.80
CA GLN L 248 27.28 33.74 57.22
C GLN L 248 27.53 32.29 57.66
N ILE L 249 27.15 31.32 56.81
CA ILE L 249 27.33 29.89 57.06
C ILE L 249 28.84 29.60 57.09
N GLN L 250 29.60 30.13 56.11
CA GLN L 250 31.04 29.96 56.02
C GLN L 250 31.77 30.57 57.23
N ALA L 251 31.25 31.70 57.76
CA ALA L 251 31.78 32.36 58.97
C ALA L 251 31.73 31.40 60.18
N VAL L 252 30.62 30.64 60.31
CA VAL L 252 30.37 29.63 61.35
C VAL L 252 31.39 28.48 61.21
N ILE L 253 31.63 28.01 59.96
CA ILE L 253 32.56 26.93 59.62
C ILE L 253 34.01 27.37 59.91
N ASP L 254 34.39 28.58 59.49
CA ASP L 254 35.72 29.15 59.66
C ASP L 254 36.08 29.37 61.14
N ALA L 255 35.06 29.47 62.01
CA ALA L 255 35.20 29.63 63.47
C ALA L 255 35.46 28.28 64.19
N GLY L 256 35.37 27.17 63.45
CA GLY L 256 35.61 25.81 63.95
C GLY L 256 34.44 25.20 64.72
N ALA L 257 33.20 25.60 64.38
CA ALA L 257 31.98 25.14 65.02
C ALA L 257 31.58 23.69 64.72
N LEU L 258 31.91 23.17 63.51
CA LEU L 258 31.53 21.82 63.07
C LEU L 258 32.00 20.68 64.01
N PRO L 259 33.30 20.54 64.43
CA PRO L 259 33.66 19.44 65.35
C PRO L 259 32.85 19.42 66.66
N ALA L 260 32.60 20.61 67.26
CA ALA L 260 31.82 20.77 68.49
C ALA L 260 30.35 20.41 68.26
N LEU L 261 29.77 20.86 67.13
CA LEU L 261 28.39 20.56 66.75
C LEU L 261 28.15 19.07 66.50
N VAL L 262 29.15 18.37 65.94
CA VAL L 262 29.08 16.93 65.64
C VAL L 262 29.14 16.13 66.95
N GLN L 263 29.97 16.58 67.92
CA GLN L 263 30.08 15.95 69.25
C GLN L 263 28.75 16.05 70.01
N LEU L 264 28.02 17.18 69.81
CA LEU L 264 26.72 17.45 70.43
C LEU L 264 25.60 16.55 69.91
N LEU L 265 25.85 15.81 68.83
CA LEU L 265 24.89 14.86 68.26
C LEU L 265 24.84 13.58 69.09
N SER L 266 25.83 13.38 69.97
CA SER L 266 25.90 12.25 70.89
C SER L 266 25.18 12.56 72.24
N SER L 267 24.56 13.76 72.34
CA SER L 267 23.89 14.20 73.57
C SER L 267 22.56 13.50 73.92
N PRO L 268 22.40 13.05 75.20
CA PRO L 268 21.11 12.47 75.62
C PRO L 268 20.10 13.57 76.03
N ASN L 269 20.52 14.84 75.97
CA ASN L 269 19.70 16.00 76.28
C ASN L 269 18.97 16.41 75.02
N GLU L 270 17.66 16.11 74.95
CA GLU L 270 16.76 16.40 73.83
C GLU L 270 16.76 17.87 73.41
N GLN L 271 16.91 18.84 74.34
CA GLN L 271 16.97 20.28 74.04
C GLN L 271 18.24 20.62 73.28
N ILE L 272 19.41 20.16 73.76
CA ILE L 272 20.71 20.39 73.12
C ILE L 272 20.77 19.70 71.74
N LEU L 273 20.36 18.42 71.69
CA LEU L 273 20.34 17.58 70.49
C LEU L 273 19.48 18.17 69.36
N GLN L 274 18.26 18.64 69.68
CA GLN L 274 17.34 19.24 68.70
C GLN L 274 17.92 20.54 68.12
N GLU L 275 18.57 21.35 68.97
CA GLU L 275 19.19 22.62 68.57
C GLU L 275 20.45 22.40 67.75
N ALA L 276 21.20 21.30 68.04
CA ALA L 276 22.42 20.95 67.31
C ALA L 276 22.05 20.48 65.91
N LEU L 277 20.96 19.67 65.79
CA LEU L 277 20.43 19.15 64.52
C LEU L 277 19.94 20.28 63.62
N TRP L 278 19.27 21.28 64.22
CA TRP L 278 18.74 22.45 63.54
C TRP L 278 19.89 23.35 63.05
N THR L 279 20.95 23.53 63.86
CA THR L 279 22.14 24.31 63.50
C THR L 279 22.87 23.62 62.34
N LEU L 280 23.04 22.29 62.40
CA LEU L 280 23.71 21.53 61.34
C LEU L 280 22.92 21.53 60.03
N GLY L 281 21.58 21.52 60.13
CA GLY L 281 20.66 21.59 59.02
C GLY L 281 20.65 22.95 58.35
N ASN L 282 20.95 24.03 59.13
CA ASN L 282 21.03 25.40 58.62
C ASN L 282 22.32 25.56 57.84
N ILE L 283 23.43 24.95 58.32
CA ILE L 283 24.74 24.94 57.66
C ILE L 283 24.61 24.12 56.34
N ALA L 284 23.85 23.01 56.39
CA ALA L 284 23.57 22.13 55.25
C ALA L 284 22.71 22.78 54.16
N SER L 285 22.07 23.94 54.45
CA SER L 285 21.24 24.72 53.51
C SER L 285 22.09 25.52 52.51
N GLY L 286 23.38 25.68 52.80
CA GLY L 286 24.31 26.42 51.95
C GLY L 286 24.74 25.68 50.69
N GLY L 287 25.75 26.21 50.03
CA GLY L 287 26.32 25.65 48.80
C GLY L 287 27.10 24.37 49.02
N ASN L 288 27.68 23.83 47.93
CA ASN L 288 28.47 22.59 47.92
C ASN L 288 29.70 22.62 48.83
N GLU L 289 30.32 23.81 48.99
CA GLU L 289 31.49 24.05 49.85
C GLU L 289 31.12 23.75 51.32
N GLN L 290 29.95 24.25 51.76
CA GLN L 290 29.42 24.08 53.11
C GLN L 290 28.97 22.65 53.35
N LYS L 291 28.27 22.03 52.37
CA LYS L 291 27.79 20.64 52.45
C LYS L 291 28.95 19.66 52.64
N GLN L 292 30.06 19.87 51.90
CA GLN L 292 31.25 19.02 51.97
C GLN L 292 31.96 19.14 53.31
N ALA L 293 31.95 20.36 53.91
CA ALA L 293 32.56 20.64 55.21
C ALA L 293 31.86 19.89 56.35
N VAL L 294 30.51 19.75 56.25
CA VAL L 294 29.67 19.02 57.21
C VAL L 294 29.98 17.53 57.07
N LYS L 295 30.12 17.04 55.83
CA LYS L 295 30.45 15.64 55.50
C LYS L 295 31.86 15.29 56.01
N GLU L 296 32.83 16.22 55.84
CA GLU L 296 34.21 16.04 56.31
C GLU L 296 34.31 16.06 57.83
N ALA L 297 33.27 16.55 58.53
CA ALA L 297 33.17 16.61 60.00
C ALA L 297 32.60 15.30 60.60
N GLY L 298 32.16 14.39 59.74
CA GLY L 298 31.61 13.09 60.14
C GLY L 298 30.18 13.10 60.62
N ALA L 299 29.38 14.08 60.16
CA ALA L 299 27.98 14.24 60.55
C ALA L 299 27.02 13.25 59.92
N LEU L 300 27.30 12.76 58.69
CA LEU L 300 26.45 11.85 57.91
C LEU L 300 25.93 10.63 58.65
N GLU L 301 26.82 9.80 59.23
CA GLU L 301 26.45 8.58 59.95
C GLU L 301 25.57 8.84 61.20
N LYS L 302 25.87 9.90 61.99
N LYS L 302 25.88 9.91 61.97
CA LYS L 302 25.07 10.22 63.17
CA LYS L 302 25.16 10.35 63.16
C LYS L 302 23.70 10.80 62.78
C LYS L 302 23.76 10.83 62.79
N LEU L 303 23.66 11.65 61.73
CA LEU L 303 22.42 12.22 61.18
C LEU L 303 21.49 11.10 60.69
N GLU L 304 22.05 10.06 60.07
CA GLU L 304 21.31 8.91 59.59
C GLU L 304 20.78 8.08 60.76
N GLN L 305 21.63 7.84 61.78
CA GLN L 305 21.26 7.10 63.00
C GLN L 305 20.15 7.84 63.80
N LEU L 306 20.22 9.17 63.87
CA LEU L 306 19.28 10.04 64.58
C LEU L 306 17.86 10.02 64.01
N GLN L 307 17.68 9.48 62.79
CA GLN L 307 16.39 9.30 62.14
C GLN L 307 15.63 8.14 62.82
N SER L 308 16.34 7.31 63.62
CA SER L 308 15.77 6.18 64.36
C SER L 308 15.49 6.56 65.83
N HIS L 309 15.58 7.85 66.17
CA HIS L 309 15.29 8.33 67.52
C HIS L 309 13.78 8.41 67.73
N GLU L 310 13.28 7.84 68.85
CA GLU L 310 11.87 7.76 69.27
C GLU L 310 11.18 9.13 69.30
N ASN L 311 11.92 10.20 69.60
CA ASN L 311 11.38 11.56 69.63
C ASN L 311 11.22 12.02 68.20
N GLU L 312 9.97 12.32 67.83
CA GLU L 312 9.52 12.74 66.50
C GLU L 312 10.17 14.00 65.98
N LYS L 313 10.37 15.01 66.85
CA LYS L 313 11.01 16.27 66.43
C LYS L 313 12.51 16.07 66.13
N ILE L 314 13.19 15.23 66.93
CA ILE L 314 14.60 14.86 66.73
C ILE L 314 14.72 14.13 65.38
N GLN L 315 13.84 13.16 65.16
CA GLN L 315 13.69 12.33 63.97
C GLN L 315 13.44 13.19 62.70
N LYS L 316 12.56 14.21 62.81
CA LYS L 316 12.21 15.11 61.71
C LYS L 316 13.38 16.05 61.37
N GLU L 317 14.02 16.62 62.40
CA GLU L 317 15.15 17.55 62.26
C GLU L 317 16.38 16.86 61.65
N ALA L 318 16.62 15.58 62.02
CA ALA L 318 17.72 14.76 61.51
C ALA L 318 17.52 14.42 60.04
N GLN L 319 16.27 14.06 59.66
CA GLN L 319 15.90 13.74 58.29
C GLN L 319 16.05 14.97 57.38
N GLU L 320 15.61 16.16 57.85
CA GLU L 320 15.72 17.44 57.14
C GLU L 320 17.18 17.79 56.83
N ALA L 321 18.05 17.78 57.88
CA ALA L 321 19.49 18.06 57.78
C ALA L 321 20.22 17.13 56.82
N LEU L 322 19.85 15.82 56.81
CA LEU L 322 20.44 14.79 55.95
C LEU L 322 20.03 14.99 54.49
N GLU L 323 18.74 15.32 54.25
CA GLU L 323 18.16 15.60 52.92
C GLU L 323 18.93 16.75 52.25
N LYS L 324 19.17 17.84 53.01
CA LYS L 324 19.88 19.04 52.56
C LYS L 324 21.34 18.75 52.19
N LEU L 325 21.99 17.82 52.91
CA LEU L 325 23.38 17.43 52.66
C LEU L 325 23.53 16.62 51.38
N GLN L 326 22.66 15.60 51.21
CA GLN L 326 22.67 14.65 50.09
C GLN L 326 22.00 15.17 48.80
N SER L 327 21.40 16.38 48.85
CA SER L 327 20.73 17.00 47.69
C SER L 327 21.76 17.57 46.70
#